data_7XU6
#
_entry.id   7XU6
#
_cell.length_a   1.00
_cell.length_b   1.00
_cell.length_c   1.00
_cell.angle_alpha   90.00
_cell.angle_beta   90.00
_cell.angle_gamma   90.00
#
_symmetry.space_group_name_H-M   'P 1'
#
loop_
_entity.id
_entity.type
_entity.pdbx_description
1 polymer 'Spike glycoprotein'
2 branched 2-acetamido-2-deoxy-beta-D-glucopyranose-(1-4)-2-acetamido-2-deoxy-beta-D-glucopyranose
3 non-polymer 2-acetamido-2-deoxy-beta-D-glucopyranose
4 non-polymer 'BILIVERDINE IX ALPHA'
#
_entity_poly.entity_id   1
_entity_poly.type   'polypeptide(L)'
_entity_poly.pdbx_seq_one_letter_code
;ETGTQCVNLTTRTQLPPAYTNSFTRGVYYPDKVFRSSVLHSTQDLFLPFFSNVTWFHAIHVSGTNGTKRFDNPVLPFNDG
VYFASTEKSNIIRGWIFGTTLDSKTQSLLIVNNATNVVIKVCEFQFCNDPFLGVYYHKNNKSWMESEFRVYSSANNCTFE
YVSQPFLMDLEGKQGNFKNLREFVFKNIDGYFKIYSKHTPINLVRDLPQGFSALEPLVDLPIGINITRFQTLLALHRSYL
TPGDSSSGWTAGAAAYYVGYLQPRTFLLKYNENGTITDAVDCALDPLSETKCTLKSFTVEKGIYQTSNFRVQPTESIVRF
PNITNLCPFGEVFNATRFASVYAWNRKRISNCVADYSVLYNSASFSTFKCYGVSPTKLNDLCFTNVYADSFVIRGDEVRQ
IAPGQTGKIADYNYKLPCDFTGCVIAWNSNNLDSKVGGNYNYLYRLFRKSNLKPFERDISTEIYQAGSTPCNGVEGFNCY
FPLQSYGFQPTNGVGYQPYRVVVLSFELLHAPATVCGPKKSTNLVKNKCVNFNFNGLTGTGVLTESNKKFLPFQQFGRDI
ADTTDAVRDPQTLEILDITPCSFGGVSVITPGTNTSNQVAVLYQDVNCTEVPVAIHADQLTPTWRVYSTGSNVFQTRAGC
LIGAEHVNNSYECDIPIGAGICASYQTQTNSRSVASQSIIAYTMSLGAENSVAYSNNSIAIPTNFTISVTTEILPVSMTK
TSVDCTMYICGDSTECSNLLLQYGSFCTQLNRALTGIAVEQDKNTQEVFAQVKQIYKTPPIKDFGGFNFSQILPDPSKPS
KRSFIEDLLFNKVTLADAGFIKQYGDCLGDIAARDLICAQKFNGLTVLPPLLTDEMIAQYTSALLAGTITSGWTFGAGAA
LQIPFAMQMAYRFNGIGVTQNVLYENQKLIANQFNSAIGKIQDSLSSTASALGKLQDVVNQNAQALNTLVKQLSSNFGAI
SSVLNDILSRLDKCEAEVQIDRLITGRLQSLQTYVTQQLIRAAEIRASANLAATKMSECVLGQSKRVDFCGKGYHLMSFP
QSAPHGVVFLHVTYVPAQEKNFTTAPAICHDGKAHFPREGVFVSNGTHWFVTQRNFYEPQIITTDNTFVSGNCDVVIGIV
NNTVYDP
;
_entity_poly.pdbx_strand_id   A,C,B
#
loop_
_chem_comp.id
_chem_comp.type
_chem_comp.name
_chem_comp.formula
BLA non-polymer 'BILIVERDINE IX ALPHA' 'C33 H34 N4 O6'
NAG D-saccharide, beta linking 2-acetamido-2-deoxy-beta-D-glucopyranose 'C8 H15 N O6'
#
# COMPACT_ATOMS: atom_id res chain seq x y z
N ASN A 8 42.41 55.65 13.32
CA ASN A 8 43.09 54.88 12.30
C ASN A 8 44.37 54.25 12.85
N LEU A 9 44.68 53.05 12.36
CA LEU A 9 45.90 52.33 12.68
C LEU A 9 46.64 52.01 11.39
N THR A 10 47.93 52.34 11.36
CA THR A 10 48.75 52.21 10.16
C THR A 10 49.99 51.36 10.34
N THR A 11 50.32 50.95 11.57
CA THR A 11 51.45 50.05 11.81
C THR A 11 51.03 48.64 11.43
N ARG A 12 50.98 48.37 10.13
CA ARG A 12 50.46 47.14 9.57
C ARG A 12 51.55 46.42 8.77
N THR A 13 51.38 45.11 8.65
CA THR A 13 52.24 44.28 7.79
C THR A 13 51.38 43.16 7.23
N GLN A 14 50.82 43.40 6.05
CA GLN A 14 49.94 42.42 5.42
C GLN A 14 50.70 41.15 5.06
N LEU A 15 50.00 40.03 5.14
CA LEU A 15 50.52 38.72 4.77
C LEU A 15 49.45 38.01 3.97
N PRO A 16 49.82 36.99 3.19
CA PRO A 16 48.81 36.25 2.44
C PRO A 16 47.83 35.58 3.40
N PRO A 17 46.57 35.38 2.98
CA PRO A 17 45.60 34.77 3.89
C PRO A 17 46.01 33.35 4.26
N ALA A 18 46.26 33.13 5.55
CA ALA A 18 46.61 31.82 6.03
C ALA A 18 45.38 30.92 6.15
N TYR A 19 45.59 29.64 5.88
CA TYR A 19 44.53 28.65 5.78
C TYR A 19 44.77 27.56 6.82
N THR A 20 43.69 26.89 7.24
CA THR A 20 43.84 25.79 8.19
C THR A 20 42.73 24.77 7.96
N ASN A 21 43.03 23.51 8.22
CA ASN A 21 42.04 22.44 8.07
C ASN A 21 41.17 22.36 9.31
N SER A 22 39.86 22.57 9.11
CA SER A 22 38.86 22.42 10.17
C SER A 22 38.18 21.06 9.98
N PHE A 23 38.18 20.24 11.03
CA PHE A 23 37.73 18.86 10.93
C PHE A 23 36.90 18.51 12.15
N THR A 24 35.73 17.90 11.89
CA THR A 24 34.81 17.48 12.95
C THR A 24 34.43 18.65 13.85
N ARG A 25 34.13 19.79 13.24
CA ARG A 25 33.80 21.01 13.95
C ARG A 25 32.55 21.64 13.33
N GLY A 26 31.84 22.42 14.14
CA GLY A 26 30.69 23.14 13.65
C GLY A 26 29.41 22.33 13.68
N VAL A 27 29.20 21.59 14.75
CA VAL A 27 27.98 20.82 14.98
C VAL A 27 27.26 21.42 16.17
N TYR A 28 25.97 21.71 15.99
CA TYR A 28 25.13 22.28 17.04
C TYR A 28 23.90 21.41 17.22
N TYR A 29 23.32 21.50 18.42
CA TYR A 29 22.06 20.83 18.70
C TYR A 29 20.99 21.42 17.77
N PRO A 30 20.34 20.61 16.92
CA PRO A 30 19.42 21.22 15.94
C PRO A 30 18.06 21.59 16.51
N ASP A 31 17.75 21.21 17.74
CA ASP A 31 16.46 21.52 18.34
C ASP A 31 16.65 21.59 19.86
N LYS A 32 15.54 21.74 20.58
CA LYS A 32 15.53 21.88 22.03
C LYS A 32 14.72 20.75 22.67
N VAL A 33 14.93 19.53 22.20
CA VAL A 33 14.22 18.35 22.67
C VAL A 33 15.26 17.37 23.21
N PHE A 34 14.99 16.81 24.38
CA PHE A 34 15.87 15.81 24.96
C PHE A 34 15.73 14.51 24.18
N ARG A 35 16.86 13.91 23.80
CA ARG A 35 16.86 12.73 22.95
C ARG A 35 18.11 11.93 23.26
N SER A 36 17.93 10.66 23.64
CA SER A 36 19.02 9.82 24.12
C SER A 36 19.00 8.48 23.41
N SER A 37 20.20 7.96 23.12
CA SER A 37 20.37 6.65 22.48
C SER A 37 19.66 6.60 21.13
N VAL A 38 19.89 7.63 20.31
CA VAL A 38 19.23 7.78 19.02
C VAL A 38 20.29 8.20 18.00
N LEU A 39 20.22 7.63 16.82
CA LEU A 39 21.07 8.02 15.69
C LEU A 39 20.31 8.96 14.76
N HIS A 40 19.95 10.12 15.32
CA HIS A 40 19.18 11.10 14.58
C HIS A 40 19.98 11.63 13.39
N SER A 41 19.25 11.93 12.31
CA SER A 41 19.82 12.52 11.10
C SER A 41 19.08 13.82 10.80
N THR A 42 19.83 14.82 10.34
CA THR A 42 19.27 16.14 10.08
C THR A 42 19.84 16.68 8.78
N GLN A 43 19.14 17.65 8.20
CA GLN A 43 19.62 18.40 7.05
C GLN A 43 19.46 19.88 7.37
N ASP A 44 20.57 20.62 7.29
CA ASP A 44 20.56 22.01 7.73
C ASP A 44 21.85 22.66 7.26
N LEU A 45 22.02 23.93 7.64
CA LEU A 45 23.27 24.65 7.39
C LEU A 45 24.30 24.20 8.41
N PHE A 46 25.23 23.37 7.98
CA PHE A 46 26.25 22.76 8.82
C PHE A 46 27.61 23.03 8.22
N LEU A 47 28.63 23.04 9.08
CA LEU A 47 29.99 23.26 8.62
C LEU A 47 30.54 21.94 8.07
N PRO A 48 30.91 21.86 6.79
CA PRO A 48 31.36 20.56 6.27
C PRO A 48 32.63 20.07 6.95
N PHE A 49 32.72 18.75 7.11
CA PHE A 49 33.89 18.15 7.73
C PHE A 49 35.11 18.29 6.83
N PHE A 50 36.26 18.47 7.45
CA PHE A 50 37.55 18.54 6.76
C PHE A 50 37.56 19.65 5.71
N SER A 51 36.93 20.77 6.06
CA SER A 51 36.96 21.96 5.22
C SER A 51 38.22 22.76 5.51
N ASN A 52 38.33 23.90 4.83
CA ASN A 52 39.45 24.82 4.99
C ASN A 52 38.88 26.15 5.46
N VAL A 53 39.39 26.62 6.60
CA VAL A 53 38.91 27.82 7.27
C VAL A 53 40.05 28.83 7.26
N THR A 54 39.72 30.09 6.99
CA THR A 54 40.76 31.11 6.90
C THR A 54 41.22 31.50 8.30
N TRP A 55 42.50 31.30 8.58
CA TRP A 55 43.11 31.67 9.85
C TRP A 55 43.53 33.14 9.85
N PHE A 56 43.14 33.86 10.92
CA PHE A 56 43.62 35.19 11.21
C PHE A 56 44.11 35.23 12.64
N HIS A 57 45.19 35.98 12.89
CA HIS A 57 45.71 36.11 14.23
C HIS A 57 46.47 37.43 14.35
N ALA A 58 46.53 37.93 15.58
CA ALA A 58 47.28 39.13 15.93
C ALA A 58 48.36 38.73 16.94
N ILE A 59 49.61 39.00 16.57
CA ILE A 59 50.77 38.61 17.35
C ILE A 59 51.69 39.82 17.48
N HIS A 60 52.29 39.99 18.66
CA HIS A 60 53.15 41.14 18.89
C HIS A 60 54.39 41.07 18.00
N VAL A 61 55.16 39.99 18.13
CA VAL A 61 56.40 39.81 17.37
C VAL A 61 57.36 40.96 17.61
N THR A 67 56.33 44.60 12.83
CA THR A 67 55.27 43.92 12.10
C THR A 67 53.92 44.13 12.81
N LYS A 68 53.72 43.40 13.90
CA LYS A 68 52.62 43.48 14.85
C LYS A 68 51.32 42.88 14.32
N ARG A 69 51.22 42.55 13.02
CA ARG A 69 50.14 41.79 12.39
C ARG A 69 48.75 42.16 12.90
N PHE A 70 48.36 43.41 12.66
CA PHE A 70 47.01 43.87 13.00
C PHE A 70 46.12 43.64 11.78
N ASP A 71 45.21 42.67 11.89
CA ASP A 71 44.31 42.34 10.80
C ASP A 71 42.94 41.98 11.36
N ASN A 72 41.90 42.63 10.83
CA ASN A 72 40.52 42.30 11.13
C ASN A 72 39.64 42.90 10.03
N PRO A 73 39.75 42.42 8.81
CA PRO A 73 39.05 43.05 7.68
C PRO A 73 37.57 42.67 7.68
N VAL A 74 36.87 43.19 6.67
CA VAL A 74 35.47 42.82 6.45
C VAL A 74 35.44 41.51 5.67
N LEU A 75 34.56 40.60 6.09
CA LEU A 75 34.40 39.28 5.49
C LEU A 75 32.97 39.10 5.00
N PRO A 76 32.74 38.36 3.91
CA PRO A 76 31.37 38.00 3.57
C PRO A 76 30.74 37.10 4.62
N PHE A 77 29.41 37.21 4.73
CA PHE A 77 28.57 36.42 5.64
C PHE A 77 27.61 35.65 4.74
N ASN A 78 28.04 34.49 4.27
CA ASN A 78 27.30 33.71 3.27
C ASN A 78 26.49 32.65 4.00
N ASP A 79 25.23 32.99 4.30
CA ASP A 79 24.24 32.15 4.96
C ASP A 79 24.81 31.32 6.11
N GLY A 80 25.68 31.91 6.91
CA GLY A 80 26.17 31.30 8.14
C GLY A 80 27.66 31.53 8.30
N VAL A 81 28.10 31.59 9.55
CA VAL A 81 29.52 31.72 9.87
C VAL A 81 29.81 30.90 11.12
N TYR A 82 30.97 30.24 11.15
CA TYR A 82 31.47 29.56 12.33
C TYR A 82 32.75 30.27 12.75
N PHE A 83 32.75 30.79 13.98
CA PHE A 83 33.80 31.64 14.52
C PHE A 83 34.38 30.99 15.75
N ALA A 84 35.66 30.63 15.70
CA ALA A 84 36.35 29.97 16.80
C ALA A 84 37.55 30.81 17.21
N SER A 85 37.79 30.96 18.50
CA SER A 85 38.91 31.76 19.00
C SER A 85 39.69 30.95 20.01
N THR A 86 40.97 30.73 19.70
CA THR A 86 41.95 30.18 20.64
C THR A 86 42.66 31.37 21.27
N GLU A 87 42.25 31.74 22.48
CA GLU A 87 42.61 33.04 23.01
C GLU A 87 42.79 32.95 24.52
N LYS A 88 43.55 33.90 25.06
CA LYS A 88 43.98 33.88 26.45
C LYS A 88 43.64 35.16 27.22
N SER A 89 43.76 36.33 26.58
CA SER A 89 43.75 37.62 27.28
C SER A 89 42.62 38.53 26.81
N ASN A 90 41.50 37.97 26.36
CA ASN A 90 40.28 38.72 26.04
C ASN A 90 40.55 39.81 25.01
N ILE A 91 40.86 39.39 23.79
CA ILE A 91 41.13 40.28 22.66
C ILE A 91 40.06 40.14 21.58
N ILE A 92 39.75 38.90 21.18
CA ILE A 92 38.63 38.63 20.28
C ILE A 92 37.37 38.72 21.12
N ARG A 93 36.63 39.84 21.02
CA ARG A 93 35.57 40.15 21.98
C ARG A 93 34.20 40.40 21.37
N GLY A 94 34.11 41.04 20.20
CA GLY A 94 32.83 41.40 19.64
C GLY A 94 32.82 41.29 18.13
N TRP A 95 31.62 41.49 17.58
CA TRP A 95 31.42 41.40 16.14
C TRP A 95 30.51 42.51 15.64
N ILE A 96 30.72 42.88 14.38
CA ILE A 96 29.81 43.69 13.60
C ILE A 96 29.16 42.79 12.56
N PHE A 97 27.90 43.08 12.23
CA PHE A 97 27.20 42.43 11.13
C PHE A 97 26.41 43.51 10.39
N GLY A 98 26.30 43.36 9.08
CA GLY A 98 25.58 44.34 8.31
C GLY A 98 25.65 44.03 6.83
N THR A 99 25.10 44.96 6.04
CA THR A 99 25.15 44.88 4.58
C THR A 99 26.21 45.83 4.02
N THR A 100 26.11 47.12 4.34
CA THR A 100 27.06 48.14 3.89
C THR A 100 27.86 48.76 5.01
N LEU A 101 27.33 48.78 6.23
CA LEU A 101 28.08 49.18 7.42
C LEU A 101 28.54 50.64 7.33
N ASP A 102 27.63 51.51 6.87
CA ASP A 102 27.92 52.93 6.73
C ASP A 102 26.72 53.80 7.13
N SER A 103 25.91 53.32 8.08
CA SER A 103 24.76 54.02 8.65
C SER A 103 23.62 54.27 7.66
N LYS A 104 23.73 53.79 6.41
CA LYS A 104 22.60 53.83 5.49
C LYS A 104 21.65 52.65 5.69
N THR A 105 22.10 51.59 6.35
CA THR A 105 21.26 50.44 6.66
C THR A 105 21.51 50.03 8.10
N GLN A 106 20.59 49.23 8.64
CA GLN A 106 20.74 48.74 9.99
C GLN A 106 21.92 47.77 10.07
N SER A 107 22.45 47.61 11.28
CA SER A 107 23.65 46.81 11.50
C SER A 107 23.64 46.29 12.93
N LEU A 108 23.89 45.00 13.10
CA LEU A 108 24.01 44.40 14.42
C LEU A 108 25.43 44.57 14.95
N LEU A 109 25.52 44.68 16.28
CA LEU A 109 26.79 44.94 16.94
C LEU A 109 26.75 44.26 18.30
N ILE A 110 27.63 43.27 18.49
CA ILE A 110 27.74 42.53 19.75
C ILE A 110 29.09 42.90 20.35
N VAL A 111 29.09 43.33 21.61
CA VAL A 111 30.30 43.83 22.25
C VAL A 111 30.28 43.48 23.73
N ASN A 112 31.30 42.77 24.21
CA ASN A 112 31.60 42.74 25.63
C ASN A 112 32.62 43.84 25.92
N ASN A 113 32.25 44.80 26.76
CA ASN A 113 33.13 45.88 27.18
C ASN A 113 33.73 45.64 28.56
N ALA A 114 34.01 44.38 28.88
CA ALA A 114 34.64 43.89 30.11
C ALA A 114 33.75 44.02 31.34
N THR A 115 32.55 44.60 31.22
CA THR A 115 31.60 44.72 32.32
C THR A 115 30.29 44.00 32.00
N ASN A 116 29.69 44.32 30.86
CA ASN A 116 28.47 43.69 30.37
C ASN A 116 28.68 43.30 28.92
N VAL A 117 27.70 42.59 28.36
CA VAL A 117 27.61 42.34 26.93
C VAL A 117 26.43 43.17 26.42
N VAL A 118 26.69 44.00 25.43
CA VAL A 118 25.68 44.86 24.82
C VAL A 118 25.48 44.40 23.39
N ILE A 119 24.21 44.29 22.99
CA ILE A 119 23.83 43.94 21.64
C ILE A 119 22.95 45.07 21.14
N LYS A 120 23.40 45.74 20.09
CA LYS A 120 22.72 46.90 19.52
C LYS A 120 22.49 46.68 18.04
N VAL A 121 21.27 46.88 17.59
CA VAL A 121 20.94 46.84 16.17
C VAL A 121 20.61 48.25 15.74
N CYS A 122 21.61 49.02 15.33
CA CYS A 122 21.43 50.46 15.26
C CYS A 122 22.34 51.07 14.22
N GLU A 123 21.86 52.13 13.57
CA GLU A 123 22.45 52.63 12.34
C GLU A 123 23.79 53.30 12.66
N PHE A 124 24.79 52.46 12.85
CA PHE A 124 26.15 52.94 13.13
C PHE A 124 26.81 53.44 11.86
N GLN A 125 27.58 54.53 11.99
CA GLN A 125 28.52 54.98 10.97
C GLN A 125 29.90 54.62 11.48
N PHE A 126 30.42 53.50 10.98
CA PHE A 126 31.63 52.92 11.53
C PHE A 126 32.87 53.65 11.03
N CYS A 127 33.92 53.64 11.85
CA CYS A 127 35.24 54.03 11.42
C CYS A 127 35.89 52.88 10.65
N ASN A 128 36.96 53.22 9.90
CA ASN A 128 37.60 52.21 9.07
C ASN A 128 38.29 51.13 9.89
N ASP A 129 38.76 51.47 11.10
CA ASP A 129 39.52 50.55 11.94
C ASP A 129 38.96 50.59 13.36
N PRO A 130 37.79 49.97 13.57
CA PRO A 130 37.25 49.89 14.94
C PRO A 130 38.07 48.97 15.83
N PHE A 131 37.93 49.17 17.13
CA PHE A 131 38.76 48.53 18.14
C PHE A 131 38.10 48.73 19.50
N LEU A 132 38.75 48.18 20.54
CA LEU A 132 38.56 48.62 21.91
C LEU A 132 39.92 48.98 22.50
N GLY A 133 40.00 50.12 23.15
CA GLY A 133 41.25 50.52 23.80
C GLY A 133 41.28 50.08 25.24
N VAL A 134 41.97 48.96 25.49
CA VAL A 134 42.54 48.66 26.80
C VAL A 134 43.74 49.57 27.05
N TYR A 135 43.85 50.06 28.28
CA TYR A 135 44.95 50.92 28.70
C TYR A 135 45.48 50.43 30.04
N TYR A 136 46.81 50.47 30.17
CA TYR A 136 47.52 49.92 31.31
C TYR A 136 47.89 51.03 32.29
N HIS A 137 47.75 50.73 33.58
CA HIS A 137 48.08 51.65 34.65
C HIS A 137 49.42 51.27 35.26
N LYS A 138 50.22 52.29 35.61
CA LYS A 138 51.52 52.08 36.24
C LYS A 138 51.45 52.10 37.76
N ASN A 139 50.50 52.84 38.33
CA ASN A 139 50.37 52.87 39.78
C ASN A 139 50.01 51.50 40.34
N ASN A 140 49.15 50.76 39.65
CA ASN A 140 48.82 49.38 40.00
C ASN A 140 48.91 48.51 38.76
N LYS A 141 49.17 47.21 38.97
CA LYS A 141 49.24 46.23 37.90
C LYS A 141 47.84 45.81 37.44
N SER A 142 47.09 46.80 36.94
CA SER A 142 45.70 46.61 36.54
C SER A 142 45.54 47.13 35.12
N TRP A 143 45.03 46.27 34.24
CA TRP A 143 44.65 46.65 32.89
C TRP A 143 43.15 46.91 32.87
N MET A 144 42.74 48.01 32.25
CA MET A 144 41.34 48.40 32.20
C MET A 144 40.99 48.95 30.83
N GLU A 145 39.75 48.74 30.41
CA GLU A 145 39.25 49.33 29.18
C GLU A 145 39.06 50.83 29.38
N SER A 146 39.51 51.61 28.40
CA SER A 146 39.40 53.07 28.45
C SER A 146 38.71 53.67 27.24
N GLU A 147 38.94 53.14 26.05
CA GLU A 147 38.45 53.76 24.81
C GLU A 147 37.46 52.86 24.10
N PHE A 148 36.39 53.49 23.58
CA PHE A 148 35.32 52.83 22.84
C PHE A 148 35.02 53.70 21.62
N ARG A 149 35.65 53.35 20.49
CA ARG A 149 35.60 54.15 19.26
C ARG A 149 35.14 53.30 18.10
N VAL A 150 34.15 52.45 18.32
CA VAL A 150 33.70 51.54 17.27
C VAL A 150 32.88 52.29 16.22
N TYR A 151 31.93 53.12 16.67
CA TYR A 151 31.00 53.82 15.80
C TYR A 151 31.07 55.32 16.04
N SER A 152 30.91 56.09 14.97
CA SER A 152 30.85 57.54 15.09
C SER A 152 29.45 58.05 15.42
N SER A 153 28.43 57.20 15.37
CA SER A 153 27.06 57.65 15.65
C SER A 153 26.19 56.43 15.91
N ALA A 154 24.98 56.70 16.41
CA ALA A 154 24.00 55.64 16.70
C ALA A 154 22.62 56.29 16.78
N ASN A 155 21.71 55.87 15.91
CA ASN A 155 20.39 56.50 15.86
C ASN A 155 19.44 55.62 15.07
N ASN A 156 18.14 55.91 15.21
CA ASN A 156 17.07 55.26 14.46
C ASN A 156 17.11 53.75 14.66
N CYS A 157 16.90 53.33 15.90
CA CYS A 157 17.18 51.94 16.24
C CYS A 157 16.30 51.39 17.34
N THR A 158 15.95 50.10 17.19
CA THR A 158 14.82 49.46 17.85
C THR A 158 15.24 48.44 18.90
N PHE A 159 16.09 47.48 18.54
CA PHE A 159 16.50 46.40 19.43
C PHE A 159 17.78 46.76 20.17
N GLU A 160 17.81 46.45 21.46
CA GLU A 160 18.95 46.77 22.32
C GLU A 160 18.85 45.91 23.58
N TYR A 161 19.93 45.18 23.89
CA TYR A 161 19.97 44.30 25.05
C TYR A 161 21.28 44.47 25.80
N VAL A 162 21.20 44.49 27.14
CA VAL A 162 22.35 44.47 28.02
C VAL A 162 22.08 43.48 29.14
N SER A 163 23.01 42.55 29.36
CA SER A 163 22.82 41.50 30.35
C SER A 163 23.25 42.01 31.73
N GLN A 164 23.40 41.09 32.69
CA GLN A 164 23.90 41.45 34.00
C GLN A 164 25.37 41.87 33.93
N PRO A 165 25.86 42.64 34.90
CA PRO A 165 27.28 42.97 34.92
C PRO A 165 28.15 41.83 35.41
N PHE A 166 29.40 41.83 34.96
CA PHE A 166 30.36 40.80 35.31
C PHE A 166 31.77 41.37 35.19
N LEU A 167 32.65 40.93 36.07
CA LEU A 167 34.05 41.34 36.07
C LEU A 167 34.89 40.21 35.50
N MET A 168 35.80 40.55 34.58
CA MET A 168 36.57 39.56 33.86
C MET A 168 38.03 39.99 33.81
N ASP A 169 38.93 39.01 33.82
CA ASP A 169 40.38 39.26 33.88
C ASP A 169 40.89 39.56 32.48
N LEU A 170 40.91 40.84 32.11
CA LEU A 170 41.43 41.28 30.83
C LEU A 170 42.94 41.57 30.86
N GLU A 171 43.64 41.13 31.90
CA GLU A 171 45.07 41.39 31.98
C GLU A 171 45.83 40.58 30.94
N GLY A 172 47.06 41.00 30.67
CA GLY A 172 47.94 40.30 29.75
C GLY A 172 48.43 38.99 30.31
N LYS A 173 47.92 37.88 29.78
CA LYS A 173 48.33 36.54 30.20
C LYS A 173 49.33 35.99 29.18
N GLN A 174 50.48 35.54 29.68
CA GLN A 174 51.57 35.07 28.84
C GLN A 174 51.62 33.54 28.86
N GLY A 175 51.69 32.95 27.67
CA GLY A 175 51.80 31.52 27.53
C GLY A 175 50.85 30.95 26.50
N ASN A 176 50.43 29.70 26.70
CA ASN A 176 49.54 29.02 25.77
C ASN A 176 48.12 29.55 25.89
N PHE A 177 47.30 29.22 24.89
CA PHE A 177 45.88 29.52 24.94
C PHE A 177 45.21 28.52 25.89
N LYS A 178 44.79 29.01 27.05
CA LYS A 178 44.23 28.14 28.08
C LYS A 178 42.74 27.88 27.88
N ASN A 179 42.13 28.38 26.80
CA ASN A 179 40.73 28.14 26.55
C ASN A 179 40.44 28.29 25.07
N LEU A 180 39.34 27.67 24.64
CA LEU A 180 38.80 27.80 23.29
C LEU A 180 37.35 28.20 23.39
N ARG A 181 36.91 29.06 22.47
CA ARG A 181 35.52 29.47 22.40
C ARG A 181 35.04 29.37 20.97
N GLU A 182 34.02 28.56 20.72
CA GLU A 182 33.44 28.38 19.40
C GLU A 182 32.02 28.93 19.39
N PHE A 183 31.67 29.60 18.30
CA PHE A 183 30.33 30.14 18.09
C PHE A 183 29.93 29.88 16.65
N VAL A 184 28.62 29.83 16.42
CA VAL A 184 28.05 29.72 15.09
C VAL A 184 26.92 30.74 14.98
N PHE A 185 26.92 31.51 13.90
CA PHE A 185 25.95 32.55 13.65
C PHE A 185 25.17 32.19 12.39
N LYS A 186 23.84 32.17 12.50
CA LYS A 186 22.95 31.98 11.37
C LYS A 186 21.90 33.07 11.38
N ASN A 187 21.31 33.31 10.21
CA ASN A 187 20.28 34.34 10.05
C ASN A 187 19.16 33.72 9.21
N ILE A 188 18.13 33.20 9.89
CA ILE A 188 17.03 32.50 9.26
C ILE A 188 15.74 33.19 9.64
N ASP A 189 14.93 33.54 8.63
CA ASP A 189 13.60 34.17 8.69
C ASP A 189 13.43 35.12 9.86
N GLY A 190 14.26 36.16 9.91
CA GLY A 190 14.12 37.20 10.89
C GLY A 190 14.64 36.87 12.27
N TYR A 191 15.39 35.79 12.41
CA TYR A 191 15.98 35.37 13.67
C TYR A 191 17.47 35.18 13.47
N PHE A 192 18.27 35.87 14.29
CA PHE A 192 19.72 35.74 14.28
C PHE A 192 20.09 34.76 15.40
N LYS A 193 20.46 33.55 15.01
CA LYS A 193 20.71 32.46 15.95
C LYS A 193 22.20 32.36 16.24
N ILE A 194 22.55 32.37 17.52
CA ILE A 194 23.92 32.27 18.00
C ILE A 194 24.00 31.00 18.84
N TYR A 195 24.79 30.04 18.37
CA TYR A 195 25.11 28.83 19.12
C TYR A 195 26.52 28.99 19.69
N SER A 196 26.73 28.50 20.91
CA SER A 196 27.97 28.75 21.64
C SER A 196 28.49 27.49 22.30
N LYS A 197 29.81 27.43 22.47
CA LYS A 197 30.44 26.46 23.35
C LYS A 197 31.80 26.99 23.80
N HIS A 198 32.11 26.78 25.08
CA HIS A 198 33.37 27.17 25.68
C HIS A 198 34.01 25.93 26.29
N THR A 199 35.33 25.76 26.09
CA THR A 199 36.01 24.57 26.55
C THR A 199 37.43 24.93 26.98
N PRO A 200 38.04 24.16 27.89
CA PRO A 200 39.47 24.34 28.15
C PRO A 200 40.32 23.68 27.09
N ILE A 201 41.51 24.25 26.89
CA ILE A 201 42.46 23.75 25.89
C ILE A 201 43.85 24.15 26.32
N ASN A 202 44.84 23.36 25.93
CA ASN A 202 46.25 23.66 26.16
C ASN A 202 47.06 23.40 24.89
N LEU A 203 46.51 23.87 23.77
CA LEU A 203 47.15 23.75 22.46
C LEU A 203 47.24 25.14 21.86
N VAL A 204 48.33 25.42 21.15
CA VAL A 204 48.68 26.79 20.77
C VAL A 204 48.55 27.06 19.28
N ARG A 205 48.64 26.04 18.41
CA ARG A 205 48.85 26.26 16.99
C ARG A 205 47.55 26.27 16.19
N ASP A 206 46.80 25.16 16.19
CA ASP A 206 45.72 24.93 15.25
C ASP A 206 44.52 24.37 16.02
N LEU A 207 43.53 23.83 15.29
CA LEU A 207 42.29 23.39 15.91
C LEU A 207 42.56 22.23 16.89
N PRO A 208 41.62 21.96 17.80
CA PRO A 208 41.74 20.74 18.61
C PRO A 208 41.58 19.49 17.74
N GLN A 209 42.10 18.39 18.25
CA GLN A 209 41.96 17.09 17.61
C GLN A 209 40.85 16.33 18.35
N GLY A 210 39.61 16.62 17.96
CA GLY A 210 38.47 16.01 18.61
C GLY A 210 37.13 16.45 18.05
N PHE A 211 36.17 16.68 18.95
CA PHE A 211 34.79 16.92 18.55
C PHE A 211 34.03 17.49 19.75
N SER A 212 33.36 18.62 19.54
CA SER A 212 32.48 19.21 20.55
C SER A 212 31.17 19.64 19.90
N ALA A 213 30.07 19.49 20.64
CA ALA A 213 28.74 19.84 20.16
C ALA A 213 28.32 21.18 20.74
N LEU A 214 27.89 22.10 19.87
CA LEU A 214 27.54 23.45 20.28
C LEU A 214 26.12 23.48 20.81
N GLU A 215 25.91 24.20 21.93
CA GLU A 215 24.57 24.39 22.45
C GLU A 215 23.99 25.70 21.93
N PRO A 216 22.66 25.83 21.85
CA PRO A 216 22.08 27.16 21.66
C PRO A 216 22.17 28.04 22.90
N LEU A 217 21.96 29.33 22.67
CA LEU A 217 21.72 30.30 23.73
C LEU A 217 20.57 31.19 23.31
N VAL A 218 20.76 31.87 22.18
CA VAL A 218 20.08 33.09 21.80
C VAL A 218 19.47 32.88 20.44
N ASP A 219 18.53 33.74 20.08
CA ASP A 219 17.69 33.53 18.92
C ASP A 219 17.05 34.88 18.61
N LEU A 220 17.89 35.91 18.54
CA LEU A 220 17.41 37.29 18.62
C LEU A 220 16.53 37.61 17.42
N PRO A 221 15.36 38.26 17.60
CA PRO A 221 14.53 38.66 16.45
C PRO A 221 14.90 40.04 15.94
N ILE A 222 16.03 40.13 15.24
CA ILE A 222 16.52 41.43 14.79
C ILE A 222 15.95 41.81 13.42
N GLY A 223 15.67 40.84 12.55
CA GLY A 223 15.08 41.13 11.26
C GLY A 223 15.97 41.96 10.36
N ILE A 224 17.25 41.58 10.26
CA ILE A 224 18.27 42.37 9.60
C ILE A 224 18.88 41.54 8.47
N ASN A 225 19.01 42.16 7.29
CA ASN A 225 19.79 41.58 6.22
C ASN A 225 21.27 41.63 6.60
N ILE A 226 21.96 40.50 6.43
CA ILE A 226 23.37 40.39 6.76
C ILE A 226 24.07 39.74 5.57
N THR A 227 25.10 40.42 5.05
CA THR A 227 25.92 39.89 3.96
C THR A 227 27.40 39.98 4.32
N ARG A 228 27.77 40.96 5.13
CA ARG A 228 29.15 41.17 5.56
C ARG A 228 29.19 41.28 7.07
N PHE A 229 30.37 41.05 7.63
CA PHE A 229 30.54 41.08 9.07
C PHE A 229 32.00 41.36 9.36
N GLN A 230 32.32 41.47 10.65
CA GLN A 230 33.64 41.93 11.08
C GLN A 230 33.84 41.54 12.53
N THR A 231 35.10 41.53 12.94
CA THR A 231 35.50 41.24 14.32
C THR A 231 36.12 42.49 14.94
N LEU A 232 35.98 42.60 16.26
CA LEU A 232 36.40 43.77 17.02
C LEU A 232 37.60 43.38 17.86
N LEU A 233 38.79 43.81 17.43
CA LEU A 233 40.00 43.51 18.17
C LEU A 233 40.20 44.55 19.28
N ALA A 234 41.17 44.27 20.15
CA ALA A 234 41.54 45.14 21.25
C ALA A 234 42.97 45.59 21.09
N LEU A 235 43.33 46.64 21.83
CA LEU A 235 44.68 47.19 21.86
C LEU A 235 45.14 47.22 23.30
N HIS A 236 46.23 46.52 23.60
CA HIS A 236 47.03 46.84 24.77
C HIS A 236 47.79 48.13 24.49
N ARG A 237 47.61 49.13 25.35
CA ARG A 237 48.17 50.46 25.15
C ARG A 237 48.98 50.87 26.38
N SER A 238 50.14 51.46 26.15
CA SER A 238 51.02 51.87 27.23
C SER A 238 52.02 52.91 26.73
N SER A 247 49.17 55.10 17.31
CA SER A 247 50.08 54.00 17.00
C SER A 247 50.81 53.47 18.24
N GLY A 248 50.63 54.13 19.39
CA GLY A 248 51.26 53.69 20.61
C GLY A 248 50.52 52.55 21.28
N TRP A 249 50.66 51.34 20.72
CA TRP A 249 49.89 50.20 21.18
C TRP A 249 50.66 48.92 20.90
N THR A 250 50.24 47.85 21.58
CA THR A 250 50.73 46.51 21.32
C THR A 250 49.55 45.56 21.34
N ALA A 251 49.72 44.41 20.66
CA ALA A 251 48.67 43.41 20.51
C ALA A 251 49.16 42.08 21.07
N GLY A 252 48.40 41.52 21.99
CA GLY A 252 48.70 40.21 22.52
C GLY A 252 48.44 39.12 21.50
N ALA A 253 48.98 37.94 21.79
CA ALA A 253 48.84 36.79 20.90
C ALA A 253 47.41 36.26 20.97
N ALA A 254 46.67 36.41 19.88
CA ALA A 254 45.31 35.87 19.79
C ALA A 254 45.08 35.37 18.37
N ALA A 255 44.20 34.38 18.25
CA ALA A 255 43.93 33.73 16.97
C ALA A 255 42.45 33.42 16.84
N TYR A 256 41.87 33.78 15.69
CA TYR A 256 40.48 33.48 15.37
C TYR A 256 40.37 32.82 14.00
N TYR A 257 39.49 31.84 13.95
CA TYR A 257 39.27 30.97 12.82
C TYR A 257 37.87 31.27 12.31
N VAL A 258 37.70 31.37 10.99
CA VAL A 258 36.39 31.61 10.39
C VAL A 258 36.15 30.56 9.30
N GLY A 259 34.96 29.95 9.34
CA GLY A 259 34.53 28.94 8.39
C GLY A 259 33.09 29.08 7.95
N TYR A 260 32.85 29.17 6.65
CA TYR A 260 31.51 29.40 6.14
C TYR A 260 30.68 28.11 6.22
N LEU A 261 29.46 28.24 6.74
CA LEU A 261 28.52 27.13 6.79
C LEU A 261 28.02 26.81 5.38
N GLN A 262 27.60 25.56 5.19
CA GLN A 262 27.08 25.10 3.90
C GLN A 262 25.86 24.22 4.14
N PRO A 263 24.90 24.18 3.18
CA PRO A 263 23.75 23.29 3.37
C PRO A 263 24.13 21.83 3.19
N ARG A 264 24.15 21.07 4.29
CA ARG A 264 24.56 19.67 4.25
C ARG A 264 23.62 18.83 5.11
N THR A 265 23.64 17.53 4.85
CA THR A 265 22.92 16.54 5.64
C THR A 265 23.92 15.83 6.55
N PHE A 266 23.68 15.92 7.86
CA PHE A 266 24.53 15.33 8.88
C PHE A 266 23.80 14.21 9.60
N LEU A 267 24.58 13.35 10.24
CA LEU A 267 24.08 12.28 11.09
C LEU A 267 24.66 12.49 12.49
N LEU A 268 23.83 12.32 13.51
CA LEU A 268 24.17 12.67 14.89
C LEU A 268 23.92 11.48 15.79
N LYS A 269 24.79 11.28 16.77
CA LYS A 269 24.67 10.20 17.75
C LYS A 269 24.43 10.82 19.12
N TYR A 270 23.22 10.64 19.64
CA TYR A 270 22.88 11.07 20.99
C TYR A 270 23.17 9.93 21.96
N ASN A 271 24.08 10.16 22.90
CA ASN A 271 24.44 9.14 23.87
C ASN A 271 23.29 8.96 24.86
N GLU A 272 23.47 8.00 25.78
CA GLU A 272 22.41 7.68 26.72
C GLU A 272 22.05 8.87 27.63
N ASN A 273 23.01 9.77 27.86
CA ASN A 273 22.75 10.97 28.65
C ASN A 273 22.17 12.11 27.82
N GLY A 274 22.01 11.94 26.52
CA GLY A 274 21.35 12.94 25.70
C GLY A 274 22.22 14.04 25.16
N THR A 275 23.54 13.84 25.10
CA THR A 275 24.48 14.80 24.51
C THR A 275 25.14 14.20 23.29
N ILE A 276 25.37 15.02 22.27
CA ILE A 276 25.97 14.54 21.04
C ILE A 276 27.43 14.23 21.31
N THR A 277 27.84 12.99 21.02
CA THR A 277 29.21 12.53 21.21
C THR A 277 29.91 12.22 19.89
N ASP A 278 29.18 11.96 18.82
CA ASP A 278 29.78 11.69 17.53
C ASP A 278 28.81 12.04 16.42
N ALA A 279 29.35 12.22 15.23
CA ALA A 279 28.55 12.66 14.09
C ALA A 279 29.27 12.28 12.80
N VAL A 280 28.54 12.41 11.70
CA VAL A 280 29.03 12.07 10.37
C VAL A 280 28.57 13.15 9.41
N ASP A 281 29.48 13.59 8.55
CA ASP A 281 29.19 14.49 7.44
C ASP A 281 28.94 13.66 6.19
N CYS A 282 27.67 13.42 5.88
CA CYS A 282 27.32 12.78 4.63
C CYS A 282 27.83 13.62 3.46
N ALA A 283 28.33 12.94 2.43
CA ALA A 283 28.95 13.50 1.22
C ALA A 283 30.38 13.99 1.46
N LEU A 284 30.93 13.87 2.66
CA LEU A 284 32.36 14.11 2.85
C LEU A 284 33.19 13.16 1.99
N ASP A 285 33.08 11.87 2.28
CA ASP A 285 33.78 10.81 1.57
C ASP A 285 32.83 9.62 1.47
N PRO A 286 33.13 8.65 0.59
CA PRO A 286 32.20 7.51 0.43
C PRO A 286 31.90 6.75 1.70
N LEU A 287 32.89 6.58 2.59
CA LEU A 287 32.66 5.86 3.84
C LEU A 287 31.59 6.55 4.67
N SER A 288 31.68 7.88 4.80
CA SER A 288 30.64 8.62 5.51
C SER A 288 29.31 8.53 4.80
N GLU A 289 29.32 8.51 3.46
CA GLU A 289 28.08 8.35 2.71
C GLU A 289 27.40 7.04 3.08
N THR A 290 28.17 5.96 3.22
CA THR A 290 27.59 4.67 3.56
C THR A 290 27.14 4.63 5.02
N LYS A 291 27.89 5.27 5.91
CA LYS A 291 27.41 5.41 7.28
C LYS A 291 26.10 6.19 7.32
N CYS A 292 25.94 7.14 6.39
CA CYS A 292 24.71 7.91 6.30
C CYS A 292 23.55 7.04 5.82
N THR A 293 23.77 6.29 4.74
CA THR A 293 22.72 5.45 4.18
C THR A 293 22.32 4.35 5.15
N LEU A 294 23.29 3.62 5.69
CA LEU A 294 23.01 2.53 6.60
C LEU A 294 22.45 3.02 7.94
N LYS A 295 22.68 4.29 8.28
CA LYS A 295 22.21 4.88 9.54
C LYS A 295 22.87 4.20 10.74
N SER A 296 24.19 4.09 10.70
CA SER A 296 24.99 3.69 11.84
C SER A 296 26.44 4.04 11.55
N PHE A 297 27.34 3.58 12.43
CA PHE A 297 28.77 3.90 12.35
C PHE A 297 29.61 2.69 11.98
N THR A 298 29.48 1.59 12.73
CA THR A 298 30.35 0.42 12.56
C THR A 298 29.78 -0.45 11.44
N VAL A 299 30.02 -0.02 10.20
CA VAL A 299 29.66 -0.84 9.05
C VAL A 299 30.44 -2.14 9.09
N GLU A 300 29.81 -3.22 8.65
CA GLU A 300 30.43 -4.53 8.55
C GLU A 300 31.12 -4.69 7.19
N LYS A 301 31.95 -5.72 7.09
CA LYS A 301 32.61 -6.03 5.83
C LYS A 301 31.58 -6.30 4.74
N GLY A 302 31.77 -5.68 3.58
CA GLY A 302 30.87 -5.95 2.48
C GLY A 302 30.97 -4.87 1.41
N ILE A 303 29.94 -4.84 0.56
CA ILE A 303 29.76 -3.83 -0.46
C ILE A 303 28.35 -3.28 -0.31
N TYR A 304 28.22 -1.96 -0.32
CA TYR A 304 26.96 -1.28 -0.05
C TYR A 304 26.64 -0.30 -1.18
N GLN A 305 25.45 -0.42 -1.75
CA GLN A 305 24.96 0.60 -2.65
C GLN A 305 24.63 1.86 -1.85
N THR A 306 24.75 3.01 -2.50
CA THR A 306 24.38 4.26 -1.85
C THR A 306 23.84 5.24 -2.87
N SER A 307 23.08 6.21 -2.37
CA SER A 307 22.57 7.30 -3.19
C SER A 307 23.73 8.25 -3.49
N ASN A 308 23.43 9.39 -4.10
CA ASN A 308 24.43 10.34 -4.58
C ASN A 308 24.16 11.70 -3.95
N PHE A 309 24.72 11.93 -2.77
CA PHE A 309 24.84 13.26 -2.18
C PHE A 309 25.99 14.06 -2.76
N ARG A 310 26.68 13.55 -3.79
CA ARG A 310 27.97 14.11 -4.19
C ARG A 310 27.79 15.49 -4.81
N VAL A 311 27.05 15.57 -5.90
CA VAL A 311 26.97 16.79 -6.70
C VAL A 311 25.77 17.62 -6.24
N GLN A 312 26.00 18.92 -6.07
CA GLN A 312 24.96 19.89 -5.74
C GLN A 312 25.06 21.05 -6.73
N PRO A 313 23.94 21.68 -7.10
CA PRO A 313 24.03 22.84 -8.00
C PRO A 313 24.71 24.01 -7.32
N THR A 314 25.35 24.85 -8.14
CA THR A 314 26.09 26.02 -7.69
C THR A 314 25.65 27.32 -8.35
N GLU A 315 25.11 27.26 -9.56
CA GLU A 315 24.71 28.45 -10.30
C GLU A 315 23.33 28.22 -10.92
N SER A 316 22.69 29.32 -11.30
CA SER A 316 21.37 29.31 -11.89
C SER A 316 21.44 29.84 -13.31
N ILE A 317 20.57 29.32 -14.17
CA ILE A 317 20.46 29.72 -15.57
C ILE A 317 19.03 30.12 -15.86
N VAL A 318 18.86 31.28 -16.48
CA VAL A 318 17.56 31.78 -16.92
C VAL A 318 17.67 32.09 -18.40
N ARG A 319 16.74 31.56 -19.20
CA ARG A 319 16.76 31.71 -20.65
C ARG A 319 15.31 31.87 -21.12
N PHE A 320 14.90 33.11 -21.34
CA PHE A 320 13.59 33.50 -21.83
C PHE A 320 13.74 34.17 -23.19
N PRO A 321 12.66 34.23 -24.00
CA PRO A 321 12.82 34.76 -25.36
C PRO A 321 13.13 36.25 -25.40
N ASN A 322 13.29 36.78 -26.61
CA ASN A 322 13.72 38.16 -26.83
C ASN A 322 12.50 39.00 -27.19
N ILE A 323 11.70 39.33 -26.18
CA ILE A 323 10.56 40.21 -26.30
C ILE A 323 10.69 41.28 -25.23
N THR A 324 10.74 42.54 -25.66
CA THR A 324 10.87 43.69 -24.76
C THR A 324 9.69 44.66 -24.84
N ASN A 325 8.67 44.36 -25.65
CA ASN A 325 7.50 45.22 -25.72
C ASN A 325 6.77 45.24 -24.39
N LEU A 326 6.68 46.41 -23.77
CA LEU A 326 5.90 46.53 -22.55
C LEU A 326 4.44 46.22 -22.86
N CYS A 327 3.80 45.50 -21.96
CA CYS A 327 2.55 44.88 -22.34
C CYS A 327 1.40 45.89 -22.36
N PRO A 328 0.41 45.72 -23.27
CA PRO A 328 -0.78 46.59 -23.21
C PRO A 328 -1.65 46.29 -21.99
N PHE A 329 -1.19 46.72 -20.82
CA PHE A 329 -1.96 46.62 -19.59
C PHE A 329 -2.64 47.92 -19.22
N GLY A 330 -2.18 49.05 -19.76
CA GLY A 330 -2.91 50.29 -19.55
C GLY A 330 -4.29 50.27 -20.18
N GLU A 331 -4.43 49.57 -21.31
CA GLU A 331 -5.69 49.54 -22.03
C GLU A 331 -6.75 48.70 -21.34
N VAL A 332 -6.35 47.74 -20.50
CA VAL A 332 -7.29 46.83 -19.86
C VAL A 332 -7.51 47.25 -18.41
N PHE A 333 -6.48 47.79 -17.77
CA PHE A 333 -6.61 48.28 -16.41
C PHE A 333 -7.04 49.75 -16.39
N ASN A 334 -6.34 50.59 -17.13
CA ASN A 334 -6.62 52.03 -17.21
C ASN A 334 -7.55 52.35 -18.40
N ALA A 335 -8.67 51.64 -18.46
CA ALA A 335 -9.65 51.87 -19.52
C ALA A 335 -10.69 52.88 -19.05
N THR A 336 -11.09 53.77 -19.96
CA THR A 336 -12.08 54.78 -19.60
C THR A 336 -13.43 54.15 -19.29
N ARG A 337 -13.84 53.16 -20.08
CA ARG A 337 -15.11 52.47 -19.91
C ARG A 337 -14.89 50.97 -19.99
N PHE A 338 -15.23 50.28 -18.91
CA PHE A 338 -15.31 48.83 -18.92
C PHE A 338 -16.66 48.40 -19.51
N ALA A 339 -16.73 47.12 -19.86
CA ALA A 339 -17.91 46.57 -20.52
C ALA A 339 -18.89 46.04 -19.48
N SER A 340 -20.18 46.08 -19.85
CA SER A 340 -21.21 45.48 -19.01
C SER A 340 -20.96 43.98 -18.87
N VAL A 341 -21.26 43.45 -17.69
CA VAL A 341 -20.87 42.09 -17.34
C VAL A 341 -21.47 41.08 -18.32
N TYR A 342 -22.72 41.31 -18.75
CA TYR A 342 -23.33 40.39 -19.70
C TYR A 342 -22.62 40.37 -21.04
N ALA A 343 -21.80 41.38 -21.33
CA ALA A 343 -21.04 41.50 -22.57
C ALA A 343 -19.56 41.75 -22.24
N TRP A 344 -19.02 40.93 -21.33
CA TRP A 344 -17.68 41.17 -20.80
C TRP A 344 -16.65 41.16 -21.92
N ASN A 345 -15.64 42.02 -21.79
CA ASN A 345 -14.70 42.27 -22.88
C ASN A 345 -13.49 41.35 -22.72
N ARG A 346 -13.25 40.53 -23.73
CA ARG A 346 -12.08 39.65 -23.78
C ARG A 346 -11.02 40.27 -24.67
N LYS A 347 -9.85 40.55 -24.11
CA LYS A 347 -8.72 41.10 -24.83
C LYS A 347 -7.63 40.04 -24.97
N ARG A 348 -7.20 39.81 -26.20
CA ARG A 348 -6.01 39.02 -26.47
C ARG A 348 -4.77 39.81 -26.05
N ILE A 349 -3.80 39.10 -25.47
CA ILE A 349 -2.53 39.68 -25.08
C ILE A 349 -1.42 38.79 -25.61
N SER A 350 -0.44 39.40 -26.27
CA SER A 350 0.62 38.64 -26.92
C SER A 350 1.82 39.55 -27.11
N ASN A 351 2.99 38.93 -27.27
CA ASN A 351 4.25 39.63 -27.50
C ASN A 351 4.50 40.66 -26.39
N CYS A 352 4.52 40.17 -25.16
CA CYS A 352 4.65 41.01 -23.98
C CYS A 352 5.81 40.53 -23.12
N VAL A 353 6.49 41.50 -22.50
CA VAL A 353 7.23 41.26 -21.25
C VAL A 353 6.28 41.62 -20.12
N ALA A 354 5.43 40.65 -19.77
CA ALA A 354 4.42 40.89 -18.75
C ALA A 354 5.08 41.19 -17.41
N ASP A 355 4.78 42.37 -16.88
CA ASP A 355 5.56 42.91 -15.77
C ASP A 355 5.11 42.25 -14.46
N TYR A 356 5.51 42.86 -13.34
CA TYR A 356 5.63 42.15 -12.07
C TYR A 356 4.25 41.73 -11.55
N SER A 357 4.25 41.08 -10.38
CA SER A 357 3.17 40.22 -9.92
C SER A 357 1.81 40.89 -9.84
N VAL A 358 1.65 41.84 -8.92
CA VAL A 358 0.34 42.43 -8.64
C VAL A 358 0.05 43.65 -9.50
N LEU A 359 1.04 44.18 -10.19
CA LEU A 359 0.93 45.46 -10.89
C LEU A 359 0.48 46.53 -9.90
N TYR A 360 1.30 46.66 -8.86
CA TYR A 360 1.08 47.61 -7.76
C TYR A 360 1.72 48.96 -8.08
N ASN A 361 1.25 49.58 -9.16
CA ASN A 361 1.80 50.84 -9.62
C ASN A 361 1.10 52.03 -8.97
N SER A 362 -0.20 52.19 -9.25
CA SER A 362 -1.04 53.17 -8.58
C SER A 362 -2.33 52.55 -8.06
N ALA A 363 -2.87 51.57 -8.78
CA ALA A 363 -4.16 50.99 -8.44
C ALA A 363 -3.98 49.97 -7.32
N SER A 364 -4.66 50.21 -6.21
CA SER A 364 -4.66 49.31 -5.06
C SER A 364 -5.79 48.29 -5.24
N PHE A 365 -5.43 47.03 -5.40
CA PHE A 365 -6.36 45.99 -5.81
C PHE A 365 -6.90 45.25 -4.59
N SER A 366 -8.23 45.25 -4.43
CA SER A 366 -8.86 44.61 -3.28
C SER A 366 -8.60 43.12 -3.22
N THR A 367 -9.11 42.34 -4.18
CA THR A 367 -8.98 40.88 -4.15
C THR A 367 -8.06 40.44 -5.28
N PHE A 368 -7.00 39.69 -4.91
CA PHE A 368 -6.03 39.15 -5.86
C PHE A 368 -5.74 37.70 -5.39
N LYS A 369 -6.59 36.78 -5.83
CA LYS A 369 -6.54 35.38 -5.40
C LYS A 369 -6.32 34.53 -6.65
N CYS A 370 -5.25 33.73 -6.67
CA CYS A 370 -4.86 33.03 -7.88
C CYS A 370 -4.96 31.51 -7.78
N TYR A 371 -5.53 30.91 -8.83
CA TYR A 371 -5.79 29.48 -8.91
C TYR A 371 -4.81 28.85 -9.88
N GLY A 372 -4.13 27.80 -9.42
CA GLY A 372 -3.16 27.09 -10.22
C GLY A 372 -1.77 27.69 -10.20
N VAL A 373 -1.68 28.99 -9.95
CA VAL A 373 -0.42 29.71 -9.88
C VAL A 373 -0.40 30.45 -8.54
N SER A 374 0.67 30.27 -7.78
CA SER A 374 0.88 31.12 -6.61
C SER A 374 1.23 32.53 -7.08
N PRO A 375 0.71 33.57 -6.42
CA PRO A 375 1.08 34.94 -6.84
C PRO A 375 2.57 35.22 -6.84
N THR A 376 3.30 34.66 -5.86
CA THR A 376 4.73 34.97 -5.72
C THR A 376 5.50 34.56 -6.97
N LYS A 377 5.20 33.37 -7.49
CA LYS A 377 5.88 32.85 -8.67
C LYS A 377 5.39 33.49 -9.97
N LEU A 378 4.42 34.40 -9.91
CA LEU A 378 3.77 34.88 -11.13
C LEU A 378 4.74 35.56 -12.09
N ASN A 379 5.85 36.11 -11.57
CA ASN A 379 6.85 36.71 -12.45
C ASN A 379 7.68 35.66 -13.17
N ASP A 380 7.96 34.53 -12.52
CA ASP A 380 8.97 33.59 -12.97
C ASP A 380 8.57 32.82 -14.22
N LEU A 381 7.33 32.91 -14.66
CA LEU A 381 6.79 32.01 -15.68
C LEU A 381 6.65 32.72 -17.02
N CYS A 382 6.33 31.91 -18.04
CA CYS A 382 5.95 32.40 -19.36
C CYS A 382 4.64 31.72 -19.74
N PHE A 383 3.63 32.51 -20.05
CA PHE A 383 2.28 32.02 -20.25
C PHE A 383 2.01 31.79 -21.73
N THR A 384 1.21 30.75 -22.00
CA THR A 384 0.97 30.35 -23.39
C THR A 384 -0.10 31.21 -24.04
N ASN A 385 -1.32 31.14 -23.53
CA ASN A 385 -2.51 31.74 -24.16
C ASN A 385 -3.22 32.58 -23.10
N VAL A 386 -2.77 33.82 -22.94
CA VAL A 386 -3.35 34.74 -21.97
C VAL A 386 -4.57 35.43 -22.57
N TYR A 387 -5.60 35.59 -21.76
CA TYR A 387 -6.80 36.32 -22.15
C TYR A 387 -7.27 37.14 -20.96
N ALA A 388 -7.55 38.42 -21.19
CA ALA A 388 -7.97 39.34 -20.14
C ALA A 388 -9.46 39.58 -20.28
N ASP A 389 -10.24 39.08 -19.30
CA ASP A 389 -11.68 39.20 -19.29
C ASP A 389 -12.04 40.31 -18.31
N SER A 390 -12.46 41.45 -18.85
CA SER A 390 -12.70 42.66 -18.06
C SER A 390 -14.18 43.00 -18.04
N PHE A 391 -14.64 43.50 -16.88
CA PHE A 391 -16.02 43.95 -16.72
C PHE A 391 -16.14 44.66 -15.39
N VAL A 392 -17.36 45.10 -15.08
CA VAL A 392 -17.71 45.77 -13.83
C VAL A 392 -19.00 45.18 -13.31
N ILE A 393 -19.06 44.96 -12.00
CA ILE A 393 -20.29 44.47 -11.36
C ILE A 393 -20.51 45.28 -10.09
N ARG A 394 -21.54 44.94 -9.31
CA ARG A 394 -21.80 45.64 -8.07
C ARG A 394 -20.88 45.11 -6.97
N GLY A 395 -21.16 45.47 -5.72
CA GLY A 395 -20.23 45.16 -4.64
C GLY A 395 -20.23 43.73 -4.19
N ASP A 396 -21.35 43.30 -3.60
CA ASP A 396 -21.41 42.00 -2.95
C ASP A 396 -21.21 40.83 -3.91
N GLU A 397 -21.36 41.04 -5.22
CA GLU A 397 -21.28 39.96 -6.18
C GLU A 397 -19.85 39.62 -6.61
N VAL A 398 -18.85 40.37 -6.14
CA VAL A 398 -17.47 40.10 -6.52
C VAL A 398 -17.03 38.72 -6.05
N ARG A 399 -17.64 38.21 -4.97
CA ARG A 399 -17.32 36.87 -4.51
C ARG A 399 -17.70 35.82 -5.54
N GLN A 400 -18.69 36.11 -6.40
CA GLN A 400 -19.16 35.12 -7.37
C GLN A 400 -18.14 34.80 -8.45
N ILE A 401 -17.11 35.62 -8.62
CA ILE A 401 -16.13 35.41 -9.70
C ILE A 401 -15.08 34.47 -9.15
N ALA A 402 -15.37 33.18 -9.20
CA ALA A 402 -14.42 32.14 -8.81
C ALA A 402 -15.03 30.78 -9.17
N PRO A 403 -14.21 29.73 -9.25
CA PRO A 403 -14.75 28.40 -9.56
C PRO A 403 -15.75 27.93 -8.52
N GLY A 404 -16.78 27.24 -8.99
CA GLY A 404 -17.77 26.64 -8.12
C GLY A 404 -18.78 27.59 -7.52
N GLN A 405 -18.65 28.89 -7.74
CA GLN A 405 -19.62 29.84 -7.24
C GLN A 405 -20.91 29.76 -8.04
N THR A 406 -21.93 30.44 -7.54
CA THR A 406 -23.20 30.55 -8.25
C THR A 406 -23.91 31.80 -7.76
N GLY A 407 -24.92 32.20 -8.49
CA GLY A 407 -25.62 33.43 -8.24
C GLY A 407 -25.95 34.11 -9.55
N LYS A 408 -26.35 35.37 -9.46
CA LYS A 408 -26.71 36.13 -10.66
C LYS A 408 -25.56 36.14 -11.67
N ILE A 409 -24.39 36.57 -11.22
CA ILE A 409 -23.26 36.77 -12.12
C ILE A 409 -22.74 35.44 -12.64
N ALA A 410 -22.58 34.47 -11.74
CA ALA A 410 -21.97 33.20 -12.09
C ALA A 410 -22.94 32.20 -12.69
N ASP A 411 -24.17 32.61 -12.99
CA ASP A 411 -25.14 31.75 -13.68
C ASP A 411 -25.69 32.37 -14.95
N TYR A 412 -26.01 33.67 -14.96
CA TYR A 412 -26.57 34.30 -16.16
C TYR A 412 -25.57 35.13 -16.94
N ASN A 413 -24.44 35.51 -16.35
CA ASN A 413 -23.59 36.53 -16.94
C ASN A 413 -22.19 36.04 -17.29
N TYR A 414 -21.51 35.36 -16.38
CA TYR A 414 -20.10 35.01 -16.61
C TYR A 414 -19.72 33.85 -15.70
N LYS A 415 -19.44 32.69 -16.28
CA LYS A 415 -19.16 31.47 -15.55
C LYS A 415 -17.71 31.06 -15.77
N LEU A 416 -17.07 30.56 -14.70
CA LEU A 416 -15.70 30.07 -14.72
C LEU A 416 -15.67 28.53 -14.65
N PRO A 417 -14.63 27.87 -15.15
CA PRO A 417 -14.50 26.42 -14.94
C PRO A 417 -13.82 26.08 -13.62
N CYS A 418 -13.95 24.81 -13.22
CA CYS A 418 -13.07 24.28 -12.19
C CYS A 418 -11.62 24.21 -12.67
N ASP A 419 -11.38 23.64 -13.86
CA ASP A 419 -10.02 23.50 -14.37
C ASP A 419 -9.51 24.85 -14.91
N PHE A 420 -9.46 25.83 -14.02
CA PHE A 420 -9.13 27.20 -14.34
C PHE A 420 -7.76 27.53 -13.76
N THR A 421 -6.86 28.00 -14.61
CA THR A 421 -5.52 28.41 -14.20
C THR A 421 -5.36 29.88 -14.57
N GLY A 422 -5.27 30.72 -13.56
CA GLY A 422 -5.30 32.15 -13.75
C GLY A 422 -5.87 32.81 -12.52
N CYS A 423 -6.08 34.13 -12.62
CA CYS A 423 -6.55 34.83 -11.42
C CYS A 423 -7.24 36.15 -11.70
N VAL A 424 -7.77 36.71 -10.61
CA VAL A 424 -8.92 37.61 -10.61
C VAL A 424 -8.53 38.85 -9.82
N ILE A 425 -8.29 39.95 -10.50
CA ILE A 425 -8.00 41.23 -9.87
C ILE A 425 -9.30 42.00 -9.77
N ALA A 426 -9.72 42.31 -8.54
CA ALA A 426 -10.95 43.06 -8.30
C ALA A 426 -10.63 44.25 -7.42
N TRP A 427 -11.15 45.42 -7.81
CA TRP A 427 -10.89 46.64 -7.04
C TRP A 427 -12.03 47.63 -7.24
N ASN A 428 -12.33 48.37 -6.17
CA ASN A 428 -13.42 49.33 -6.18
C ASN A 428 -13.14 50.46 -7.16
N SER A 429 -14.18 50.88 -7.88
CA SER A 429 -14.10 52.03 -8.78
C SER A 429 -15.35 52.88 -8.67
N ASN A 430 -15.84 53.09 -7.44
CA ASN A 430 -16.98 53.98 -7.24
C ASN A 430 -16.67 55.40 -7.71
N ASN A 431 -15.44 55.86 -7.47
CA ASN A 431 -15.06 57.23 -7.86
C ASN A 431 -15.11 57.45 -9.37
N LEU A 432 -15.12 56.39 -10.17
CA LEU A 432 -15.20 56.48 -11.63
C LEU A 432 -16.50 55.89 -12.17
N ASP A 433 -16.78 54.63 -11.84
CA ASP A 433 -17.90 53.90 -12.46
C ASP A 433 -19.24 54.21 -11.80
N SER A 434 -19.34 55.24 -10.96
CA SER A 434 -20.61 55.69 -10.40
C SER A 434 -20.71 57.20 -10.52
N LYS A 435 -21.90 57.67 -10.90
CA LYS A 435 -22.19 59.09 -10.99
C LYS A 435 -23.55 59.35 -10.35
N VAL A 436 -23.78 60.63 -9.99
CA VAL A 436 -25.05 61.02 -9.36
C VAL A 436 -26.20 60.66 -10.27
N GLY A 437 -27.28 60.16 -9.67
CA GLY A 437 -28.39 59.61 -10.42
C GLY A 437 -28.20 58.18 -10.87
N GLY A 438 -27.03 57.60 -10.66
CA GLY A 438 -26.79 56.21 -11.01
C GLY A 438 -26.49 56.03 -12.48
N ASN A 439 -25.46 55.25 -12.79
CA ASN A 439 -25.12 54.95 -14.18
C ASN A 439 -26.10 53.92 -14.72
N TYR A 440 -26.81 54.29 -15.79
CA TYR A 440 -27.70 53.38 -16.50
C TYR A 440 -27.03 52.82 -17.75
N ASN A 441 -25.71 52.60 -17.68
CA ASN A 441 -24.94 51.99 -18.75
C ASN A 441 -24.49 50.57 -18.44
N TYR A 442 -24.34 50.23 -17.16
CA TYR A 442 -23.88 48.93 -16.73
C TYR A 442 -25.08 48.04 -16.46
N LEU A 443 -25.22 46.96 -17.24
CA LEU A 443 -26.38 46.09 -17.20
C LEU A 443 -25.95 44.67 -16.87
N TYR A 444 -26.91 43.90 -16.34
CA TYR A 444 -26.71 42.49 -16.03
C TYR A 444 -27.93 41.69 -16.47
N ARG A 445 -27.70 40.44 -16.84
CA ARG A 445 -28.76 39.58 -17.35
C ARG A 445 -29.60 39.09 -16.18
N LEU A 446 -30.81 39.65 -16.05
CA LEU A 446 -31.65 39.33 -14.89
C LEU A 446 -32.26 37.93 -14.99
N PHE A 447 -32.61 37.50 -16.20
CA PHE A 447 -33.30 36.22 -16.40
C PHE A 447 -32.69 35.48 -17.59
N ARG A 448 -32.54 34.17 -17.41
CA ARG A 448 -32.21 33.27 -18.51
C ARG A 448 -32.84 31.92 -18.20
N LYS A 449 -33.29 31.23 -19.24
CA LYS A 449 -33.97 29.94 -19.06
C LYS A 449 -33.03 28.84 -18.58
N SER A 450 -31.72 29.07 -18.58
CA SER A 450 -30.78 28.11 -18.03
C SER A 450 -29.47 28.86 -17.72
N ASN A 451 -28.70 28.29 -16.81
CA ASN A 451 -27.41 28.88 -16.48
C ASN A 451 -26.43 28.69 -17.64
N LEU A 452 -25.31 29.40 -17.56
CA LEU A 452 -24.32 29.39 -18.62
C LEU A 452 -23.36 28.21 -18.46
N LYS A 453 -22.64 27.94 -19.54
CA LYS A 453 -21.41 27.15 -19.48
C LYS A 453 -20.23 28.09 -19.24
N PRO A 454 -19.08 27.56 -18.84
CA PRO A 454 -17.92 28.44 -18.58
C PRO A 454 -17.50 29.21 -19.81
N PHE A 455 -17.12 30.48 -19.59
CA PHE A 455 -16.56 31.34 -20.63
C PHE A 455 -17.50 31.49 -21.82
N GLU A 456 -18.80 31.52 -21.57
CA GLU A 456 -19.81 31.71 -22.61
C GLU A 456 -20.47 33.05 -22.41
N ARG A 457 -20.61 33.80 -23.50
CA ARG A 457 -21.24 35.11 -23.49
C ARG A 457 -22.68 34.98 -23.98
N ASP A 458 -23.54 35.90 -23.52
CA ASP A 458 -24.95 35.91 -23.93
C ASP A 458 -25.39 37.37 -23.99
N ILE A 459 -25.50 37.91 -25.20
CA ILE A 459 -25.96 39.27 -25.43
C ILE A 459 -27.35 39.30 -26.06
N SER A 460 -28.10 38.20 -25.99
CA SER A 460 -29.44 38.19 -26.55
C SER A 460 -30.37 39.09 -25.72
N THR A 461 -31.53 39.40 -26.30
CA THR A 461 -32.49 40.28 -25.66
C THR A 461 -33.92 39.75 -25.80
N GLU A 462 -34.10 38.48 -26.12
CA GLU A 462 -35.44 37.91 -26.20
C GLU A 462 -36.14 37.97 -24.84
N ILE A 463 -37.44 38.25 -24.86
CA ILE A 463 -38.19 38.42 -23.63
C ILE A 463 -38.31 37.07 -22.93
N TYR A 464 -38.03 37.05 -21.63
CA TYR A 464 -38.04 35.82 -20.84
C TYR A 464 -39.45 35.56 -20.34
N GLN A 465 -40.03 34.45 -20.76
CA GLN A 465 -41.41 34.11 -20.42
C GLN A 465 -41.43 33.50 -19.02
N ALA A 466 -41.60 34.36 -18.01
CA ALA A 466 -41.76 33.87 -16.65
C ALA A 466 -43.01 32.99 -16.52
N GLY A 467 -44.12 33.43 -17.11
CA GLY A 467 -45.32 32.63 -17.13
C GLY A 467 -45.29 31.57 -18.22
N SER A 468 -46.25 30.66 -18.15
CA SER A 468 -46.37 29.60 -19.14
C SER A 468 -46.94 30.07 -20.47
N THR A 469 -47.54 31.25 -20.51
CA THR A 469 -48.16 31.76 -21.73
C THR A 469 -47.16 32.64 -22.49
N PRO A 470 -46.73 32.28 -23.70
CA PRO A 470 -45.88 33.19 -24.47
C PRO A 470 -46.59 34.51 -24.75
N CYS A 471 -45.80 35.60 -24.74
CA CYS A 471 -46.30 36.94 -25.02
C CYS A 471 -45.63 37.53 -26.26
N ASN A 472 -45.35 36.68 -27.26
CA ASN A 472 -44.81 37.03 -28.57
C ASN A 472 -43.70 38.09 -28.54
N GLY A 473 -42.80 37.97 -27.57
CA GLY A 473 -41.57 38.74 -27.60
C GLY A 473 -41.67 40.18 -27.18
N VAL A 474 -42.81 40.62 -26.65
CA VAL A 474 -42.98 41.99 -26.18
C VAL A 474 -43.07 41.97 -24.65
N GLU A 475 -43.07 43.16 -24.05
CA GLU A 475 -43.23 43.27 -22.61
C GLU A 475 -44.68 43.15 -22.22
N GLY A 476 -44.92 42.69 -20.99
CA GLY A 476 -46.26 42.54 -20.48
C GLY A 476 -46.28 41.93 -19.10
N PHE A 477 -47.25 41.04 -18.85
CA PHE A 477 -47.41 40.37 -17.56
C PHE A 477 -46.77 39.00 -17.64
N ASN A 478 -46.00 38.64 -16.61
CA ASN A 478 -45.36 37.34 -16.49
C ASN A 478 -44.37 37.07 -17.63
N CYS A 479 -43.88 38.11 -18.30
CA CYS A 479 -42.80 37.97 -19.26
C CYS A 479 -42.01 39.28 -19.27
N TYR A 480 -40.76 39.22 -18.86
CA TYR A 480 -39.99 40.41 -18.47
C TYR A 480 -38.75 40.55 -19.36
N PHE A 481 -38.26 41.78 -19.43
CA PHE A 481 -37.07 42.08 -20.20
C PHE A 481 -35.85 41.45 -19.52
N PRO A 482 -35.03 40.66 -20.24
CA PRO A 482 -34.05 39.83 -19.53
C PRO A 482 -32.91 40.63 -18.90
N LEU A 483 -32.65 41.85 -19.36
CA LEU A 483 -31.57 42.67 -18.84
C LEU A 483 -32.13 43.67 -17.83
N GLN A 484 -31.33 43.95 -16.80
CA GLN A 484 -31.64 44.97 -15.82
C GLN A 484 -30.42 45.84 -15.61
N SER A 485 -30.63 47.15 -15.54
CA SER A 485 -29.55 48.10 -15.36
C SER A 485 -29.23 48.26 -13.88
N TYR A 486 -27.93 48.30 -13.58
CA TYR A 486 -27.47 48.57 -12.22
C TYR A 486 -27.82 49.99 -11.82
N GLY A 487 -27.98 50.19 -10.51
CA GLY A 487 -28.01 51.52 -9.93
C GLY A 487 -26.79 51.77 -9.08
N PHE A 488 -25.86 52.58 -9.58
CA PHE A 488 -24.60 52.88 -8.89
C PHE A 488 -24.60 54.36 -8.52
N GLN A 489 -25.23 54.68 -7.40
CA GLN A 489 -25.14 56.04 -6.87
C GLN A 489 -23.80 56.22 -6.15
N PRO A 490 -23.22 57.43 -6.16
CA PRO A 490 -21.92 57.62 -5.51
C PRO A 490 -21.98 57.58 -4.00
N THR A 491 -23.17 57.53 -3.40
CA THR A 491 -23.38 57.57 -1.96
C THR A 491 -24.32 56.45 -1.54
N ASN A 492 -24.04 55.24 -2.03
CA ASN A 492 -24.80 54.05 -1.71
C ASN A 492 -23.85 53.01 -1.11
N GLY A 493 -24.43 52.00 -0.46
CA GLY A 493 -23.68 51.07 0.36
C GLY A 493 -22.50 50.41 -0.31
N VAL A 494 -21.62 49.80 0.49
CA VAL A 494 -20.40 49.21 -0.05
C VAL A 494 -20.74 48.04 -0.98
N GLY A 495 -21.79 47.28 -0.63
CA GLY A 495 -22.18 46.17 -1.47
C GLY A 495 -22.83 46.57 -2.78
N TYR A 496 -23.16 47.85 -2.97
CA TYR A 496 -23.70 48.37 -4.21
C TYR A 496 -22.72 49.24 -4.99
N GLN A 497 -21.47 49.37 -4.53
CA GLN A 497 -20.54 50.23 -5.25
C GLN A 497 -19.95 49.46 -6.43
N PRO A 498 -19.76 50.09 -7.60
CA PRO A 498 -19.24 49.34 -8.75
C PRO A 498 -17.80 48.92 -8.52
N TYR A 499 -17.54 47.64 -8.77
CA TYR A 499 -16.23 47.03 -8.68
C TYR A 499 -15.75 46.63 -10.06
N ARG A 500 -14.55 47.10 -10.41
CA ARG A 500 -13.88 46.69 -11.64
C ARG A 500 -13.20 45.36 -11.42
N VAL A 501 -13.44 44.41 -12.32
CA VAL A 501 -12.85 43.08 -12.25
C VAL A 501 -12.18 42.80 -13.58
N VAL A 502 -10.99 42.22 -13.51
CA VAL A 502 -10.34 41.61 -14.66
C VAL A 502 -9.93 40.21 -14.25
N VAL A 503 -9.91 39.30 -15.22
CA VAL A 503 -9.55 37.92 -15.00
C VAL A 503 -8.53 37.55 -16.07
N LEU A 504 -7.31 37.25 -15.64
CA LEU A 504 -6.25 36.80 -16.53
C LEU A 504 -6.32 35.28 -16.54
N SER A 505 -6.68 34.71 -17.70
CA SER A 505 -6.83 33.27 -17.88
C SER A 505 -5.76 32.77 -18.83
N PHE A 506 -5.01 31.76 -18.41
CA PHE A 506 -3.92 31.23 -19.22
C PHE A 506 -3.69 29.77 -18.84
N GLU A 507 -2.75 29.15 -19.55
CA GLU A 507 -2.38 27.75 -19.33
C GLU A 507 -0.86 27.66 -19.45
N LEU A 508 -0.25 26.87 -18.57
CA LEU A 508 1.17 26.96 -18.29
C LEU A 508 1.94 25.79 -18.88
N LEU A 509 3.00 26.10 -19.62
CA LEU A 509 4.09 25.16 -19.93
C LEU A 509 3.59 23.92 -20.70
N HIS A 510 2.79 24.17 -21.73
CA HIS A 510 2.37 23.12 -22.64
C HIS A 510 2.35 23.53 -24.11
N ALA A 511 2.56 24.82 -24.43
CA ALA A 511 2.46 25.32 -25.79
C ALA A 511 3.52 26.40 -25.99
N PRO A 512 3.79 26.83 -27.23
CA PRO A 512 4.78 27.90 -27.42
C PRO A 512 4.40 29.18 -26.69
N ALA A 513 5.22 29.57 -25.73
CA ALA A 513 4.98 30.80 -24.99
C ALA A 513 5.23 32.01 -25.87
N THR A 514 4.40 33.04 -25.70
CA THR A 514 4.59 34.34 -26.33
C THR A 514 4.73 35.46 -25.30
N VAL A 515 4.03 35.38 -24.18
CA VAL A 515 4.19 36.30 -23.07
C VAL A 515 5.29 35.77 -22.15
N CYS A 516 6.20 36.66 -21.74
CA CYS A 516 7.30 36.30 -20.87
C CYS A 516 7.32 37.22 -19.65
N GLY A 517 7.88 36.71 -18.55
CA GLY A 517 7.97 37.47 -17.34
C GLY A 517 9.05 38.54 -17.42
N PRO A 518 9.21 39.29 -16.32
CA PRO A 518 10.18 40.40 -16.31
C PRO A 518 11.63 39.97 -16.18
N LYS A 519 11.91 38.69 -16.00
CA LYS A 519 13.29 38.26 -15.71
C LYS A 519 14.18 38.46 -16.93
N LYS A 520 15.40 38.93 -16.66
CA LYS A 520 16.40 39.07 -17.71
C LYS A 520 17.10 37.75 -17.95
N SER A 521 17.31 37.43 -19.23
CA SER A 521 17.93 36.17 -19.60
C SER A 521 19.40 36.16 -19.23
N THR A 522 19.98 34.96 -19.21
CA THR A 522 21.42 34.77 -19.10
C THR A 522 21.91 33.89 -20.24
N ASN A 523 23.17 33.45 -20.17
CA ASN A 523 23.74 32.53 -21.15
C ASN A 523 23.83 31.15 -20.51
N LEU A 524 23.26 30.16 -21.18
CA LEU A 524 23.24 28.80 -20.63
C LEU A 524 24.65 28.23 -20.52
N VAL A 525 24.88 27.51 -19.42
CA VAL A 525 26.12 26.79 -19.17
C VAL A 525 25.85 25.33 -19.57
N LYS A 526 26.48 24.88 -20.64
CA LYS A 526 26.18 23.57 -21.20
C LYS A 526 27.12 22.50 -20.64
N ASN A 527 26.72 21.24 -20.82
CA ASN A 527 27.47 20.08 -20.39
C ASN A 527 27.85 20.17 -18.91
N LYS A 528 26.91 20.69 -18.12
CA LYS A 528 27.07 20.91 -16.69
C LYS A 528 25.70 21.30 -16.17
N CYS A 529 25.35 20.83 -14.97
CA CYS A 529 23.96 20.90 -14.50
C CYS A 529 23.75 22.11 -13.61
N VAL A 530 22.67 22.82 -13.89
CA VAL A 530 22.36 24.14 -13.39
C VAL A 530 20.93 24.12 -12.89
N ASN A 531 20.45 25.28 -12.44
CA ASN A 531 19.02 25.48 -12.18
C ASN A 531 18.41 26.21 -13.37
N PHE A 532 18.28 25.45 -14.47
CA PHE A 532 17.83 26.00 -15.74
C PHE A 532 16.41 26.59 -15.60
N ASN A 533 16.03 27.37 -16.61
CA ASN A 533 14.68 27.92 -16.66
C ASN A 533 14.35 28.17 -18.13
N PHE A 534 13.60 27.25 -18.71
CA PHE A 534 13.19 27.30 -20.12
C PHE A 534 11.70 27.65 -20.14
N ASN A 535 11.42 28.94 -20.29
CA ASN A 535 10.05 29.45 -20.44
C ASN A 535 9.18 29.13 -19.23
N GLY A 536 9.79 28.95 -18.06
CA GLY A 536 9.06 28.85 -16.80
C GLY A 536 9.42 27.67 -15.92
N LEU A 537 9.70 26.52 -16.52
CA LEU A 537 9.97 25.32 -15.74
C LEU A 537 11.24 25.49 -14.92
N THR A 538 11.24 24.89 -13.73
CA THR A 538 12.36 24.98 -12.79
C THR A 538 12.80 23.57 -12.43
N GLY A 539 13.99 23.17 -12.89
CA GLY A 539 14.51 21.86 -12.60
C GLY A 539 16.01 21.85 -12.41
N THR A 540 16.64 20.69 -12.60
CA THR A 540 18.08 20.55 -12.48
C THR A 540 18.54 19.39 -13.36
N GLY A 541 19.57 19.63 -14.16
CA GLY A 541 20.04 18.60 -15.09
C GLY A 541 20.87 19.12 -16.24
N VAL A 542 21.85 18.32 -16.67
CA VAL A 542 22.65 18.67 -17.84
C VAL A 542 21.76 18.72 -19.07
N LEU A 543 22.14 19.59 -20.00
CA LEU A 543 21.48 19.78 -21.28
C LEU A 543 22.38 19.22 -22.38
N THR A 544 21.79 18.94 -23.54
CA THR A 544 22.54 18.40 -24.67
C THR A 544 21.76 18.72 -25.94
N GLU A 545 22.47 18.70 -27.07
CA GLU A 545 21.83 18.94 -28.36
C GLU A 545 21.02 17.71 -28.77
N SER A 546 20.12 17.93 -29.73
CA SER A 546 19.24 16.87 -30.22
C SER A 546 18.83 17.20 -31.65
N ASN A 547 18.23 16.22 -32.31
CA ASN A 547 17.85 16.33 -33.72
C ASN A 547 16.45 15.79 -33.93
N LYS A 548 15.56 16.03 -32.97
CA LYS A 548 14.16 15.62 -33.12
C LYS A 548 13.40 16.63 -33.97
N LYS A 549 12.39 16.13 -34.68
CA LYS A 549 11.62 16.93 -35.64
C LYS A 549 10.35 17.42 -34.95
N PHE A 550 10.46 18.59 -34.32
CA PHE A 550 9.31 19.20 -33.65
C PHE A 550 8.38 19.84 -34.68
N LEU A 551 7.09 19.57 -34.53
CA LEU A 551 6.11 20.30 -35.33
C LEU A 551 6.06 21.76 -34.88
N PRO A 552 5.68 22.68 -35.79
CA PRO A 552 5.73 24.11 -35.42
C PRO A 552 4.87 24.48 -34.22
N PHE A 553 3.70 23.86 -34.07
CA PHE A 553 2.81 24.19 -32.97
C PHE A 553 3.21 23.52 -31.65
N GLN A 554 4.21 22.64 -31.67
CA GLN A 554 4.69 21.98 -30.46
C GLN A 554 5.98 22.64 -29.99
N GLN A 555 6.12 22.78 -28.66
CA GLN A 555 7.28 23.41 -28.05
C GLN A 555 7.95 22.56 -26.99
N PHE A 556 7.27 21.56 -26.43
CA PHE A 556 7.84 20.65 -25.44
C PHE A 556 7.78 19.22 -25.98
N GLY A 557 8.55 18.34 -25.34
CA GLY A 557 8.52 16.93 -25.67
C GLY A 557 8.75 16.07 -24.45
N ARG A 558 7.82 15.15 -24.20
CA ARG A 558 7.78 14.36 -22.97
C ARG A 558 8.00 12.89 -23.30
N ASP A 559 8.72 12.21 -22.40
CA ASP A 559 9.04 10.79 -22.57
C ASP A 559 7.94 9.93 -21.96
N ILE A 560 8.22 8.64 -21.77
CA ILE A 560 7.24 7.72 -21.22
C ILE A 560 6.95 8.11 -19.76
N ALA A 561 7.96 8.59 -19.04
CA ALA A 561 7.79 8.95 -17.64
C ALA A 561 7.01 10.24 -17.44
N ASP A 562 6.66 10.95 -18.51
CA ASP A 562 5.88 12.20 -18.55
C ASP A 562 6.78 13.38 -18.16
N THR A 563 8.08 13.18 -17.96
CA THR A 563 8.98 14.30 -17.70
C THR A 563 9.52 14.83 -19.02
N THR A 564 10.18 15.99 -18.96
CA THR A 564 10.66 16.64 -20.16
C THR A 564 11.93 15.96 -20.65
N ASP A 565 11.89 15.46 -21.89
CA ASP A 565 13.06 14.89 -22.55
C ASP A 565 13.43 15.63 -23.83
N ALA A 566 12.63 16.60 -24.27
CA ALA A 566 12.99 17.43 -25.40
C ALA A 566 12.43 18.83 -25.19
N VAL A 567 13.25 19.84 -25.50
CA VAL A 567 12.88 21.24 -25.30
C VAL A 567 13.41 22.04 -26.47
N ARG A 568 12.77 23.18 -26.71
CA ARG A 568 13.17 24.13 -27.73
C ARG A 568 13.61 25.42 -27.03
N ASP A 569 14.84 25.85 -27.32
CA ASP A 569 15.34 27.06 -26.69
C ASP A 569 14.55 28.26 -27.21
N PRO A 570 14.15 29.22 -26.34
CA PRO A 570 13.32 30.32 -26.82
C PRO A 570 14.02 31.24 -27.80
N GLN A 571 15.18 31.78 -27.42
CA GLN A 571 15.87 32.75 -28.27
C GLN A 571 16.38 32.10 -29.55
N THR A 572 17.08 30.96 -29.43
CA THR A 572 17.65 30.25 -30.55
C THR A 572 16.72 29.10 -30.93
N LEU A 573 16.25 29.10 -32.18
CA LEU A 573 15.32 28.07 -32.63
C LEU A 573 16.11 26.80 -32.91
N GLU A 574 16.01 25.84 -32.00
CA GLU A 574 16.74 24.59 -32.07
C GLU A 574 16.14 23.62 -31.06
N ILE A 575 16.31 22.33 -31.33
CA ILE A 575 15.75 21.25 -30.52
C ILE A 575 16.86 20.61 -29.71
N LEU A 576 16.65 20.49 -28.39
CA LEU A 576 17.63 19.96 -27.46
C LEU A 576 16.97 18.85 -26.64
N ASP A 577 17.79 18.17 -25.82
CA ASP A 577 17.31 17.15 -24.90
C ASP A 577 18.02 17.32 -23.56
N ILE A 578 17.43 16.74 -22.51
CA ILE A 578 17.85 16.96 -21.13
C ILE A 578 18.15 15.60 -20.50
N THR A 579 19.14 15.58 -19.62
CA THR A 579 19.45 14.43 -18.78
C THR A 579 19.76 14.93 -17.39
N PRO A 580 19.63 14.08 -16.36
CA PRO A 580 20.01 14.50 -15.01
C PRO A 580 21.53 14.53 -14.86
N CYS A 581 21.98 14.90 -13.67
CA CYS A 581 23.41 14.94 -13.36
C CYS A 581 23.74 14.15 -12.11
N SER A 582 22.83 14.16 -11.12
CA SER A 582 22.90 13.13 -10.09
C SER A 582 22.40 11.86 -10.73
N PHE A 583 23.30 11.09 -11.34
CA PHE A 583 22.96 9.83 -11.98
C PHE A 583 24.02 8.79 -11.63
N GLY A 584 23.75 7.56 -12.02
CA GLY A 584 24.70 6.49 -11.80
C GLY A 584 24.66 5.98 -10.36
N GLY A 585 24.64 4.67 -10.20
CA GLY A 585 24.78 4.11 -8.88
C GLY A 585 26.22 4.16 -8.41
N VAL A 586 26.39 4.15 -7.08
CA VAL A 586 27.71 4.17 -6.47
C VAL A 586 27.72 3.11 -5.39
N SER A 587 28.59 2.12 -5.55
CA SER A 587 28.79 1.07 -4.55
C SER A 587 30.10 1.33 -3.83
N VAL A 588 30.11 1.08 -2.53
CA VAL A 588 31.28 1.33 -1.68
C VAL A 588 31.65 0.00 -1.04
N ILE A 589 32.92 -0.37 -1.17
CA ILE A 589 33.46 -1.62 -0.68
C ILE A 589 34.27 -1.31 0.56
N THR A 590 33.94 -1.99 1.66
CA THR A 590 34.60 -1.73 2.94
C THR A 590 34.97 -3.06 3.60
N PRO A 591 36.20 -3.23 4.08
CA PRO A 591 36.40 -4.16 5.18
C PRO A 591 35.72 -3.62 6.43
N GLY A 592 35.30 -4.53 7.29
CA GLY A 592 34.54 -4.15 8.47
C GLY A 592 35.29 -3.19 9.36
N THR A 593 34.76 -1.98 9.52
CA THR A 593 35.31 -1.05 10.50
C THR A 593 35.36 -1.72 11.86
N ASN A 594 36.42 -1.42 12.62
CA ASN A 594 37.12 -2.28 13.58
C ASN A 594 38.23 -3.11 12.90
N THR A 595 38.44 -2.96 11.58
CA THR A 595 39.57 -3.57 10.91
C THR A 595 40.35 -2.52 10.11
N SER A 596 39.68 -1.50 9.61
CA SER A 596 40.34 -0.44 8.85
C SER A 596 39.30 0.65 8.58
N ASN A 597 39.75 1.70 7.88
CA ASN A 597 38.87 2.71 7.32
C ASN A 597 39.12 2.93 5.83
N GLN A 598 40.03 2.18 5.21
CA GLN A 598 40.16 2.22 3.77
C GLN A 598 38.91 1.67 3.12
N VAL A 599 38.61 2.15 1.92
CA VAL A 599 37.46 1.70 1.14
C VAL A 599 37.84 1.69 -0.33
N ALA A 600 36.91 1.21 -1.16
CA ALA A 600 36.98 1.35 -2.60
C ALA A 600 35.60 1.73 -3.11
N VAL A 601 35.55 2.26 -4.32
CA VAL A 601 34.33 2.82 -4.89
C VAL A 601 34.15 2.25 -6.28
N LEU A 602 32.98 1.69 -6.54
CA LEU A 602 32.60 1.18 -7.85
C LEU A 602 31.53 2.10 -8.43
N TYR A 603 31.78 2.56 -9.64
CA TYR A 603 30.84 3.38 -10.41
C TYR A 603 30.26 2.49 -11.50
N GLN A 604 28.95 2.27 -11.45
CA GLN A 604 28.30 1.29 -12.30
C GLN A 604 28.26 1.74 -13.75
N ASP A 605 28.66 0.84 -14.66
CA ASP A 605 28.46 0.99 -16.10
C ASP A 605 29.09 2.25 -16.69
N VAL A 606 29.99 2.92 -15.98
CA VAL A 606 30.68 4.09 -16.53
C VAL A 606 31.90 3.61 -17.31
N ASN A 607 32.47 4.50 -18.10
CA ASN A 607 33.65 4.23 -18.93
C ASN A 607 34.72 5.20 -18.43
N CYS A 608 35.57 4.73 -17.51
CA CYS A 608 36.35 5.64 -16.69
C CYS A 608 37.58 6.20 -17.39
N THR A 609 37.64 6.12 -18.71
CA THR A 609 38.34 7.15 -19.45
C THR A 609 37.57 8.47 -19.39
N GLU A 610 36.28 8.44 -19.05
CA GLU A 610 35.45 9.62 -18.86
C GLU A 610 34.51 9.46 -17.66
N VAL A 611 35.04 8.93 -16.54
CA VAL A 611 34.29 8.93 -15.28
C VAL A 611 34.27 10.31 -14.60
N PRO A 612 35.35 11.12 -14.61
CA PRO A 612 35.26 12.39 -13.86
C PRO A 612 34.17 13.31 -14.38
N VAL A 613 33.85 13.24 -15.67
CA VAL A 613 32.72 14.00 -16.20
C VAL A 613 31.39 13.37 -15.78
N ALA A 614 31.39 12.09 -15.41
CA ALA A 614 30.17 11.44 -14.91
C ALA A 614 29.98 11.67 -13.42
N ILE A 615 31.07 11.69 -12.65
CA ILE A 615 30.98 12.12 -11.26
C ILE A 615 30.76 13.63 -11.19
N HIS A 616 31.06 14.36 -12.27
CA HIS A 616 31.16 15.82 -12.25
C HIS A 616 32.26 16.25 -11.27
N ALA A 617 33.49 15.87 -11.64
CA ALA A 617 34.68 16.20 -10.86
C ALA A 617 35.30 17.52 -11.32
N ASP A 618 34.46 18.54 -11.43
CA ASP A 618 34.87 19.93 -11.51
C ASP A 618 34.28 20.75 -10.37
N GLN A 619 33.64 20.09 -9.41
CA GLN A 619 32.84 20.75 -8.39
C GLN A 619 32.48 19.66 -7.38
N LEU A 620 33.30 19.55 -6.32
CA LEU A 620 33.12 18.61 -5.22
C LEU A 620 34.39 18.66 -4.38
N THR A 621 34.29 18.28 -3.11
CA THR A 621 35.48 18.25 -2.26
C THR A 621 36.54 17.30 -2.84
N PRO A 622 37.83 17.62 -2.68
CA PRO A 622 38.87 16.71 -3.21
C PRO A 622 38.84 15.30 -2.64
N THR A 623 38.33 15.13 -1.42
CA THR A 623 38.27 13.80 -0.81
C THR A 623 37.44 12.82 -1.64
N TRP A 624 36.54 13.31 -2.49
CA TRP A 624 35.88 12.49 -3.49
C TRP A 624 36.66 12.45 -4.81
N ARG A 625 37.31 13.56 -5.18
CA ARG A 625 38.00 13.61 -6.46
C ARG A 625 39.22 12.70 -6.49
N VAL A 626 39.81 12.40 -5.34
CA VAL A 626 40.84 11.36 -5.29
C VAL A 626 40.27 10.03 -5.74
N TYR A 627 38.99 9.77 -5.43
CA TYR A 627 38.31 8.56 -5.88
C TYR A 627 37.70 8.69 -7.27
N SER A 628 37.83 9.86 -7.90
CA SER A 628 37.44 10.01 -9.30
C SER A 628 38.56 9.64 -10.27
N THR A 629 39.80 9.87 -9.88
CA THR A 629 40.95 9.55 -10.72
C THR A 629 42.13 9.23 -9.81
N GLY A 630 42.95 8.27 -10.22
CA GLY A 630 44.10 7.89 -9.43
C GLY A 630 44.90 6.82 -10.15
N SER A 631 45.94 6.34 -9.45
CA SER A 631 46.71 5.23 -9.99
C SER A 631 45.90 3.93 -9.98
N ASN A 632 45.11 3.71 -8.93
CA ASN A 632 44.34 2.48 -8.78
C ASN A 632 42.97 2.65 -9.44
N VAL A 633 42.96 2.53 -10.77
CA VAL A 633 41.74 2.45 -11.56
C VAL A 633 41.66 1.05 -12.18
N PHE A 634 40.46 0.51 -12.26
CA PHE A 634 40.27 -0.82 -12.84
C PHE A 634 38.91 -0.89 -13.52
N GLN A 635 38.92 -1.17 -14.82
CA GLN A 635 37.69 -1.18 -15.62
C GLN A 635 37.16 -2.61 -15.68
N THR A 636 36.26 -2.94 -14.76
CA THR A 636 35.53 -4.19 -14.79
C THR A 636 34.29 -4.06 -15.67
N ARG A 637 33.76 -5.19 -16.10
CA ARG A 637 32.52 -5.18 -16.87
C ARG A 637 31.34 -4.67 -16.07
N ALA A 638 31.45 -4.63 -14.74
CA ALA A 638 30.41 -4.06 -13.89
C ALA A 638 30.51 -2.54 -13.78
N GLY A 639 31.57 -1.93 -14.34
CA GLY A 639 31.84 -0.52 -14.20
C GLY A 639 33.29 -0.33 -13.80
N CYS A 640 33.60 0.82 -13.21
CA CYS A 640 34.97 1.17 -12.87
C CYS A 640 35.17 1.20 -11.36
N LEU A 641 36.29 0.64 -10.91
CA LEU A 641 36.64 0.51 -9.51
C LEU A 641 37.84 1.39 -9.21
N ILE A 642 37.75 2.15 -8.12
CA ILE A 642 38.76 3.12 -7.73
C ILE A 642 39.09 2.89 -6.27
N GLY A 643 40.38 2.81 -5.95
CA GLY A 643 40.84 2.62 -4.59
C GLY A 643 41.32 1.22 -4.27
N ALA A 644 41.48 0.36 -5.28
CA ALA A 644 41.94 -1.01 -5.07
C ALA A 644 42.77 -1.42 -6.26
N GLU A 645 43.85 -2.17 -6.00
CA GLU A 645 44.77 -2.57 -7.05
C GLU A 645 44.34 -3.89 -7.66
N HIS A 646 44.50 -4.00 -8.97
CA HIS A 646 44.12 -5.21 -9.68
C HIS A 646 45.25 -6.23 -9.58
N VAL A 647 44.91 -7.43 -9.11
CA VAL A 647 45.87 -8.48 -8.84
C VAL A 647 45.61 -9.63 -9.79
N ASN A 648 46.67 -10.17 -10.39
CA ASN A 648 46.55 -11.23 -11.39
C ASN A 648 46.29 -12.60 -10.79
N ASN A 649 46.37 -12.76 -9.47
CA ASN A 649 46.09 -14.03 -8.84
C ASN A 649 44.58 -14.28 -8.85
N SER A 650 44.13 -15.33 -8.17
CA SER A 650 42.72 -15.64 -8.06
C SER A 650 42.52 -16.46 -6.80
N TYR A 651 41.63 -16.01 -5.91
CA TYR A 651 41.36 -16.69 -4.66
C TYR A 651 39.86 -16.81 -4.46
N GLU A 652 39.46 -17.74 -3.59
CA GLU A 652 38.10 -17.69 -3.06
C GLU A 652 37.94 -16.37 -2.32
N CYS A 653 36.82 -15.68 -2.56
CA CYS A 653 36.75 -14.26 -2.27
C CYS A 653 35.79 -13.95 -1.13
N ASP A 654 36.09 -12.88 -0.42
CA ASP A 654 35.30 -12.41 0.72
C ASP A 654 34.14 -11.54 0.25
N ILE A 655 34.45 -10.46 -0.47
CA ILE A 655 33.49 -9.42 -0.82
C ILE A 655 33.21 -9.54 -2.32
N PRO A 656 32.00 -9.92 -2.75
CA PRO A 656 31.72 -9.89 -4.19
C PRO A 656 31.56 -8.47 -4.69
N ILE A 657 32.01 -8.26 -5.93
CA ILE A 657 31.83 -6.98 -6.64
C ILE A 657 30.84 -7.16 -7.79
N GLY A 658 31.12 -8.07 -8.70
CA GLY A 658 30.28 -8.29 -9.86
C GLY A 658 31.09 -8.63 -11.09
N ALA A 659 30.42 -9.27 -12.05
CA ALA A 659 31.01 -9.63 -13.34
C ALA A 659 32.26 -10.48 -13.15
N GLY A 660 32.22 -11.37 -12.16
CA GLY A 660 33.33 -12.24 -11.89
C GLY A 660 34.42 -11.63 -11.05
N ILE A 661 34.26 -10.38 -10.61
CA ILE A 661 35.26 -9.66 -9.84
C ILE A 661 34.82 -9.67 -8.39
N CYS A 662 35.78 -9.88 -7.49
CA CYS A 662 35.61 -9.75 -6.06
C CYS A 662 36.71 -8.86 -5.53
N ALA A 663 36.66 -8.58 -4.23
CA ALA A 663 37.67 -7.75 -3.59
C ALA A 663 37.90 -8.26 -2.17
N SER A 664 39.05 -7.92 -1.63
CA SER A 664 39.40 -8.32 -0.27
C SER A 664 40.42 -7.34 0.31
N TYR A 665 40.56 -7.38 1.63
CA TYR A 665 41.50 -6.53 2.37
C TYR A 665 42.64 -7.42 2.85
N GLN A 666 43.79 -7.35 2.17
CA GLN A 666 44.89 -8.26 2.40
C GLN A 666 46.04 -7.58 3.12
N THR A 667 46.91 -8.42 3.68
CA THR A 667 48.04 -8.03 4.49
C THR A 667 49.36 -8.33 3.78
N SER A 676 52.27 -4.98 2.57
CA SER A 676 51.22 -5.05 1.57
C SER A 676 49.85 -5.01 2.24
N GLN A 677 49.55 -3.90 2.90
CA GLN A 677 48.31 -3.71 3.66
C GLN A 677 47.39 -2.85 2.82
N SER A 678 46.44 -3.48 2.12
CA SER A 678 45.58 -2.71 1.24
C SER A 678 44.44 -3.58 0.71
N ILE A 679 43.56 -2.95 -0.07
CA ILE A 679 42.48 -3.63 -0.76
C ILE A 679 42.98 -4.12 -2.12
N ILE A 680 42.56 -5.32 -2.49
CA ILE A 680 42.89 -5.93 -3.76
C ILE A 680 41.59 -6.34 -4.43
N ALA A 681 41.57 -6.25 -5.77
CA ALA A 681 40.43 -6.67 -6.58
C ALA A 681 40.92 -7.70 -7.58
N TYR A 682 40.14 -8.76 -7.78
CA TYR A 682 40.62 -9.86 -8.62
C TYR A 682 39.44 -10.67 -9.14
N THR A 683 39.72 -11.45 -10.18
CA THR A 683 38.79 -12.48 -10.60
C THR A 683 38.82 -13.64 -9.62
N MET A 684 37.66 -14.13 -9.23
CA MET A 684 37.61 -15.19 -8.23
C MET A 684 38.19 -16.47 -8.81
N SER A 685 38.49 -17.41 -7.91
CA SER A 685 38.89 -18.75 -8.27
C SER A 685 37.69 -19.67 -8.10
N LEU A 686 37.27 -20.31 -9.19
CA LEU A 686 36.15 -21.23 -9.11
C LEU A 686 36.47 -22.41 -8.20
N GLY A 687 37.72 -22.80 -8.15
CA GLY A 687 38.13 -23.91 -7.32
C GLY A 687 39.46 -24.45 -7.82
N ALA A 688 39.95 -25.46 -7.11
CA ALA A 688 41.22 -26.07 -7.48
C ALA A 688 41.10 -26.73 -8.84
N GLU A 689 42.03 -26.40 -9.73
CA GLU A 689 42.08 -27.05 -11.03
C GLU A 689 42.39 -28.53 -10.84
N ASN A 690 41.77 -29.37 -11.66
CA ASN A 690 41.93 -30.81 -11.53
C ASN A 690 41.66 -31.47 -12.88
N SER A 691 42.07 -32.73 -12.98
CA SER A 691 41.94 -33.47 -14.23
C SER A 691 41.95 -34.95 -13.89
N VAL A 692 40.89 -35.66 -14.25
CA VAL A 692 40.79 -37.08 -14.00
C VAL A 692 41.40 -37.82 -15.18
N ALA A 693 42.31 -38.75 -14.89
CA ALA A 693 43.01 -39.49 -15.92
C ALA A 693 42.08 -40.57 -16.47
N TYR A 694 41.13 -40.12 -17.29
CA TYR A 694 40.19 -41.05 -17.90
C TYR A 694 40.91 -42.01 -18.83
N SER A 695 40.51 -43.27 -18.80
CA SER A 695 41.00 -44.26 -19.74
C SER A 695 39.96 -45.37 -19.86
N ASN A 696 39.95 -46.02 -21.02
CA ASN A 696 38.91 -47.00 -21.32
C ASN A 696 39.08 -48.30 -20.54
N ASN A 697 40.19 -48.48 -19.81
CA ASN A 697 40.43 -49.71 -19.08
C ASN A 697 41.04 -49.48 -17.70
N SER A 698 41.02 -48.25 -17.20
CA SER A 698 41.58 -47.90 -15.90
C SER A 698 40.46 -47.48 -14.96
N ILE A 699 40.46 -48.05 -13.76
CA ILE A 699 39.52 -47.69 -12.71
C ILE A 699 40.32 -47.19 -11.52
N ALA A 700 39.64 -46.47 -10.63
CA ALA A 700 40.21 -46.01 -9.37
C ALA A 700 39.27 -46.47 -8.27
N ILE A 701 39.80 -47.20 -7.30
CA ILE A 701 38.99 -47.80 -6.24
C ILE A 701 39.53 -47.35 -4.89
N PRO A 702 38.68 -47.03 -3.89
CA PRO A 702 39.23 -46.65 -2.59
C PRO A 702 39.63 -47.85 -1.76
N THR A 703 40.75 -47.69 -1.05
CA THR A 703 41.24 -48.69 -0.11
C THR A 703 40.98 -48.29 1.34
N ASN A 704 40.43 -47.11 1.58
CA ASN A 704 40.22 -46.59 2.92
C ASN A 704 39.16 -45.50 2.82
N PHE A 705 38.62 -45.12 3.97
CA PHE A 705 37.50 -44.20 4.01
C PHE A 705 37.64 -43.26 5.20
N THR A 706 36.72 -42.30 5.28
CA THR A 706 36.56 -41.45 6.43
C THR A 706 35.08 -41.37 6.77
N ILE A 707 34.81 -41.20 8.06
CA ILE A 707 33.45 -41.03 8.56
C ILE A 707 33.32 -39.57 8.95
N SER A 708 32.83 -38.76 8.02
CA SER A 708 32.76 -37.32 8.26
C SER A 708 31.43 -36.98 8.90
N VAL A 709 31.44 -35.89 9.67
CA VAL A 709 30.23 -35.34 10.28
C VAL A 709 30.09 -33.90 9.84
N THR A 710 28.93 -33.56 9.29
CA THR A 710 28.66 -32.25 8.71
C THR A 710 27.49 -31.64 9.44
N THR A 711 27.67 -30.42 9.94
CA THR A 711 26.61 -29.70 10.62
C THR A 711 25.91 -28.82 9.61
N GLU A 712 24.58 -28.87 9.59
CA GLU A 712 23.84 -27.96 8.73
C GLU A 712 22.53 -27.56 9.39
N ILE A 713 22.19 -26.29 9.24
CA ILE A 713 21.27 -25.57 10.12
C ILE A 713 20.07 -25.10 9.30
N LEU A 714 18.86 -25.36 9.81
CA LEU A 714 17.63 -24.90 9.16
C LEU A 714 16.79 -24.10 10.16
N PRO A 715 16.33 -22.90 9.80
CA PRO A 715 15.28 -22.28 10.62
C PRO A 715 13.96 -23.03 10.43
N VAL A 716 13.16 -23.01 11.51
CA VAL A 716 11.90 -23.72 11.57
C VAL A 716 10.74 -22.79 11.88
N SER A 717 10.93 -21.89 12.84
CA SER A 717 9.91 -20.97 13.30
C SER A 717 10.51 -19.58 13.37
N MET A 718 9.64 -18.59 13.53
CA MET A 718 10.08 -17.24 13.85
C MET A 718 9.09 -16.66 14.85
N THR A 719 9.40 -15.46 15.34
CA THR A 719 8.72 -14.94 16.51
C THR A 719 7.24 -14.69 16.19
N LYS A 720 6.37 -15.21 17.03
CA LYS A 720 4.93 -15.05 16.85
C LYS A 720 4.59 -13.65 17.37
N THR A 721 4.59 -12.69 16.46
CA THR A 721 4.25 -11.32 16.81
C THR A 721 2.75 -11.10 16.72
N SER A 722 2.31 -10.03 17.36
CA SER A 722 0.90 -9.64 17.35
C SER A 722 0.85 -8.13 17.53
N VAL A 723 -0.17 -7.52 16.93
CA VAL A 723 -0.28 -6.07 16.88
C VAL A 723 -1.73 -5.68 17.15
N ASP A 724 -1.91 -4.72 18.05
CA ASP A 724 -3.19 -4.06 18.26
C ASP A 724 -3.17 -2.77 17.45
N CYS A 725 -4.00 -2.69 16.40
CA CYS A 725 -4.10 -1.46 15.63
C CYS A 725 -4.41 -0.27 16.50
N THR A 726 -5.42 -0.40 17.37
CA THR A 726 -5.90 0.77 18.11
C THR A 726 -4.77 1.37 18.92
N MET A 727 -4.02 0.54 19.64
CA MET A 727 -2.93 1.04 20.47
C MET A 727 -1.82 1.67 19.62
N TYR A 728 -1.55 1.11 18.45
CA TYR A 728 -0.46 1.58 17.59
C TYR A 728 -0.82 2.87 16.88
N ILE A 729 -1.89 2.84 16.08
CA ILE A 729 -2.31 4.00 15.30
C ILE A 729 -2.74 5.13 16.23
N CYS A 730 -3.62 4.82 17.18
CA CYS A 730 -4.28 5.80 18.04
C CYS A 730 -3.80 5.61 19.48
N GLY A 731 -2.91 6.49 19.94
CA GLY A 731 -2.26 6.29 21.20
C GLY A 731 -3.22 6.43 22.37
N ASP A 732 -4.08 5.41 22.50
CA ASP A 732 -5.15 5.31 23.51
C ASP A 732 -5.96 6.60 23.67
N SER A 733 -6.26 7.23 22.54
CA SER A 733 -7.17 8.38 22.48
C SER A 733 -8.47 7.92 21.83
N THR A 734 -9.60 8.24 22.48
CA THR A 734 -10.89 7.75 22.00
C THR A 734 -11.32 8.44 20.71
N GLU A 735 -11.01 9.73 20.58
CA GLU A 735 -11.45 10.47 19.39
C GLU A 735 -10.72 10.01 18.12
N CYS A 736 -9.50 9.50 18.27
CA CYS A 736 -8.85 8.84 17.13
C CYS A 736 -9.42 7.45 16.91
N SER A 737 -9.82 6.76 17.97
CA SER A 737 -10.40 5.44 17.82
C SER A 737 -11.70 5.50 17.04
N ASN A 738 -12.52 6.52 17.30
CA ASN A 738 -13.78 6.68 16.57
C ASN A 738 -13.52 6.93 15.10
N LEU A 739 -12.53 7.76 14.78
CA LEU A 739 -12.17 7.98 13.37
C LEU A 739 -11.70 6.70 12.72
N LEU A 740 -10.87 5.92 13.42
CA LEU A 740 -10.39 4.66 12.87
C LEU A 740 -11.52 3.67 12.67
N LEU A 741 -12.55 3.74 13.51
CA LEU A 741 -13.60 2.72 13.53
C LEU A 741 -14.31 2.60 12.18
N GLN A 742 -14.37 3.68 11.40
CA GLN A 742 -15.03 3.59 10.11
C GLN A 742 -14.25 2.74 9.10
N TYR A 743 -12.97 2.51 9.33
CA TYR A 743 -12.23 1.54 8.51
C TYR A 743 -12.59 0.12 8.94
N GLY A 744 -12.19 -0.25 10.15
CA GLY A 744 -12.68 -1.45 10.78
C GLY A 744 -12.17 -2.75 10.18
N SER A 745 -12.60 -3.05 8.95
CA SER A 745 -12.25 -4.33 8.34
C SER A 745 -10.76 -4.44 8.05
N PHE A 746 -10.06 -3.31 7.88
CA PHE A 746 -8.63 -3.37 7.60
C PHE A 746 -7.88 -4.03 8.74
N CYS A 747 -8.20 -3.62 9.97
CA CYS A 747 -7.48 -4.16 11.12
C CYS A 747 -7.90 -5.57 11.48
N THR A 748 -9.18 -5.90 11.28
CA THR A 748 -9.57 -7.30 11.38
C THR A 748 -8.73 -8.13 10.42
N GLN A 749 -8.55 -7.65 9.19
CA GLN A 749 -7.73 -8.35 8.21
C GLN A 749 -6.30 -8.52 8.70
N LEU A 750 -5.71 -7.44 9.23
CA LEU A 750 -4.31 -7.49 9.66
C LEU A 750 -4.14 -8.46 10.83
N ASN A 751 -4.99 -8.34 11.84
CA ASN A 751 -4.89 -9.22 13.00
C ASN A 751 -5.12 -10.67 12.60
N ARG A 752 -6.04 -10.91 11.67
CA ARG A 752 -6.27 -12.25 11.17
C ARG A 752 -5.02 -12.80 10.50
N ALA A 753 -4.37 -11.98 9.67
CA ALA A 753 -3.17 -12.43 8.99
C ALA A 753 -2.07 -12.78 9.99
N LEU A 754 -1.84 -11.92 10.97
CA LEU A 754 -0.79 -12.19 11.94
C LEU A 754 -1.13 -13.40 12.80
N THR A 755 -2.41 -13.60 13.13
CA THR A 755 -2.81 -14.81 13.86
C THR A 755 -2.52 -16.05 13.02
N GLY A 756 -2.85 -16.00 11.73
CA GLY A 756 -2.51 -17.10 10.85
C GLY A 756 -1.03 -17.38 10.85
N ILE A 757 -0.22 -16.33 10.83
CA ILE A 757 1.24 -16.52 10.85
C ILE A 757 1.66 -17.24 12.13
N ALA A 758 1.14 -16.79 13.27
CA ALA A 758 1.54 -17.39 14.56
C ALA A 758 1.15 -18.87 14.61
N VAL A 759 -0.08 -19.18 14.20
CA VAL A 759 -0.51 -20.58 14.14
C VAL A 759 0.39 -21.36 13.20
N GLU A 760 0.78 -20.74 12.08
CA GLU A 760 1.66 -21.40 11.12
C GLU A 760 3.01 -21.73 11.75
N GLN A 761 3.52 -20.85 12.62
CA GLN A 761 4.80 -21.13 13.27
C GLN A 761 4.69 -22.32 14.21
N ASP A 762 3.64 -22.32 15.05
CA ASP A 762 3.45 -23.47 15.93
C ASP A 762 3.26 -24.76 15.14
N LYS A 763 2.53 -24.69 14.02
CA LYS A 763 2.52 -25.76 13.03
C LYS A 763 3.93 -26.21 12.67
N ASN A 764 4.77 -25.27 12.24
CA ASN A 764 6.07 -25.63 11.70
C ASN A 764 6.90 -26.38 12.74
N THR A 765 6.86 -25.91 13.99
CA THR A 765 7.56 -26.60 15.06
C THR A 765 6.99 -27.99 15.28
N GLN A 766 5.66 -28.12 15.27
CA GLN A 766 5.03 -29.43 15.46
C GLN A 766 5.46 -30.40 14.38
N GLU A 767 5.38 -29.99 13.11
CA GLU A 767 5.66 -30.91 12.02
C GLU A 767 7.14 -31.29 11.98
N VAL A 768 8.02 -30.42 12.46
CA VAL A 768 9.44 -30.77 12.47
C VAL A 768 9.74 -31.73 13.62
N PHE A 769 9.44 -31.33 14.85
CA PHE A 769 9.93 -32.06 16.01
C PHE A 769 9.01 -33.16 16.49
N ALA A 770 7.69 -32.98 16.37
CA ALA A 770 6.72 -33.99 16.82
C ALA A 770 6.43 -35.03 15.74
N GLN A 771 7.49 -35.62 15.17
CA GLN A 771 7.29 -36.70 14.21
C GLN A 771 6.79 -37.97 14.89
N VAL A 772 7.28 -38.24 16.10
CA VAL A 772 6.94 -39.43 16.86
C VAL A 772 6.32 -39.00 18.18
N LYS A 773 5.23 -39.65 18.57
CA LYS A 773 4.51 -39.34 19.80
C LYS A 773 4.78 -40.41 20.86
N GLN A 774 6.02 -40.90 20.90
CA GLN A 774 6.48 -41.84 21.91
C GLN A 774 7.82 -41.35 22.42
N ILE A 775 7.89 -41.04 23.72
CA ILE A 775 9.08 -40.45 24.31
C ILE A 775 9.97 -41.61 24.74
N TYR A 776 10.82 -42.08 23.82
CA TYR A 776 11.80 -43.09 24.15
C TYR A 776 12.90 -42.47 25.01
N LYS A 777 13.00 -42.90 26.26
CA LYS A 777 14.06 -42.44 27.13
C LYS A 777 15.36 -43.16 26.78
N THR A 778 16.47 -42.43 26.91
CA THR A 778 17.75 -43.02 26.56
C THR A 778 18.11 -44.12 27.55
N PRO A 779 18.80 -45.19 27.10
CA PRO A 779 19.21 -46.23 28.05
C PRO A 779 20.26 -45.70 29.00
N PRO A 780 20.40 -46.29 30.19
CA PRO A 780 21.35 -45.74 31.18
C PRO A 780 22.80 -46.13 30.88
N ILE A 781 22.99 -47.27 30.23
CA ILE A 781 24.32 -47.85 30.02
C ILE A 781 24.69 -47.63 28.55
N LYS A 782 25.85 -47.01 28.33
CA LYS A 782 26.24 -46.55 27.00
C LYS A 782 27.23 -47.54 26.38
N ASP A 783 26.73 -48.75 26.15
CA ASP A 783 27.50 -49.82 25.51
C ASP A 783 27.13 -49.90 24.02
N PHE A 784 27.57 -48.88 23.29
CA PHE A 784 27.22 -48.71 21.88
C PHE A 784 28.35 -49.13 20.95
N GLY A 785 29.23 -50.01 21.39
CA GLY A 785 30.26 -50.53 20.51
C GLY A 785 31.35 -49.53 20.19
N GLY A 786 31.71 -48.68 21.15
CA GLY A 786 32.77 -47.69 20.98
C GLY A 786 32.27 -46.31 20.62
N PHE A 787 31.04 -46.20 20.13
CA PHE A 787 30.49 -44.89 19.80
C PHE A 787 30.11 -44.14 21.07
N ASN A 788 30.36 -42.83 21.07
CA ASN A 788 30.18 -41.98 22.24
C ASN A 788 29.18 -40.87 21.88
N PHE A 789 27.99 -40.94 22.45
CA PHE A 789 26.92 -39.98 22.20
C PHE A 789 26.71 -39.01 23.34
N SER A 790 27.65 -38.95 24.31
CA SER A 790 27.45 -38.11 25.47
C SER A 790 27.29 -36.64 25.10
N GLN A 791 27.95 -36.21 24.03
CA GLN A 791 27.91 -34.81 23.65
C GLN A 791 26.54 -34.40 23.11
N ILE A 792 25.79 -35.34 22.52
CA ILE A 792 24.54 -35.02 21.85
C ILE A 792 23.36 -35.47 22.71
N LEU A 793 23.55 -36.52 23.50
CA LEU A 793 22.49 -37.00 24.37
C LEU A 793 22.32 -36.06 25.57
N PRO A 794 21.15 -36.05 26.22
CA PRO A 794 20.95 -35.13 27.35
C PRO A 794 21.91 -35.40 28.49
N ASP A 795 22.31 -34.32 29.16
CA ASP A 795 23.15 -34.41 30.34
C ASP A 795 22.24 -34.43 31.57
N PRO A 796 22.11 -35.55 32.30
CA PRO A 796 21.20 -35.56 33.46
C PRO A 796 21.62 -34.61 34.57
N SER A 797 22.91 -34.30 34.69
CA SER A 797 23.37 -33.38 35.73
C SER A 797 22.75 -32.00 35.57
N LYS A 798 22.70 -31.49 34.34
CA LYS A 798 22.13 -30.17 34.10
C LYS A 798 20.65 -30.19 34.46
N PRO A 799 20.11 -29.13 35.09
CA PRO A 799 18.66 -29.10 35.31
C PRO A 799 17.84 -29.19 34.03
N SER A 800 18.30 -28.54 32.97
CA SER A 800 17.65 -28.65 31.67
C SER A 800 18.02 -29.98 31.02
N LYS A 801 17.19 -30.40 30.08
CA LYS A 801 17.44 -31.61 29.31
C LYS A 801 18.24 -31.36 28.04
N ARG A 802 18.79 -30.16 27.88
CA ARG A 802 19.66 -29.88 26.74
C ARG A 802 20.95 -30.70 26.86
N SER A 803 21.54 -31.00 25.71
CA SER A 803 22.82 -31.69 25.65
C SER A 803 23.96 -30.66 25.56
N PHE A 804 25.19 -31.17 25.51
CA PHE A 804 26.35 -30.29 25.41
C PHE A 804 26.30 -29.47 24.13
N ILE A 805 26.08 -30.12 23.00
CA ILE A 805 26.04 -29.40 21.73
C ILE A 805 24.88 -28.42 21.73
N GLU A 806 23.71 -28.86 22.19
CA GLU A 806 22.56 -27.96 22.27
C GLU A 806 22.85 -26.79 23.18
N ASP A 807 23.60 -27.02 24.27
CA ASP A 807 23.98 -25.93 25.16
C ASP A 807 24.85 -24.92 24.42
N LEU A 808 25.80 -25.40 23.61
CA LEU A 808 26.62 -24.48 22.82
C LEU A 808 25.77 -23.70 21.82
N LEU A 809 24.82 -24.38 21.17
CA LEU A 809 24.04 -23.73 20.12
C LEU A 809 23.15 -22.63 20.65
N PHE A 810 22.71 -22.74 21.91
CA PHE A 810 21.88 -21.70 22.50
C PHE A 810 22.66 -20.48 22.97
N ASN A 811 23.99 -20.52 22.91
CA ASN A 811 24.83 -19.39 23.31
C ASN A 811 25.36 -18.59 22.13
N LYS A 812 25.48 -19.21 20.95
CA LYS A 812 25.90 -18.49 19.77
C LYS A 812 24.78 -17.67 19.13
N VAL A 813 23.54 -17.80 19.63
CA VAL A 813 22.41 -16.98 19.20
C VAL A 813 22.02 -16.08 20.38
N THR A 814 21.88 -14.79 20.11
CA THR A 814 21.80 -13.81 21.19
C THR A 814 20.43 -13.85 21.87
N LEU A 815 19.37 -13.52 21.13
CA LEU A 815 18.03 -13.42 21.70
C LEU A 815 17.24 -14.70 21.43
N ILE A 821 9.92 -12.06 27.02
CA ILE A 821 10.19 -12.42 28.42
C ILE A 821 10.26 -11.20 29.33
N LYS A 822 10.26 -10.00 28.75
CA LYS A 822 10.35 -8.77 29.54
C LYS A 822 9.04 -8.58 30.30
N GLN A 823 9.04 -8.96 31.57
CA GLN A 823 7.85 -8.80 32.39
C GLN A 823 7.57 -7.32 32.66
N TYR A 824 6.29 -6.98 32.74
CA TYR A 824 5.91 -5.61 33.04
C TYR A 824 6.37 -5.23 34.45
N GLY A 825 6.60 -3.94 34.64
CA GLY A 825 7.30 -3.42 35.79
C GLY A 825 8.78 -3.17 35.54
N ASP A 826 9.37 -3.90 34.60
CA ASP A 826 10.70 -3.54 34.13
C ASP A 826 10.65 -2.28 33.27
N CYS A 827 9.63 -2.17 32.43
CA CYS A 827 9.49 -0.98 31.59
C CYS A 827 9.06 0.22 32.42
N LEU A 828 8.21 0.01 33.43
CA LEU A 828 7.79 1.11 34.30
C LEU A 828 8.97 1.66 35.09
N GLY A 829 9.83 0.78 35.60
CA GLY A 829 11.00 1.21 36.35
C GLY A 829 12.13 1.67 35.43
N ASP A 835 14.49 1.11 26.26
CA ASP A 835 14.69 -0.20 25.66
C ASP A 835 13.81 -0.36 24.42
N LEU A 836 14.25 -1.21 23.48
CA LEU A 836 13.46 -1.44 22.28
C LEU A 836 12.18 -2.18 22.60
N ILE A 837 12.27 -3.23 23.43
CA ILE A 837 11.12 -4.08 23.70
C ILE A 837 10.03 -3.28 24.39
N CYS A 838 10.41 -2.38 25.29
CA CYS A 838 9.42 -1.60 26.02
C CYS A 838 8.66 -0.67 25.07
N ALA A 839 9.37 -0.03 24.14
CA ALA A 839 8.71 0.80 23.15
C ALA A 839 7.77 -0.03 22.28
N GLN A 840 8.23 -1.20 21.83
CA GLN A 840 7.40 -2.09 21.04
C GLN A 840 6.10 -2.42 21.78
N LYS A 841 6.22 -2.77 23.07
CA LYS A 841 5.03 -3.14 23.83
C LYS A 841 4.13 -1.93 24.06
N PHE A 842 4.72 -0.76 24.29
CA PHE A 842 3.93 0.44 24.48
C PHE A 842 3.16 0.83 23.21
N ASN A 843 3.68 0.46 22.03
CA ASN A 843 3.02 0.77 20.78
C ASN A 843 2.27 -0.43 20.19
N GLY A 844 1.73 -1.29 21.06
CA GLY A 844 0.83 -2.35 20.64
C GLY A 844 1.51 -3.58 20.09
N LEU A 845 2.84 -3.59 19.97
CA LEU A 845 3.57 -4.69 19.37
C LEU A 845 3.97 -5.66 20.47
N THR A 846 3.37 -6.85 20.47
CA THR A 846 3.69 -7.89 21.42
C THR A 846 4.30 -9.08 20.69
N VAL A 847 5.07 -9.87 21.44
CA VAL A 847 5.70 -11.08 20.92
C VAL A 847 5.11 -12.24 21.71
N LEU A 848 4.19 -12.97 21.09
CA LEU A 848 3.57 -14.09 21.75
C LEU A 848 4.60 -15.21 21.95
N PRO A 849 4.49 -15.98 23.02
CA PRO A 849 5.50 -17.02 23.27
C PRO A 849 5.19 -18.27 22.45
N PRO A 850 6.21 -19.03 22.04
CA PRO A 850 5.94 -20.26 21.30
C PRO A 850 5.23 -21.28 22.18
N LEU A 851 4.41 -22.11 21.53
CA LEU A 851 3.65 -23.12 22.25
C LEU A 851 4.58 -24.13 22.92
N LEU A 852 5.54 -24.66 22.17
CA LEU A 852 6.52 -25.60 22.71
C LEU A 852 7.70 -24.82 23.26
N THR A 853 8.01 -25.04 24.54
CA THR A 853 9.18 -24.42 25.12
C THR A 853 10.44 -25.17 24.68
N ASP A 854 11.59 -24.61 25.04
CA ASP A 854 12.85 -25.21 24.62
C ASP A 854 13.08 -26.55 25.31
N GLU A 855 12.64 -26.69 26.56
CA GLU A 855 12.79 -27.96 27.24
C GLU A 855 12.00 -29.05 26.53
N MET A 856 10.79 -28.73 26.07
CA MET A 856 9.94 -29.71 25.40
C MET A 856 10.47 -30.07 24.03
N ILE A 857 10.98 -29.09 23.29
CA ILE A 857 11.62 -29.36 22.02
C ILE A 857 12.84 -30.25 22.24
N ALA A 858 13.63 -29.96 23.28
CA ALA A 858 14.77 -30.79 23.60
C ALA A 858 14.34 -32.19 23.99
N GLN A 859 13.18 -32.33 24.63
CA GLN A 859 12.67 -33.66 24.97
C GLN A 859 12.31 -34.44 23.71
N TYR A 860 11.63 -33.79 22.77
CA TYR A 860 11.39 -34.41 21.46
C TYR A 860 12.69 -34.85 20.81
N THR A 861 13.70 -33.97 20.82
CA THR A 861 14.97 -34.30 20.20
C THR A 861 15.63 -35.49 20.90
N SER A 862 15.57 -35.52 22.23
CA SER A 862 16.14 -36.65 22.98
C SER A 862 15.41 -37.94 22.63
N ALA A 863 14.10 -37.89 22.51
CA ALA A 863 13.34 -39.07 22.11
C ALA A 863 13.77 -39.54 20.73
N LEU A 864 13.95 -38.60 19.80
CA LEU A 864 14.39 -38.97 18.45
C LEU A 864 15.77 -39.62 18.48
N LEU A 865 16.69 -39.05 19.26
CA LEU A 865 18.03 -39.63 19.36
C LEU A 865 17.97 -41.02 19.97
N ALA A 866 17.19 -41.19 21.03
CA ALA A 866 17.10 -42.51 21.67
C ALA A 866 16.53 -43.54 20.72
N GLY A 867 15.48 -43.17 19.97
CA GLY A 867 14.95 -44.08 18.97
C GLY A 867 15.96 -44.42 17.91
N THR A 868 16.72 -43.41 17.45
CA THR A 868 17.69 -43.64 16.38
C THR A 868 18.79 -44.59 16.83
N ILE A 869 19.27 -44.44 18.06
CA ILE A 869 20.42 -45.23 18.51
C ILE A 869 20.04 -46.57 19.11
N THR A 870 18.79 -46.73 19.58
CA THR A 870 18.35 -48.01 20.14
C THR A 870 17.56 -48.85 19.15
N SER A 871 17.03 -48.26 18.07
CA SER A 871 16.10 -48.96 17.19
C SER A 871 16.38 -48.73 15.72
N GLY A 872 17.17 -47.74 15.33
CA GLY A 872 17.46 -47.50 13.93
C GLY A 872 16.32 -46.81 13.21
N TRP A 873 16.02 -47.26 11.99
CA TRP A 873 14.92 -46.70 11.22
C TRP A 873 13.57 -47.35 11.56
N THR A 874 13.54 -48.29 12.49
CA THR A 874 12.32 -49.04 12.75
C THR A 874 11.29 -48.22 13.51
N PHE A 875 11.74 -47.28 14.36
CA PHE A 875 10.81 -46.52 15.18
C PHE A 875 10.05 -45.48 14.36
N GLY A 876 10.54 -45.14 13.16
CA GLY A 876 9.76 -44.29 12.28
C GLY A 876 8.61 -45.01 11.61
N ALA A 877 8.79 -46.29 11.29
CA ALA A 877 7.77 -47.09 10.63
C ALA A 877 7.02 -47.93 11.67
N GLY A 878 6.27 -47.24 12.52
CA GLY A 878 5.41 -47.91 13.47
C GLY A 878 6.15 -48.27 14.73
N ALA A 879 6.02 -49.51 15.18
CA ALA A 879 6.56 -49.92 16.47
C ALA A 879 8.08 -49.89 16.44
N ALA A 880 8.67 -49.44 17.54
CA ALA A 880 10.12 -49.36 17.67
C ALA A 880 10.67 -50.71 18.10
N LEU A 881 11.39 -51.38 17.21
CA LEU A 881 12.09 -52.60 17.53
C LEU A 881 13.38 -52.23 18.26
N GLN A 882 14.29 -53.19 18.41
CA GLN A 882 15.60 -52.94 19.00
C GLN A 882 16.66 -53.69 18.21
N ILE A 883 17.88 -53.20 18.30
CA ILE A 883 18.99 -53.67 17.47
C ILE A 883 20.27 -53.20 18.15
N PRO A 884 21.28 -54.05 18.34
CA PRO A 884 22.57 -53.54 18.85
C PRO A 884 23.15 -52.55 17.86
N PHE A 885 23.80 -51.52 18.39
CA PHE A 885 24.15 -50.37 17.56
C PHE A 885 25.10 -50.74 16.43
N ALA A 886 26.10 -51.58 16.73
CA ALA A 886 27.07 -51.93 15.70
C ALA A 886 26.42 -52.65 14.54
N MET A 887 25.35 -53.40 14.78
CA MET A 887 24.64 -54.07 13.71
C MET A 887 23.89 -53.06 12.83
N GLN A 888 23.13 -52.17 13.47
CA GLN A 888 22.49 -51.07 12.76
C GLN A 888 23.50 -50.34 11.90
N MET A 889 24.69 -50.09 12.46
CA MET A 889 25.73 -49.44 11.69
C MET A 889 26.19 -50.33 10.55
N ALA A 890 26.33 -51.66 10.79
CA ALA A 890 26.67 -52.59 9.71
C ALA A 890 25.76 -52.40 8.51
N TYR A 891 24.53 -51.96 8.74
CA TYR A 891 23.47 -52.17 7.77
C TYR A 891 23.13 -50.86 7.12
N ARG A 892 23.27 -49.76 7.86
CA ARG A 892 23.50 -48.47 7.23
C ARG A 892 24.69 -48.53 6.27
N PHE A 893 25.74 -49.30 6.62
CA PHE A 893 26.87 -49.47 5.71
C PHE A 893 26.47 -50.29 4.48
N ASN A 894 25.77 -51.40 4.70
CA ASN A 894 25.29 -52.20 3.57
C ASN A 894 24.42 -51.36 2.64
N GLY A 895 23.66 -50.42 3.18
CA GLY A 895 22.80 -49.57 2.39
C GLY A 895 23.53 -48.72 1.36
N ILE A 896 24.81 -48.43 1.58
CA ILE A 896 25.60 -47.58 0.70
C ILE A 896 26.53 -48.39 -0.20
N GLY A 897 26.33 -49.71 -0.28
CA GLY A 897 27.08 -50.54 -1.21
C GLY A 897 28.43 -51.04 -0.72
N VAL A 898 28.66 -51.09 0.59
CA VAL A 898 29.83 -51.74 1.17
C VAL A 898 29.31 -52.82 2.12
N THR A 899 29.88 -54.02 2.02
CA THR A 899 29.37 -55.14 2.78
C THR A 899 29.63 -54.94 4.27
N GLN A 900 28.77 -55.57 5.08
CA GLN A 900 28.83 -55.40 6.54
C GLN A 900 30.13 -55.88 7.14
N ASN A 901 30.91 -56.69 6.44
CA ASN A 901 32.17 -57.18 6.97
C ASN A 901 33.13 -56.04 7.28
N VAL A 902 33.15 -55.00 6.43
CA VAL A 902 34.14 -53.94 6.56
C VAL A 902 33.99 -53.21 7.89
N LEU A 903 32.76 -53.01 8.36
CA LEU A 903 32.57 -52.34 9.64
C LEU A 903 33.17 -53.17 10.77
N TYR A 904 32.74 -54.43 10.87
CA TYR A 904 33.19 -55.29 11.95
C TYR A 904 34.70 -55.48 11.92
N GLU A 905 35.30 -55.41 10.73
CA GLU A 905 36.75 -55.52 10.65
C GLU A 905 37.43 -54.23 11.12
N ASN A 906 36.75 -53.09 10.99
CA ASN A 906 37.29 -51.78 11.38
C ASN A 906 36.34 -51.07 12.33
N GLN A 907 35.68 -51.83 13.21
CA GLN A 907 34.67 -51.24 14.10
C GLN A 907 35.29 -50.21 15.03
N LYS A 908 36.39 -50.57 15.69
CA LYS A 908 37.00 -49.65 16.65
C LYS A 908 37.50 -48.39 15.96
N LEU A 909 38.15 -48.55 14.81
CA LEU A 909 38.66 -47.40 14.06
C LEU A 909 37.52 -46.48 13.65
N ILE A 910 36.42 -47.07 13.17
CA ILE A 910 35.28 -46.29 12.71
C ILE A 910 34.65 -45.54 13.88
N ALA A 911 34.49 -46.20 15.02
CA ALA A 911 33.98 -45.52 16.21
C ALA A 911 34.90 -44.39 16.63
N ASN A 912 36.21 -44.60 16.53
CA ASN A 912 37.16 -43.54 16.86
C ASN A 912 37.00 -42.35 15.93
N GLN A 913 36.83 -42.62 14.63
CA GLN A 913 36.61 -41.55 13.68
C GLN A 913 35.35 -40.77 14.01
N PHE A 914 34.27 -41.49 14.36
CA PHE A 914 33.01 -40.82 14.68
C PHE A 914 33.17 -39.93 15.91
N ASN A 915 33.82 -40.44 16.95
CA ASN A 915 34.03 -39.66 18.16
C ASN A 915 34.88 -38.44 17.88
N SER A 916 35.96 -38.61 17.11
CA SER A 916 36.81 -37.48 16.77
C SER A 916 36.05 -36.44 15.98
N ALA A 917 35.22 -36.87 15.02
CA ALA A 917 34.44 -35.93 14.24
C ALA A 917 33.49 -35.14 15.12
N ILE A 918 32.82 -35.83 16.05
CA ILE A 918 31.93 -35.14 16.98
C ILE A 918 32.70 -34.09 17.78
N GLY A 919 33.89 -34.46 18.25
CA GLY A 919 34.71 -33.48 18.96
C GLY A 919 35.08 -32.28 18.10
N LYS A 920 35.37 -32.53 16.81
CA LYS A 920 35.70 -31.41 15.93
C LYS A 920 34.50 -30.50 15.72
N ILE A 921 33.30 -31.08 15.62
CA ILE A 921 32.08 -30.25 15.56
C ILE A 921 31.99 -29.39 16.81
N GLN A 922 32.17 -30.01 17.99
CA GLN A 922 32.08 -29.28 19.25
C GLN A 922 33.03 -28.09 19.25
N ASP A 923 34.29 -28.32 18.88
CA ASP A 923 35.25 -27.24 18.84
C ASP A 923 34.84 -26.20 17.81
N SER A 924 34.38 -26.64 16.64
CA SER A 924 34.17 -25.75 15.52
C SER A 924 33.03 -24.78 15.77
N LEU A 925 32.00 -25.21 16.51
CA LEU A 925 30.93 -24.28 16.89
C LEU A 925 31.07 -23.77 18.33
N SER A 926 32.14 -24.17 19.03
CA SER A 926 32.52 -23.50 20.28
C SER A 926 33.50 -22.35 20.06
N SER A 927 34.14 -22.28 18.89
CA SER A 927 35.12 -21.24 18.62
C SER A 927 34.50 -20.02 17.95
N THR A 928 33.89 -20.21 16.77
CA THR A 928 33.30 -19.14 15.99
C THR A 928 31.78 -19.14 16.13
N ALA A 929 31.19 -17.97 15.86
CA ALA A 929 29.76 -17.75 16.02
C ALA A 929 29.03 -17.49 14.71
N SER A 930 29.74 -17.33 13.59
CA SER A 930 29.10 -17.12 12.30
C SER A 930 28.55 -18.41 11.70
N ALA A 931 28.78 -19.56 12.34
CA ALA A 931 28.25 -20.82 11.85
C ALA A 931 26.73 -20.80 11.80
N LEU A 932 26.10 -20.29 12.85
CA LEU A 932 24.64 -20.18 12.93
C LEU A 932 24.16 -18.88 12.29
N GLY A 933 24.55 -18.65 11.04
CA GLY A 933 24.16 -17.41 10.39
C GLY A 933 22.67 -17.34 10.12
N LYS A 934 22.08 -18.41 9.62
CA LYS A 934 20.69 -18.37 9.16
C LYS A 934 19.74 -18.04 10.30
N LEU A 935 19.92 -18.71 11.45
CA LEU A 935 19.07 -18.45 12.60
C LEU A 935 19.22 -17.01 13.05
N GLN A 936 20.45 -16.50 13.10
CA GLN A 936 20.67 -15.12 13.53
C GLN A 936 20.06 -14.14 12.55
N ASP A 937 20.11 -14.43 11.25
CA ASP A 937 19.44 -13.58 10.28
C ASP A 937 17.93 -13.56 10.50
N VAL A 938 17.35 -14.73 10.80
CA VAL A 938 15.92 -14.78 11.12
C VAL A 938 15.62 -13.86 12.30
N VAL A 939 16.39 -14.02 13.39
CA VAL A 939 16.16 -13.23 14.59
C VAL A 939 16.32 -11.75 14.29
N ASN A 940 17.36 -11.39 13.54
CA ASN A 940 17.67 -10.00 13.27
C ASN A 940 16.57 -9.36 12.43
N GLN A 941 16.15 -10.05 11.36
CA GLN A 941 15.07 -9.54 10.54
C GLN A 941 13.79 -9.32 11.35
N ASN A 942 13.47 -10.29 12.21
CA ASN A 942 12.23 -10.16 12.98
C ASN A 942 12.33 -9.02 14.00
N ALA A 943 13.50 -8.84 14.60
CA ALA A 943 13.67 -7.75 15.57
C ALA A 943 13.89 -6.40 14.91
N GLN A 944 14.18 -6.37 13.61
CA GLN A 944 14.46 -5.15 12.87
C GLN A 944 13.22 -4.60 12.19
N ALA A 945 12.35 -5.50 11.68
CA ALA A 945 11.09 -5.02 11.12
C ALA A 945 10.26 -4.32 12.18
N LEU A 946 10.24 -4.86 13.40
CA LEU A 946 9.53 -4.20 14.50
C LEU A 946 10.14 -2.84 14.81
N ASN A 947 11.46 -2.74 14.79
CA ASN A 947 12.10 -1.47 15.08
C ASN A 947 11.78 -0.43 14.01
N THR A 948 11.78 -0.83 12.74
CA THR A 948 11.31 0.10 11.70
C THR A 948 9.84 0.46 11.90
N LEU A 949 9.04 -0.50 12.37
CA LEU A 949 7.62 -0.22 12.57
C LEU A 949 7.41 0.86 13.62
N VAL A 950 8.15 0.79 14.74
CA VAL A 950 8.04 1.85 15.73
C VAL A 950 8.65 3.15 15.21
N LYS A 951 9.78 3.05 14.49
CA LYS A 951 10.42 4.25 13.96
C LYS A 951 9.56 4.97 12.93
N GLN A 952 8.61 4.26 12.31
CA GLN A 952 7.71 4.89 11.34
C GLN A 952 6.58 5.68 12.00
N LEU A 953 6.47 5.65 13.34
CA LEU A 953 5.53 6.50 14.03
C LEU A 953 5.98 7.96 14.05
N SER A 954 7.23 8.25 13.70
CA SER A 954 7.74 9.61 13.67
C SER A 954 7.43 10.35 12.38
N SER A 955 6.87 9.68 11.37
CA SER A 955 6.56 10.32 10.11
C SER A 955 5.29 11.15 10.23
N ASN A 956 5.25 12.27 9.50
CA ASN A 956 4.10 13.16 9.51
C ASN A 956 3.03 12.73 8.51
N PHE A 957 3.44 12.14 7.39
CA PHE A 957 2.53 11.79 6.30
C PHE A 957 1.76 13.01 5.80
N GLY A 958 2.40 14.17 5.81
CA GLY A 958 1.78 15.39 5.37
C GLY A 958 0.98 16.13 6.43
N ALA A 959 0.94 15.63 7.66
CA ALA A 959 0.24 16.30 8.73
C ALA A 959 1.11 17.39 9.35
N ILE A 960 0.52 18.15 10.29
CA ILE A 960 1.27 19.20 10.97
C ILE A 960 2.29 18.61 11.94
N SER A 961 2.05 17.39 12.42
CA SER A 961 2.94 16.75 13.38
C SER A 961 2.77 15.24 13.25
N SER A 962 3.46 14.51 14.11
CA SER A 962 3.39 13.05 14.16
C SER A 962 2.96 12.55 15.54
N VAL A 963 2.62 13.44 16.46
CA VAL A 963 2.14 13.10 17.79
C VAL A 963 0.68 13.50 17.86
N LEU A 964 -0.20 12.55 18.17
CA LEU A 964 -1.62 12.83 18.19
C LEU A 964 -1.97 13.87 19.23
N ASN A 965 -1.25 13.91 20.35
CA ASN A 965 -1.55 14.88 21.38
C ASN A 965 -1.34 16.30 20.87
N ASP A 966 -0.30 16.52 20.07
CA ASP A 966 -0.06 17.83 19.49
C ASP A 966 -1.25 18.27 18.64
N ILE A 967 -1.69 17.41 17.72
CA ILE A 967 -2.80 17.76 16.83
C ILE A 967 -4.07 17.99 17.63
N LEU A 968 -4.29 17.16 18.66
CA LEU A 968 -5.54 17.21 19.40
C LEU A 968 -5.58 18.31 20.46
N SER A 969 -4.42 18.90 20.77
CA SER A 969 -4.36 20.07 21.64
C SER A 969 -4.34 21.38 20.87
N ARG A 970 -3.70 21.40 19.69
CA ARG A 970 -3.58 22.64 18.92
C ARG A 970 -4.75 22.88 17.98
N LEU A 971 -5.54 21.86 17.66
CA LEU A 971 -6.61 21.98 16.67
C LEU A 971 -7.96 21.66 17.28
N ASP A 972 -9.00 22.22 16.67
CA ASP A 972 -10.38 21.96 17.07
C ASP A 972 -10.85 20.67 16.40
N LYS A 973 -12.15 20.40 16.45
CA LYS A 973 -12.67 19.15 15.88
C LYS A 973 -12.36 19.04 14.39
N CYS A 974 -12.67 20.08 13.61
CA CYS A 974 -12.71 19.98 12.15
C CYS A 974 -11.33 19.59 11.60
N GLU A 975 -10.35 20.45 11.77
CA GLU A 975 -9.04 20.20 11.19
C GLU A 975 -8.26 19.14 11.96
N ALA A 976 -8.56 18.89 13.24
CA ALA A 976 -7.99 17.72 13.87
C ALA A 976 -8.44 16.45 13.17
N GLU A 977 -9.73 16.39 12.81
CA GLU A 977 -10.20 15.25 12.03
C GLU A 977 -9.46 15.14 10.72
N VAL A 978 -9.32 16.25 9.98
CA VAL A 978 -8.77 16.10 8.63
C VAL A 978 -7.28 15.74 8.68
N GLN A 979 -6.54 16.19 9.72
CA GLN A 979 -5.15 15.77 9.85
C GLN A 979 -5.02 14.35 10.40
N ILE A 980 -5.87 13.99 11.36
CA ILE A 980 -5.81 12.65 11.92
C ILE A 980 -6.16 11.61 10.88
N ASP A 981 -6.98 11.96 9.88
CA ASP A 981 -7.20 11.04 8.78
C ASP A 981 -5.91 10.75 8.03
N ARG A 982 -5.11 11.79 7.78
CA ARG A 982 -3.82 11.58 7.12
C ARG A 982 -2.94 10.67 7.95
N LEU A 983 -2.83 10.95 9.26
CA LEU A 983 -1.98 10.12 10.11
C LEU A 983 -2.49 8.69 10.17
N ILE A 984 -3.80 8.49 10.29
CA ILE A 984 -4.36 7.15 10.36
C ILE A 984 -4.06 6.39 9.08
N THR A 985 -4.26 7.04 7.92
CA THR A 985 -3.99 6.39 6.65
C THR A 985 -2.52 5.98 6.57
N GLY A 986 -1.62 6.88 6.96
CA GLY A 986 -0.20 6.57 6.87
C GLY A 986 0.19 5.42 7.77
N ARG A 987 -0.28 5.45 9.02
CA ARG A 987 0.12 4.44 9.99
C ARG A 987 -0.48 3.08 9.63
N LEU A 988 -1.75 3.07 9.20
CA LEU A 988 -2.35 1.83 8.73
C LEU A 988 -1.61 1.27 7.52
N GLN A 989 -1.18 2.16 6.62
CA GLN A 989 -0.42 1.73 5.46
C GLN A 989 0.90 1.08 5.87
N SER A 990 1.61 1.71 6.81
CA SER A 990 2.87 1.13 7.27
C SER A 990 2.63 -0.21 7.98
N LEU A 991 1.53 -0.31 8.72
CA LEU A 991 1.17 -1.58 9.34
C LEU A 991 0.96 -2.65 8.28
N GLN A 992 0.25 -2.30 7.20
CA GLN A 992 0.02 -3.25 6.13
C GLN A 992 1.33 -3.66 5.48
N THR A 993 2.25 -2.72 5.29
CA THR A 993 3.55 -3.05 4.73
C THR A 993 4.27 -4.06 5.62
N TYR A 994 4.27 -3.82 6.93
CA TYR A 994 4.90 -4.74 7.87
C TYR A 994 4.26 -6.12 7.78
N VAL A 995 2.94 -6.17 7.74
CA VAL A 995 2.24 -7.46 7.71
C VAL A 995 2.55 -8.20 6.42
N THR A 996 2.62 -7.48 5.30
CA THR A 996 2.95 -8.12 4.03
C THR A 996 4.35 -8.70 4.06
N GLN A 997 5.32 -7.94 4.60
CA GLN A 997 6.68 -8.46 4.73
C GLN A 997 6.69 -9.68 5.63
N GLN A 998 5.90 -9.65 6.70
CA GLN A 998 5.83 -10.80 7.59
C GLN A 998 5.25 -12.01 6.88
N LEU A 999 4.24 -11.81 6.03
CA LEU A 999 3.69 -12.91 5.26
C LEU A 999 4.73 -13.52 4.34
N ILE A 1000 5.52 -12.67 3.67
CA ILE A 1000 6.60 -13.15 2.82
C ILE A 1000 7.58 -13.99 3.62
N ARG A 1001 8.04 -13.44 4.74
CA ARG A 1001 9.02 -14.15 5.57
C ARG A 1001 8.44 -15.43 6.12
N ALA A 1002 7.15 -15.43 6.47
CA ALA A 1002 6.50 -16.63 6.99
C ALA A 1002 6.43 -17.70 5.92
N ALA A 1003 6.17 -17.33 4.67
CA ALA A 1003 6.20 -18.31 3.59
C ALA A 1003 7.60 -18.90 3.43
N GLU A 1004 8.63 -18.04 3.49
CA GLU A 1004 10.00 -18.53 3.44
C GLU A 1004 10.28 -19.52 4.57
N ILE A 1005 9.89 -19.16 5.79
CA ILE A 1005 10.17 -20.01 6.94
C ILE A 1005 9.38 -21.30 6.86
N ARG A 1006 8.17 -21.25 6.31
CA ARG A 1006 7.40 -22.49 6.13
C ARG A 1006 8.07 -23.40 5.11
N ALA A 1007 8.63 -22.83 4.04
CA ALA A 1007 9.39 -23.66 3.11
C ALA A 1007 10.59 -24.32 3.82
N SER A 1008 11.32 -23.53 4.59
CA SER A 1008 12.47 -24.08 5.32
C SER A 1008 12.03 -25.14 6.31
N ALA A 1009 10.90 -24.93 6.97
CA ALA A 1009 10.39 -25.89 7.95
C ALA A 1009 9.94 -27.17 7.29
N ASN A 1010 9.30 -27.07 6.12
CA ASN A 1010 8.93 -28.27 5.38
C ASN A 1010 10.18 -29.04 4.97
N LEU A 1011 11.23 -28.33 4.57
CA LEU A 1011 12.50 -28.99 4.28
C LEU A 1011 13.05 -29.69 5.52
N ALA A 1012 12.97 -29.02 6.68
CA ALA A 1012 13.47 -29.61 7.91
C ALA A 1012 12.67 -30.84 8.31
N ALA A 1013 11.35 -30.81 8.12
CA ALA A 1013 10.53 -31.98 8.39
C ALA A 1013 10.91 -33.11 7.45
N THR A 1014 11.14 -32.81 6.17
CA THR A 1014 11.55 -33.84 5.23
C THR A 1014 12.89 -34.44 5.64
N LYS A 1015 13.80 -33.61 6.13
CA LYS A 1015 15.12 -34.11 6.53
C LYS A 1015 15.01 -34.94 7.80
N MET A 1016 14.17 -34.52 8.74
CA MET A 1016 13.93 -35.31 9.94
C MET A 1016 13.34 -36.67 9.58
N SER A 1017 12.44 -36.71 8.60
CA SER A 1017 11.82 -37.96 8.21
C SER A 1017 12.81 -38.86 7.48
N GLU A 1018 13.53 -38.33 6.51
CA GLU A 1018 14.30 -39.15 5.57
C GLU A 1018 15.73 -39.43 6.00
N CYS A 1019 16.23 -38.78 7.06
CA CYS A 1019 17.62 -38.92 7.46
C CYS A 1019 17.80 -39.27 8.93
N VAL A 1020 16.93 -38.76 9.80
CA VAL A 1020 16.94 -39.20 11.19
C VAL A 1020 16.12 -40.49 11.33
N LEU A 1021 14.89 -40.47 10.84
CA LEU A 1021 14.03 -41.65 10.89
C LEU A 1021 14.39 -42.69 9.83
N GLY A 1022 15.38 -42.44 8.98
CA GLY A 1022 15.80 -43.42 8.01
C GLY A 1022 17.13 -43.04 7.41
N GLN A 1023 17.52 -43.81 6.39
CA GLN A 1023 18.74 -43.57 5.62
C GLN A 1023 18.33 -43.17 4.21
N SER A 1024 18.83 -42.03 3.76
CA SER A 1024 18.45 -41.45 2.47
C SER A 1024 19.46 -41.84 1.41
N LYS A 1025 18.96 -42.30 0.26
CA LYS A 1025 19.77 -42.52 -0.94
C LYS A 1025 19.87 -41.28 -1.81
N ARG A 1026 19.21 -40.19 -1.44
CA ARG A 1026 19.32 -38.95 -2.19
C ARG A 1026 20.70 -38.35 -2.01
N VAL A 1027 21.29 -37.89 -3.12
CA VAL A 1027 22.68 -37.43 -3.12
C VAL A 1027 22.72 -35.99 -2.64
N ASP A 1028 23.61 -35.73 -1.67
CA ASP A 1028 23.84 -34.41 -1.08
C ASP A 1028 22.60 -33.85 -0.38
N PHE A 1029 21.58 -34.68 -0.15
CA PHE A 1029 20.41 -34.22 0.61
C PHE A 1029 20.74 -34.11 2.09
N CYS A 1030 21.55 -35.04 2.60
CA CYS A 1030 21.87 -35.13 4.01
C CYS A 1030 23.37 -35.35 4.18
N GLY A 1031 24.16 -34.50 3.53
CA GLY A 1031 25.59 -34.45 3.70
C GLY A 1031 26.37 -34.73 2.43
N LYS A 1032 27.56 -34.14 2.33
CA LYS A 1032 28.46 -34.43 1.22
C LYS A 1032 29.07 -35.81 1.39
N GLY A 1033 28.46 -36.82 0.77
CA GLY A 1033 28.97 -38.18 0.81
C GLY A 1033 27.85 -39.19 0.87
N TYR A 1034 28.20 -40.47 0.98
CA TYR A 1034 27.19 -41.51 1.13
C TYR A 1034 26.64 -41.46 2.55
N HIS A 1035 25.34 -41.26 2.66
CA HIS A 1035 24.71 -41.00 3.94
C HIS A 1035 24.66 -42.26 4.78
N LEU A 1036 25.18 -42.19 6.00
CA LEU A 1036 24.98 -43.26 6.99
C LEU A 1036 23.83 -42.94 7.93
N MET A 1037 23.82 -41.76 8.55
CA MET A 1037 22.78 -41.49 9.55
C MET A 1037 22.86 -40.00 9.88
N SER A 1038 21.92 -39.55 10.72
CA SER A 1038 21.86 -38.16 11.12
C SER A 1038 21.30 -38.05 12.52
N PHE A 1039 21.73 -37.00 13.22
CA PHE A 1039 21.26 -36.68 14.55
C PHE A 1039 20.66 -35.27 14.56
N PRO A 1040 19.49 -35.06 15.17
CA PRO A 1040 18.99 -33.70 15.35
C PRO A 1040 19.39 -33.08 16.68
N GLN A 1041 19.56 -31.77 16.65
CA GLN A 1041 19.76 -30.95 17.83
C GLN A 1041 18.87 -29.73 17.71
N SER A 1042 18.21 -29.37 18.81
CA SER A 1042 17.38 -28.17 18.80
C SER A 1042 18.26 -26.93 18.75
N ALA A 1043 17.65 -25.82 18.36
CA ALA A 1043 18.33 -24.53 18.40
C ALA A 1043 17.25 -23.44 18.40
N PRO A 1044 17.58 -22.24 18.89
CA PRO A 1044 16.56 -21.19 18.97
C PRO A 1044 15.95 -20.89 17.60
N HIS A 1045 14.65 -21.17 17.48
CA HIS A 1045 13.91 -20.94 16.24
C HIS A 1045 14.45 -21.78 15.09
N GLY A 1046 14.90 -23.00 15.38
CA GLY A 1046 15.35 -23.85 14.31
C GLY A 1046 15.97 -25.14 14.82
N VAL A 1047 16.59 -25.85 13.88
CA VAL A 1047 17.11 -27.19 14.12
C VAL A 1047 18.46 -27.30 13.43
N VAL A 1048 19.30 -28.19 13.97
CA VAL A 1048 20.64 -28.42 13.49
C VAL A 1048 20.78 -29.92 13.27
N PHE A 1049 21.22 -30.32 12.10
CA PHE A 1049 21.43 -31.74 11.79
C PHE A 1049 22.92 -32.01 11.70
N LEU A 1050 23.38 -32.98 12.49
CA LEU A 1050 24.69 -33.58 12.35
C LEU A 1050 24.52 -34.79 11.45
N HIS A 1051 24.87 -34.62 10.18
CA HIS A 1051 24.81 -35.69 9.20
C HIS A 1051 26.14 -36.41 9.21
N VAL A 1052 26.15 -37.70 9.54
CA VAL A 1052 27.38 -38.48 9.52
C VAL A 1052 27.32 -39.40 8.31
N THR A 1053 28.41 -39.39 7.53
CA THR A 1053 28.44 -39.86 6.17
C THR A 1053 29.76 -40.59 5.92
N TYR A 1054 29.74 -41.41 4.89
CA TYR A 1054 30.88 -42.20 4.44
C TYR A 1054 31.52 -41.48 3.26
N VAL A 1055 32.81 -41.20 3.34
CA VAL A 1055 33.55 -40.54 2.26
C VAL A 1055 34.75 -41.41 1.90
N PRO A 1056 34.81 -42.06 0.73
CA PRO A 1056 36.03 -42.78 0.37
C PRO A 1056 37.24 -41.85 0.30
N ALA A 1057 38.38 -42.35 0.76
CA ALA A 1057 39.50 -41.49 1.12
C ALA A 1057 40.73 -41.74 0.25
N GLN A 1058 41.24 -42.97 0.20
CA GLN A 1058 42.53 -43.29 -0.42
C GLN A 1058 42.30 -44.17 -1.63
N GLU A 1059 42.40 -43.59 -2.82
CA GLU A 1059 42.12 -44.28 -4.06
C GLU A 1059 43.40 -44.82 -4.67
N LYS A 1060 43.29 -45.97 -5.32
CA LYS A 1060 44.37 -46.58 -6.07
C LYS A 1060 43.87 -46.95 -7.45
N ASN A 1061 44.74 -46.76 -8.45
CA ASN A 1061 44.43 -47.15 -9.81
C ASN A 1061 44.52 -48.66 -9.98
N PHE A 1062 43.72 -49.18 -10.91
CA PHE A 1062 43.76 -50.59 -11.27
C PHE A 1062 43.39 -50.72 -12.73
N THR A 1063 43.85 -51.80 -13.34
CA THR A 1063 43.39 -52.20 -14.67
C THR A 1063 42.15 -53.05 -14.53
N THR A 1064 41.16 -52.80 -15.38
CA THR A 1064 39.85 -53.44 -15.27
C THR A 1064 39.39 -53.88 -16.65
N ALA A 1065 38.24 -54.55 -16.67
CA ALA A 1065 37.60 -54.96 -17.91
C ALA A 1065 36.14 -55.25 -17.60
N PRO A 1066 35.23 -55.10 -18.56
CA PRO A 1066 33.80 -55.29 -18.25
C PRO A 1066 33.42 -56.74 -18.04
N ALA A 1067 34.21 -57.69 -18.53
CA ALA A 1067 33.78 -59.08 -18.60
C ALA A 1067 35.01 -59.99 -18.54
N ILE A 1068 34.76 -61.29 -18.51
CA ILE A 1068 35.79 -62.32 -18.43
C ILE A 1068 35.35 -63.45 -19.35
N CYS A 1069 36.18 -63.80 -20.34
CA CYS A 1069 35.92 -64.94 -21.21
C CYS A 1069 36.65 -66.15 -20.64
N HIS A 1070 35.89 -67.10 -20.09
CA HIS A 1070 36.50 -68.29 -19.50
C HIS A 1070 36.77 -69.35 -20.55
N ASP A 1071 35.72 -69.85 -21.20
CA ASP A 1071 35.83 -70.91 -22.20
C ASP A 1071 34.89 -70.61 -23.36
N GLY A 1072 34.88 -69.36 -23.80
CA GLY A 1072 34.02 -68.91 -24.88
C GLY A 1072 32.77 -68.19 -24.40
N LYS A 1073 32.39 -68.37 -23.14
CA LYS A 1073 31.26 -67.68 -22.54
C LYS A 1073 31.76 -66.50 -21.70
N ALA A 1074 30.93 -65.47 -21.61
CA ALA A 1074 31.28 -64.23 -20.94
C ALA A 1074 30.77 -64.25 -19.51
N HIS A 1075 31.61 -63.78 -18.60
CA HIS A 1075 31.31 -63.72 -17.18
C HIS A 1075 31.24 -62.26 -16.75
N PHE A 1076 30.17 -61.91 -16.03
CA PHE A 1076 29.98 -60.59 -15.46
C PHE A 1076 29.80 -60.69 -13.96
N PRO A 1077 30.18 -59.69 -13.17
CA PRO A 1077 30.01 -59.80 -11.72
C PRO A 1077 28.63 -59.35 -11.26
N ARG A 1078 28.22 -59.89 -10.11
CA ARG A 1078 26.92 -59.52 -9.52
C ARG A 1078 27.05 -58.22 -8.73
N GLU A 1079 27.82 -58.27 -7.63
CA GLU A 1079 28.23 -57.08 -6.88
C GLU A 1079 29.69 -56.83 -7.19
N GLY A 1080 30.00 -55.61 -7.59
CA GLY A 1080 31.37 -55.20 -7.75
C GLY A 1080 31.80 -55.13 -9.20
N VAL A 1081 33.11 -55.10 -9.40
CA VAL A 1081 33.71 -54.89 -10.70
C VAL A 1081 34.96 -55.76 -10.80
N PHE A 1082 35.29 -56.16 -12.02
CA PHE A 1082 36.52 -56.87 -12.28
C PHE A 1082 37.69 -55.91 -12.19
N VAL A 1083 38.74 -56.34 -11.49
CA VAL A 1083 39.89 -55.51 -11.18
C VAL A 1083 41.13 -56.38 -11.29
N SER A 1084 42.28 -55.74 -11.50
CA SER A 1084 43.54 -56.44 -11.68
C SER A 1084 44.65 -55.68 -10.97
N ASN A 1085 45.49 -56.43 -10.25
CA ASN A 1085 46.71 -55.89 -9.66
C ASN A 1085 47.92 -56.08 -10.56
N GLY A 1086 47.70 -56.30 -11.86
CA GLY A 1086 48.77 -56.48 -12.82
C GLY A 1086 48.92 -57.92 -13.27
N THR A 1087 48.69 -58.86 -12.36
CA THR A 1087 48.90 -60.29 -12.63
C THR A 1087 47.60 -61.07 -12.59
N HIS A 1088 46.87 -61.02 -11.48
CA HIS A 1088 45.63 -61.77 -11.29
C HIS A 1088 44.43 -60.87 -11.55
N TRP A 1089 43.25 -61.50 -11.55
CA TRP A 1089 41.98 -60.81 -11.70
C TRP A 1089 41.07 -61.18 -10.55
N PHE A 1090 40.39 -60.17 -10.00
CA PHE A 1090 39.50 -60.33 -8.86
C PHE A 1090 38.22 -59.55 -9.14
N VAL A 1091 37.16 -59.91 -8.42
CA VAL A 1091 36.00 -59.03 -8.27
C VAL A 1091 36.17 -58.24 -6.99
N THR A 1092 35.78 -56.98 -7.01
CA THR A 1092 35.79 -56.19 -5.79
C THR A 1092 34.62 -55.22 -5.78
N GLN A 1093 34.03 -55.03 -4.61
CA GLN A 1093 33.06 -53.97 -4.42
C GLN A 1093 33.73 -52.60 -4.47
N ARG A 1094 32.97 -51.59 -4.88
CA ARG A 1094 33.57 -50.35 -5.32
C ARG A 1094 34.18 -49.60 -4.14
N ASN A 1095 33.37 -49.13 -3.21
CA ASN A 1095 33.81 -48.09 -2.29
C ASN A 1095 34.69 -48.64 -1.16
N PHE A 1096 35.18 -49.87 -1.30
CA PHE A 1096 36.25 -50.39 -0.46
C PHE A 1096 36.94 -51.50 -1.24
N TYR A 1097 38.26 -51.46 -1.27
CA TYR A 1097 39.05 -52.46 -1.99
C TYR A 1097 39.09 -53.74 -1.17
N GLU A 1098 38.36 -54.76 -1.63
CA GLU A 1098 38.32 -56.07 -0.97
C GLU A 1098 38.27 -57.13 -2.06
N PRO A 1099 39.40 -57.39 -2.74
CA PRO A 1099 39.36 -58.29 -3.88
C PRO A 1099 39.02 -59.72 -3.48
N GLN A 1100 38.30 -60.41 -4.35
CA GLN A 1100 37.93 -61.79 -4.17
C GLN A 1100 38.29 -62.56 -5.43
N ILE A 1101 38.62 -63.84 -5.27
CA ILE A 1101 39.00 -64.66 -6.41
C ILE A 1101 37.75 -64.93 -7.25
N ILE A 1102 37.95 -65.05 -8.56
CA ILE A 1102 36.82 -65.20 -9.48
C ILE A 1102 36.24 -66.60 -9.29
N THR A 1103 34.97 -66.66 -8.90
CA THR A 1103 34.25 -67.91 -8.76
C THR A 1103 32.89 -67.78 -9.43
N THR A 1104 32.13 -68.89 -9.42
CA THR A 1104 30.84 -68.90 -10.09
C THR A 1104 29.77 -68.15 -9.30
N ASP A 1105 29.86 -68.13 -7.97
CA ASP A 1105 28.91 -67.36 -7.18
C ASP A 1105 29.24 -65.86 -7.20
N ASN A 1106 30.53 -65.53 -7.35
CA ASN A 1106 30.90 -64.13 -7.51
C ASN A 1106 30.32 -63.53 -8.78
N THR A 1107 30.10 -64.36 -9.81
CA THR A 1107 29.75 -63.88 -11.14
C THR A 1107 28.52 -64.59 -11.70
N PHE A 1108 28.20 -64.30 -12.95
CA PHE A 1108 27.16 -64.99 -13.69
C PHE A 1108 27.56 -64.96 -15.16
N VAL A 1109 26.89 -65.79 -15.96
CA VAL A 1109 27.26 -66.02 -17.36
C VAL A 1109 26.08 -65.68 -18.24
N SER A 1110 26.36 -65.02 -19.37
CA SER A 1110 25.32 -64.58 -20.29
C SER A 1110 25.91 -64.49 -21.69
N GLY A 1111 25.68 -65.52 -22.50
CA GLY A 1111 26.05 -65.48 -23.90
C GLY A 1111 27.52 -65.75 -24.14
N ASN A 1112 27.86 -65.81 -25.42
CA ASN A 1112 29.24 -66.03 -25.83
C ASN A 1112 30.07 -64.79 -25.55
N CYS A 1113 31.40 -64.95 -25.63
CA CYS A 1113 32.34 -63.90 -25.21
C CYS A 1113 32.90 -63.13 -26.41
N ASP A 1114 32.07 -62.92 -27.43
CA ASP A 1114 32.43 -62.15 -28.61
C ASP A 1114 31.73 -60.80 -28.68
N VAL A 1115 30.45 -60.73 -28.30
CA VAL A 1115 29.68 -59.50 -28.47
C VAL A 1115 30.29 -58.37 -27.64
N VAL A 1116 30.64 -58.65 -26.38
CA VAL A 1116 31.08 -57.60 -25.47
C VAL A 1116 32.40 -57.01 -25.95
N ILE A 1117 32.59 -55.72 -25.68
CA ILE A 1117 33.79 -54.97 -26.07
C ILE A 1117 34.63 -54.75 -24.82
N GLY A 1118 35.93 -55.03 -24.94
CA GLY A 1118 36.85 -54.86 -23.84
C GLY A 1118 37.04 -56.08 -22.96
N ILE A 1119 36.36 -57.19 -23.26
CA ILE A 1119 36.52 -58.41 -22.49
C ILE A 1119 37.98 -58.89 -22.58
N VAL A 1120 38.41 -59.62 -21.55
CA VAL A 1120 39.75 -60.17 -21.47
C VAL A 1120 39.65 -61.66 -21.11
N ASN A 1121 40.81 -62.31 -21.14
CA ASN A 1121 40.91 -63.75 -20.93
C ASN A 1121 41.40 -64.05 -19.52
N ASN A 1122 40.68 -64.92 -18.82
CA ASN A 1122 41.13 -65.42 -17.52
C ASN A 1122 40.32 -66.65 -17.18
N THR A 1123 40.89 -67.47 -16.29
CA THR A 1123 40.17 -68.63 -15.78
C THR A 1123 39.14 -68.19 -14.73
N VAL A 1124 38.17 -69.07 -14.49
CA VAL A 1124 37.12 -68.86 -13.50
C VAL A 1124 37.10 -70.08 -12.60
N TYR A 1125 37.55 -69.91 -11.35
CA TYR A 1125 37.62 -71.02 -10.42
C TYR A 1125 36.23 -71.59 -10.17
N ASP A 1126 36.15 -72.90 -10.01
CA ASP A 1126 34.88 -73.60 -9.76
C ASP A 1126 34.93 -74.23 -8.37
N PRO A 1127 34.14 -73.74 -7.39
CA PRO A 1127 34.22 -74.40 -6.08
C PRO A 1127 33.63 -75.80 -6.08
N ASN B 8 -33.07 33.90 -53.22
CA ASN B 8 -33.69 32.58 -53.15
C ASN B 8 -33.36 31.76 -54.39
N LEU B 9 -33.20 30.45 -54.17
CA LEU B 9 -32.97 29.49 -55.24
C LEU B 9 -34.06 28.43 -55.17
N THR B 10 -34.69 28.15 -56.32
CA THR B 10 -35.83 27.25 -56.40
C THR B 10 -35.64 26.11 -57.38
N THR B 11 -34.58 26.10 -58.19
CA THR B 11 -34.29 24.99 -59.09
C THR B 11 -33.69 23.85 -58.27
N ARG B 12 -34.56 23.15 -57.55
CA ARG B 12 -34.17 22.12 -56.59
C ARG B 12 -34.77 20.78 -57.00
N THR B 13 -34.11 19.72 -56.54
CA THR B 13 -34.63 18.35 -56.70
C THR B 13 -34.19 17.56 -55.47
N GLN B 14 -35.07 17.53 -54.46
CA GLN B 14 -34.75 16.83 -53.22
C GLN B 14 -34.61 15.33 -53.46
N LEU B 15 -33.73 14.71 -52.69
CA LEU B 15 -33.50 13.27 -52.71
C LEU B 15 -33.42 12.80 -51.25
N PRO B 16 -33.60 11.51 -51.01
CA PRO B 16 -33.47 11.02 -49.64
C PRO B 16 -32.05 11.23 -49.14
N PRO B 17 -31.86 11.41 -47.83
CA PRO B 17 -30.49 11.64 -47.33
C PRO B 17 -29.60 10.44 -47.58
N ALA B 18 -28.56 10.66 -48.38
CA ALA B 18 -27.60 9.61 -48.68
C ALA B 18 -26.64 9.41 -47.51
N TYR B 19 -26.23 8.16 -47.31
CA TYR B 19 -25.44 7.73 -46.16
C TYR B 19 -24.13 7.14 -46.67
N THR B 20 -23.09 7.19 -45.83
CA THR B 20 -21.82 6.58 -46.21
C THR B 20 -21.10 6.10 -44.95
N ASN B 21 -20.32 5.03 -45.10
CA ASN B 21 -19.56 4.49 -43.99
C ASN B 21 -18.24 5.26 -43.82
N SER B 22 -18.08 5.89 -42.67
CA SER B 22 -16.84 6.58 -42.30
C SER B 22 -16.05 5.67 -41.37
N PHE B 23 -14.80 5.39 -41.74
CA PHE B 23 -13.99 4.40 -41.04
C PHE B 23 -12.58 4.92 -40.86
N THR B 24 -12.07 4.80 -39.63
CA THR B 24 -10.71 5.23 -39.29
C THR B 24 -10.49 6.70 -39.62
N ARG B 25 -11.49 7.54 -39.30
CA ARG B 25 -11.46 8.96 -39.60
C ARG B 25 -11.86 9.75 -38.36
N GLY B 26 -11.41 11.00 -38.30
CA GLY B 26 -11.79 11.88 -37.22
C GLY B 26 -10.93 11.73 -35.99
N VAL B 27 -9.61 11.62 -36.20
CA VAL B 27 -8.62 11.56 -35.13
C VAL B 27 -7.78 12.82 -35.20
N TYR B 28 -7.65 13.52 -34.07
CA TYR B 28 -6.85 14.74 -33.97
C TYR B 28 -5.83 14.59 -32.86
N TYR B 29 -4.75 15.35 -32.97
CA TYR B 29 -3.76 15.42 -31.91
C TYR B 29 -4.44 15.98 -30.66
N PRO B 30 -4.47 15.25 -29.54
CA PRO B 30 -5.25 15.74 -28.39
C PRO B 30 -4.55 16.83 -27.58
N ASP B 31 -3.28 17.12 -27.84
CA ASP B 31 -2.54 18.14 -27.10
C ASP B 31 -1.47 18.70 -28.03
N LYS B 32 -0.61 19.56 -27.46
CA LYS B 32 0.45 20.23 -28.19
C LYS B 32 1.82 19.88 -27.60
N VAL B 33 2.02 18.59 -27.32
CA VAL B 33 3.25 18.08 -26.73
C VAL B 33 3.84 17.06 -27.68
N PHE B 34 5.14 17.17 -27.93
CA PHE B 34 5.83 16.20 -28.77
C PHE B 34 5.96 14.88 -28.02
N ARG B 35 5.60 13.78 -28.69
CA ARG B 35 5.56 12.48 -28.04
C ARG B 35 5.81 11.42 -29.10
N SER B 36 6.84 10.59 -28.89
CA SER B 36 7.30 9.63 -29.89
C SER B 36 7.45 8.26 -29.26
N SER B 37 7.12 7.23 -30.04
CA SER B 37 7.25 5.83 -29.62
C SER B 37 6.46 5.56 -28.34
N VAL B 38 5.20 6.00 -28.34
CA VAL B 38 4.33 5.90 -27.17
C VAL B 38 2.96 5.43 -27.65
N LEU B 39 2.36 4.51 -26.89
CA LEU B 39 0.99 4.05 -27.15
C LEU B 39 0.01 4.79 -26.22
N HIS B 40 -0.04 6.10 -26.41
CA HIS B 40 -0.88 6.96 -25.59
C HIS B 40 -2.35 6.60 -25.77
N SER B 41 -3.11 6.73 -24.68
CA SER B 41 -4.55 6.53 -24.68
C SER B 41 -5.23 7.80 -24.16
N THR B 42 -6.37 8.14 -24.76
CA THR B 42 -7.08 9.36 -24.41
C THR B 42 -8.57 9.07 -24.36
N GLN B 43 -9.30 9.95 -23.67
CA GLN B 43 -10.75 9.92 -23.65
C GLN B 43 -11.23 11.33 -23.96
N ASP B 44 -12.05 11.47 -25.00
CA ASP B 44 -12.44 12.79 -25.48
C ASP B 44 -13.58 12.62 -26.47
N LEU B 45 -14.01 13.74 -27.05
CA LEU B 45 -15.00 13.74 -28.11
C LEU B 45 -14.31 13.34 -29.41
N PHE B 46 -14.52 12.09 -29.83
CA PHE B 46 -13.87 11.52 -30.98
C PHE B 46 -14.95 10.94 -31.91
N LEU B 47 -14.62 10.86 -33.20
CA LEU B 47 -15.55 10.31 -34.17
C LEU B 47 -15.46 8.79 -34.11
N PRO B 48 -16.54 8.07 -33.78
CA PRO B 48 -16.41 6.61 -33.65
C PRO B 48 -16.05 5.95 -34.97
N PHE B 49 -15.26 4.88 -34.88
CA PHE B 49 -14.85 4.16 -36.07
C PHE B 49 -16.03 3.41 -36.68
N PHE B 50 -16.02 3.33 -38.00
CA PHE B 50 -17.03 2.60 -38.79
C PHE B 50 -18.43 3.11 -38.48
N SER B 51 -18.54 4.43 -38.33
CA SER B 51 -19.83 5.08 -38.16
C SER B 51 -20.45 5.36 -39.53
N ASN B 52 -21.62 5.98 -39.51
CA ASN B 52 -22.36 6.34 -40.72
C ASN B 52 -22.50 7.86 -40.73
N VAL B 53 -22.02 8.48 -41.81
CA VAL B 53 -21.98 9.93 -41.97
C VAL B 53 -22.89 10.29 -43.12
N THR B 54 -23.67 11.36 -42.94
CA THR B 54 -24.63 11.74 -43.99
C THR B 54 -23.89 12.41 -45.14
N TRP B 55 -24.00 11.83 -46.33
CA TRP B 55 -23.40 12.39 -47.53
C TRP B 55 -24.31 13.42 -48.18
N PHE B 56 -23.73 14.59 -48.50
CA PHE B 56 -24.35 15.61 -49.31
C PHE B 56 -23.42 16.00 -50.43
N HIS B 57 -23.98 16.28 -51.61
CA HIS B 57 -23.16 16.70 -52.73
C HIS B 57 -24.01 17.52 -53.68
N ALA B 58 -23.33 18.39 -54.43
CA ALA B 58 -23.93 19.21 -55.48
C ALA B 58 -23.29 18.85 -56.80
N ILE B 59 -24.12 18.41 -57.75
CA ILE B 59 -23.69 17.92 -59.05
C ILE B 59 -24.54 18.58 -60.12
N HIS B 60 -23.91 18.95 -61.23
CA HIS B 60 -24.62 19.64 -62.30
C HIS B 60 -25.68 18.74 -62.91
N VAL B 61 -25.27 17.58 -63.42
CA VAL B 61 -26.17 16.62 -64.07
C VAL B 61 -26.91 17.28 -65.22
N THR B 67 -32.25 18.86 -62.72
CA THR B 67 -32.11 18.46 -61.33
C THR B 67 -31.22 19.45 -60.57
N LYS B 68 -29.91 19.35 -60.80
CA LYS B 68 -28.85 20.25 -60.34
C LYS B 68 -28.51 20.07 -58.85
N ARG B 69 -29.33 19.33 -58.08
CA ARG B 69 -29.06 18.90 -56.69
C ARG B 69 -28.39 19.97 -55.83
N PHE B 70 -29.11 21.07 -55.63
CA PHE B 70 -28.65 22.13 -54.73
C PHE B 70 -29.18 21.83 -53.34
N ASP B 71 -28.30 21.44 -52.42
CA ASP B 71 -28.67 21.12 -51.06
C ASP B 71 -27.60 21.58 -50.10
N ASN B 72 -28.02 22.34 -49.09
CA ASN B 72 -27.15 22.74 -47.98
C ASN B 72 -28.02 23.17 -46.82
N PRO B 73 -28.76 22.26 -46.21
CA PRO B 73 -29.74 22.64 -45.19
C PRO B 73 -29.06 22.92 -43.86
N VAL B 74 -29.87 23.25 -42.86
CA VAL B 74 -29.39 23.41 -41.50
C VAL B 74 -29.31 22.05 -40.83
N LEU B 75 -28.20 21.82 -40.12
CA LEU B 75 -27.93 20.56 -39.43
C LEU B 75 -27.74 20.81 -37.94
N PRO B 76 -28.13 19.88 -37.08
CA PRO B 76 -27.75 20.00 -35.67
C PRO B 76 -26.23 19.92 -35.47
N PHE B 77 -25.77 20.59 -34.43
CA PHE B 77 -24.37 20.63 -34.01
C PHE B 77 -24.35 20.05 -32.60
N ASN B 78 -24.25 18.72 -32.51
CA ASN B 78 -24.37 18.00 -31.24
C ASN B 78 -22.96 17.74 -30.70
N ASP B 79 -22.49 18.65 -29.85
CA ASP B 79 -21.19 18.61 -29.17
C ASP B 79 -20.05 18.13 -30.07
N GLY B 80 -20.04 18.57 -31.31
CA GLY B 80 -18.92 18.34 -32.21
C GLY B 80 -19.41 17.98 -33.61
N VAL B 81 -18.61 18.32 -34.61
CA VAL B 81 -18.90 17.97 -36.00
C VAL B 81 -17.58 17.65 -36.70
N TYR B 82 -17.61 16.65 -37.57
CA TYR B 82 -16.49 16.34 -38.45
C TYR B 82 -16.95 16.57 -39.88
N PHE B 83 -16.26 17.48 -40.58
CA PHE B 83 -16.65 17.96 -41.89
C PHE B 83 -15.52 17.66 -42.88
N ALA B 84 -15.80 16.82 -43.87
CA ALA B 84 -14.82 16.42 -44.87
C ALA B 84 -15.35 16.79 -46.24
N SER B 85 -14.48 17.31 -47.11
CA SER B 85 -14.88 17.72 -48.45
C SER B 85 -13.93 17.11 -49.47
N THR B 86 -14.49 16.29 -50.36
CA THR B 86 -13.77 15.81 -51.56
C THR B 86 -14.14 16.74 -52.69
N GLU B 87 -13.25 17.68 -53.01
CA GLU B 87 -13.63 18.82 -53.83
C GLU B 87 -12.47 19.24 -54.69
N LYS B 88 -12.79 19.93 -55.79
CA LYS B 88 -11.84 20.28 -56.84
C LYS B 88 -11.82 21.77 -57.17
N SER B 89 -12.97 22.43 -57.19
CA SER B 89 -13.10 23.77 -57.75
C SER B 89 -13.57 24.82 -56.75
N ASN B 90 -13.25 24.63 -55.47
CA ASN B 90 -13.48 25.63 -54.42
C ASN B 90 -14.96 26.03 -54.34
N ILE B 91 -15.79 25.07 -53.93
CA ILE B 91 -17.23 25.27 -53.77
C ILE B 91 -17.66 25.16 -52.30
N ILE B 92 -17.23 24.10 -51.61
CA ILE B 92 -17.44 23.99 -50.17
C ILE B 92 -16.42 24.89 -49.49
N ARG B 93 -16.84 26.08 -49.05
CA ARG B 93 -15.91 27.14 -48.67
C ARG B 93 -16.05 27.66 -47.25
N GLY B 94 -17.28 27.79 -46.72
CA GLY B 94 -17.48 28.40 -45.42
C GLY B 94 -18.60 27.73 -44.65
N TRP B 95 -18.75 28.16 -43.41
CA TRP B 95 -19.76 27.61 -42.51
C TRP B 95 -20.43 28.72 -41.71
N ILE B 96 -21.67 28.46 -41.35
CA ILE B 96 -22.41 29.19 -40.34
C ILE B 96 -22.52 28.32 -39.11
N PHE B 97 -22.51 28.95 -37.94
CA PHE B 97 -22.81 28.28 -36.68
C PHE B 97 -23.68 29.21 -35.85
N GLY B 98 -24.59 28.62 -35.09
CA GLY B 98 -25.47 29.43 -34.28
C GLY B 98 -26.49 28.59 -33.55
N THR B 99 -27.40 29.26 -32.86
CA THR B 99 -28.53 28.63 -32.18
C THR B 99 -29.82 28.76 -32.99
N THR B 100 -30.21 30.00 -33.31
CA THR B 100 -31.41 30.28 -34.09
C THR B 100 -31.13 30.90 -35.44
N LEU B 101 -30.01 31.60 -35.59
CA LEU B 101 -29.55 32.09 -36.89
C LEU B 101 -30.53 33.07 -37.50
N ASP B 102 -31.05 33.99 -36.67
CA ASP B 102 -31.99 35.01 -37.13
C ASP B 102 -31.74 36.35 -36.47
N SER B 103 -30.48 36.66 -36.15
CA SER B 103 -30.01 37.92 -35.58
C SER B 103 -30.54 38.20 -34.18
N LYS B 104 -31.29 37.29 -33.56
CA LYS B 104 -31.66 37.43 -32.17
C LYS B 104 -30.58 36.90 -31.23
N THR B 105 -29.64 36.10 -31.74
CA THR B 105 -28.52 35.60 -30.96
C THR B 105 -27.25 35.72 -31.80
N GLN B 106 -26.11 35.64 -31.13
CA GLN B 106 -24.84 35.69 -31.84
C GLN B 106 -24.66 34.44 -32.68
N SER B 107 -23.81 34.55 -33.70
CA SER B 107 -23.61 33.49 -34.67
C SER B 107 -22.23 33.61 -35.28
N LEU B 108 -21.50 32.50 -35.32
CA LEU B 108 -20.19 32.47 -35.96
C LEU B 108 -20.33 32.24 -37.46
N LEU B 109 -19.40 32.79 -38.22
CA LEU B 109 -19.44 32.75 -39.68
C LEU B 109 -18.01 32.72 -40.19
N ILE B 110 -17.63 31.62 -40.82
CA ILE B 110 -16.30 31.44 -41.41
C ILE B 110 -16.47 31.44 -42.92
N VAL B 111 -15.71 32.28 -43.61
CA VAL B 111 -15.87 32.45 -45.06
C VAL B 111 -14.52 32.74 -45.70
N ASN B 112 -14.11 31.93 -46.66
CA ASN B 112 -13.07 32.32 -47.61
C ASN B 112 -13.75 32.94 -48.82
N ASN B 113 -13.47 34.22 -49.10
CA ASN B 113 -14.00 34.91 -50.27
C ASN B 113 -12.99 34.99 -51.40
N ALA B 114 -12.17 33.96 -51.55
CA ALA B 114 -11.16 33.77 -52.60
C ALA B 114 -9.97 34.71 -52.46
N THR B 115 -9.97 35.64 -51.49
CA THR B 115 -8.86 36.55 -51.23
C THR B 115 -8.30 36.35 -49.84
N ASN B 116 -9.15 36.42 -48.82
CA ASN B 116 -8.81 36.22 -47.43
C ASN B 116 -9.81 35.24 -46.83
N VAL B 117 -9.55 34.84 -45.58
CA VAL B 117 -10.51 34.12 -44.76
C VAL B 117 -10.95 35.07 -43.67
N VAL B 118 -12.26 35.27 -43.56
CA VAL B 118 -12.86 36.17 -42.58
C VAL B 118 -13.67 35.32 -41.62
N ILE B 119 -13.50 35.58 -40.33
CA ILE B 119 -14.25 34.92 -39.27
C ILE B 119 -14.94 36.04 -38.49
N LYS B 120 -16.28 36.00 -38.49
CA LYS B 120 -17.09 37.03 -37.85
C LYS B 120 -18.06 36.36 -36.89
N VAL B 121 -18.11 36.86 -35.66
CA VAL B 121 -19.08 36.41 -34.68
C VAL B 121 -20.04 37.56 -34.45
N CYS B 122 -21.12 37.62 -35.25
CA CYS B 122 -21.86 38.87 -35.33
C CYS B 122 -23.30 38.60 -35.72
N GLU B 123 -24.20 39.42 -35.18
CA GLU B 123 -25.64 39.13 -35.18
C GLU B 123 -26.18 39.25 -36.60
N PHE B 124 -25.93 38.22 -37.39
CA PHE B 124 -26.40 38.17 -38.76
C PHE B 124 -27.89 37.83 -38.81
N GLN B 125 -28.61 38.48 -39.73
CA GLN B 125 -29.96 38.08 -40.11
C GLN B 125 -29.84 37.40 -41.47
N PHE B 126 -29.80 36.08 -41.47
CA PHE B 126 -29.47 35.31 -42.65
C PHE B 126 -30.66 35.22 -43.60
N CYS B 127 -30.35 35.10 -44.89
CA CYS B 127 -31.34 34.72 -45.89
C CYS B 127 -31.55 33.22 -45.84
N ASN B 128 -32.66 32.78 -46.44
CA ASN B 128 -32.99 31.36 -46.39
C ASN B 128 -32.01 30.50 -47.18
N ASP B 129 -31.39 31.05 -48.23
CA ASP B 129 -30.50 30.31 -49.12
C ASP B 129 -29.23 31.11 -49.33
N PRO B 130 -28.35 31.16 -48.33
CA PRO B 130 -27.06 31.83 -48.53
C PRO B 130 -26.15 31.08 -49.48
N PHE B 131 -25.19 31.82 -50.03
CA PHE B 131 -24.34 31.34 -51.12
C PHE B 131 -23.16 32.28 -51.26
N LEU B 132 -22.28 31.97 -52.22
CA LEU B 132 -21.37 32.94 -52.81
C LEU B 132 -21.56 32.90 -54.32
N GLY B 133 -21.67 34.08 -54.94
CA GLY B 133 -21.79 34.15 -56.39
C GLY B 133 -20.44 34.33 -57.05
N VAL B 134 -19.88 33.21 -57.53
CA VAL B 134 -18.88 33.24 -58.60
C VAL B 134 -19.57 33.60 -59.92
N TYR B 135 -18.91 34.43 -60.71
CA TYR B 135 -19.39 34.86 -62.02
C TYR B 135 -18.26 34.75 -63.03
N TYR B 136 -18.62 34.30 -64.23
CA TYR B 136 -17.67 34.00 -65.29
C TYR B 136 -17.61 35.13 -66.30
N HIS B 137 -16.40 35.44 -66.75
CA HIS B 137 -16.16 36.49 -67.73
C HIS B 137 -15.94 35.86 -69.10
N LYS B 138 -16.46 36.50 -70.14
CA LYS B 138 -16.29 36.05 -71.51
C LYS B 138 -15.08 36.68 -72.20
N ASN B 139 -14.71 37.90 -71.82
CA ASN B 139 -13.54 38.54 -72.43
C ASN B 139 -12.26 37.76 -72.14
N ASN B 140 -12.14 37.23 -70.92
CA ASN B 140 -11.03 36.36 -70.55
C ASN B 140 -11.56 35.12 -69.85
N LYS B 141 -10.79 34.04 -69.93
CA LYS B 141 -11.15 32.78 -69.28
C LYS B 141 -10.82 32.82 -67.78
N SER B 142 -11.47 33.76 -67.08
CA SER B 142 -11.23 34.01 -65.67
C SER B 142 -12.56 33.96 -64.93
N TRP B 143 -12.63 33.11 -63.91
CA TRP B 143 -13.76 33.06 -63.00
C TRP B 143 -13.41 33.88 -61.77
N MET B 144 -14.35 34.72 -61.31
CA MET B 144 -14.12 35.59 -60.18
C MET B 144 -15.38 35.67 -59.32
N GLU B 145 -15.18 35.82 -58.01
CA GLU B 145 -16.28 36.05 -57.09
C GLU B 145 -16.86 37.44 -57.31
N SER B 146 -18.18 37.53 -57.37
CA SER B 146 -18.88 38.80 -57.58
C SER B 146 -19.91 39.11 -56.52
N GLU B 147 -20.64 38.11 -56.02
CA GLU B 147 -21.78 38.36 -55.13
C GLU B 147 -21.53 37.75 -53.76
N PHE B 148 -21.92 38.51 -52.72
CA PHE B 148 -21.80 38.11 -51.31
C PHE B 148 -23.11 38.47 -50.63
N ARG B 149 -24.02 37.50 -50.55
CA ARG B 149 -25.38 37.71 -50.06
C ARG B 149 -25.69 36.74 -48.93
N VAL B 150 -24.74 36.52 -48.03
CA VAL B 150 -24.93 35.55 -46.96
C VAL B 150 -25.88 36.10 -45.90
N TYR B 151 -25.65 37.34 -45.46
CA TYR B 151 -26.39 37.95 -44.38
C TYR B 151 -27.01 39.27 -44.85
N SER B 152 -28.20 39.55 -44.33
CA SER B 152 -28.86 40.83 -44.60
C SER B 152 -28.39 41.95 -43.68
N SER B 153 -27.66 41.65 -42.62
CA SER B 153 -27.21 42.67 -41.68
C SER B 153 -26.08 42.13 -40.83
N ALA B 154 -25.43 43.03 -40.10
CA ALA B 154 -24.33 42.67 -39.21
C ALA B 154 -24.14 43.79 -38.20
N ASN B 155 -24.29 43.48 -36.92
CA ASN B 155 -24.23 44.52 -35.89
C ASN B 155 -24.06 43.88 -34.53
N ASN B 156 -23.67 44.71 -33.55
CA ASN B 156 -23.57 44.32 -32.15
C ASN B 156 -22.63 43.12 -31.98
N CYS B 157 -21.36 43.33 -32.34
CA CYS B 157 -20.46 42.20 -32.47
C CYS B 157 -19.01 42.52 -32.16
N THR B 158 -18.34 41.54 -31.55
CA THR B 158 -17.11 41.72 -30.79
C THR B 158 -15.90 41.11 -31.47
N PHE B 159 -15.96 39.83 -31.83
CA PHE B 159 -14.83 39.11 -32.41
C PHE B 159 -14.87 39.17 -33.94
N GLU B 160 -13.70 39.39 -34.54
CA GLU B 160 -13.58 39.53 -35.98
C GLU B 160 -12.12 39.34 -36.36
N TYR B 161 -11.85 38.42 -37.29
CA TYR B 161 -10.48 38.13 -37.72
C TYR B 161 -10.42 38.01 -39.23
N VAL B 162 -9.37 38.58 -39.82
CA VAL B 162 -9.04 38.44 -41.24
C VAL B 162 -7.56 38.16 -41.37
N SER B 163 -7.20 37.10 -42.09
CA SER B 163 -5.80 36.70 -42.21
C SER B 163 -5.14 37.48 -43.34
N GLN B 164 -3.96 37.04 -43.76
CA GLN B 164 -3.27 37.64 -44.89
C GLN B 164 -4.05 37.36 -46.18
N PRO B 165 -3.85 38.18 -47.23
CA PRO B 165 -4.48 37.88 -48.52
C PRO B 165 -3.77 36.77 -49.27
N PHE B 166 -4.53 36.10 -50.12
CA PHE B 166 -4.03 35.00 -50.92
C PHE B 166 -4.90 34.84 -52.16
N LEU B 167 -4.26 34.47 -53.28
CA LEU B 167 -4.95 34.25 -54.54
C LEU B 167 -5.07 32.75 -54.76
N MET B 168 -6.26 32.31 -55.15
CA MET B 168 -6.57 30.89 -55.27
C MET B 168 -7.31 30.64 -56.57
N ASP B 169 -7.08 29.46 -57.16
CA ASP B 169 -7.65 29.11 -58.46
C ASP B 169 -9.06 28.59 -58.27
N LEU B 170 -10.03 29.50 -58.35
CA LEU B 170 -11.45 29.15 -58.25
C LEU B 170 -12.07 28.78 -59.58
N GLU B 171 -11.28 28.54 -60.62
CA GLU B 171 -11.82 28.19 -61.92
C GLU B 171 -12.46 26.81 -61.90
N GLY B 172 -13.30 26.55 -62.90
CA GLY B 172 -13.95 25.27 -63.04
C GLY B 172 -12.99 24.19 -63.50
N LYS B 173 -12.64 23.28 -62.59
CA LYS B 173 -11.75 22.16 -62.87
C LYS B 173 -12.58 20.90 -63.12
N GLN B 174 -12.34 20.25 -64.26
CA GLN B 174 -13.12 19.11 -64.69
C GLN B 174 -12.31 17.83 -64.45
N GLY B 175 -12.96 16.84 -63.82
CA GLY B 175 -12.35 15.55 -63.56
C GLY B 175 -12.54 15.07 -62.14
N ASN B 176 -11.58 14.29 -61.65
CA ASN B 176 -11.66 13.73 -60.31
C ASN B 176 -11.37 14.80 -59.25
N PHE B 177 -11.70 14.47 -58.01
CA PHE B 177 -11.35 15.31 -56.88
C PHE B 177 -9.87 15.13 -56.59
N LYS B 178 -9.08 16.14 -56.89
CA LYS B 178 -7.63 16.06 -56.75
C LYS B 178 -7.15 16.37 -55.33
N ASN B 179 -8.06 16.61 -54.39
CA ASN B 179 -7.67 16.89 -53.01
C ASN B 179 -8.82 16.56 -52.07
N LEU B 180 -8.45 16.32 -50.81
CA LEU B 180 -9.40 16.13 -49.72
C LEU B 180 -9.05 17.10 -48.60
N ARG B 181 -10.08 17.63 -47.96
CA ARG B 181 -9.88 18.51 -46.80
C ARG B 181 -10.81 18.06 -45.69
N GLU B 182 -10.23 17.72 -44.54
CA GLU B 182 -10.99 17.30 -43.36
C GLU B 182 -10.81 18.33 -42.25
N PHE B 183 -11.91 18.60 -41.55
CA PHE B 183 -11.91 19.51 -40.42
C PHE B 183 -12.77 18.91 -39.31
N VAL B 184 -12.48 19.31 -38.09
CA VAL B 184 -13.28 18.95 -36.93
C VAL B 184 -13.53 20.20 -36.10
N PHE B 185 -14.79 20.42 -35.72
CA PHE B 185 -15.21 21.59 -34.97
C PHE B 185 -15.74 21.12 -33.63
N LYS B 186 -15.21 21.68 -32.54
CA LYS B 186 -15.69 21.45 -31.20
C LYS B 186 -15.91 22.79 -30.51
N ASN B 187 -16.76 22.77 -29.48
CA ASN B 187 -17.09 23.98 -28.71
C ASN B 187 -17.03 23.61 -27.23
N ILE B 188 -15.89 23.86 -26.60
CA ILE B 188 -15.64 23.48 -25.21
C ILE B 188 -15.28 24.74 -24.44
N ASP B 189 -15.99 24.97 -23.33
CA ASP B 189 -15.82 26.05 -22.35
C ASP B 189 -15.35 27.36 -22.96
N GLY B 190 -16.13 27.91 -23.88
CA GLY B 190 -15.88 29.21 -24.45
C GLY B 190 -14.79 29.24 -25.50
N TYR B 191 -14.37 28.09 -26.01
CA TYR B 191 -13.36 27.99 -27.05
C TYR B 191 -13.91 27.15 -28.18
N PHE B 192 -13.91 27.71 -29.38
CA PHE B 192 -14.32 27.00 -30.59
C PHE B 192 -13.06 26.47 -31.27
N LYS B 193 -12.84 25.16 -31.17
CA LYS B 193 -11.62 24.52 -31.63
C LYS B 193 -11.84 23.95 -33.02
N ILE B 194 -10.95 24.31 -33.94
CA ILE B 194 -10.98 23.85 -35.32
C ILE B 194 -9.68 23.09 -35.56
N TYR B 195 -9.80 21.78 -35.82
CA TYR B 195 -8.68 20.94 -36.23
C TYR B 195 -8.79 20.73 -37.74
N SER B 196 -7.65 20.71 -38.42
CA SER B 196 -7.62 20.69 -39.88
C SER B 196 -6.61 19.69 -40.41
N LYS B 197 -6.88 19.17 -41.61
CA LYS B 197 -5.89 18.45 -42.39
C LYS B 197 -6.26 18.51 -43.85
N HIS B 198 -5.26 18.71 -44.70
CA HIS B 198 -5.40 18.74 -46.15
C HIS B 198 -4.48 17.69 -46.76
N THR B 199 -4.98 16.95 -47.75
CA THR B 199 -4.22 15.86 -48.32
C THR B 199 -4.53 15.75 -49.81
N PRO B 200 -3.63 15.22 -50.63
CA PRO B 200 -3.98 14.88 -52.00
C PRO B 200 -4.76 13.57 -52.09
N ILE B 201 -5.60 13.48 -53.12
CA ILE B 201 -6.43 12.31 -53.33
C ILE B 201 -6.76 12.23 -54.81
N ASN B 202 -6.98 11.01 -55.30
CA ASN B 202 -7.42 10.78 -56.69
C ASN B 202 -8.54 9.75 -56.69
N LEU B 203 -9.49 9.92 -55.77
CA LEU B 203 -10.66 9.06 -55.64
C LEU B 203 -11.90 9.96 -55.69
N VAL B 204 -12.96 9.46 -56.32
CA VAL B 204 -14.09 10.30 -56.70
C VAL B 204 -15.36 10.01 -55.91
N ARG B 205 -15.53 8.79 -55.37
CA ARG B 205 -16.83 8.34 -54.89
C ARG B 205 -17.03 8.56 -53.39
N ASP B 206 -16.20 7.95 -52.55
CA ASP B 206 -16.46 7.84 -51.11
C ASP B 206 -15.16 8.16 -50.37
N LEU B 207 -15.12 7.83 -49.06
CA LEU B 207 -13.99 8.21 -48.23
C LEU B 207 -12.70 7.52 -48.71
N PRO B 208 -11.54 8.03 -48.33
CA PRO B 208 -10.30 7.29 -48.58
C PRO B 208 -10.27 6.00 -47.78
N GLN B 209 -9.45 5.06 -48.27
CA GLN B 209 -9.23 3.79 -47.57
C GLN B 209 -7.89 3.90 -46.85
N GLY B 210 -7.93 4.50 -45.66
CA GLY B 210 -6.73 4.72 -44.89
C GLY B 210 -6.94 5.42 -43.56
N PHE B 211 -6.05 6.32 -43.22
CA PHE B 211 -6.02 6.95 -41.90
C PHE B 211 -5.14 8.19 -41.96
N SER B 212 -5.68 9.31 -41.50
CA SER B 212 -4.91 10.54 -41.36
C SER B 212 -5.22 11.19 -40.02
N ALA B 213 -4.20 11.80 -39.42
CA ALA B 213 -4.32 12.45 -38.12
C ALA B 213 -4.43 13.95 -38.30
N LEU B 214 -5.45 14.55 -37.69
CA LEU B 214 -5.73 15.97 -37.84
C LEU B 214 -4.86 16.78 -36.90
N GLU B 215 -4.28 17.89 -37.41
CA GLU B 215 -3.53 18.79 -36.54
C GLU B 215 -4.44 19.91 -36.06
N PRO B 216 -4.14 20.52 -34.91
CA PRO B 216 -4.81 21.78 -34.57
C PRO B 216 -4.32 22.95 -35.42
N LEU B 217 -5.11 24.02 -35.39
CA LEU B 217 -4.70 25.33 -35.88
C LEU B 217 -5.14 26.38 -34.86
N VAL B 218 -6.45 26.42 -34.63
CA VAL B 218 -7.15 27.57 -34.10
C VAL B 218 -7.92 27.11 -32.86
N ASP B 219 -8.33 28.08 -32.06
CA ASP B 219 -8.85 27.79 -30.72
C ASP B 219 -9.59 29.05 -30.29
N LEU B 220 -10.48 29.54 -31.16
CA LEU B 220 -10.97 30.90 -31.06
C LEU B 220 -11.79 31.07 -29.78
N PRO B 221 -11.59 32.15 -29.00
CA PRO B 221 -12.43 32.38 -27.81
C PRO B 221 -13.68 33.18 -28.12
N ILE B 222 -14.65 32.53 -28.77
CA ILE B 222 -15.84 33.23 -29.21
C ILE B 222 -16.93 33.25 -28.14
N GLY B 223 -17.00 32.23 -27.28
CA GLY B 223 -17.96 32.22 -26.20
C GLY B 223 -19.40 32.18 -26.67
N ILE B 224 -19.70 31.30 -27.63
CA ILE B 224 -20.98 31.29 -28.33
C ILE B 224 -21.63 29.93 -28.14
N ASN B 225 -22.90 29.93 -27.78
CA ASN B 225 -23.70 28.71 -27.82
C ASN B 225 -23.92 28.30 -29.26
N ILE B 226 -23.69 27.02 -29.54
CA ILE B 226 -23.85 26.47 -30.90
C ILE B 226 -24.66 25.19 -30.77
N THR B 227 -25.77 25.13 -31.52
CA THR B 227 -26.62 23.94 -31.58
C THR B 227 -26.89 23.55 -33.03
N ARG B 228 -26.89 24.52 -33.93
CA ARG B 228 -27.14 24.30 -35.35
C ARG B 228 -26.02 24.94 -36.16
N PHE B 229 -25.86 24.48 -37.38
CA PHE B 229 -24.80 24.99 -38.25
C PHE B 229 -25.21 24.75 -39.70
N GLN B 230 -24.37 25.20 -40.61
CA GLN B 230 -24.72 25.20 -42.03
C GLN B 230 -23.44 25.36 -42.84
N THR B 231 -23.53 25.01 -44.12
CA THR B 231 -22.44 25.13 -45.07
C THR B 231 -22.82 26.14 -46.14
N LEU B 232 -21.79 26.80 -46.69
CA LEU B 232 -21.94 27.90 -47.64
C LEU B 232 -21.49 27.42 -49.01
N LEU B 233 -22.44 27.12 -49.89
CA LEU B 233 -22.11 26.68 -51.23
C LEU B 233 -21.84 27.87 -52.13
N ALA B 234 -21.33 27.59 -53.33
CA ALA B 234 -21.05 28.59 -54.34
C ALA B 234 -21.89 28.32 -55.58
N LEU B 235 -21.99 29.34 -56.44
CA LEU B 235 -22.68 29.25 -57.71
C LEU B 235 -21.72 29.65 -58.81
N HIS B 236 -21.49 28.74 -59.75
CA HIS B 236 -21.01 29.13 -61.07
C HIS B 236 -22.15 29.79 -61.83
N ARG B 237 -21.95 31.02 -62.28
CA ARG B 237 -23.01 31.80 -62.93
C ARG B 237 -22.52 32.29 -64.28
N SER B 238 -23.39 32.22 -65.27
CA SER B 238 -23.07 32.63 -66.63
C SER B 238 -24.34 32.89 -67.44
N SER B 247 -31.88 32.21 -60.82
CA SER B 247 -31.86 30.82 -61.24
C SER B 247 -30.85 30.56 -62.37
N GLY B 248 -30.24 31.62 -62.90
CA GLY B 248 -29.26 31.47 -63.95
C GLY B 248 -27.89 31.08 -63.42
N TRP B 249 -27.74 29.81 -63.04
CA TRP B 249 -26.52 29.35 -62.39
C TRP B 249 -26.32 27.87 -62.66
N THR B 250 -25.09 27.42 -62.43
CA THR B 250 -24.73 26.00 -62.47
C THR B 250 -23.84 25.71 -61.28
N ALA B 251 -23.82 24.44 -60.88
CA ALA B 251 -23.06 23.97 -59.73
C ALA B 251 -22.09 22.89 -60.15
N GLY B 252 -20.81 23.09 -59.85
CA GLY B 252 -19.81 22.08 -60.11
C GLY B 252 -19.95 20.89 -59.18
N ALA B 253 -19.28 19.81 -59.56
CA ALA B 253 -19.33 18.57 -58.78
C ALA B 253 -18.52 18.74 -57.51
N ALA B 254 -19.21 18.74 -56.36
CA ALA B 254 -18.56 18.82 -55.07
C ALA B 254 -19.31 17.95 -54.08
N ALA B 255 -18.60 17.43 -53.08
CA ALA B 255 -19.17 16.51 -52.11
C ALA B 255 -18.63 16.80 -50.72
N TYR B 256 -19.53 16.88 -49.74
CA TYR B 256 -19.16 17.09 -48.35
C TYR B 256 -19.85 16.05 -47.46
N TYR B 257 -19.08 15.58 -46.49
CA TYR B 257 -19.42 14.51 -45.58
C TYR B 257 -19.52 15.14 -44.20
N VAL B 258 -20.56 14.78 -43.44
CA VAL B 258 -20.71 15.27 -42.07
C VAL B 258 -20.93 14.10 -41.13
N GLY B 259 -20.18 14.09 -40.02
CA GLY B 259 -20.25 13.05 -39.00
C GLY B 259 -20.19 13.60 -37.58
N TYR B 260 -21.17 13.26 -36.75
CA TYR B 260 -21.24 13.81 -35.40
C TYR B 260 -20.23 13.11 -34.48
N LEU B 261 -19.47 13.92 -33.75
CA LEU B 261 -18.54 13.40 -32.75
C LEU B 261 -19.30 12.80 -31.57
N GLN B 262 -18.65 11.86 -30.88
CA GLN B 262 -19.23 11.20 -29.71
C GLN B 262 -18.18 11.07 -28.63
N PRO B 263 -18.58 11.05 -27.34
CA PRO B 263 -17.57 10.86 -26.28
C PRO B 263 -17.07 9.43 -26.23
N ARG B 264 -15.82 9.21 -26.66
CA ARG B 264 -15.24 7.88 -26.72
C ARG B 264 -13.82 7.90 -26.19
N THR B 265 -13.34 6.71 -25.83
CA THR B 265 -11.97 6.48 -25.42
C THR B 265 -11.22 5.85 -26.58
N PHE B 266 -10.16 6.52 -27.04
CA PHE B 266 -9.34 6.08 -28.15
C PHE B 266 -7.94 5.72 -27.66
N LEU B 267 -7.24 4.94 -28.49
CA LEU B 267 -5.85 4.59 -28.27
C LEU B 267 -5.06 5.06 -29.48
N LEU B 268 -3.90 5.65 -29.25
CA LEU B 268 -3.12 6.33 -30.28
C LEU B 268 -1.70 5.79 -30.29
N LYS B 269 -1.11 5.65 -31.48
CA LYS B 269 0.26 5.18 -31.65
C LYS B 269 1.08 6.32 -32.23
N TYR B 270 1.98 6.87 -31.43
CA TYR B 270 2.93 7.88 -31.88
C TYR B 270 4.18 7.19 -32.38
N ASN B 271 4.49 7.37 -33.67
CA ASN B 271 5.67 6.76 -34.25
C ASN B 271 6.93 7.46 -33.72
N GLU B 272 8.09 6.95 -34.14
CA GLU B 272 9.35 7.48 -33.63
C GLU B 272 9.54 8.95 -34.00
N ASN B 273 8.94 9.40 -35.10
CA ASN B 273 9.00 10.81 -35.50
C ASN B 273 7.95 11.67 -34.82
N GLY B 274 7.08 11.09 -34.01
CA GLY B 274 6.13 11.87 -33.23
C GLY B 274 4.83 12.22 -33.93
N THR B 275 4.45 11.49 -34.97
CA THR B 275 3.18 11.68 -35.66
C THR B 275 2.32 10.44 -35.52
N ILE B 276 1.01 10.64 -35.36
CA ILE B 276 0.10 9.52 -35.18
C ILE B 276 -0.01 8.77 -36.50
N THR B 277 0.29 7.47 -36.47
CA THR B 277 0.21 6.60 -37.64
C THR B 277 -0.88 5.55 -37.53
N ASP B 278 -1.34 5.23 -36.32
CA ASP B 278 -2.40 4.25 -36.16
C ASP B 278 -3.13 4.52 -34.86
N ALA B 279 -4.35 3.99 -34.77
CA ALA B 279 -5.20 4.24 -33.62
C ALA B 279 -6.24 3.13 -33.52
N VAL B 280 -6.93 3.11 -32.38
CA VAL B 280 -7.95 2.12 -32.08
C VAL B 280 -9.12 2.83 -31.42
N ASP B 281 -10.33 2.48 -31.85
CA ASP B 281 -11.57 2.93 -31.23
C ASP B 281 -12.02 1.86 -30.25
N CYS B 282 -11.72 2.06 -28.98
CA CYS B 282 -12.25 1.18 -27.94
C CYS B 282 -13.77 1.23 -27.96
N ALA B 283 -14.38 0.07 -27.74
CA ALA B 283 -15.83 -0.19 -27.79
C ALA B 283 -16.38 -0.28 -29.22
N LEU B 284 -15.56 -0.14 -30.25
CA LEU B 284 -16.01 -0.45 -31.60
C LEU B 284 -16.45 -1.91 -31.70
N ASP B 285 -15.51 -2.82 -31.51
CA ASP B 285 -15.74 -4.26 -31.55
C ASP B 285 -14.87 -4.89 -30.48
N PRO B 286 -15.16 -6.15 -30.11
CA PRO B 286 -14.38 -6.78 -29.02
C PRO B 286 -12.87 -6.80 -29.24
N LEU B 287 -12.42 -7.00 -30.48
CA LEU B 287 -10.99 -7.02 -30.76
C LEU B 287 -10.35 -5.70 -30.39
N SER B 288 -10.98 -4.59 -30.78
CA SER B 288 -10.46 -3.28 -30.41
C SER B 288 -10.54 -3.07 -28.90
N GLU B 289 -11.57 -3.61 -28.25
CA GLU B 289 -11.66 -3.53 -26.80
C GLU B 289 -10.46 -4.20 -26.13
N THR B 290 -10.03 -5.35 -26.67
CA THR B 290 -8.90 -6.04 -26.09
C THR B 290 -7.59 -5.34 -26.41
N LYS B 291 -7.48 -4.77 -27.62
CA LYS B 291 -6.32 -3.92 -27.90
C LYS B 291 -6.26 -2.73 -26.96
N CYS B 292 -7.43 -2.24 -26.54
CA CYS B 292 -7.51 -1.13 -25.60
C CYS B 292 -7.03 -1.56 -24.22
N THR B 293 -7.56 -2.69 -23.73
CA THR B 293 -7.21 -3.16 -22.40
C THR B 293 -5.74 -3.54 -22.32
N LEU B 294 -5.25 -4.33 -23.28
CA LEU B 294 -3.86 -4.78 -23.28
C LEU B 294 -2.90 -3.62 -23.55
N LYS B 295 -3.38 -2.53 -24.15
CA LYS B 295 -2.55 -1.38 -24.49
C LYS B 295 -1.47 -1.74 -25.51
N SER B 296 -1.89 -2.39 -26.58
CA SER B 296 -1.04 -2.60 -27.75
C SER B 296 -1.94 -3.03 -28.91
N PHE B 297 -1.32 -3.44 -30.02
CA PHE B 297 -2.02 -3.79 -31.24
C PHE B 297 -1.94 -5.28 -31.56
N THR B 298 -0.74 -5.84 -31.61
CA THR B 298 -0.55 -7.23 -32.03
C THR B 298 -0.76 -8.15 -30.83
N VAL B 299 -2.04 -8.36 -30.51
CA VAL B 299 -2.39 -9.34 -29.49
C VAL B 299 -1.94 -10.72 -29.92
N GLU B 300 -1.49 -11.53 -28.96
CA GLU B 300 -1.09 -12.90 -29.20
C GLU B 300 -2.29 -13.83 -29.08
N LYS B 301 -2.10 -15.07 -29.53
CA LYS B 301 -3.15 -16.08 -29.43
C LYS B 301 -3.52 -16.30 -27.96
N GLY B 302 -4.81 -16.31 -27.67
CA GLY B 302 -5.24 -16.60 -26.32
C GLY B 302 -6.67 -16.15 -26.08
N ILE B 303 -7.01 -16.03 -24.80
CA ILE B 303 -8.29 -15.51 -24.34
C ILE B 303 -7.98 -14.43 -23.31
N TYR B 304 -8.65 -13.28 -23.45
CA TYR B 304 -8.38 -12.09 -22.64
C TYR B 304 -9.66 -11.59 -22.01
N GLN B 305 -9.64 -11.43 -20.68
CA GLN B 305 -10.72 -10.72 -20.02
C GLN B 305 -10.65 -9.25 -20.38
N THR B 306 -11.81 -8.58 -20.38
CA THR B 306 -11.83 -7.15 -20.62
C THR B 306 -12.97 -6.51 -19.85
N SER B 307 -12.84 -5.20 -19.63
CA SER B 307 -13.88 -4.41 -19.00
C SER B 307 -15.00 -4.22 -20.02
N ASN B 308 -15.97 -3.37 -19.68
CA ASN B 308 -17.18 -3.19 -20.49
C ASN B 308 -17.34 -1.71 -20.82
N PHE B 309 -16.71 -1.29 -21.91
CA PHE B 309 -17.00 -0.02 -22.56
C PHE B 309 -18.26 -0.05 -23.41
N ARG B 310 -19.01 -1.16 -23.40
CA ARG B 310 -20.05 -1.37 -24.40
C ARG B 310 -21.20 -0.39 -24.22
N VAL B 311 -21.86 -0.45 -23.07
CA VAL B 311 -23.11 0.28 -22.84
C VAL B 311 -22.79 1.62 -22.21
N GLN B 312 -23.42 2.67 -22.72
CA GLN B 312 -23.34 4.02 -22.19
C GLN B 312 -24.74 4.57 -22.01
N PRO B 313 -24.99 5.40 -20.99
CA PRO B 313 -26.34 5.98 -20.85
C PRO B 313 -26.65 6.94 -21.99
N THR B 314 -27.95 7.04 -22.29
CA THR B 314 -28.45 7.88 -23.37
C THR B 314 -29.50 8.89 -22.92
N GLU B 315 -30.24 8.61 -21.85
CA GLU B 315 -31.31 9.47 -21.37
C GLU B 315 -31.22 9.60 -19.86
N SER B 316 -31.87 10.64 -19.34
CA SER B 316 -31.89 10.94 -17.91
C SER B 316 -33.30 10.81 -17.37
N ILE B 317 -33.41 10.41 -16.11
CA ILE B 317 -34.67 10.24 -15.41
C ILE B 317 -34.63 11.05 -14.12
N VAL B 318 -35.68 11.84 -13.90
CA VAL B 318 -35.85 12.62 -12.67
C VAL B 318 -37.21 12.25 -12.10
N ARG B 319 -37.24 11.90 -10.82
CA ARG B 319 -38.46 11.45 -10.15
C ARG B 319 -38.44 11.99 -8.72
N PHE B 320 -39.13 13.10 -8.50
CA PHE B 320 -39.27 13.76 -7.22
C PHE B 320 -40.75 13.74 -6.81
N PRO B 321 -41.05 13.91 -5.51
CA PRO B 321 -42.45 13.77 -5.08
C PRO B 321 -43.37 14.86 -5.62
N ASN B 322 -44.65 14.76 -5.25
CA ASN B 322 -45.69 15.65 -5.78
C ASN B 322 -46.02 16.70 -4.72
N ILE B 323 -45.12 17.68 -4.61
CA ILE B 323 -45.31 18.84 -3.74
C ILE B 323 -45.07 20.08 -4.59
N THR B 324 -46.09 20.95 -4.66
CA THR B 324 -46.04 22.18 -5.42
C THR B 324 -46.23 23.43 -4.57
N ASN B 325 -46.36 23.29 -3.24
CA ASN B 325 -46.49 24.44 -2.38
C ASN B 325 -45.21 25.27 -2.41
N LEU B 326 -45.31 26.52 -2.86
CA LEU B 326 -44.16 27.40 -2.82
C LEU B 326 -43.76 27.62 -1.37
N CYS B 327 -42.46 27.64 -1.11
CA CYS B 327 -42.01 27.49 0.25
C CYS B 327 -42.18 28.79 1.05
N PRO B 328 -42.46 28.69 2.37
CA PRO B 328 -42.48 29.93 3.17
C PRO B 328 -41.08 30.50 3.38
N PHE B 329 -40.54 31.12 2.33
CA PHE B 329 -39.27 31.82 2.40
C PHE B 329 -39.45 33.32 2.56
N GLY B 330 -40.61 33.87 2.22
CA GLY B 330 -40.87 35.27 2.48
C GLY B 330 -40.89 35.57 3.97
N GLU B 331 -41.36 34.61 4.78
CA GLU B 331 -41.49 34.83 6.21
C GLU B 331 -40.15 34.83 6.93
N VAL B 332 -39.12 34.20 6.37
CA VAL B 332 -37.83 34.07 7.03
C VAL B 332 -36.84 35.07 6.43
N PHE B 333 -36.97 35.33 5.13
CA PHE B 333 -36.11 36.33 4.47
C PHE B 333 -36.73 37.72 4.55
N ASN B 334 -38.00 37.85 4.15
CA ASN B 334 -38.73 39.12 4.16
C ASN B 334 -39.51 39.30 5.46
N ALA B 335 -38.82 39.15 6.59
CA ALA B 335 -39.43 39.33 7.90
C ALA B 335 -39.26 40.77 8.35
N THR B 336 -40.31 41.32 8.98
CA THR B 336 -40.24 42.70 9.44
C THR B 336 -39.22 42.85 10.56
N ARG B 337 -39.17 41.89 11.48
CA ARG B 337 -38.25 41.91 12.63
C ARG B 337 -37.60 40.55 12.76
N PHE B 338 -36.27 40.54 12.65
CA PHE B 338 -35.50 39.36 13.00
C PHE B 338 -35.27 39.33 14.51
N ALA B 339 -34.85 38.16 15.00
CA ALA B 339 -34.68 37.94 16.42
C ALA B 339 -33.26 38.30 16.85
N SER B 340 -33.14 38.72 18.11
CA SER B 340 -31.83 38.96 18.70
C SER B 340 -31.00 37.68 18.69
N VAL B 341 -29.71 37.83 18.47
CA VAL B 341 -28.84 36.68 18.22
C VAL B 341 -28.85 35.72 19.39
N TYR B 342 -28.89 36.24 20.62
CA TYR B 342 -28.92 35.37 21.79
C TYR B 342 -30.20 34.54 21.86
N ALA B 343 -31.24 34.92 21.11
CA ALA B 343 -32.52 34.24 21.05
C ALA B 343 -32.89 33.96 19.61
N TRP B 344 -31.95 33.41 18.84
CA TRP B 344 -32.11 33.26 17.41
C TRP B 344 -33.32 32.40 17.09
N ASN B 345 -34.01 32.74 16.01
CA ASN B 345 -35.30 32.15 15.69
C ASN B 345 -35.11 30.96 14.77
N ARG B 346 -35.54 29.78 15.21
CA ARG B 346 -35.51 28.57 14.41
C ARG B 346 -36.89 28.30 13.82
N LYS B 347 -36.97 28.26 12.50
CA LYS B 347 -38.21 27.99 11.79
C LYS B 347 -38.11 26.61 11.13
N ARG B 348 -39.11 25.77 11.41
CA ARG B 348 -39.30 24.54 10.68
C ARG B 348 -39.79 24.84 9.27
N ILE B 349 -39.29 24.08 8.31
CA ILE B 349 -39.71 24.20 6.91
C ILE B 349 -40.04 22.80 6.40
N SER B 350 -41.20 22.66 5.77
CA SER B 350 -41.66 21.35 5.33
C SER B 350 -42.69 21.54 4.23
N ASN B 351 -42.88 20.49 3.44
CA ASN B 351 -43.84 20.47 2.35
C ASN B 351 -43.61 21.64 1.40
N CYS B 352 -42.39 21.70 0.87
CA CYS B 352 -41.95 22.79 0.01
C CYS B 352 -41.41 22.27 -1.32
N VAL B 353 -41.67 23.03 -2.37
CA VAL B 353 -40.81 23.00 -3.57
C VAL B 353 -39.80 24.13 -3.39
N ALA B 354 -38.73 23.81 -2.65
CA ALA B 354 -37.73 24.81 -2.32
C ALA B 354 -37.06 25.30 -3.60
N ASP B 355 -37.17 26.60 -3.85
CA ASP B 355 -36.84 27.16 -5.15
C ASP B 355 -35.32 27.30 -5.29
N TYR B 356 -34.90 28.07 -6.28
CA TYR B 356 -33.57 27.92 -6.87
C TYR B 356 -32.49 28.35 -5.87
N SER B 357 -31.23 28.25 -6.32
CA SER B 357 -30.06 28.15 -5.46
C SER B 357 -29.89 29.30 -4.47
N VAL B 358 -29.62 30.51 -4.97
CA VAL B 358 -29.27 31.64 -4.11
C VAL B 358 -30.49 32.44 -3.68
N LEU B 359 -31.66 32.20 -4.29
CA LEU B 359 -32.84 33.04 -4.10
C LEU B 359 -32.49 34.49 -4.41
N TYR B 360 -32.00 34.66 -5.64
CA TYR B 360 -31.58 35.95 -6.17
C TYR B 360 -32.74 36.69 -6.83
N ASN B 361 -33.76 36.97 -6.01
CA ASN B 361 -34.97 37.62 -6.51
C ASN B 361 -34.86 39.14 -6.44
N SER B 362 -34.73 39.68 -5.24
CA SER B 362 -34.45 41.11 -5.05
C SER B 362 -33.29 41.32 -4.08
N ALA B 363 -33.17 40.46 -3.08
CA ALA B 363 -32.16 40.62 -2.04
C ALA B 363 -30.80 40.14 -2.54
N SER B 364 -29.83 41.05 -2.56
CA SER B 364 -28.46 40.74 -2.94
C SER B 364 -27.70 40.30 -1.69
N PHE B 365 -27.27 39.05 -1.68
CA PHE B 365 -26.73 38.39 -0.48
C PHE B 365 -25.20 38.49 -0.49
N SER B 366 -24.65 39.08 0.57
CA SER B 366 -23.20 39.26 0.66
C SER B 366 -22.45 37.94 0.69
N THR B 367 -22.61 37.13 1.75
CA THR B 367 -21.86 35.89 1.89
C THR B 367 -22.81 34.71 1.75
N PHE B 368 -22.49 33.80 0.82
CA PHE B 368 -23.26 32.59 0.55
C PHE B 368 -22.24 31.46 0.35
N LYS B 369 -21.80 30.87 1.47
CA LYS B 369 -20.76 29.84 1.49
C LYS B 369 -21.36 28.58 2.07
N CYS B 370 -21.30 27.47 1.33
CA CYS B 370 -22.02 26.26 1.72
C CYS B 370 -21.11 25.09 2.04
N TYR B 371 -21.41 24.42 3.16
CA TYR B 371 -20.62 23.32 3.70
C TYR B 371 -21.38 22.02 3.46
N GLY B 372 -20.69 21.05 2.85
CA GLY B 372 -21.26 19.75 2.56
C GLY B 372 -22.03 19.70 1.26
N VAL B 373 -22.55 20.84 0.80
CA VAL B 373 -23.29 20.95 -0.44
C VAL B 373 -22.65 22.05 -1.26
N SER B 374 -22.32 21.76 -2.51
CA SER B 374 -21.93 22.83 -3.42
C SER B 374 -23.15 23.68 -3.76
N PRO B 375 -23.01 25.01 -3.85
CA PRO B 375 -24.18 25.83 -4.21
C PRO B 375 -24.82 25.44 -5.54
N THR B 376 -24.01 25.05 -6.53
CA THR B 376 -24.55 24.78 -7.86
C THR B 376 -25.56 23.64 -7.82
N LYS B 377 -25.23 22.58 -7.10
CA LYS B 377 -26.12 21.42 -6.99
C LYS B 377 -27.30 21.66 -6.06
N LEU B 378 -27.41 22.84 -5.44
CA LEU B 378 -28.40 23.03 -4.37
C LEU B 378 -29.83 22.83 -4.86
N ASN B 379 -30.09 23.02 -6.16
CA ASN B 379 -31.41 22.78 -6.69
C ASN B 379 -31.70 21.29 -6.85
N ASP B 380 -30.68 20.50 -7.19
CA ASP B 380 -30.88 19.13 -7.65
C ASP B 380 -31.32 18.17 -6.55
N LEU B 381 -31.30 18.58 -5.29
CA LEU B 381 -31.43 17.68 -4.15
C LEU B 381 -32.81 17.79 -3.51
N CYS B 382 -33.07 16.88 -2.59
CA CYS B 382 -34.24 16.91 -1.71
C CYS B 382 -33.74 16.74 -0.29
N PHE B 383 -34.06 17.70 0.58
CA PHE B 383 -33.50 17.76 1.92
C PHE B 383 -34.45 17.10 2.92
N THR B 384 -33.84 16.47 3.93
CA THR B 384 -34.64 15.70 4.90
C THR B 384 -35.24 16.60 5.96
N ASN B 385 -34.39 17.24 6.77
CA ASN B 385 -34.81 17.98 7.97
C ASN B 385 -34.19 19.38 7.89
N VAL B 386 -34.87 20.27 7.21
CA VAL B 386 -34.41 21.65 7.04
C VAL B 386 -34.84 22.47 8.24
N TYR B 387 -33.95 23.35 8.70
CA TYR B 387 -34.23 24.29 9.76
C TYR B 387 -33.58 25.62 9.42
N ALA B 388 -34.33 26.70 9.54
CA ALA B 388 -33.85 28.04 9.20
C ALA B 388 -33.59 28.81 10.48
N ASP B 389 -32.32 29.08 10.75
CA ASP B 389 -31.88 29.77 11.97
C ASP B 389 -31.59 31.21 11.58
N SER B 390 -32.47 32.12 11.98
CA SER B 390 -32.42 33.52 11.57
C SER B 390 -32.08 34.42 12.75
N PHE B 391 -31.29 35.46 12.47
CA PHE B 391 -30.95 36.46 13.48
C PHE B 391 -30.24 37.62 12.78
N VAL B 392 -29.83 38.60 13.59
CA VAL B 392 -29.10 39.78 13.14
C VAL B 392 -27.93 40.01 14.08
N ILE B 393 -26.77 40.36 13.52
CA ILE B 393 -25.61 40.72 14.35
C ILE B 393 -24.96 41.96 13.75
N ARG B 394 -23.84 42.39 14.30
CA ARG B 394 -23.14 43.57 13.78
C ARG B 394 -22.32 43.16 12.56
N GLY B 395 -21.44 44.05 12.11
CA GLY B 395 -20.74 43.84 10.86
C GLY B 395 -19.63 42.83 10.91
N ASP B 396 -18.57 43.15 11.66
CA ASP B 396 -17.36 42.34 11.64
C ASP B 396 -17.55 40.93 12.17
N GLU B 397 -18.64 40.67 12.89
CA GLU B 397 -18.85 39.37 13.51
C GLU B 397 -19.48 38.35 12.56
N VAL B 398 -19.85 38.73 11.34
CA VAL B 398 -20.46 37.80 10.40
C VAL B 398 -19.50 36.67 10.06
N ARG B 399 -18.19 36.91 10.14
CA ARG B 399 -17.23 35.84 9.89
C ARG B 399 -17.34 34.74 10.93
N GLN B 400 -17.84 35.05 12.13
CA GLN B 400 -17.91 34.05 13.19
C GLN B 400 -18.92 32.95 12.92
N ILE B 401 -19.84 33.13 11.97
CA ILE B 401 -20.90 32.15 11.71
C ILE B 401 -20.32 31.15 10.72
N ALA B 402 -19.59 30.18 11.25
CA ALA B 402 -19.03 29.09 10.46
C ALA B 402 -18.39 28.08 11.39
N PRO B 403 -18.16 26.85 10.93
CA PRO B 403 -17.53 25.85 11.80
C PRO B 403 -16.13 26.28 12.23
N GLY B 404 -15.79 25.95 13.47
CA GLY B 404 -14.46 26.19 14.00
C GLY B 404 -14.16 27.61 14.39
N GLN B 405 -15.08 28.55 14.14
CA GLN B 405 -14.87 29.92 14.53
C GLN B 405 -15.01 30.07 16.04
N THR B 406 -14.65 31.25 16.54
CA THR B 406 -14.84 31.58 17.95
C THR B 406 -14.88 33.09 18.07
N GLY B 407 -15.32 33.55 19.22
CA GLY B 407 -15.55 34.96 19.47
C GLY B 407 -16.82 35.14 20.25
N LYS B 408 -17.30 36.38 20.31
CA LYS B 408 -18.49 36.69 21.06
C LYS B 408 -19.67 35.84 20.58
N ILE B 409 -19.94 35.90 19.28
CA ILE B 409 -21.13 35.25 18.72
C ILE B 409 -21.00 33.74 18.79
N ALA B 410 -19.83 33.21 18.40
CA ALA B 410 -19.64 31.78 18.28
C ALA B 410 -19.25 31.12 19.60
N ASP B 411 -19.29 31.85 20.71
CA ASP B 411 -19.06 31.28 22.03
C ASP B 411 -20.19 31.51 23.02
N TYR B 412 -20.78 32.72 23.05
CA TYR B 412 -21.86 32.99 23.99
C TYR B 412 -23.25 32.98 23.38
N ASN B 413 -23.37 33.06 22.05
CA ASN B 413 -24.66 33.33 21.41
C ASN B 413 -25.14 32.22 20.50
N TYR B 414 -24.30 31.72 19.59
CA TYR B 414 -24.77 30.78 18.59
C TYR B 414 -23.57 30.02 18.02
N LYS B 415 -23.50 28.72 18.30
CA LYS B 415 -22.38 27.87 17.92
C LYS B 415 -22.83 26.87 16.87
N LEU B 416 -21.93 26.60 15.90
CA LEU B 416 -22.15 25.63 14.84
C LEU B 416 -21.29 24.38 15.07
N PRO B 417 -21.68 23.20 14.55
CA PRO B 417 -20.79 22.04 14.63
C PRO B 417 -19.81 21.98 13.47
N CYS B 418 -18.78 21.15 13.62
CA CYS B 418 -17.99 20.74 12.47
C CYS B 418 -18.81 19.90 11.50
N ASP B 419 -19.51 18.87 11.99
CA ASP B 419 -20.29 18.00 11.11
C ASP B 419 -21.60 18.70 10.70
N PHE B 420 -21.44 19.83 10.02
CA PHE B 420 -22.53 20.71 9.64
C PHE B 420 -22.71 20.64 8.13
N THR B 421 -23.92 20.34 7.69
CA THR B 421 -24.26 20.28 6.28
C THR B 421 -25.37 21.29 6.04
N GLY B 422 -25.07 22.34 5.31
CA GLY B 422 -25.97 23.46 5.16
C GLY B 422 -25.17 24.72 4.90
N CYS B 423 -25.87 25.85 4.89
CA CYS B 423 -25.15 27.09 4.56
C CYS B 423 -25.84 28.36 5.03
N VAL B 424 -25.12 29.46 4.84
CA VAL B 424 -25.21 30.68 5.63
C VAL B 424 -25.37 31.84 4.68
N ILE B 425 -26.58 32.40 4.60
CA ILE B 425 -26.86 33.57 3.80
C ILE B 425 -26.75 34.79 4.72
N ALA B 426 -25.81 35.68 4.41
CA ALA B 426 -25.61 36.90 5.19
C ALA B 426 -25.65 38.10 4.25
N TRP B 427 -26.39 39.12 4.65
CA TRP B 427 -26.53 40.32 3.84
C TRP B 427 -26.82 41.53 4.71
N ASN B 428 -26.28 42.68 4.30
CA ASN B 428 -26.43 43.91 5.06
C ASN B 428 -27.89 44.35 5.08
N SER B 429 -28.33 44.85 6.23
CA SER B 429 -29.67 45.42 6.39
C SER B 429 -29.61 46.68 7.24
N ASN B 430 -28.60 47.53 7.01
CA ASN B 430 -28.53 48.81 7.71
C ASN B 430 -29.75 49.68 7.39
N ASN B 431 -30.21 49.65 6.14
CA ASN B 431 -31.36 50.46 5.76
C ASN B 431 -32.65 50.09 6.50
N LEU B 432 -32.71 48.90 7.10
CA LEU B 432 -33.87 48.45 7.86
C LEU B 432 -33.55 48.28 9.34
N ASP B 433 -32.54 47.48 9.67
CA ASP B 433 -32.26 47.10 11.05
C ASP B 433 -31.46 48.15 11.82
N SER B 434 -31.32 49.37 11.28
CA SER B 434 -30.69 50.47 12.00
C SER B 434 -31.55 51.72 11.86
N LYS B 435 -31.69 52.46 12.97
CA LYS B 435 -32.43 53.72 12.99
C LYS B 435 -31.61 54.74 13.78
N VAL B 436 -31.92 56.02 13.55
CA VAL B 436 -31.22 57.09 14.25
C VAL B 436 -31.36 56.91 15.75
N GLY B 437 -30.26 57.18 16.47
CA GLY B 437 -30.19 56.89 17.88
C GLY B 437 -29.84 55.46 18.22
N GLY B 438 -29.76 54.57 17.23
CA GLY B 438 -29.39 53.19 17.45
C GLY B 438 -30.53 52.35 17.96
N ASN B 439 -30.71 51.17 17.39
CA ASN B 439 -31.75 50.25 17.83
C ASN B 439 -31.30 49.59 19.14
N TYR B 440 -32.09 49.77 20.19
CA TYR B 440 -31.87 49.11 21.47
C TYR B 440 -32.79 47.90 21.62
N ASN B 441 -33.05 47.21 20.51
CA ASN B 441 -33.82 45.97 20.49
C ASN B 441 -32.97 44.74 20.23
N TYR B 442 -31.85 44.88 19.53
CA TYR B 442 -30.98 43.77 19.18
C TYR B 442 -29.89 43.63 20.25
N LEU B 443 -29.89 42.51 20.95
CA LEU B 443 -29.02 42.27 22.09
C LEU B 443 -28.15 41.05 21.83
N TYR B 444 -27.01 41.00 22.53
CA TYR B 444 -26.10 39.87 22.48
C TYR B 444 -25.61 39.55 23.88
N ARG B 445 -25.31 38.27 24.11
CA ARG B 445 -24.90 37.81 25.42
C ARG B 445 -23.45 38.19 25.65
N LEU B 446 -23.23 39.19 26.50
CA LEU B 446 -21.89 39.72 26.71
C LEU B 446 -21.02 38.78 27.54
N PHE B 447 -21.62 38.09 28.52
CA PHE B 447 -20.88 37.24 29.44
C PHE B 447 -21.60 35.92 29.66
N ARG B 448 -20.83 34.84 29.69
CA ARG B 448 -21.31 33.53 30.11
C ARG B 448 -20.16 32.80 30.76
N LYS B 449 -20.46 32.00 31.79
CA LYS B 449 -19.42 31.29 32.51
C LYS B 449 -18.76 30.18 31.70
N SER B 450 -19.32 29.83 30.54
CA SER B 450 -18.70 28.86 29.65
C SER B 450 -19.27 29.07 28.25
N ASN B 451 -18.52 28.63 27.25
CA ASN B 451 -19.00 28.73 25.89
C ASN B 451 -20.14 27.72 25.66
N LEU B 452 -20.82 27.89 24.53
CA LEU B 452 -21.97 27.07 24.20
C LEU B 452 -21.55 25.77 23.55
N LYS B 453 -22.48 24.82 23.50
CA LYS B 453 -22.44 23.70 22.58
C LYS B 453 -23.13 24.09 21.28
N PRO B 454 -22.93 23.33 20.20
CA PRO B 454 -23.57 23.69 18.92
C PRO B 454 -25.09 23.69 19.02
N PHE B 455 -25.70 24.66 18.35
CA PHE B 455 -27.16 24.75 18.21
C PHE B 455 -27.86 24.81 19.58
N GLU B 456 -27.24 25.45 20.55
CA GLU B 456 -27.82 25.61 21.88
C GLU B 456 -28.16 27.08 22.09
N ARG B 457 -29.36 27.34 22.59
CA ARG B 457 -29.83 28.68 22.89
C ARG B 457 -29.67 28.97 24.37
N ASP B 458 -29.50 30.25 24.70
CA ASP B 458 -29.37 30.68 26.09
C ASP B 458 -30.04 32.04 26.22
N ILE B 459 -31.24 32.07 26.81
CA ILE B 459 -31.97 33.30 27.05
C ILE B 459 -32.03 33.64 28.55
N SER B 460 -31.14 33.06 29.35
CA SER B 460 -31.12 33.39 30.77
C SER B 460 -30.64 34.83 30.98
N THR B 461 -30.88 35.33 32.20
CA THR B 461 -30.52 36.70 32.54
C THR B 461 -29.86 36.80 33.92
N GLU B 462 -29.38 35.69 34.47
CA GLU B 462 -28.70 35.74 35.76
C GLU B 462 -27.44 36.59 35.67
N ILE B 463 -27.18 37.35 36.73
CA ILE B 463 -26.05 38.27 36.73
C ILE B 463 -24.76 37.47 36.74
N TYR B 464 -23.82 37.85 35.88
CA TYR B 464 -22.55 37.14 35.73
C TYR B 464 -21.55 37.69 36.74
N GLN B 465 -21.10 36.84 37.65
CA GLN B 465 -20.21 37.26 38.73
C GLN B 465 -18.78 37.30 38.17
N ALA B 466 -18.39 38.47 37.68
CA ALA B 466 -17.00 38.66 37.24
C ALA B 466 -16.04 38.48 38.40
N GLY B 467 -16.37 39.07 39.56
CA GLY B 467 -15.55 38.88 40.74
C GLY B 467 -15.87 37.58 41.45
N SER B 468 -15.02 37.23 42.41
CA SER B 468 -15.19 36.02 43.19
C SER B 468 -16.28 36.13 44.25
N THR B 469 -16.76 37.34 44.54
CA THR B 469 -17.78 37.55 45.57
C THR B 469 -19.15 37.57 44.92
N PRO B 470 -20.06 36.63 45.22
CA PRO B 470 -21.42 36.75 44.69
C PRO B 470 -22.10 38.01 45.17
N CYS B 471 -22.93 38.59 44.30
CA CYS B 471 -23.70 39.80 44.60
C CYS B 471 -25.20 39.54 44.53
N ASN B 472 -25.62 38.33 44.93
CA ASN B 472 -27.01 37.89 45.05
C ASN B 472 -27.91 38.32 43.89
N GLY B 473 -27.39 38.24 42.66
CA GLY B 473 -28.22 38.37 41.49
C GLY B 473 -28.62 39.77 41.08
N VAL B 474 -28.06 40.80 41.72
CA VAL B 474 -28.36 42.19 41.37
C VAL B 474 -27.12 42.79 40.70
N GLU B 475 -27.29 44.00 40.19
CA GLU B 475 -26.17 44.72 39.58
C GLU B 475 -25.31 45.38 40.67
N GLY B 476 -24.04 45.55 40.35
CA GLY B 476 -23.10 46.18 41.27
C GLY B 476 -21.69 46.20 40.73
N PHE B 477 -20.72 45.97 41.60
CA PHE B 477 -19.31 45.98 41.23
C PHE B 477 -18.85 44.55 41.00
N ASN B 478 -18.11 44.34 39.90
CA ASN B 478 -17.55 43.05 39.54
C ASN B 478 -18.62 41.98 39.32
N CYS B 479 -19.85 42.39 39.03
CA CYS B 479 -20.89 41.46 38.61
C CYS B 479 -21.85 42.21 37.70
N TYR B 480 -21.91 41.81 36.43
CA TYR B 480 -22.49 42.63 35.37
C TYR B 480 -23.67 41.91 34.72
N PHE B 481 -24.53 42.70 34.10
CA PHE B 481 -25.70 42.16 33.41
C PHE B 481 -25.23 41.40 32.17
N PRO B 482 -25.65 40.15 31.96
CA PRO B 482 -24.98 39.33 30.93
C PRO B 482 -25.29 39.76 29.51
N LEU B 483 -26.38 40.49 29.29
CA LEU B 483 -26.76 40.93 27.95
C LEU B 483 -26.31 42.37 27.74
N GLN B 484 -25.92 42.67 26.50
CA GLN B 484 -25.58 44.02 26.08
C GLN B 484 -26.29 44.33 24.77
N SER B 485 -26.86 45.53 24.68
CA SER B 485 -27.57 45.94 23.48
C SER B 485 -26.61 46.51 22.45
N TYR B 486 -26.82 46.12 21.20
CA TYR B 486 -26.06 46.69 20.09
C TYR B 486 -26.38 48.16 19.91
N GLY B 487 -25.41 48.90 19.37
CA GLY B 487 -25.65 50.24 18.86
C GLY B 487 -25.53 50.26 17.36
N PHE B 488 -26.66 50.38 16.65
CA PHE B 488 -26.70 50.37 15.19
C PHE B 488 -27.19 51.73 14.73
N GLN B 489 -26.27 52.70 14.66
CA GLN B 489 -26.61 53.97 14.05
C GLN B 489 -26.59 53.86 12.53
N PRO B 490 -27.44 54.61 11.81
CA PRO B 490 -27.46 54.49 10.35
C PRO B 490 -26.23 55.07 9.65
N THR B 491 -25.35 55.74 10.38
CA THR B 491 -24.17 56.41 9.85
C THR B 491 -22.94 56.03 10.65
N ASN B 492 -22.78 54.73 10.90
CA ASN B 492 -21.64 54.19 11.62
C ASN B 492 -20.95 53.17 10.71
N GLY B 493 -19.71 52.82 11.07
CA GLY B 493 -18.82 52.06 10.21
C GLY B 493 -19.39 50.76 9.67
N VAL B 494 -18.74 50.22 8.65
CA VAL B 494 -19.25 49.01 7.99
C VAL B 494 -19.24 47.84 8.95
N GLY B 495 -18.22 47.76 9.82
CA GLY B 495 -18.16 46.69 10.79
C GLY B 495 -19.19 46.78 11.90
N TYR B 496 -19.89 47.91 12.02
CA TYR B 496 -20.97 48.07 13.00
C TYR B 496 -22.36 48.09 12.37
N GLN B 497 -22.47 47.87 11.05
CA GLN B 497 -23.80 47.92 10.45
C GLN B 497 -24.52 46.58 10.68
N PRO B 498 -25.82 46.59 10.98
CA PRO B 498 -26.50 45.31 11.23
C PRO B 498 -26.57 44.45 9.98
N TYR B 499 -26.19 43.19 10.13
CA TYR B 499 -26.22 42.19 9.08
C TYR B 499 -27.25 41.14 9.44
N ARG B 500 -28.18 40.89 8.51
CA ARG B 500 -29.15 39.82 8.62
C ARG B 500 -28.50 38.51 8.19
N VAL B 501 -28.62 37.49 9.03
CA VAL B 501 -28.07 36.17 8.74
C VAL B 501 -29.17 35.15 8.89
N VAL B 502 -29.21 34.21 7.96
CA VAL B 502 -30.00 33.00 8.09
C VAL B 502 -29.08 31.82 7.80
N VAL B 503 -29.36 30.70 8.44
CA VAL B 503 -28.58 29.49 8.28
C VAL B 503 -29.55 28.35 8.01
N LEU B 504 -29.46 27.78 6.82
CA LEU B 504 -30.28 26.62 6.45
C LEU B 504 -29.47 25.38 6.80
N SER B 505 -29.95 24.62 7.78
CA SER B 505 -29.28 23.43 8.27
C SER B 505 -30.11 22.21 7.92
N PHE B 506 -29.50 21.23 7.26
CA PHE B 506 -30.21 20.03 6.83
C PHE B 506 -29.23 18.88 6.73
N GLU B 507 -29.76 17.70 6.39
CA GLU B 507 -28.99 16.48 6.24
C GLU B 507 -29.53 15.74 5.03
N LEU B 508 -28.63 15.18 4.22
CA LEU B 508 -28.94 14.78 2.85
C LEU B 508 -29.03 13.27 2.71
N LEU B 509 -30.13 12.81 2.12
CA LEU B 509 -30.24 11.46 1.52
C LEU B 509 -30.02 10.36 2.55
N HIS B 510 -30.69 10.49 3.70
CA HIS B 510 -30.72 9.43 4.70
C HIS B 510 -32.08 9.22 5.36
N ALA B 511 -33.06 10.07 5.09
CA ALA B 511 -34.38 10.01 5.75
C ALA B 511 -35.45 10.40 4.75
N PRO B 512 -36.73 10.17 5.03
CA PRO B 512 -37.78 10.57 4.08
C PRO B 512 -37.74 12.07 3.82
N ALA B 513 -37.47 12.43 2.57
CA ALA B 513 -37.47 13.84 2.18
C ALA B 513 -38.88 14.39 2.17
N THR B 514 -39.00 15.65 2.59
CA THR B 514 -40.24 16.41 2.48
C THR B 514 -40.09 17.68 1.66
N VAL B 515 -38.92 18.32 1.72
CA VAL B 515 -38.59 19.45 0.86
C VAL B 515 -37.97 18.91 -0.42
N CYS B 516 -38.42 19.43 -1.57
CA CYS B 516 -37.92 19.02 -2.87
C CYS B 516 -37.46 20.24 -3.65
N GLY B 517 -36.52 20.01 -4.58
CA GLY B 517 -36.01 21.07 -5.39
C GLY B 517 -36.99 21.49 -6.48
N PRO B 518 -36.58 22.47 -7.29
CA PRO B 518 -37.47 22.99 -8.33
C PRO B 518 -37.63 22.10 -9.55
N LYS B 519 -36.90 21.00 -9.64
CA LYS B 519 -36.90 20.19 -10.86
C LYS B 519 -38.26 19.53 -11.07
N LYS B 520 -38.71 19.51 -12.32
CA LYS B 520 -39.93 18.82 -12.69
C LYS B 520 -39.65 17.34 -12.92
N SER B 521 -40.56 16.51 -12.41
CA SER B 521 -40.37 15.07 -12.52
C SER B 521 -40.58 14.60 -13.95
N THR B 522 -40.12 13.38 -14.23
CA THR B 522 -40.40 12.67 -15.47
C THR B 522 -40.99 11.30 -15.16
N ASN B 523 -41.14 10.46 -16.18
CA ASN B 523 -41.61 9.10 -16.02
C ASN B 523 -40.41 8.16 -16.15
N LEU B 524 -40.22 7.31 -15.14
CA LEU B 524 -39.08 6.41 -15.13
C LEU B 524 -39.15 5.40 -16.27
N VAL B 525 -37.99 5.13 -16.87
CA VAL B 525 -37.83 4.12 -17.90
C VAL B 525 -37.28 2.88 -17.21
N LYS B 526 -38.10 1.83 -17.13
CA LYS B 526 -37.75 0.65 -16.35
C LYS B 526 -37.06 -0.40 -17.22
N ASN B 527 -36.39 -1.34 -16.55
CA ASN B 527 -35.69 -2.45 -17.18
C ASN B 527 -34.72 -1.96 -18.24
N LYS B 528 -34.05 -0.84 -17.93
CA LYS B 528 -33.11 -0.17 -18.80
C LYS B 528 -32.46 0.91 -17.97
N CYS B 529 -31.15 1.13 -18.17
CA CYS B 529 -30.37 1.93 -17.23
C CYS B 529 -30.24 3.36 -17.72
N VAL B 530 -30.47 4.29 -16.79
CA VAL B 530 -30.67 5.70 -17.03
C VAL B 530 -29.79 6.46 -16.05
N ASN B 531 -29.88 7.79 -16.08
CA ASN B 531 -29.32 8.62 -15.03
C ASN B 531 -30.43 9.02 -14.06
N PHE B 532 -30.84 8.02 -13.28
CA PHE B 532 -31.97 8.17 -12.36
C PHE B 532 -31.70 9.29 -11.35
N ASN B 533 -32.78 9.70 -10.68
CA ASN B 533 -32.66 10.69 -9.61
C ASN B 533 -33.83 10.46 -8.66
N PHE B 534 -33.55 9.77 -7.55
CA PHE B 534 -34.54 9.44 -6.53
C PHE B 534 -34.26 10.32 -5.32
N ASN B 535 -34.96 11.45 -5.24
CA ASN B 535 -34.90 12.37 -4.11
C ASN B 535 -33.48 12.92 -3.90
N GLY B 536 -32.68 12.98 -4.96
CA GLY B 536 -31.40 13.67 -4.93
C GLY B 536 -30.21 12.89 -5.44
N LEU B 537 -30.17 11.59 -5.17
CA LEU B 537 -29.00 10.79 -5.55
C LEU B 537 -28.87 10.74 -7.06
N THR B 538 -27.63 10.70 -7.54
CA THR B 538 -27.32 10.68 -8.96
C THR B 538 -26.43 9.47 -9.25
N GLY B 539 -26.98 8.49 -9.96
CA GLY B 539 -26.24 7.29 -10.30
C GLY B 539 -26.57 6.75 -11.68
N THR B 540 -26.32 5.46 -11.90
CA THR B 540 -26.63 4.81 -13.16
C THR B 540 -26.86 3.33 -12.90
N GLY B 541 -27.95 2.79 -13.43
CA GLY B 541 -28.28 1.40 -13.17
C GLY B 541 -29.73 1.04 -13.42
N VAL B 542 -29.97 -0.19 -13.88
CA VAL B 542 -31.33 -0.66 -14.06
C VAL B 542 -32.03 -0.75 -12.70
N LEU B 543 -33.35 -0.53 -12.73
CA LEU B 543 -34.23 -0.60 -11.58
C LEU B 543 -35.10 -1.85 -11.71
N THR B 544 -35.65 -2.29 -10.57
CA THR B 544 -36.51 -3.47 -10.57
C THR B 544 -37.41 -3.38 -9.34
N GLU B 545 -38.51 -4.13 -9.39
CA GLU B 545 -39.42 -4.17 -8.25
C GLU B 545 -38.84 -5.00 -7.12
N SER B 546 -39.40 -4.83 -5.93
CA SER B 546 -38.94 -5.53 -4.75
C SER B 546 -40.09 -5.64 -3.76
N ASN B 547 -39.89 -6.46 -2.73
CA ASN B 547 -40.92 -6.76 -1.74
C ASN B 547 -40.34 -6.72 -0.33
N LYS B 548 -39.42 -5.79 -0.09
CA LYS B 548 -38.86 -5.62 1.25
C LYS B 548 -39.81 -4.80 2.12
N LYS B 549 -39.78 -5.08 3.42
CA LYS B 549 -40.70 -4.48 4.38
C LYS B 549 -40.00 -3.29 5.04
N PHE B 550 -40.15 -2.12 4.42
CA PHE B 550 -39.57 -0.89 4.95
C PHE B 550 -40.40 -0.37 6.12
N LEU B 551 -39.73 0.00 7.20
CA LEU B 551 -40.40 0.69 8.29
C LEU B 551 -40.80 2.09 7.82
N PRO B 552 -41.86 2.66 8.41
CA PRO B 552 -42.34 3.98 7.92
C PRO B 552 -41.31 5.08 7.99
N PHE B 553 -40.48 5.11 9.04
CA PHE B 553 -39.49 6.17 9.21
C PHE B 553 -38.24 5.96 8.34
N GLN B 554 -38.12 4.82 7.67
CA GLN B 554 -36.99 4.53 6.79
C GLN B 554 -37.40 4.73 5.34
N GLN B 555 -36.48 5.30 4.55
CA GLN B 555 -36.71 5.57 3.14
C GLN B 555 -35.66 5.00 2.22
N PHE B 556 -34.47 4.67 2.71
CA PHE B 556 -33.40 4.07 1.92
C PHE B 556 -33.06 2.70 2.51
N GLY B 557 -32.36 1.90 1.72
CA GLY B 557 -31.87 0.61 2.17
C GLY B 557 -30.53 0.28 1.55
N ARG B 558 -29.54 -0.01 2.39
CA ARG B 558 -28.16 -0.17 1.97
C ARG B 558 -27.71 -1.61 2.21
N ASP B 559 -26.88 -2.12 1.29
CA ASP B 559 -26.38 -3.48 1.36
C ASP B 559 -25.07 -3.51 2.16
N ILE B 560 -24.35 -4.63 2.07
CA ILE B 560 -23.10 -4.77 2.81
C ILE B 560 -22.07 -3.78 2.28
N ALA B 561 -22.10 -3.50 0.97
CA ALA B 561 -21.13 -2.61 0.36
C ALA B 561 -21.40 -1.14 0.68
N ASP B 562 -22.50 -0.81 1.35
CA ASP B 562 -22.92 0.52 1.81
C ASP B 562 -23.53 1.28 0.63
N THR B 563 -23.70 0.67 -0.54
CA THR B 563 -24.38 1.34 -1.65
C THR B 563 -25.87 1.04 -1.56
N THR B 564 -26.66 1.75 -2.36
CA THR B 564 -28.11 1.64 -2.30
C THR B 564 -28.55 0.37 -3.01
N ASP B 565 -29.26 -0.51 -2.28
CA ASP B 565 -29.86 -1.70 -2.84
C ASP B 565 -31.37 -1.74 -2.67
N ALA B 566 -31.96 -0.77 -1.96
CA ALA B 566 -33.40 -0.66 -1.87
C ALA B 566 -33.78 0.81 -1.77
N VAL B 567 -34.82 1.19 -2.52
CA VAL B 567 -35.28 2.57 -2.57
C VAL B 567 -36.80 2.57 -2.60
N ARG B 568 -37.37 3.69 -2.15
CA ARG B 568 -38.81 3.91 -2.18
C ARG B 568 -39.09 5.06 -3.15
N ASP B 569 -39.95 4.81 -4.13
CA ASP B 569 -40.25 5.85 -5.10
C ASP B 569 -41.05 6.97 -4.41
N PRO B 570 -40.73 8.25 -4.69
CA PRO B 570 -41.41 9.32 -3.95
C PRO B 570 -42.91 9.41 -4.25
N GLN B 571 -43.27 9.54 -5.53
CA GLN B 571 -44.67 9.73 -5.88
C GLN B 571 -45.50 8.48 -5.55
N THR B 572 -45.04 7.32 -6.00
CA THR B 572 -45.73 6.05 -5.80
C THR B 572 -45.11 5.34 -4.60
N LEU B 573 -45.93 5.05 -3.59
CA LEU B 573 -45.43 4.41 -2.38
C LEU B 573 -45.25 2.92 -2.68
N GLU B 574 -43.99 2.53 -2.85
CA GLU B 574 -43.63 1.16 -3.20
C GLU B 574 -42.13 0.99 -2.98
N ILE B 575 -41.71 -0.26 -2.76
CA ILE B 575 -40.32 -0.60 -2.47
C ILE B 575 -39.72 -1.27 -3.68
N LEU B 576 -38.56 -0.78 -4.12
CA LEU B 576 -37.87 -1.26 -5.31
C LEU B 576 -36.43 -1.59 -4.95
N ASP B 577 -35.70 -2.18 -5.90
CA ASP B 577 -34.28 -2.46 -5.77
C ASP B 577 -33.57 -2.10 -7.05
N ILE B 578 -32.24 -1.94 -6.96
CA ILE B 578 -31.42 -1.40 -8.04
C ILE B 578 -30.31 -2.40 -8.34
N THR B 579 -29.94 -2.49 -9.61
CA THR B 579 -28.78 -3.25 -10.06
C THR B 579 -28.06 -2.41 -11.11
N PRO B 580 -26.78 -2.67 -11.35
CA PRO B 580 -26.07 -1.96 -12.41
C PRO B 580 -26.47 -2.50 -13.77
N CYS B 581 -25.89 -1.91 -14.83
CA CYS B 581 -26.15 -2.35 -16.19
C CYS B 581 -24.86 -2.63 -16.95
N SER B 582 -23.81 -1.88 -16.66
CA SER B 582 -22.48 -2.34 -17.03
C SER B 582 -22.13 -3.43 -16.04
N PHE B 583 -22.50 -4.68 -16.36
CA PHE B 583 -22.21 -5.82 -15.51
C PHE B 583 -21.73 -6.97 -16.38
N GLY B 584 -21.29 -8.04 -15.73
CA GLY B 584 -20.86 -9.22 -16.43
C GLY B 584 -19.47 -9.08 -17.01
N GLY B 585 -18.64 -10.10 -16.82
CA GLY B 585 -17.36 -10.12 -17.48
C GLY B 585 -17.51 -10.49 -18.95
N VAL B 586 -16.53 -10.06 -19.74
CA VAL B 586 -16.50 -10.35 -21.18
C VAL B 586 -15.10 -10.82 -21.51
N SER B 587 -14.99 -12.07 -21.98
CA SER B 587 -13.74 -12.62 -22.44
C SER B 587 -13.74 -12.67 -23.96
N VAL B 588 -12.60 -12.38 -24.56
CA VAL B 588 -12.46 -12.34 -26.01
C VAL B 588 -11.38 -13.34 -26.39
N ILE B 589 -11.71 -14.21 -27.34
CA ILE B 589 -10.84 -15.29 -27.79
C ILE B 589 -10.31 -14.87 -29.15
N THR B 590 -8.98 -14.87 -29.29
CA THR B 590 -8.33 -14.43 -30.52
C THR B 590 -7.25 -15.44 -30.89
N PRO B 591 -7.19 -15.90 -32.14
CA PRO B 591 -5.90 -16.32 -32.68
C PRO B 591 -4.98 -15.11 -32.81
N GLY B 592 -3.69 -15.37 -32.70
CA GLY B 592 -2.72 -14.28 -32.71
C GLY B 592 -2.77 -13.45 -33.97
N THR B 593 -3.11 -12.16 -33.84
CA THR B 593 -3.02 -11.25 -34.97
C THR B 593 -1.62 -11.31 -35.55
N ASN B 594 -1.53 -11.20 -36.88
CA ASN B 594 -0.56 -11.85 -37.79
C ASN B 594 -1.03 -13.23 -38.22
N THR B 595 -2.20 -13.70 -37.77
CA THR B 595 -2.79 -14.94 -38.28
C THR B 595 -4.22 -14.69 -38.76
N SER B 596 -4.93 -13.77 -38.14
CA SER B 596 -6.29 -13.44 -38.53
C SER B 596 -6.74 -12.21 -37.73
N ASN B 597 -7.99 -11.81 -37.97
CA ASN B 597 -8.66 -10.83 -37.14
C ASN B 597 -10.03 -11.32 -36.65
N GLN B 598 -10.42 -12.55 -36.98
CA GLN B 598 -11.62 -13.12 -36.40
C GLN B 598 -11.42 -13.32 -34.90
N VAL B 599 -12.52 -13.26 -34.16
CA VAL B 599 -12.50 -13.47 -32.72
C VAL B 599 -13.78 -14.19 -32.32
N ALA B 600 -13.86 -14.52 -31.04
CA ALA B 600 -15.08 -15.01 -30.41
C ALA B 600 -15.23 -14.31 -29.06
N VAL B 601 -16.44 -14.32 -28.52
CA VAL B 601 -16.77 -13.58 -27.31
C VAL B 601 -17.50 -14.51 -26.36
N LEU B 602 -17.01 -14.60 -25.13
CA LEU B 602 -17.64 -15.36 -24.06
C LEU B 602 -18.22 -14.38 -23.05
N TYR B 603 -19.50 -14.57 -22.75
CA TYR B 603 -20.22 -13.81 -21.74
C TYR B 603 -20.41 -14.73 -20.54
N GLN B 604 -19.82 -14.34 -19.41
CA GLN B 604 -19.75 -15.23 -18.25
C GLN B 604 -21.11 -15.40 -17.59
N ASP B 605 -21.48 -16.65 -17.33
CA ASP B 605 -22.61 -17.02 -16.47
C ASP B 605 -23.96 -16.46 -16.96
N VAL B 606 -24.05 -15.99 -18.20
CA VAL B 606 -25.33 -15.52 -18.73
C VAL B 606 -26.08 -16.71 -19.31
N ASN B 607 -27.37 -16.52 -19.57
CA ASN B 607 -28.26 -17.53 -20.12
C ASN B 607 -28.73 -16.98 -21.47
N CYS B 608 -28.05 -17.35 -22.54
CA CYS B 608 -28.15 -16.59 -23.78
C CYS B 608 -29.39 -16.89 -24.59
N THR B 609 -30.41 -17.50 -23.98
CA THR B 609 -31.76 -17.21 -24.42
C THR B 609 -32.16 -15.78 -24.07
N GLU B 610 -31.44 -15.15 -23.12
CA GLU B 610 -31.65 -13.76 -22.73
C GLU B 610 -30.30 -13.05 -22.51
N VAL B 611 -29.34 -13.26 -23.39
CA VAL B 611 -28.10 -12.48 -23.37
C VAL B 611 -28.28 -11.07 -23.95
N PRO B 612 -29.07 -10.83 -25.02
CA PRO B 612 -29.11 -9.45 -25.55
C PRO B 612 -29.65 -8.44 -24.55
N VAL B 613 -30.53 -8.87 -23.63
CA VAL B 613 -30.96 -7.99 -22.57
C VAL B 613 -29.87 -7.80 -21.52
N ALA B 614 -28.90 -8.71 -21.44
CA ALA B 614 -27.78 -8.57 -20.53
C ALA B 614 -26.66 -7.73 -21.13
N ILE B 615 -26.40 -7.87 -22.43
CA ILE B 615 -25.50 -6.94 -23.11
C ILE B 615 -26.15 -5.58 -23.27
N HIS B 616 -27.48 -5.49 -23.16
CA HIS B 616 -28.24 -4.31 -23.55
C HIS B 616 -28.02 -4.02 -25.03
N ALA B 617 -28.50 -4.96 -25.85
CA ALA B 617 -28.40 -4.88 -27.31
C ALA B 617 -29.63 -4.20 -27.90
N ASP B 618 -29.99 -3.04 -27.34
CA ASP B 618 -30.91 -2.10 -27.96
C ASP B 618 -30.28 -0.71 -28.08
N GLN B 619 -28.95 -0.62 -28.05
CA GLN B 619 -28.26 0.66 -28.13
C GLN B 619 -26.93 0.55 -28.88
N LEU B 620 -25.93 -0.13 -28.31
CA LEU B 620 -24.59 -0.21 -28.89
C LEU B 620 -24.61 -0.55 -30.38
N THR B 621 -23.55 -0.11 -31.07
CA THR B 621 -23.31 -0.32 -32.49
C THR B 621 -23.62 -1.75 -32.95
N PRO B 622 -24.11 -1.96 -34.18
CA PRO B 622 -24.39 -3.35 -34.62
C PRO B 622 -23.17 -4.26 -34.61
N THR B 623 -21.97 -3.70 -34.76
CA THR B 623 -20.76 -4.53 -34.76
C THR B 623 -20.59 -5.31 -33.46
N TRP B 624 -21.20 -4.86 -32.37
CA TRP B 624 -21.32 -5.66 -31.15
C TRP B 624 -22.58 -6.52 -31.16
N ARG B 625 -23.67 -6.02 -31.73
CA ARG B 625 -24.94 -6.75 -31.69
C ARG B 625 -24.88 -8.02 -32.54
N VAL B 626 -24.02 -8.06 -33.56
CA VAL B 626 -23.77 -9.32 -34.27
C VAL B 626 -23.23 -10.37 -33.30
N TYR B 627 -22.43 -9.95 -32.33
CA TYR B 627 -21.90 -10.83 -31.30
C TYR B 627 -22.85 -11.02 -30.12
N SER B 628 -24.01 -10.36 -30.13
CA SER B 628 -25.06 -10.60 -29.14
C SER B 628 -25.98 -11.74 -29.56
N THR B 629 -26.21 -11.91 -30.85
CA THR B 629 -27.07 -12.96 -31.37
C THR B 629 -26.58 -13.36 -32.75
N GLY B 630 -26.67 -14.64 -33.07
CA GLY B 630 -26.23 -15.12 -34.36
C GLY B 630 -26.50 -16.60 -34.49
N SER B 631 -26.04 -17.15 -35.61
CA SER B 631 -26.12 -18.60 -35.80
C SER B 631 -25.17 -19.34 -34.86
N ASN B 632 -23.96 -18.80 -34.66
CA ASN B 632 -22.94 -19.44 -33.85
C ASN B 632 -23.10 -19.00 -32.40
N VAL B 633 -24.06 -19.61 -31.72
CA VAL B 633 -24.24 -19.48 -30.27
C VAL B 633 -23.97 -20.84 -29.64
N PHE B 634 -23.34 -20.83 -28.46
CA PHE B 634 -23.03 -22.08 -27.77
C PHE B 634 -23.07 -21.84 -26.26
N GLN B 635 -23.95 -22.56 -25.57
CA GLN B 635 -24.16 -22.38 -24.14
C GLN B 635 -23.27 -23.38 -23.38
N THR B 636 -22.08 -22.92 -23.01
CA THR B 636 -21.19 -23.67 -22.13
C THR B 636 -21.54 -23.38 -20.67
N ARG B 637 -21.10 -24.28 -19.79
CA ARG B 637 -21.30 -24.06 -18.36
C ARG B 637 -20.54 -22.85 -17.85
N ALA B 638 -19.55 -22.35 -18.60
CA ALA B 638 -18.85 -21.13 -18.25
C ALA B 638 -19.60 -19.88 -18.67
N GLY B 639 -20.71 -20.00 -19.41
CA GLY B 639 -21.44 -18.90 -19.99
C GLY B 639 -21.71 -19.19 -21.45
N CYS B 640 -21.98 -18.13 -22.22
CA CYS B 640 -22.34 -18.28 -23.62
C CYS B 640 -21.24 -17.75 -24.53
N LEU B 641 -20.98 -18.49 -25.60
CA LEU B 641 -19.92 -18.20 -26.56
C LEU B 641 -20.56 -17.85 -27.90
N ILE B 642 -20.08 -16.76 -28.51
CA ILE B 642 -20.63 -16.22 -29.74
C ILE B 642 -19.46 -15.99 -30.69
N GLY B 643 -19.62 -16.45 -31.93
CA GLY B 643 -18.60 -16.28 -32.95
C GLY B 643 -17.77 -17.50 -33.25
N ALA B 644 -18.16 -18.68 -32.74
CA ALA B 644 -17.42 -19.91 -32.98
C ALA B 644 -18.40 -21.06 -33.01
N GLU B 645 -18.17 -22.01 -33.92
CA GLU B 645 -19.08 -23.12 -34.12
C GLU B 645 -18.72 -24.27 -33.20
N HIS B 646 -19.74 -24.94 -32.66
CA HIS B 646 -19.52 -26.05 -31.77
C HIS B 646 -19.28 -27.32 -32.57
N VAL B 647 -18.18 -28.00 -32.29
CA VAL B 647 -17.73 -29.16 -33.04
C VAL B 647 -17.78 -30.37 -32.12
N ASN B 648 -18.31 -31.48 -32.63
CA ASN B 648 -18.50 -32.68 -31.83
C ASN B 648 -17.22 -33.49 -31.63
N ASN B 649 -16.13 -33.14 -32.31
CA ASN B 649 -14.86 -33.84 -32.13
C ASN B 649 -14.25 -33.43 -30.79
N SER B 650 -13.02 -33.86 -30.55
CA SER B 650 -12.30 -33.49 -29.34
C SER B 650 -10.81 -33.62 -29.63
N TYR B 651 -10.06 -32.54 -29.40
CA TYR B 651 -8.63 -32.51 -29.65
C TYR B 651 -7.92 -31.92 -28.45
N GLU B 652 -6.62 -32.19 -28.36
CA GLU B 652 -5.78 -31.39 -27.47
C GLU B 652 -5.85 -29.95 -27.95
N CYS B 653 -6.01 -29.01 -27.02
CA CYS B 653 -6.51 -27.69 -27.38
C CYS B 653 -5.47 -26.62 -27.18
N ASP B 654 -5.58 -25.56 -27.99
CA ASP B 654 -4.68 -24.43 -27.97
C ASP B 654 -5.12 -23.41 -26.93
N ILE B 655 -6.35 -22.92 -27.04
CA ILE B 655 -6.86 -21.81 -26.25
C ILE B 655 -7.87 -22.37 -25.26
N PRO B 656 -7.60 -22.35 -23.94
CA PRO B 656 -8.65 -22.76 -23.00
C PRO B 656 -9.74 -21.72 -22.89
N ILE B 657 -10.97 -22.20 -22.71
CA ILE B 657 -12.14 -21.35 -22.43
C ILE B 657 -12.60 -21.53 -21.00
N GLY B 658 -12.92 -22.76 -20.62
CA GLY B 658 -13.43 -23.03 -19.29
C GLY B 658 -14.48 -24.13 -19.30
N ALA B 659 -14.67 -24.75 -18.14
CA ALA B 659 -15.68 -25.79 -17.93
C ALA B 659 -15.50 -26.93 -18.93
N GLY B 660 -14.26 -27.26 -19.21
CA GLY B 660 -13.94 -28.34 -20.13
C GLY B 660 -13.99 -27.95 -21.60
N ILE B 661 -14.25 -26.68 -21.90
CA ILE B 661 -14.36 -26.21 -23.28
C ILE B 661 -13.08 -25.46 -23.62
N CYS B 662 -12.60 -25.70 -24.83
CA CYS B 662 -11.48 -24.97 -25.41
C CYS B 662 -11.91 -24.47 -26.78
N ALA B 663 -11.03 -23.71 -27.43
CA ALA B 663 -11.30 -23.19 -28.76
C ALA B 663 -9.99 -23.17 -29.55
N SER B 664 -10.12 -23.15 -30.87
CA SER B 664 -8.97 -23.08 -31.75
C SER B 664 -9.38 -22.47 -33.08
N TYR B 665 -8.37 -22.05 -33.85
CA TYR B 665 -8.55 -21.45 -35.17
C TYR B 665 -8.08 -22.46 -36.20
N GLN B 666 -9.03 -23.13 -36.87
CA GLN B 666 -8.73 -24.26 -37.74
C GLN B 666 -8.91 -23.88 -39.20
N THR B 667 -8.30 -24.71 -40.05
CA THR B 667 -8.25 -24.54 -41.49
C THR B 667 -9.08 -25.60 -42.20
N SER B 676 -12.75 -24.47 -44.74
CA SER B 676 -13.16 -24.49 -43.34
C SER B 676 -12.20 -23.65 -42.51
N GLN B 677 -12.18 -22.34 -42.78
CA GLN B 677 -11.27 -21.40 -42.14
C GLN B 677 -12.08 -20.64 -41.10
N SER B 678 -11.98 -21.04 -39.84
CA SER B 678 -12.79 -20.37 -38.82
C SER B 678 -12.37 -20.84 -37.44
N ILE B 679 -13.02 -20.27 -36.42
CA ILE B 679 -12.85 -20.65 -35.02
C ILE B 679 -13.82 -21.78 -34.71
N ILE B 680 -13.34 -22.76 -33.93
CA ILE B 680 -14.13 -23.90 -33.47
C ILE B 680 -14.00 -23.96 -31.96
N ALA B 681 -15.08 -24.39 -31.30
CA ALA B 681 -15.13 -24.58 -29.86
C ALA B 681 -15.52 -26.02 -29.59
N TYR B 682 -14.87 -26.65 -28.62
CA TYR B 682 -15.09 -28.07 -28.40
C TYR B 682 -14.68 -28.47 -26.99
N THR B 683 -15.17 -29.63 -26.57
CA THR B 683 -14.66 -30.26 -25.36
C THR B 683 -13.29 -30.85 -25.66
N MET B 684 -12.33 -30.63 -24.76
CA MET B 684 -10.98 -31.10 -25.01
C MET B 684 -10.94 -32.63 -24.97
N SER B 685 -9.85 -33.18 -25.49
CA SER B 685 -9.56 -34.60 -25.39
C SER B 685 -8.55 -34.80 -24.27
N LEU B 686 -8.92 -35.57 -23.26
CA LEU B 686 -8.00 -35.85 -22.16
C LEU B 686 -6.78 -36.60 -22.65
N GLY B 687 -6.94 -37.42 -23.67
CA GLY B 687 -5.85 -38.19 -24.22
C GLY B 687 -6.40 -39.37 -25.00
N ALA B 688 -5.47 -40.13 -25.56
CA ALA B 688 -5.87 -41.30 -26.34
C ALA B 688 -6.54 -42.32 -25.45
N GLU B 689 -7.73 -42.77 -25.87
CA GLU B 689 -8.40 -43.83 -25.14
C GLU B 689 -7.59 -45.11 -25.22
N ASN B 690 -7.59 -45.87 -24.13
CA ASN B 690 -6.77 -47.08 -24.07
C ASN B 690 -7.38 -48.03 -23.05
N SER B 691 -6.94 -49.28 -23.11
CA SER B 691 -7.47 -50.33 -22.24
C SER B 691 -6.42 -51.42 -22.14
N VAL B 692 -5.98 -51.72 -20.93
CA VAL B 692 -4.99 -52.76 -20.70
C VAL B 692 -5.73 -54.07 -20.50
N ALA B 693 -5.31 -55.09 -21.25
CA ALA B 693 -5.97 -56.40 -21.19
C ALA B 693 -5.52 -57.12 -19.94
N TYR B 694 -6.07 -56.68 -18.80
CA TYR B 694 -5.74 -57.29 -17.53
C TYR B 694 -6.21 -58.75 -17.50
N SER B 695 -5.37 -59.61 -16.93
CA SER B 695 -5.75 -60.98 -16.69
C SER B 695 -4.92 -61.52 -15.55
N ASN B 696 -5.47 -62.50 -14.84
CA ASN B 696 -4.85 -63.01 -13.62
C ASN B 696 -3.61 -63.85 -13.90
N ASN B 697 -3.31 -64.18 -15.16
CA ASN B 697 -2.16 -65.01 -15.49
C ASN B 697 -1.41 -64.53 -16.73
N SER B 698 -1.66 -63.31 -17.21
CA SER B 698 -1.02 -62.75 -18.38
C SER B 698 -0.13 -61.58 -17.98
N ILE B 699 1.10 -61.59 -18.45
CA ILE B 699 2.05 -60.51 -18.23
C ILE B 699 2.44 -59.96 -19.60
N ALA B 700 2.98 -58.75 -19.59
CA ALA B 700 3.54 -58.12 -20.79
C ALA B 700 4.95 -57.69 -20.44
N ILE B 701 5.92 -58.13 -21.24
CA ILE B 701 7.33 -57.89 -20.95
C ILE B 701 7.97 -57.21 -22.16
N PRO B 702 8.85 -56.22 -21.99
CA PRO B 702 9.49 -55.62 -23.17
C PRO B 702 10.64 -56.48 -23.70
N THR B 703 10.74 -56.53 -25.02
CA THR B 703 11.83 -57.19 -25.72
C THR B 703 12.84 -56.20 -26.28
N ASN B 704 12.59 -54.91 -26.15
CA ASN B 704 13.44 -53.87 -26.74
C ASN B 704 13.14 -52.58 -25.99
N PHE B 705 14.01 -51.60 -26.18
CA PHE B 705 13.93 -50.36 -25.42
C PHE B 705 14.32 -49.18 -26.30
N THR B 706 14.18 -47.99 -25.73
CA THR B 706 14.67 -46.77 -26.34
C THR B 706 15.40 -45.97 -25.27
N ILE B 707 16.41 -45.21 -25.70
CA ILE B 707 17.16 -44.33 -24.83
C ILE B 707 16.73 -42.92 -25.19
N SER B 708 15.75 -42.40 -24.47
CA SER B 708 15.20 -41.09 -24.80
C SER B 708 15.97 -40.02 -24.05
N VAL B 709 16.00 -38.83 -24.64
CA VAL B 709 16.59 -37.65 -24.02
C VAL B 709 15.52 -36.57 -23.97
N THR B 710 15.31 -36.02 -22.77
CA THR B 710 14.26 -35.06 -22.50
C THR B 710 14.89 -33.78 -21.98
N THR B 711 14.58 -32.66 -22.61
CA THR B 711 15.08 -31.37 -22.19
C THR B 711 14.05 -30.74 -21.27
N GLU B 712 14.51 -30.24 -20.11
CA GLU B 712 13.60 -29.53 -19.21
C GLU B 712 14.34 -28.41 -18.52
N ILE B 713 13.65 -27.27 -18.39
CA ILE B 713 14.27 -25.96 -18.17
C ILE B 713 13.78 -25.41 -16.84
N LEU B 714 14.71 -24.93 -16.01
CA LEU B 714 14.38 -24.31 -14.73
C LEU B 714 15.00 -22.92 -14.66
N PRO B 715 14.26 -21.87 -14.32
CA PRO B 715 14.91 -20.61 -13.95
C PRO B 715 15.61 -20.75 -12.61
N VAL B 716 16.70 -20.01 -12.46
CA VAL B 716 17.56 -20.05 -11.29
C VAL B 716 17.70 -18.67 -10.64
N SER B 717 17.91 -17.65 -11.46
CA SER B 717 18.12 -16.29 -10.99
C SER B 717 17.23 -15.36 -11.79
N MET B 718 17.14 -14.12 -11.33
CA MET B 718 16.52 -13.06 -12.10
C MET B 718 17.34 -11.79 -11.87
N THR B 719 16.97 -10.74 -12.61
CA THR B 719 17.84 -9.57 -12.70
C THR B 719 17.94 -8.90 -11.35
N LYS B 720 19.18 -8.65 -10.92
CA LYS B 720 19.43 -7.98 -9.64
C LYS B 720 19.22 -6.50 -9.86
N THR B 721 18.00 -6.05 -9.60
CA THR B 721 17.66 -4.65 -9.74
C THR B 721 17.98 -3.88 -8.47
N SER B 722 18.06 -2.57 -8.60
CA SER B 722 18.32 -1.67 -7.48
C SER B 722 17.68 -0.34 -7.81
N VAL B 723 17.23 0.36 -6.76
CA VAL B 723 16.46 1.59 -6.92
C VAL B 723 16.96 2.59 -5.90
N ASP B 724 17.21 3.81 -6.36
CA ASP B 724 17.44 4.97 -5.50
C ASP B 724 16.13 5.72 -5.37
N CYS B 725 15.55 5.71 -4.16
CA CYS B 725 14.33 6.48 -3.92
C CYS B 725 14.49 7.93 -4.31
N THR B 726 15.57 8.57 -3.86
CA THR B 726 15.69 10.01 -4.04
C THR B 726 15.60 10.37 -5.51
N MET B 727 16.36 9.66 -6.35
CA MET B 727 16.37 9.93 -7.77
C MET B 727 15.01 9.68 -8.41
N TYR B 728 14.30 8.65 -7.96
CA TYR B 728 13.02 8.26 -8.55
C TYR B 728 11.90 9.21 -8.14
N ILE B 729 11.66 9.31 -6.83
CA ILE B 729 10.58 10.14 -6.31
C ILE B 729 10.86 11.61 -6.61
N CYS B 730 12.06 12.08 -6.28
CA CYS B 730 12.43 13.49 -6.33
C CYS B 730 13.49 13.70 -7.40
N GLY B 731 13.09 14.23 -8.54
CA GLY B 731 13.97 14.29 -9.69
C GLY B 731 15.12 15.25 -9.47
N ASP B 732 16.06 14.82 -8.61
CA ASP B 732 17.25 15.55 -8.18
C ASP B 732 16.96 17.01 -7.82
N SER B 733 15.84 17.23 -7.12
CA SER B 733 15.49 18.51 -6.54
C SER B 733 15.67 18.42 -5.03
N THR B 734 16.38 19.39 -4.44
CA THR B 734 16.70 19.32 -3.03
C THR B 734 15.47 19.58 -2.15
N GLU B 735 14.58 20.47 -2.59
CA GLU B 735 13.41 20.79 -1.77
C GLU B 735 12.42 19.64 -1.69
N CYS B 736 12.40 18.77 -2.70
CA CYS B 736 11.65 17.52 -2.57
C CYS B 736 12.39 16.51 -1.71
N SER B 737 13.72 16.52 -1.76
CA SER B 737 14.50 15.61 -0.94
C SER B 737 14.28 15.89 0.55
N ASN B 738 14.22 17.17 0.91
CA ASN B 738 13.99 17.53 2.31
C ASN B 738 12.62 17.06 2.78
N LEU B 739 11.59 17.22 1.92
CA LEU B 739 10.27 16.72 2.26
C LEU B 739 10.27 15.21 2.43
N LEU B 740 10.96 14.50 1.53
CA LEU B 740 11.02 13.04 1.63
C LEU B 740 11.77 12.61 2.88
N LEU B 741 12.73 13.42 3.32
CA LEU B 741 13.64 13.01 4.41
C LEU B 741 12.88 12.68 5.69
N GLN B 742 11.72 13.29 5.92
CA GLN B 742 10.97 12.99 7.13
C GLN B 742 10.39 11.59 7.12
N TYR B 743 10.26 10.95 5.95
CA TYR B 743 9.89 9.54 5.92
C TYR B 743 11.08 8.66 6.28
N GLY B 744 12.10 8.66 5.42
CA GLY B 744 13.40 8.13 5.77
C GLY B 744 13.43 6.61 5.87
N SER B 745 12.78 6.06 6.89
CA SER B 745 12.85 4.63 7.14
C SER B 745 12.20 3.81 6.04
N PHE B 746 11.24 4.39 5.31
CA PHE B 746 10.57 3.66 4.25
C PHE B 746 11.57 3.24 3.18
N CYS B 747 12.42 4.16 2.76
CA CYS B 747 13.37 3.88 1.70
C CYS B 747 14.53 3.03 2.16
N THR B 748 14.98 3.19 3.41
CA THR B 748 15.91 2.23 3.96
C THR B 748 15.33 0.82 3.88
N GLN B 749 14.04 0.68 4.23
CA GLN B 749 13.38 -0.61 4.15
C GLN B 749 13.37 -1.14 2.72
N LEU B 750 13.01 -0.30 1.76
CA LEU B 750 12.92 -0.74 0.37
C LEU B 750 14.28 -1.16 -0.18
N ASN B 751 15.30 -0.32 0.03
CA ASN B 751 16.63 -0.64 -0.46
C ASN B 751 17.16 -1.89 0.21
N ARG B 752 16.87 -2.07 1.49
CA ARG B 752 17.28 -3.28 2.19
C ARG B 752 16.63 -4.51 1.56
N ALA B 753 15.33 -4.42 1.26
CA ALA B 753 14.63 -5.55 0.66
C ALA B 753 15.24 -5.90 -0.70
N LEU B 754 15.46 -4.89 -1.55
CA LEU B 754 16.00 -5.17 -2.87
C LEU B 754 17.43 -5.70 -2.78
N THR B 755 18.22 -5.22 -1.82
CA THR B 755 19.56 -5.77 -1.61
C THR B 755 19.48 -7.23 -1.21
N GLY B 756 18.55 -7.56 -0.31
CA GLY B 756 18.33 -8.95 0.04
C GLY B 756 17.98 -9.80 -1.16
N ILE B 757 17.14 -9.26 -2.05
CA ILE B 757 16.76 -10.00 -3.25
C ILE B 757 18.00 -10.26 -4.11
N ALA B 758 18.84 -9.25 -4.32
CA ALA B 758 20.01 -9.41 -5.17
C ALA B 758 20.96 -10.47 -4.59
N VAL B 759 21.23 -10.37 -3.29
CA VAL B 759 22.06 -11.37 -2.63
C VAL B 759 21.44 -12.75 -2.77
N GLU B 760 20.12 -12.83 -2.68
CA GLU B 760 19.43 -14.11 -2.82
C GLU B 760 19.63 -14.69 -4.22
N GLN B 761 19.67 -13.83 -5.24
CA GLN B 761 19.89 -14.35 -6.60
C GLN B 761 21.30 -14.91 -6.73
N ASP B 762 22.30 -14.17 -6.26
CA ASP B 762 23.67 -14.70 -6.32
C ASP B 762 23.80 -16.00 -5.52
N LYS B 763 23.13 -16.07 -4.36
CA LYS B 763 22.93 -17.33 -3.65
C LYS B 763 22.41 -18.42 -4.59
N ASN B 764 21.30 -18.14 -5.27
CA ASN B 764 20.63 -19.19 -6.05
C ASN B 764 21.56 -19.75 -7.12
N THR B 765 22.30 -18.86 -7.79
CA THR B 765 23.27 -19.31 -8.78
C THR B 765 24.37 -20.14 -8.14
N GLN B 766 24.87 -19.70 -6.99
CA GLN B 766 25.91 -20.46 -6.30
C GLN B 766 25.44 -21.86 -5.94
N GLU B 767 24.26 -21.96 -5.33
CA GLU B 767 23.81 -23.27 -4.87
C GLU B 767 23.47 -24.20 -6.03
N VAL B 768 23.10 -23.65 -7.18
CA VAL B 768 22.81 -24.51 -8.33
C VAL B 768 24.11 -24.99 -8.97
N PHE B 769 24.97 -24.06 -9.39
CA PHE B 769 26.09 -24.43 -10.24
C PHE B 769 27.36 -24.79 -9.47
N ALA B 770 27.62 -24.14 -8.33
CA ALA B 770 28.82 -24.41 -7.54
C ALA B 770 28.61 -25.56 -6.56
N GLN B 771 28.14 -26.70 -7.06
CA GLN B 771 28.01 -27.88 -6.20
C GLN B 771 29.37 -28.46 -5.87
N VAL B 772 30.30 -28.43 -6.83
CA VAL B 772 31.64 -28.99 -6.68
C VAL B 772 32.64 -27.86 -6.88
N LYS B 773 33.65 -27.81 -6.03
CA LYS B 773 34.69 -26.79 -6.08
C LYS B 773 35.99 -27.37 -6.63
N GLN B 774 35.87 -28.26 -7.61
CA GLN B 774 37.01 -28.84 -8.31
C GLN B 774 36.70 -28.79 -9.80
N ILE B 775 37.52 -28.06 -10.55
CA ILE B 775 37.26 -27.83 -11.98
C ILE B 775 37.92 -28.99 -12.71
N TYR B 776 37.16 -30.08 -12.90
CA TYR B 776 37.63 -31.19 -13.70
C TYR B 776 37.61 -30.81 -15.17
N LYS B 777 38.78 -30.71 -15.78
CA LYS B 777 38.86 -30.43 -17.21
C LYS B 777 38.54 -31.68 -18.00
N THR B 778 37.89 -31.50 -19.15
CA THR B 778 37.50 -32.64 -19.95
C THR B 778 38.74 -33.32 -20.53
N PRO B 779 38.73 -34.64 -20.68
CA PRO B 779 39.89 -35.31 -21.30
C PRO B 779 40.01 -34.94 -22.77
N PRO B 780 41.21 -35.03 -23.35
CA PRO B 780 41.37 -34.59 -24.74
C PRO B 780 40.87 -35.61 -25.75
N ILE B 781 40.89 -36.88 -25.38
CA ILE B 781 40.60 -37.99 -26.29
C ILE B 781 39.21 -38.52 -25.94
N LYS B 782 38.32 -38.54 -26.93
CA LYS B 782 36.91 -38.85 -26.70
C LYS B 782 36.62 -40.31 -27.04
N ASP B 783 37.24 -41.20 -26.27
CA ASP B 783 37.04 -42.64 -26.41
C ASP B 783 36.05 -43.12 -25.34
N PHE B 784 34.79 -42.74 -25.56
CA PHE B 784 33.71 -43.00 -24.60
C PHE B 784 32.83 -44.17 -25.03
N GLY B 785 33.35 -45.09 -25.83
CA GLY B 785 32.59 -46.28 -26.17
C GLY B 785 31.45 -46.02 -27.13
N GLY B 786 31.63 -45.10 -28.08
CA GLY B 786 30.65 -44.78 -29.07
C GLY B 786 29.78 -43.57 -28.73
N PHE B 787 29.74 -43.16 -27.48
CA PHE B 787 28.97 -41.99 -27.09
C PHE B 787 29.69 -40.73 -27.54
N ASN B 788 28.91 -39.75 -28.00
CA ASN B 788 29.44 -38.51 -28.57
C ASN B 788 28.90 -37.34 -27.77
N PHE B 789 29.78 -36.69 -27.02
CA PHE B 789 29.43 -35.55 -26.17
C PHE B 789 29.89 -34.22 -26.74
N SER B 790 30.30 -34.18 -28.01
CA SER B 790 30.84 -32.95 -28.58
C SER B 790 29.82 -31.82 -28.53
N GLN B 791 28.54 -32.13 -28.66
CA GLN B 791 27.52 -31.10 -28.70
C GLN B 791 27.35 -30.41 -27.35
N ILE B 792 27.62 -31.12 -26.26
CA ILE B 792 27.35 -30.61 -24.92
C ILE B 792 28.65 -30.16 -24.25
N LEU B 793 29.76 -30.80 -24.61
CA LEU B 793 31.04 -30.43 -24.04
C LEU B 793 31.53 -29.13 -24.67
N PRO B 794 32.43 -28.39 -23.98
CA PRO B 794 32.89 -27.12 -24.55
C PRO B 794 33.60 -27.29 -25.87
N ASP B 795 33.42 -26.30 -26.75
CA ASP B 795 34.13 -26.25 -28.02
C ASP B 795 35.40 -25.44 -27.84
N PRO B 796 36.60 -26.03 -27.88
CA PRO B 796 37.81 -25.23 -27.67
C PRO B 796 38.04 -24.17 -28.74
N SER B 797 37.55 -24.40 -29.96
CA SER B 797 37.74 -23.42 -31.03
C SER B 797 37.08 -22.09 -30.69
N LYS B 798 35.87 -22.12 -30.15
CA LYS B 798 35.19 -20.89 -29.79
C LYS B 798 35.96 -20.17 -28.70
N PRO B 799 36.08 -18.82 -28.76
CA PRO B 799 36.73 -18.12 -27.63
C PRO B 799 36.05 -18.36 -26.30
N SER B 800 34.71 -18.42 -26.29
CA SER B 800 33.98 -18.74 -25.09
C SER B 800 34.03 -20.25 -24.83
N LYS B 801 33.79 -20.63 -23.58
CA LYS B 801 33.74 -22.03 -23.18
C LYS B 801 32.34 -22.63 -23.30
N ARG B 802 31.41 -21.92 -23.92
CA ARG B 802 30.09 -22.48 -24.17
C ARG B 802 30.19 -23.63 -25.17
N SER B 803 29.25 -24.57 -25.05
CA SER B 803 29.13 -25.68 -25.98
C SER B 803 28.15 -25.33 -27.10
N PHE B 804 27.97 -26.27 -28.02
CA PHE B 804 27.05 -26.05 -29.13
C PHE B 804 25.62 -25.83 -28.63
N ILE B 805 25.16 -26.73 -27.76
CA ILE B 805 23.80 -26.61 -27.24
C ILE B 805 23.66 -25.33 -26.44
N GLU B 806 24.64 -25.03 -25.57
CA GLU B 806 24.61 -23.79 -24.81
C GLU B 806 24.60 -22.59 -25.73
N ASP B 807 25.33 -22.66 -26.85
CA ASP B 807 25.32 -21.57 -27.81
C ASP B 807 23.92 -21.37 -28.39
N LEU B 808 23.23 -22.47 -28.70
CA LEU B 808 21.85 -22.34 -29.18
C LEU B 808 20.96 -21.73 -28.11
N LEU B 809 21.12 -22.16 -26.85
CA LEU B 809 20.21 -21.72 -25.79
C LEU B 809 20.34 -20.24 -25.51
N PHE B 810 21.53 -19.66 -25.73
CA PHE B 810 21.72 -18.23 -25.52
C PHE B 810 21.19 -17.37 -26.65
N ASN B 811 20.72 -17.97 -27.74
CA ASN B 811 20.15 -17.22 -28.86
C ASN B 811 18.63 -17.23 -28.88
N LYS B 812 17.99 -18.25 -28.29
CA LYS B 812 16.53 -18.27 -28.21
C LYS B 812 15.99 -17.39 -27.09
N VAL B 813 16.85 -16.80 -26.26
CA VAL B 813 16.47 -15.82 -25.25
C VAL B 813 17.04 -14.47 -25.66
N THR B 814 16.20 -13.44 -25.65
CA THR B 814 16.56 -12.18 -26.29
C THR B 814 17.56 -11.40 -25.46
N LEU B 815 17.16 -10.97 -24.26
CA LEU B 815 17.99 -10.14 -23.41
C LEU B 815 18.72 -10.99 -22.36
N ILE B 821 24.16 -3.63 -19.39
CA ILE B 821 25.35 -3.51 -20.23
C ILE B 821 25.39 -2.18 -20.97
N LYS B 822 24.31 -1.40 -20.92
CA LYS B 822 24.24 -0.12 -21.63
C LYS B 822 25.17 0.87 -20.92
N GLN B 823 26.37 1.05 -21.47
CA GLN B 823 27.32 1.98 -20.89
C GLN B 823 26.83 3.41 -21.06
N TYR B 824 27.14 4.24 -20.08
CA TYR B 824 26.78 5.65 -20.18
C TYR B 824 27.52 6.32 -21.32
N GLY B 825 26.92 7.37 -21.87
CA GLY B 825 27.30 7.97 -23.12
C GLY B 825 26.49 7.47 -24.30
N ASP B 826 25.94 6.25 -24.21
CA ASP B 826 24.95 5.83 -25.18
C ASP B 826 23.62 6.55 -24.96
N CYS B 827 23.24 6.75 -23.69
CA CYS B 827 22.01 7.46 -23.38
C CYS B 827 22.16 8.96 -23.65
N LEU B 828 23.35 9.51 -23.39
CA LEU B 828 23.57 10.92 -23.65
C LEU B 828 23.53 11.21 -25.15
N GLY B 829 24.11 10.33 -25.96
CA GLY B 829 24.08 10.51 -27.41
C GLY B 829 22.75 10.08 -28.01
N ASP B 835 15.07 5.11 -25.41
CA ASP B 835 15.23 3.71 -25.04
C ASP B 835 14.64 3.45 -23.66
N LEU B 836 14.20 2.21 -23.41
CA LEU B 836 13.65 1.86 -22.11
C LEU B 836 14.73 1.90 -21.04
N ILE B 837 15.89 1.32 -21.33
CA ILE B 837 16.94 1.18 -20.32
C ILE B 837 17.42 2.56 -19.87
N CYS B 838 17.52 3.50 -20.83
CA CYS B 838 18.00 4.83 -20.48
C CYS B 838 17.02 5.55 -19.56
N ALA B 839 15.72 5.42 -19.83
CA ALA B 839 14.72 6.00 -18.93
C ALA B 839 14.80 5.36 -17.55
N GLN B 840 14.91 4.03 -17.50
CA GLN B 840 15.06 3.33 -16.22
C GLN B 840 16.24 3.88 -15.43
N LYS B 841 17.38 4.05 -16.10
CA LYS B 841 18.58 4.52 -15.40
C LYS B 841 18.41 5.98 -14.98
N PHE B 842 17.77 6.79 -15.81
CA PHE B 842 17.55 8.19 -15.47
C PHE B 842 16.61 8.33 -14.28
N ASN B 843 15.72 7.36 -14.06
CA ASN B 843 14.79 7.40 -12.94
C ASN B 843 15.23 6.49 -11.80
N GLY B 844 16.54 6.33 -11.60
CA GLY B 844 17.06 5.67 -10.43
C GLY B 844 17.04 4.15 -10.49
N LEU B 845 16.52 3.57 -11.57
CA LEU B 845 16.38 2.12 -11.68
C LEU B 845 17.62 1.57 -12.39
N THR B 846 18.44 0.83 -11.66
CA THR B 846 19.64 0.20 -12.19
C THR B 846 19.49 -1.30 -12.14
N VAL B 847 20.22 -1.99 -13.01
CA VAL B 847 20.26 -3.44 -13.07
C VAL B 847 21.68 -3.86 -12.73
N LEU B 848 21.89 -4.33 -11.51
CA LEU B 848 23.21 -4.76 -11.09
C LEU B 848 23.60 -6.02 -11.86
N PRO B 849 24.90 -6.21 -12.14
CA PRO B 849 25.30 -7.37 -12.92
C PRO B 849 25.43 -8.59 -12.02
N PRO B 850 25.17 -9.79 -12.54
CA PRO B 850 25.33 -10.99 -11.70
C PRO B 850 26.79 -11.21 -11.33
N LEU B 851 26.99 -11.81 -10.16
CA LEU B 851 28.35 -12.05 -9.67
C LEU B 851 29.09 -13.01 -10.60
N LEU B 852 28.46 -14.13 -10.94
CA LEU B 852 29.05 -15.11 -11.85
C LEU B 852 28.68 -14.73 -13.28
N THR B 853 29.68 -14.55 -14.13
CA THR B 853 29.42 -14.29 -15.53
C THR B 853 29.04 -15.59 -16.23
N ASP B 854 28.64 -15.46 -17.50
CA ASP B 854 28.21 -16.64 -18.24
C ASP B 854 29.38 -17.57 -18.52
N GLU B 855 30.58 -17.03 -18.73
CA GLU B 855 31.73 -17.88 -18.96
C GLU B 855 32.02 -18.73 -17.72
N MET B 856 31.88 -18.14 -16.53
CA MET B 856 32.18 -18.87 -15.30
C MET B 856 31.12 -19.92 -15.00
N ILE B 857 29.85 -19.58 -15.25
CA ILE B 857 28.79 -20.57 -15.11
C ILE B 857 29.01 -21.72 -16.09
N ALA B 858 29.41 -21.39 -17.32
CA ALA B 858 29.71 -22.44 -18.29
C ALA B 858 30.91 -23.27 -17.85
N GLN B 859 31.87 -22.66 -17.16
CA GLN B 859 33.01 -23.42 -16.65
C GLN B 859 32.56 -24.41 -15.57
N TYR B 860 31.70 -23.96 -14.65
CA TYR B 860 31.10 -24.87 -13.68
C TYR B 860 30.38 -26.02 -14.38
N THR B 861 29.58 -25.69 -15.40
CA THR B 861 28.86 -26.72 -16.12
C THR B 861 29.81 -27.71 -16.80
N SER B 862 30.88 -27.20 -17.40
CA SER B 862 31.86 -28.08 -18.03
C SER B 862 32.52 -28.98 -17.01
N ALA B 863 32.84 -28.44 -15.84
CA ALA B 863 33.41 -29.28 -14.78
C ALA B 863 32.43 -30.37 -14.37
N LEU B 864 31.15 -30.03 -14.25
CA LEU B 864 30.15 -31.03 -13.89
C LEU B 864 30.06 -32.12 -14.96
N LEU B 865 30.06 -31.72 -16.23
CA LEU B 865 30.00 -32.71 -17.31
C LEU B 865 31.22 -33.61 -17.30
N ALA B 866 32.41 -33.02 -17.12
CA ALA B 866 33.62 -33.82 -17.11
C ALA B 866 33.61 -34.80 -15.97
N GLY B 867 33.20 -34.37 -14.78
CA GLY B 867 33.07 -35.28 -13.66
C GLY B 867 32.08 -36.39 -13.94
N THR B 868 30.94 -36.04 -14.55
CA THR B 868 29.90 -37.04 -14.80
C THR B 868 30.39 -38.11 -15.77
N ILE B 869 31.11 -37.70 -16.81
CA ILE B 869 31.50 -38.65 -17.85
C ILE B 869 32.81 -39.37 -17.56
N THR B 870 33.67 -38.82 -16.70
CA THR B 870 34.92 -39.48 -16.35
C THR B 870 34.86 -40.24 -15.03
N SER B 871 33.89 -39.94 -14.17
CA SER B 871 33.87 -40.48 -12.81
C SER B 871 32.51 -40.99 -12.36
N GLY B 872 31.42 -40.63 -13.03
CA GLY B 872 30.10 -41.08 -12.63
C GLY B 872 29.56 -40.33 -11.44
N TRP B 873 28.95 -41.04 -10.49
CA TRP B 873 28.42 -40.42 -9.29
C TRP B 873 29.48 -40.28 -8.18
N THR B 874 30.71 -40.69 -8.44
CA THR B 874 31.71 -40.71 -7.38
C THR B 874 32.23 -39.32 -7.05
N PHE B 875 32.25 -38.41 -8.03
CA PHE B 875 32.79 -37.09 -7.79
C PHE B 875 31.86 -36.22 -6.95
N GLY B 876 30.59 -36.60 -6.83
CA GLY B 876 29.71 -35.92 -5.90
C GLY B 876 29.95 -36.30 -4.45
N ALA B 877 30.32 -37.55 -4.21
CA ALA B 877 30.57 -38.05 -2.86
C ALA B 877 32.08 -38.05 -2.58
N GLY B 878 32.62 -36.85 -2.49
CA GLY B 878 34.02 -36.68 -2.10
C GLY B 878 34.93 -36.78 -3.30
N ALA B 879 35.98 -37.60 -3.17
CA ALA B 879 37.02 -37.66 -4.19
C ALA B 879 36.48 -38.26 -5.47
N ALA B 880 36.90 -37.71 -6.60
CA ALA B 880 36.46 -38.19 -7.91
C ALA B 880 37.34 -39.37 -8.33
N LEU B 881 36.74 -40.55 -8.36
CA LEU B 881 37.42 -41.73 -8.90
C LEU B 881 37.35 -41.67 -10.42
N GLN B 882 37.67 -42.78 -11.09
CA GLN B 882 37.55 -42.87 -12.53
C GLN B 882 36.99 -44.24 -12.89
N ILE B 883 36.39 -44.30 -14.08
CA ILE B 883 35.61 -45.45 -14.52
C ILE B 883 35.47 -45.34 -16.03
N PRO B 884 35.74 -46.38 -16.83
CA PRO B 884 35.43 -46.28 -18.25
C PRO B 884 33.93 -46.08 -18.44
N PHE B 885 33.59 -45.29 -19.46
CA PHE B 885 32.21 -44.79 -19.56
C PHE B 885 31.22 -45.93 -19.75
N ALA B 886 31.55 -46.91 -20.58
CA ALA B 886 30.61 -48.00 -20.84
C ALA B 886 30.30 -48.77 -19.58
N MET B 887 31.26 -48.86 -18.64
CA MET B 887 31.01 -49.54 -17.37
C MET B 887 30.05 -48.74 -16.50
N GLN B 888 30.33 -47.44 -16.34
CA GLN B 888 29.41 -46.55 -15.65
C GLN B 888 28.01 -46.68 -16.23
N MET B 889 27.91 -46.75 -17.56
CA MET B 889 26.62 -46.94 -18.19
C MET B 889 26.05 -48.31 -17.85
N ALA B 890 26.89 -49.36 -17.82
CA ALA B 890 26.42 -50.69 -17.40
C ALA B 890 25.69 -50.62 -16.08
N TYR B 891 26.06 -49.66 -15.23
CA TYR B 891 25.78 -49.78 -13.82
C TYR B 891 24.68 -48.81 -13.45
N ARG B 892 24.63 -47.67 -14.15
CA ARG B 892 23.38 -46.93 -14.28
C ARG B 892 22.27 -47.84 -14.81
N PHE B 893 22.59 -48.77 -15.72
CA PHE B 893 21.59 -49.74 -16.19
C PHE B 893 21.21 -50.71 -15.09
N ASN B 894 22.20 -51.26 -14.39
CA ASN B 894 21.92 -52.17 -13.26
C ASN B 894 21.03 -51.48 -12.23
N GLY B 895 21.20 -50.17 -12.04
CA GLY B 895 20.42 -49.42 -11.07
C GLY B 895 18.93 -49.41 -11.35
N ILE B 896 18.52 -49.61 -12.61
CA ILE B 896 17.11 -49.58 -13.00
C ILE B 896 16.53 -50.97 -13.20
N GLY B 897 17.23 -52.01 -12.75
CA GLY B 897 16.70 -53.35 -12.78
C GLY B 897 16.90 -54.14 -14.06
N VAL B 898 17.86 -53.75 -14.89
CA VAL B 898 18.28 -54.54 -16.05
C VAL B 898 19.75 -54.86 -15.88
N THR B 899 20.11 -56.13 -16.08
CA THR B 899 21.48 -56.56 -15.81
C THR B 899 22.45 -55.93 -16.80
N GLN B 900 23.70 -55.79 -16.35
CA GLN B 900 24.73 -55.11 -17.15
C GLN B 900 25.02 -55.80 -18.48
N ASN B 901 24.63 -57.07 -18.63
CA ASN B 901 24.89 -57.78 -19.88
C ASN B 901 24.20 -57.11 -21.05
N VAL B 902 22.99 -56.59 -20.85
CA VAL B 902 22.20 -56.06 -21.96
C VAL B 902 22.89 -54.89 -22.62
N LEU B 903 23.57 -54.04 -21.85
CA LEU B 903 24.28 -52.91 -22.45
C LEU B 903 25.40 -53.41 -23.35
N TYR B 904 26.28 -54.24 -22.79
CA TYR B 904 27.43 -54.73 -23.55
C TYR B 904 27.00 -55.50 -24.79
N GLU B 905 25.83 -56.15 -24.73
CA GLU B 905 25.34 -56.85 -25.90
C GLU B 905 24.80 -55.89 -26.95
N ASN B 906 24.32 -54.71 -26.53
CA ASN B 906 23.76 -53.70 -27.41
C ASN B 906 24.46 -52.36 -27.21
N GLN B 907 25.76 -52.39 -26.94
CA GLN B 907 26.48 -51.16 -26.63
C GLN B 907 26.46 -50.19 -27.81
N LYS B 908 26.80 -50.68 -29.00
CA LYS B 908 26.87 -49.79 -30.16
C LYS B 908 25.49 -49.22 -30.49
N LEU B 909 24.46 -50.07 -30.45
CA LEU B 909 23.11 -49.60 -30.74
C LEU B 909 22.68 -48.54 -29.74
N ILE B 910 22.98 -48.76 -28.45
CA ILE B 910 22.59 -47.83 -27.41
C ILE B 910 23.31 -46.50 -27.59
N ALA B 911 24.60 -46.54 -27.89
CA ALA B 911 25.34 -45.31 -28.17
C ALA B 911 24.77 -44.59 -29.37
N ASN B 912 24.36 -45.33 -30.40
CA ASN B 912 23.76 -44.73 -31.57
C ASN B 912 22.45 -44.04 -31.21
N GLN B 913 21.63 -44.69 -30.39
CA GLN B 913 20.39 -44.07 -29.93
C GLN B 913 20.67 -42.79 -29.17
N PHE B 914 21.67 -42.81 -28.28
CA PHE B 914 21.98 -41.62 -27.50
C PHE B 914 22.42 -40.47 -28.41
N ASN B 915 23.29 -40.77 -29.37
CA ASN B 915 23.76 -39.73 -30.29
C ASN B 915 22.61 -39.17 -31.12
N SER B 916 21.75 -40.06 -31.61
CA SER B 916 20.59 -39.60 -32.39
C SER B 916 19.68 -38.73 -31.55
N ALA B 917 19.43 -39.13 -30.30
CA ALA B 917 18.58 -38.33 -29.42
C ALA B 917 19.17 -36.95 -29.19
N ILE B 918 20.48 -36.88 -28.95
CA ILE B 918 21.14 -35.59 -28.78
C ILE B 918 20.96 -34.73 -30.02
N GLY B 919 21.12 -35.33 -31.20
CA GLY B 919 20.89 -34.59 -32.44
C GLY B 919 19.47 -34.08 -32.55
N LYS B 920 18.49 -34.90 -32.13
CA LYS B 920 17.10 -34.46 -32.19
C LYS B 920 16.86 -33.29 -31.24
N ILE B 921 17.48 -33.31 -30.06
CA ILE B 921 17.41 -32.15 -29.16
C ILE B 921 17.95 -30.92 -29.86
N GLN B 922 19.14 -31.06 -30.46
CA GLN B 922 19.78 -29.93 -31.14
C GLN B 922 18.84 -29.34 -32.18
N ASP B 923 18.25 -30.18 -33.03
CA ASP B 923 17.32 -29.69 -34.03
C ASP B 923 16.09 -29.06 -33.38
N SER B 924 15.57 -29.69 -32.33
CA SER B 924 14.29 -29.30 -31.77
C SER B 924 14.37 -27.93 -31.11
N LEU B 925 15.51 -27.58 -30.50
CA LEU B 925 15.68 -26.23 -29.97
C LEU B 925 16.49 -25.32 -30.89
N SER B 926 16.89 -25.80 -32.07
CA SER B 926 17.38 -24.93 -33.13
C SER B 926 16.28 -24.47 -34.07
N SER B 927 15.12 -25.12 -34.05
CA SER B 927 14.03 -24.75 -34.95
C SER B 927 13.07 -23.75 -34.32
N THR B 928 12.46 -24.11 -33.20
CA THR B 928 11.48 -23.28 -32.52
C THR B 928 12.10 -22.61 -31.30
N ALA B 929 11.47 -21.51 -30.87
CA ALA B 929 11.96 -20.68 -29.78
C ALA B 929 11.04 -20.67 -28.57
N SER B 930 9.85 -21.25 -28.65
CA SER B 930 8.94 -21.32 -27.51
C SER B 930 9.34 -22.40 -26.51
N ALA B 931 10.38 -23.19 -26.81
CA ALA B 931 10.83 -24.21 -25.87
C ALA B 931 11.28 -23.60 -24.55
N LEU B 932 12.04 -22.51 -24.63
CA LEU B 932 12.53 -21.80 -23.45
C LEU B 932 11.51 -20.76 -22.98
N GLY B 933 10.28 -21.21 -22.76
CA GLY B 933 9.24 -20.29 -22.34
C GLY B 933 9.48 -19.71 -20.97
N LYS B 934 9.86 -20.55 -20.00
CA LYS B 934 9.93 -20.13 -18.61
C LYS B 934 10.99 -19.04 -18.42
N LEU B 935 12.16 -19.22 -19.01
CA LEU B 935 13.21 -18.21 -18.91
C LEU B 935 12.76 -16.90 -19.53
N GLN B 936 12.11 -16.97 -20.69
CA GLN B 936 11.67 -15.75 -21.35
C GLN B 936 10.57 -15.06 -20.54
N ASP B 937 9.69 -15.82 -19.89
CA ASP B 937 8.71 -15.21 -19.00
C ASP B 937 9.38 -14.50 -17.84
N VAL B 938 10.41 -15.11 -17.26
CA VAL B 938 11.17 -14.46 -16.18
C VAL B 938 11.72 -13.12 -16.68
N VAL B 939 12.40 -13.16 -17.84
CA VAL B 939 13.00 -11.95 -18.38
C VAL B 939 11.93 -10.90 -18.65
N ASN B 940 10.82 -11.32 -19.25
CA ASN B 940 9.77 -10.38 -19.66
C ASN B 940 9.14 -9.73 -18.44
N GLN B 941 8.80 -10.54 -17.42
CA GLN B 941 8.22 -9.99 -16.20
C GLN B 941 9.16 -8.99 -15.55
N ASN B 942 10.46 -9.33 -15.49
CA ASN B 942 11.40 -8.42 -14.82
C ASN B 942 11.59 -7.13 -15.61
N ALA B 943 11.61 -7.22 -16.94
CA ALA B 943 11.76 -6.02 -17.77
C ALA B 943 10.46 -5.23 -17.93
N GLN B 944 9.32 -5.82 -17.58
CA GLN B 944 8.02 -5.20 -17.74
C GLN B 944 7.58 -4.51 -16.46
N ALA B 945 7.90 -5.09 -15.30
CA ALA B 945 7.59 -4.42 -14.04
C ALA B 945 8.34 -3.09 -13.94
N LEU B 946 9.59 -3.05 -14.40
CA LEU B 946 10.34 -1.80 -14.43
C LEU B 946 9.67 -0.78 -15.35
N ASN B 947 9.17 -1.25 -16.50
CA ASN B 947 8.52 -0.33 -17.42
C ASN B 947 7.24 0.24 -16.83
N THR B 948 6.45 -0.59 -16.13
CA THR B 948 5.31 -0.03 -15.41
C THR B 948 5.75 0.94 -14.32
N LEU B 949 6.88 0.66 -13.67
CA LEU B 949 7.36 1.55 -12.62
C LEU B 949 7.68 2.93 -13.16
N VAL B 950 8.34 3.00 -14.32
CA VAL B 950 8.60 4.32 -14.91
C VAL B 950 7.31 4.93 -15.43
N LYS B 951 6.43 4.12 -16.02
CA LYS B 951 5.17 4.62 -16.54
C LYS B 951 4.26 5.17 -15.44
N GLN B 952 4.46 4.75 -14.20
CA GLN B 952 3.67 5.25 -13.08
C GLN B 952 4.12 6.62 -12.60
N LEU B 953 5.22 7.15 -13.16
CA LEU B 953 5.62 8.52 -12.85
C LEU B 953 4.72 9.55 -13.53
N SER B 954 3.88 9.13 -14.47
CA SER B 954 2.96 10.05 -15.15
C SER B 954 1.67 10.29 -14.38
N SER B 955 1.43 9.57 -13.29
CA SER B 955 0.21 9.74 -12.52
C SER B 955 0.29 10.99 -11.65
N ASN B 956 -0.86 11.65 -11.47
CA ASN B 956 -0.93 12.85 -10.66
C ASN B 956 -1.12 12.56 -9.18
N PHE B 957 -1.83 11.47 -8.86
CA PHE B 957 -2.18 11.13 -7.49
C PHE B 957 -2.95 12.26 -6.81
N GLY B 958 -3.78 12.96 -7.58
CA GLY B 958 -4.56 14.06 -7.06
C GLY B 958 -3.86 15.40 -7.04
N ALA B 959 -2.62 15.48 -7.53
CA ALA B 959 -1.91 16.74 -7.59
C ALA B 959 -2.29 17.52 -8.84
N ILE B 960 -1.77 18.74 -8.94
CA ILE B 960 -2.04 19.56 -10.12
C ILE B 960 -1.31 19.04 -11.35
N SER B 961 -0.22 18.32 -11.16
CA SER B 961 0.57 17.80 -12.27
C SER B 961 1.33 16.57 -11.77
N SER B 962 2.17 16.01 -12.64
CA SER B 962 3.01 14.86 -12.32
C SER B 962 4.48 15.16 -12.54
N VAL B 963 4.84 16.39 -12.88
CA VAL B 963 6.23 16.81 -13.06
C VAL B 963 6.56 17.77 -11.93
N LEU B 964 7.60 17.45 -11.16
CA LEU B 964 7.94 18.27 -10.02
C LEU B 964 8.32 19.68 -10.43
N ASN B 965 8.94 19.84 -11.59
CA ASN B 965 9.33 21.18 -12.04
C ASN B 965 8.12 22.07 -12.24
N ASP B 966 7.03 21.51 -12.77
CA ASP B 966 5.80 22.28 -12.93
C ASP B 966 5.30 22.81 -11.59
N ILE B 967 5.19 21.92 -10.60
CA ILE B 967 4.70 22.32 -9.28
C ILE B 967 5.63 23.34 -8.65
N LEU B 968 6.93 23.14 -8.81
CA LEU B 968 7.90 23.98 -8.12
C LEU B 968 8.15 25.31 -8.83
N SER B 969 7.69 25.45 -10.07
CA SER B 969 7.73 26.73 -10.77
C SER B 969 6.42 27.49 -10.66
N ARG B 970 5.28 26.81 -10.62
CA ARG B 970 3.98 27.48 -10.58
C ARG B 970 3.52 27.79 -9.16
N LEU B 971 4.07 27.15 -8.14
CA LEU B 971 3.60 27.29 -6.77
C LEU B 971 4.69 27.82 -5.86
N ASP B 972 4.27 28.47 -4.78
CA ASP B 972 5.17 28.98 -3.76
C ASP B 972 5.49 27.84 -2.79
N LYS B 973 6.10 28.16 -1.65
CA LYS B 973 6.49 27.12 -0.69
C LYS B 973 5.28 26.33 -0.20
N CYS B 974 4.23 27.02 0.25
CA CYS B 974 3.15 26.39 1.01
C CYS B 974 2.47 25.29 0.20
N GLU B 975 1.82 25.68 -0.89
CA GLU B 975 1.07 24.71 -1.67
C GLU B 975 1.97 23.80 -2.50
N ALA B 976 3.19 24.21 -2.82
CA ALA B 976 4.12 23.26 -3.40
C ALA B 976 4.39 22.13 -2.42
N GLU B 977 4.57 22.45 -1.14
CA GLU B 977 4.73 21.41 -0.14
C GLU B 977 3.50 20.50 -0.11
N VAL B 978 2.31 21.08 -0.07
CA VAL B 978 1.15 20.21 0.14
C VAL B 978 0.89 19.33 -1.08
N GLN B 979 1.20 19.79 -2.29
CA GLN B 979 1.05 18.93 -3.47
C GLN B 979 2.20 17.92 -3.58
N ILE B 980 3.42 18.33 -3.26
CA ILE B 980 4.55 17.42 -3.34
C ILE B 980 4.39 16.30 -2.32
N ASP B 981 3.71 16.55 -1.21
CA ASP B 981 3.41 15.44 -0.30
C ASP B 981 2.54 14.40 -0.98
N ARG B 982 1.53 14.83 -1.73
CA ARG B 982 0.70 13.88 -2.46
C ARG B 982 1.53 13.08 -3.45
N LEU B 983 2.36 13.78 -4.23
CA LEU B 983 3.19 13.08 -5.22
C LEU B 983 4.16 12.12 -4.55
N ILE B 984 4.79 12.54 -3.45
CA ILE B 984 5.74 11.68 -2.76
C ILE B 984 5.05 10.44 -2.23
N THR B 985 3.87 10.61 -1.62
CA THR B 985 3.13 9.46 -1.11
C THR B 985 2.80 8.50 -2.24
N GLY B 986 2.33 9.02 -3.37
CA GLY B 986 1.95 8.15 -4.48
C GLY B 986 3.14 7.40 -5.03
N ARG B 987 4.25 8.10 -5.25
CA ARG B 987 5.41 7.47 -5.86
C ARG B 987 6.04 6.45 -4.92
N LEU B 988 6.15 6.79 -3.64
CA LEU B 988 6.64 5.84 -2.66
C LEU B 988 5.74 4.61 -2.58
N GLN B 989 4.41 4.82 -2.68
CA GLN B 989 3.48 3.70 -2.66
C GLN B 989 3.70 2.78 -3.86
N SER B 990 3.86 3.37 -5.05
CA SER B 990 4.12 2.56 -6.24
C SER B 990 5.45 1.82 -6.11
N LEU B 991 6.45 2.47 -5.53
CA LEU B 991 7.72 1.81 -5.28
C LEU B 991 7.52 0.60 -4.38
N GLN B 992 6.74 0.77 -3.31
CA GLN B 992 6.47 -0.34 -2.41
C GLN B 992 5.75 -1.47 -3.13
N THR B 993 4.80 -1.14 -3.99
CA THR B 993 4.10 -2.16 -4.76
C THR B 993 5.09 -2.95 -5.61
N TYR B 994 5.98 -2.24 -6.30
CA TYR B 994 6.99 -2.89 -7.12
C TYR B 994 7.86 -3.82 -6.28
N VAL B 995 8.30 -3.33 -5.12
CA VAL B 995 9.20 -4.12 -4.27
C VAL B 995 8.47 -5.36 -3.76
N THR B 996 7.20 -5.22 -3.40
CA THR B 996 6.43 -6.38 -2.94
C THR B 996 6.29 -7.42 -4.05
N GLN B 997 5.99 -6.98 -5.27
CA GLN B 997 5.91 -7.91 -6.39
C GLN B 997 7.26 -8.58 -6.62
N GLN B 998 8.34 -7.83 -6.47
CA GLN B 998 9.67 -8.40 -6.63
C GLN B 998 9.95 -9.44 -5.57
N LEU B 999 9.51 -9.18 -4.34
CA LEU B 999 9.69 -10.18 -3.28
C LEU B 999 8.93 -11.47 -3.59
N ILE B 1000 7.70 -11.33 -4.10
CA ILE B 1000 6.91 -12.50 -4.50
C ILE B 1000 7.67 -13.29 -5.57
N ARG B 1001 8.09 -12.59 -6.63
CA ARG B 1001 8.78 -13.26 -7.72
C ARG B 1001 10.08 -13.87 -7.25
N ALA B 1002 10.78 -13.20 -6.34
CA ALA B 1002 12.03 -13.74 -5.80
C ALA B 1002 11.78 -15.02 -5.02
N ALA B 1003 10.70 -15.07 -4.26
CA ALA B 1003 10.35 -16.32 -3.57
C ALA B 1003 10.08 -17.44 -4.57
N GLU B 1004 9.34 -17.12 -5.64
CA GLU B 1004 9.10 -18.11 -6.68
C GLU B 1004 10.41 -18.61 -7.29
N ILE B 1005 11.31 -17.67 -7.62
CA ILE B 1005 12.57 -18.04 -8.25
C ILE B 1005 13.44 -18.83 -7.29
N ARG B 1006 13.40 -18.50 -6.00
CA ARG B 1006 14.15 -19.27 -5.03
C ARG B 1006 13.63 -20.70 -4.93
N ALA B 1007 12.31 -20.87 -4.99
CA ALA B 1007 11.76 -22.22 -5.03
C ALA B 1007 12.26 -22.99 -6.25
N SER B 1008 12.22 -22.33 -7.42
CA SER B 1008 12.70 -22.98 -8.64
C SER B 1008 14.19 -23.30 -8.56
N ALA B 1009 14.96 -22.40 -7.95
CA ALA B 1009 16.40 -22.61 -7.83
C ALA B 1009 16.71 -23.74 -6.86
N ASN B 1010 15.95 -23.85 -5.76
CA ASN B 1010 16.13 -24.97 -4.85
C ASN B 1010 15.80 -26.28 -5.55
N LEU B 1011 14.76 -26.27 -6.39
CA LEU B 1011 14.46 -27.46 -7.19
C LEU B 1011 15.61 -27.78 -8.14
N ALA B 1012 16.18 -26.76 -8.77
CA ALA B 1012 17.29 -26.98 -9.69
C ALA B 1012 18.51 -27.51 -8.97
N ALA B 1013 18.79 -27.01 -7.77
CA ALA B 1013 19.89 -27.55 -6.98
C ALA B 1013 19.64 -29.01 -6.61
N THR B 1014 18.40 -29.34 -6.25
CA THR B 1014 18.06 -30.72 -5.94
C THR B 1014 18.24 -31.61 -7.16
N LYS B 1015 17.89 -31.11 -8.34
CA LYS B 1015 18.04 -31.91 -9.56
C LYS B 1015 19.50 -32.07 -9.92
N MET B 1016 20.30 -31.01 -9.75
CA MET B 1016 21.73 -31.11 -9.99
C MET B 1016 22.37 -32.12 -9.05
N SER B 1017 21.92 -32.15 -7.80
CA SER B 1017 22.49 -33.09 -6.83
C SER B 1017 22.07 -34.52 -7.12
N GLU B 1018 20.77 -34.75 -7.36
CA GLU B 1018 20.22 -36.09 -7.38
C GLU B 1018 20.22 -36.76 -8.75
N CYS B 1019 20.53 -36.03 -9.81
CA CYS B 1019 20.44 -36.57 -11.17
C CYS B 1019 21.71 -36.36 -11.98
N VAL B 1020 22.42 -35.25 -11.79
CA VAL B 1020 23.73 -35.09 -12.40
C VAL B 1020 24.79 -35.76 -11.55
N LEU B 1021 24.82 -35.44 -10.25
CA LEU B 1021 25.78 -36.04 -9.34
C LEU B 1021 25.39 -37.46 -8.93
N GLY B 1022 24.26 -37.96 -9.39
CA GLY B 1022 23.88 -39.33 -9.08
C GLY B 1022 22.76 -39.80 -9.99
N GLN B 1023 22.24 -40.97 -9.67
CA GLN B 1023 21.11 -41.55 -10.38
C GLN B 1023 19.93 -41.61 -9.42
N SER B 1024 18.81 -41.04 -9.84
CA SER B 1024 17.63 -40.91 -8.99
C SER B 1024 16.66 -42.05 -9.26
N LYS B 1025 16.18 -42.66 -8.18
CA LYS B 1025 15.10 -43.63 -8.24
C LYS B 1025 13.72 -42.99 -8.12
N ARG B 1026 13.65 -41.68 -7.94
CA ARG B 1026 12.38 -40.98 -7.88
C ARG B 1026 11.73 -40.97 -9.27
N VAL B 1027 10.44 -41.25 -9.30
CA VAL B 1027 9.74 -41.44 -10.57
C VAL B 1027 9.34 -40.08 -11.12
N ASP B 1028 9.65 -39.85 -12.40
CA ASP B 1028 9.35 -38.63 -13.14
C ASP B 1028 10.01 -37.38 -12.53
N PHE B 1029 10.98 -37.57 -11.63
CA PHE B 1029 11.72 -36.43 -11.11
C PHE B 1029 12.70 -35.90 -12.13
N CYS B 1030 13.32 -36.81 -12.89
CA CYS B 1030 14.36 -36.47 -13.86
C CYS B 1030 14.11 -37.20 -15.16
N GLY B 1031 12.89 -37.07 -15.66
CA GLY B 1031 12.51 -37.55 -16.99
C GLY B 1031 11.41 -38.58 -16.97
N LYS B 1032 10.63 -38.63 -18.04
CA LYS B 1032 9.62 -39.67 -18.20
C LYS B 1032 10.28 -40.99 -18.55
N GLY B 1033 10.53 -41.82 -17.53
CA GLY B 1033 11.12 -43.13 -17.72
C GLY B 1033 12.08 -43.49 -16.61
N TYR B 1034 12.72 -44.65 -16.71
CA TYR B 1034 13.73 -45.02 -15.72
C TYR B 1034 15.00 -44.22 -15.97
N HIS B 1035 15.40 -43.47 -14.96
CA HIS B 1035 16.48 -42.50 -15.12
C HIS B 1035 17.82 -43.20 -15.24
N LEU B 1036 18.56 -42.89 -16.30
CA LEU B 1036 19.94 -43.31 -16.42
C LEU B 1036 20.91 -42.22 -15.97
N MET B 1037 20.78 -41.00 -16.49
CA MET B 1037 21.74 -39.96 -16.15
C MET B 1037 21.20 -38.64 -16.67
N SER B 1038 21.92 -37.56 -16.37
CA SER B 1038 21.52 -36.22 -16.77
C SER B 1038 22.74 -35.37 -17.02
N PHE B 1039 22.59 -34.40 -17.91
CA PHE B 1039 23.61 -33.43 -18.24
C PHE B 1039 23.07 -32.02 -17.99
N PRO B 1040 23.83 -31.13 -17.34
CA PRO B 1040 23.42 -29.73 -17.25
C PRO B 1040 24.00 -28.88 -18.37
N GLN B 1041 23.22 -27.87 -18.75
CA GLN B 1041 23.65 -26.83 -19.66
C GLN B 1041 23.20 -25.50 -19.08
N SER B 1042 24.08 -24.51 -19.13
CA SER B 1042 23.73 -23.18 -18.65
C SER B 1042 22.74 -22.53 -19.60
N ALA B 1043 22.05 -21.51 -19.11
CA ALA B 1043 21.18 -20.70 -19.94
C ALA B 1043 20.97 -19.36 -19.25
N PRO B 1044 20.61 -18.32 -20.00
CA PRO B 1044 20.45 -17.00 -19.37
C PRO B 1044 19.43 -17.04 -18.24
N HIS B 1045 19.90 -16.78 -17.02
CA HIS B 1045 19.07 -16.76 -15.83
C HIS B 1045 18.43 -18.12 -15.57
N GLY B 1046 19.14 -19.19 -15.87
CA GLY B 1046 18.60 -20.50 -15.55
C GLY B 1046 19.47 -21.62 -16.08
N VAL B 1047 18.91 -22.83 -16.00
CA VAL B 1047 19.62 -24.06 -16.31
C VAL B 1047 18.70 -24.96 -17.11
N VAL B 1048 19.31 -25.83 -17.91
CA VAL B 1048 18.63 -26.76 -18.78
C VAL B 1048 19.20 -28.13 -18.50
N PHE B 1049 18.34 -29.10 -18.24
CA PHE B 1049 18.77 -30.48 -17.99
C PHE B 1049 18.38 -31.35 -19.16
N LEU B 1050 19.37 -32.03 -19.73
CA LEU B 1050 19.13 -33.12 -20.67
C LEU B 1050 19.12 -34.40 -19.85
N HIS B 1051 17.93 -34.89 -19.56
CA HIS B 1051 17.74 -36.14 -18.82
C HIS B 1051 17.69 -37.27 -19.83
N VAL B 1052 18.62 -38.22 -19.75
CA VAL B 1052 18.61 -39.38 -20.63
C VAL B 1052 18.17 -40.58 -19.81
N THR B 1053 17.19 -41.30 -20.35
CA THR B 1053 16.37 -42.23 -19.61
C THR B 1053 16.11 -43.47 -20.47
N TYR B 1054 15.74 -44.54 -19.79
CA TYR B 1054 15.42 -45.83 -20.39
C TYR B 1054 13.91 -45.95 -20.47
N VAL B 1055 13.40 -46.21 -21.68
CA VAL B 1055 11.96 -46.38 -21.89
C VAL B 1055 11.74 -47.73 -22.56
N PRO B 1056 11.15 -48.74 -21.91
CA PRO B 1056 10.84 -49.99 -22.63
C PRO B 1056 9.89 -49.74 -23.79
N ALA B 1057 10.14 -50.44 -24.90
CA ALA B 1057 9.59 -50.06 -26.20
C ALA B 1057 8.64 -51.10 -26.76
N GLN B 1058 9.07 -52.35 -26.93
CA GLN B 1058 8.33 -53.36 -27.68
C GLN B 1058 7.91 -54.48 -26.72
N GLU B 1059 6.64 -54.47 -26.33
CA GLU B 1059 6.13 -55.42 -25.36
C GLU B 1059 5.52 -56.62 -26.05
N LYS B 1060 5.65 -57.78 -25.40
CA LYS B 1060 5.04 -59.02 -25.84
C LYS B 1060 4.31 -59.66 -24.66
N ASN B 1061 3.15 -60.22 -24.95
CA ASN B 1061 2.38 -60.95 -23.95
C ASN B 1061 3.02 -62.30 -23.65
N PHE B 1062 2.84 -62.76 -22.41
CA PHE B 1062 3.29 -64.08 -22.00
C PHE B 1062 2.34 -64.60 -20.93
N THR B 1063 2.29 -65.92 -20.82
CA THR B 1063 1.60 -66.57 -19.71
C THR B 1063 2.59 -66.72 -18.56
N THR B 1064 2.12 -66.44 -17.35
CA THR B 1064 2.98 -66.38 -16.17
C THR B 1064 2.30 -67.10 -15.02
N ALA B 1065 3.00 -67.18 -13.91
CA ALA B 1065 2.47 -67.74 -12.67
C ALA B 1065 3.36 -67.26 -11.52
N PRO B 1066 2.83 -67.14 -10.31
CA PRO B 1066 3.65 -66.60 -9.22
C PRO B 1066 4.70 -67.55 -8.71
N ALA B 1067 4.56 -68.86 -8.97
CA ALA B 1067 5.38 -69.86 -8.30
C ALA B 1067 5.49 -71.08 -9.20
N ILE B 1068 6.29 -72.05 -8.75
CA ILE B 1068 6.55 -73.30 -9.47
C ILE B 1068 6.58 -74.41 -8.43
N CYS B 1069 5.72 -75.42 -8.59
CA CYS B 1069 5.72 -76.59 -7.71
C CYS B 1069 6.56 -77.68 -8.39
N HIS B 1070 7.75 -77.93 -7.85
CA HIS B 1070 8.64 -78.94 -8.42
C HIS B 1070 8.27 -80.34 -7.93
N ASP B 1071 8.39 -80.57 -6.63
CA ASP B 1071 8.12 -81.88 -6.03
C ASP B 1071 7.38 -81.69 -4.72
N GLY B 1072 6.37 -80.82 -4.73
CA GLY B 1072 5.58 -80.50 -3.56
C GLY B 1072 5.99 -79.22 -2.86
N LYS B 1073 7.19 -78.72 -3.12
CA LYS B 1073 7.69 -77.46 -2.59
C LYS B 1073 7.55 -76.37 -3.64
N ALA B 1074 7.35 -75.14 -3.18
CA ALA B 1074 7.10 -74.00 -4.04
C ALA B 1074 8.41 -73.26 -4.32
N HIS B 1075 8.59 -72.86 -5.56
CA HIS B 1075 9.78 -72.13 -6.02
C HIS B 1075 9.36 -70.74 -6.44
N PHE B 1076 10.09 -69.74 -5.96
CA PHE B 1076 9.90 -68.34 -6.33
C PHE B 1076 11.20 -67.78 -6.90
N PRO B 1077 11.15 -66.80 -7.80
CA PRO B 1077 12.40 -66.26 -8.35
C PRO B 1077 12.99 -65.15 -7.48
N ARG B 1078 14.30 -64.99 -7.61
CA ARG B 1078 14.99 -63.92 -6.88
C ARG B 1078 14.89 -62.60 -7.62
N GLU B 1079 15.50 -62.52 -8.80
CA GLU B 1079 15.33 -61.43 -9.74
C GLU B 1079 14.47 -61.93 -10.88
N GLY B 1080 13.40 -61.21 -11.18
CA GLY B 1080 12.59 -61.49 -12.34
C GLY B 1080 11.29 -62.17 -12.00
N VAL B 1081 10.68 -62.75 -13.03
CA VAL B 1081 9.35 -63.33 -12.94
C VAL B 1081 9.32 -64.59 -13.78
N PHE B 1082 8.46 -65.53 -13.38
CA PHE B 1082 8.22 -66.73 -14.18
C PHE B 1082 7.39 -66.38 -15.40
N VAL B 1083 7.81 -66.89 -16.54
CA VAL B 1083 7.24 -66.55 -17.83
C VAL B 1083 7.20 -67.82 -18.67
N SER B 1084 6.32 -67.83 -19.66
CA SER B 1084 6.13 -69.00 -20.52
C SER B 1084 5.92 -68.55 -21.95
N ASN B 1085 6.60 -69.23 -22.88
CA ASN B 1085 6.36 -69.05 -24.30
C ASN B 1085 5.36 -70.06 -24.86
N GLY B 1086 4.53 -70.65 -24.00
CA GLY B 1086 3.52 -71.60 -24.40
C GLY B 1086 3.88 -73.02 -24.02
N THR B 1087 5.16 -73.37 -24.10
CA THR B 1087 5.63 -74.73 -23.88
C THR B 1087 6.50 -74.83 -22.63
N HIS B 1088 7.59 -74.07 -22.57
CA HIS B 1088 8.54 -74.12 -21.47
C HIS B 1088 8.28 -72.98 -20.49
N TRP B 1089 9.00 -73.02 -19.37
CA TRP B 1089 8.94 -71.99 -18.34
C TRP B 1089 10.35 -71.48 -18.06
N PHE B 1090 10.46 -70.17 -17.94
CA PHE B 1090 11.73 -69.49 -17.73
C PHE B 1090 11.54 -68.43 -16.65
N VAL B 1091 12.63 -68.02 -16.03
CA VAL B 1091 12.66 -66.76 -15.29
C VAL B 1091 13.19 -65.68 -16.21
N THR B 1092 12.65 -64.48 -16.10
CA THR B 1092 13.18 -63.36 -16.87
C THR B 1092 13.06 -62.08 -16.05
N GLN B 1093 14.06 -61.23 -16.16
CA GLN B 1093 13.98 -59.88 -15.63
C GLN B 1093 12.99 -59.05 -16.44
N ARG B 1094 12.39 -58.05 -15.79
CA ARG B 1094 11.18 -57.43 -16.33
C ARG B 1094 11.52 -56.62 -17.56
N ASN B 1095 12.27 -55.53 -17.41
CA ASN B 1095 12.30 -54.50 -18.44
C ASN B 1095 13.19 -54.88 -19.63
N PHE B 1096 13.56 -56.15 -19.75
CA PHE B 1096 14.14 -56.70 -20.96
C PHE B 1096 13.88 -58.19 -20.95
N TYR B 1097 13.39 -58.72 -22.07
CA TYR B 1097 13.10 -60.14 -22.19
C TYR B 1097 14.40 -60.90 -22.39
N GLU B 1098 14.82 -61.62 -21.35
CA GLU B 1098 16.04 -62.44 -21.39
C GLU B 1098 15.77 -63.72 -20.61
N PRO B 1099 15.00 -64.64 -21.19
CA PRO B 1099 14.59 -65.82 -20.42
C PRO B 1099 15.78 -66.71 -20.07
N GLN B 1100 15.70 -67.31 -18.88
CA GLN B 1100 16.70 -68.25 -18.40
C GLN B 1100 15.99 -69.52 -17.94
N ILE B 1101 16.69 -70.65 -18.06
CA ILE B 1101 16.11 -71.91 -17.66
C ILE B 1101 16.01 -71.95 -16.13
N ILE B 1102 14.98 -72.64 -15.64
CA ILE B 1102 14.73 -72.66 -14.20
C ILE B 1102 15.80 -73.50 -13.54
N THR B 1103 16.56 -72.89 -12.62
CA THR B 1103 17.58 -73.58 -11.85
C THR B 1103 17.44 -73.17 -10.38
N THR B 1104 18.28 -73.77 -9.53
CA THR B 1104 18.20 -73.51 -8.10
C THR B 1104 18.77 -72.16 -7.74
N ASP B 1105 19.77 -71.68 -8.48
CA ASP B 1105 20.29 -70.34 -8.21
C ASP B 1105 19.39 -69.25 -8.77
N ASN B 1106 18.66 -69.55 -9.84
CA ASN B 1106 17.67 -68.60 -10.36
C ASN B 1106 16.56 -68.36 -9.35
N THR B 1107 16.27 -69.34 -8.49
CA THR B 1107 15.09 -69.31 -7.63
C THR B 1107 15.45 -69.61 -6.18
N PHE B 1108 14.42 -69.72 -5.35
CA PHE B 1108 14.55 -70.16 -3.97
C PHE B 1108 13.25 -70.86 -3.58
N VAL B 1109 13.28 -71.58 -2.46
CA VAL B 1109 12.20 -72.46 -2.05
C VAL B 1109 11.71 -72.04 -0.68
N SER B 1110 10.39 -72.05 -0.49
CA SER B 1110 9.79 -71.61 0.76
C SER B 1110 8.45 -72.32 0.93
N GLY B 1111 8.44 -73.39 1.72
CA GLY B 1111 7.20 -74.04 2.09
C GLY B 1111 6.66 -74.95 1.00
N ASN B 1112 5.57 -75.65 1.36
CA ASN B 1112 4.91 -76.54 0.42
C ASN B 1112 4.21 -75.74 -0.66
N CYS B 1113 3.78 -76.45 -1.71
CA CYS B 1113 3.25 -75.81 -2.92
C CYS B 1113 1.72 -75.85 -2.95
N ASP B 1114 1.08 -75.74 -1.79
CA ASP B 1114 -0.38 -75.70 -1.66
C ASP B 1114 -0.91 -74.33 -1.29
N VAL B 1115 -0.22 -73.60 -0.41
CA VAL B 1115 -0.74 -72.33 0.09
C VAL B 1115 -0.90 -71.31 -1.04
N VAL B 1116 0.11 -71.21 -1.90
CA VAL B 1116 0.12 -70.18 -2.93
C VAL B 1116 -1.01 -70.41 -3.93
N ILE B 1117 -1.53 -69.32 -4.47
CA ILE B 1117 -2.63 -69.33 -5.44
C ILE B 1117 -2.06 -69.02 -6.81
N GLY B 1118 -2.43 -69.83 -7.81
CA GLY B 1118 -1.96 -69.64 -9.16
C GLY B 1118 -0.70 -70.38 -9.52
N ILE B 1119 -0.13 -71.14 -8.58
CA ILE B 1119 1.06 -71.92 -8.86
C ILE B 1119 0.77 -72.95 -9.96
N VAL B 1120 1.81 -73.33 -10.70
CA VAL B 1120 1.72 -74.31 -11.77
C VAL B 1120 2.81 -75.35 -11.58
N ASN B 1121 2.75 -76.39 -12.42
CA ASN B 1121 3.65 -77.54 -12.34
C ASN B 1121 4.74 -77.44 -13.39
N ASN B 1122 5.99 -77.59 -12.95
CA ASN B 1122 7.11 -77.69 -13.87
C ASN B 1122 8.31 -78.25 -13.12
N THR B 1123 9.24 -78.82 -13.87
CA THR B 1123 10.49 -79.28 -13.30
C THR B 1123 11.41 -78.10 -13.02
N VAL B 1124 12.40 -78.33 -12.16
CA VAL B 1124 13.41 -77.35 -11.78
C VAL B 1124 14.77 -78.00 -11.98
N TYR B 1125 15.50 -77.57 -13.00
CA TYR B 1125 16.78 -78.17 -13.31
C TYR B 1125 17.75 -77.97 -12.15
N ASP B 1126 18.60 -78.96 -11.92
CA ASP B 1126 19.58 -78.94 -10.83
C ASP B 1126 20.99 -78.93 -11.42
N PRO B 1127 21.77 -77.83 -11.33
CA PRO B 1127 23.10 -77.91 -11.93
C PRO B 1127 24.04 -78.83 -11.16
N ASN C 8 -48.26 21.10 47.98
CA ASN C 8 -47.31 20.29 48.72
C ASN C 8 -47.95 18.98 49.20
N LEU C 9 -47.14 17.93 49.23
CA LEU C 9 -47.54 16.62 49.73
C LEU C 9 -46.55 16.21 50.82
N THR C 10 -47.10 15.81 51.98
CA THR C 10 -46.30 15.49 53.15
C THR C 10 -46.51 14.09 53.70
N THR C 11 -47.50 13.35 53.20
CA THR C 11 -47.72 11.96 53.62
C THR C 11 -46.68 11.09 52.92
N ARG C 12 -45.45 11.14 53.43
CA ARG C 12 -44.29 10.50 52.83
C ARG C 12 -43.69 9.49 53.78
N THR C 13 -43.00 8.51 53.20
CA THR C 13 -42.22 7.54 53.99
C THR C 13 -40.99 7.17 53.15
N GLN C 14 -39.90 7.89 53.39
CA GLN C 14 -38.68 7.66 52.65
C GLN C 14 -38.10 6.27 52.93
N LEU C 15 -37.48 5.70 51.91
CA LEU C 15 -36.80 4.41 52.00
C LEU C 15 -35.46 4.54 51.29
N PRO C 16 -34.52 3.65 51.56
CA PRO C 16 -33.24 3.71 50.86
C PRO C 16 -33.44 3.50 49.38
N PRO C 17 -32.59 4.08 48.52
CA PRO C 17 -32.79 3.92 47.07
C PRO C 17 -32.66 2.46 46.67
N ALA C 18 -33.74 1.90 46.14
CA ALA C 18 -33.73 0.53 45.67
C ALA C 18 -33.05 0.43 44.31
N TYR C 19 -32.37 -0.70 44.10
CA TYR C 19 -31.52 -0.94 42.95
C TYR C 19 -32.04 -2.15 42.19
N THR C 20 -31.77 -2.23 40.90
CA THR C 20 -32.17 -3.39 40.12
C THR C 20 -31.18 -3.60 38.97
N ASN C 21 -31.00 -4.86 38.59
CA ASN C 21 -30.10 -5.20 37.49
C ASN C 21 -30.82 -5.03 36.16
N SER C 22 -30.31 -4.13 35.32
CA SER C 22 -30.80 -3.94 33.96
C SER C 22 -29.86 -4.65 33.00
N PHE C 23 -30.42 -5.53 32.17
CA PHE C 23 -29.62 -6.42 31.34
C PHE C 23 -30.23 -6.50 29.94
N THR C 24 -29.38 -6.34 28.93
CA THR C 24 -29.79 -6.40 27.53
C THR C 24 -30.91 -5.41 27.23
N ARG C 25 -30.76 -4.19 27.75
CA ARG C 25 -31.75 -3.14 27.60
C ARG C 25 -31.07 -1.84 27.18
N GLY C 26 -31.84 -0.97 26.53
CA GLY C 26 -31.35 0.33 26.14
C GLY C 26 -30.59 0.33 24.83
N VAL C 27 -31.14 -0.38 23.85
CA VAL C 27 -30.61 -0.42 22.49
C VAL C 27 -31.63 0.24 21.56
N TYR C 28 -31.16 1.19 20.76
CA TYR C 28 -32.00 1.91 19.82
C TYR C 28 -31.39 1.81 18.43
N TYR C 29 -32.25 1.95 17.42
CA TYR C 29 -31.80 2.01 16.04
C TYR C 29 -30.89 3.24 15.88
N PRO C 30 -29.61 3.08 15.49
CA PRO C 30 -28.72 4.25 15.48
C PRO C 30 -28.91 5.17 14.28
N ASP C 31 -29.69 4.77 13.28
CA ASP C 31 -29.90 5.59 12.10
C ASP C 31 -31.28 5.28 11.53
N LYS C 32 -31.58 5.84 10.37
CA LYS C 32 -32.87 5.69 9.69
C LYS C 32 -32.68 5.07 8.32
N VAL C 33 -31.84 4.04 8.24
CA VAL C 33 -31.52 3.34 7.00
C VAL C 33 -31.93 1.88 7.16
N PHE C 34 -32.61 1.34 6.16
CA PHE C 34 -32.97 -0.07 6.17
C PHE C 34 -31.73 -0.92 5.93
N ARG C 35 -31.55 -1.93 6.78
CA ARG C 35 -30.34 -2.75 6.74
C ARG C 35 -30.69 -4.13 7.26
N SER C 36 -30.44 -5.16 6.44
CA SER C 36 -30.87 -6.52 6.73
C SER C 36 -29.70 -7.48 6.56
N SER C 37 -29.66 -8.50 7.43
CA SER C 37 -28.63 -9.54 7.38
C SER C 37 -27.23 -8.95 7.47
N VAL C 38 -27.03 -8.07 8.45
CA VAL C 38 -25.77 -7.35 8.63
C VAL C 38 -25.44 -7.36 10.12
N LEU C 39 -24.17 -7.58 10.43
CA LEU C 39 -23.67 -7.49 11.81
C LEU C 39 -23.01 -6.13 12.03
N HIS C 40 -23.83 -5.09 11.92
CA HIS C 40 -23.35 -3.73 12.06
C HIS C 40 -22.81 -3.48 13.47
N SER C 41 -21.78 -2.65 13.56
CA SER C 41 -21.18 -2.23 14.82
C SER C 41 -21.22 -0.72 14.89
N THR C 42 -21.49 -0.19 16.09
CA THR C 42 -21.62 1.25 16.29
C THR C 42 -20.92 1.63 17.59
N GLN C 43 -20.60 2.92 17.70
CA GLN C 43 -20.08 3.51 18.93
C GLN C 43 -20.91 4.75 19.22
N ASP C 44 -21.51 4.80 20.41
CA ASP C 44 -22.46 5.87 20.72
C ASP C 44 -22.76 5.81 22.22
N LEU C 45 -23.65 6.70 22.66
CA LEU C 45 -24.15 6.69 24.02
C LEU C 45 -25.18 5.57 24.14
N PHE C 46 -24.77 4.47 24.77
CA PHE C 46 -25.60 3.27 24.90
C PHE C 46 -25.65 2.89 26.37
N LEU C 47 -26.72 2.20 26.75
CA LEU C 47 -26.88 1.74 28.12
C LEU C 47 -26.05 0.47 28.31
N PRO C 48 -25.06 0.45 29.20
CA PRO C 48 -24.23 -0.76 29.31
C PRO C 48 -25.03 -1.97 29.78
N PHE C 49 -24.67 -3.14 29.26
CA PHE C 49 -25.34 -4.37 29.64
C PHE C 49 -25.02 -4.73 31.09
N PHE C 50 -26.02 -5.31 31.75
CA PHE C 50 -25.89 -5.80 33.13
C PHE C 50 -25.46 -4.67 34.07
N SER C 51 -26.00 -3.48 33.84
CA SER C 51 -25.79 -2.35 34.73
C SER C 51 -26.78 -2.40 35.87
N ASN C 52 -26.70 -1.40 36.74
CA ASN C 52 -27.59 -1.25 37.89
C ASN C 52 -28.35 0.05 37.73
N VAL C 53 -29.68 -0.05 37.74
CA VAL C 53 -30.58 1.07 37.51
C VAL C 53 -31.36 1.30 38.78
N THR C 54 -31.54 2.58 39.14
CA THR C 54 -32.23 2.88 40.39
C THR C 54 -33.73 2.69 40.21
N TRP C 55 -34.31 1.80 41.02
CA TRP C 55 -35.74 1.54 41.01
C TRP C 55 -36.49 2.53 41.90
N PHE C 56 -37.56 3.13 41.34
CA PHE C 56 -38.51 3.93 42.09
C PHE C 56 -39.91 3.42 41.77
N HIS C 57 -40.77 3.43 42.78
CA HIS C 57 -42.15 3.01 42.58
C HIS C 57 -43.03 3.67 43.62
N ALA C 58 -44.31 3.82 43.25
CA ALA C 58 -45.35 4.35 44.12
C ALA C 58 -46.39 3.26 44.32
N ILE C 59 -46.61 2.89 45.57
CA ILE C 59 -47.52 1.80 45.95
C ILE C 59 -48.42 2.29 47.08
N HIS C 60 -49.69 1.90 47.02
CA HIS C 60 -50.64 2.35 48.03
C HIS C 60 -50.28 1.81 49.40
N VAL C 61 -50.21 0.48 49.52
CA VAL C 61 -49.88 -0.19 50.79
C VAL C 61 -50.89 0.22 51.87
N THR C 67 -47.98 4.68 54.85
CA THR C 67 -46.72 4.81 54.11
C THR C 67 -46.96 5.56 52.79
N LYS C 68 -47.53 4.85 51.81
CA LYS C 68 -48.00 5.34 50.52
C LYS C 68 -46.86 5.62 49.53
N ARG C 69 -45.60 5.64 49.97
CA ARG C 69 -44.39 5.70 49.14
C ARG C 69 -44.51 6.65 47.95
N PHE C 70 -44.68 7.94 48.24
CA PHE C 70 -44.71 8.96 47.20
C PHE C 70 -43.29 9.48 47.01
N ASP C 71 -42.68 9.13 45.87
CA ASP C 71 -41.31 9.55 45.58
C ASP C 71 -41.18 9.87 44.10
N ASN C 72 -40.66 11.06 43.81
CA ASN C 72 -40.31 11.45 42.45
C ASN C 72 -39.34 12.62 42.53
N PRO C 73 -38.13 12.40 43.02
CA PRO C 73 -37.21 13.50 43.28
C PRO C 73 -36.55 13.97 41.99
N VAL C 74 -35.67 14.96 42.13
CA VAL C 74 -34.86 15.43 41.01
C VAL C 74 -33.65 14.52 40.86
N LEU C 75 -33.34 14.15 39.62
CA LEU C 75 -32.24 13.27 39.28
C LEU C 75 -31.27 13.97 38.33
N PRO C 76 -29.97 13.69 38.42
CA PRO C 76 -29.07 14.18 37.37
C PRO C 76 -29.38 13.57 36.01
N PHE C 77 -29.09 14.34 34.96
CA PHE C 77 -29.25 13.96 33.57
C PHE C 77 -27.85 14.01 32.96
N ASN C 78 -27.12 12.89 33.08
CA ASN C 78 -25.71 12.84 32.69
C ASN C 78 -25.62 12.25 31.28
N ASP C 79 -25.60 13.14 30.29
CA ASP C 79 -25.49 12.83 28.85
C ASP C 79 -26.31 11.63 28.42
N GLY C 80 -27.52 11.50 28.94
CA GLY C 80 -28.48 10.51 28.48
C GLY C 80 -29.21 9.89 29.65
N VAL C 81 -30.44 9.45 29.40
CA VAL C 81 -31.24 8.74 30.40
C VAL C 81 -32.06 7.68 29.69
N TYR C 82 -32.20 6.52 30.33
CA TYR C 82 -33.10 5.47 29.88
C TYR C 82 -34.17 5.30 30.93
N PHE C 83 -35.42 5.49 30.52
CA PHE C 83 -36.59 5.55 31.42
C PHE C 83 -37.57 4.46 31.01
N ALA C 84 -37.80 3.50 31.90
CA ALA C 84 -38.70 2.38 31.64
C ALA C 84 -39.78 2.37 32.71
N SER C 85 -41.02 2.12 32.30
CA SER C 85 -42.14 2.09 33.24
C SER C 85 -42.93 0.81 33.04
N THR C 86 -43.01 0.02 34.12
CA THR C 86 -43.90 -1.13 34.21
C THR C 86 -45.17 -0.64 34.91
N GLU C 87 -46.21 -0.36 34.13
CA GLU C 87 -47.31 0.44 34.65
C GLU C 87 -48.62 -0.03 34.02
N LYS C 88 -49.73 0.25 34.70
CA LYS C 88 -51.04 -0.25 34.35
C LYS C 88 -52.10 0.83 34.20
N SER C 89 -52.08 1.86 35.06
CA SER C 89 -53.19 2.80 35.19
C SER C 89 -52.80 4.25 34.90
N ASN C 90 -51.79 4.45 34.03
CA ASN C 90 -51.43 5.78 33.52
C ASN C 90 -51.09 6.75 34.66
N ILE C 91 -49.98 6.45 35.34
CA ILE C 91 -49.49 7.27 36.45
C ILE C 91 -48.15 7.92 36.11
N ILE C 92 -47.21 7.14 35.57
CA ILE C 92 -45.95 7.67 35.04
C ILE C 92 -46.28 8.26 33.67
N ARG C 93 -46.40 9.59 33.58
CA ARG C 93 -47.00 10.23 32.41
C ARG C 93 -46.12 11.27 31.73
N GLY C 94 -45.36 12.07 32.48
CA GLY C 94 -44.60 13.15 31.90
C GLY C 94 -43.26 13.36 32.58
N TRP C 95 -42.48 14.26 32.00
CA TRP C 95 -41.14 14.56 32.53
C TRP C 95 -40.88 16.06 32.49
N ILE C 96 -40.03 16.49 33.41
CA ILE C 96 -39.39 17.80 33.40
C ILE C 96 -37.93 17.60 33.05
N PHE C 97 -37.35 18.56 32.35
CA PHE C 97 -35.92 18.61 32.10
C PHE C 97 -35.46 20.05 32.25
N GLY C 98 -34.26 20.24 32.77
CA GLY C 98 -33.76 21.58 32.96
C GLY C 98 -32.40 21.57 33.62
N THR C 99 -31.92 22.78 33.93
CA THR C 99 -30.67 22.96 34.67
C THR C 99 -30.94 23.29 36.13
N THR C 100 -31.70 24.35 36.40
CA THR C 100 -32.04 24.78 37.75
C THR C 100 -33.53 24.66 38.06
N LEU C 101 -34.39 24.72 37.06
CA LEU C 101 -35.82 24.42 37.22
C LEU C 101 -36.49 25.40 38.17
N ASP C 102 -36.15 26.69 38.03
CA ASP C 102 -36.73 27.74 38.87
C ASP C 102 -37.02 29.01 38.07
N SER C 103 -37.35 28.87 36.79
CA SER C 103 -37.75 29.94 35.88
C SER C 103 -36.63 30.94 35.58
N LYS C 104 -35.42 30.73 36.08
CA LYS C 104 -34.28 31.54 35.68
C LYS C 104 -33.63 31.04 34.39
N THR C 105 -33.91 29.80 34.00
CA THR C 105 -33.41 29.22 32.76
C THR C 105 -34.56 28.49 32.08
N GLN C 106 -34.38 28.21 30.79
CA GLN C 106 -35.37 27.46 30.05
C GLN C 106 -35.43 26.02 30.55
N SER C 107 -36.57 25.38 30.30
CA SER C 107 -36.83 24.03 30.82
C SER C 107 -37.83 23.33 29.92
N LEU C 108 -37.52 22.10 29.54
CA LEU C 108 -38.44 21.29 28.74
C LEU C 108 -39.44 20.58 29.65
N LEU C 109 -40.63 20.37 29.12
CA LEU C 109 -41.73 19.79 29.89
C LEU C 109 -42.60 18.99 28.93
N ILE C 110 -42.64 17.67 29.13
CA ILE C 110 -43.45 16.77 28.32
C ILE C 110 -44.57 16.24 29.21
N VAL C 111 -45.81 16.36 28.76
CA VAL C 111 -46.96 16.01 29.58
C VAL C 111 -48.07 15.45 28.70
N ASN C 112 -48.53 14.24 28.99
CA ASN C 112 -49.83 13.77 28.51
C ASN C 112 -50.86 14.08 29.57
N ASN C 113 -51.84 14.92 29.24
CA ASN C 113 -52.93 15.26 30.14
C ASN C 113 -54.20 14.48 29.84
N ALA C 114 -54.05 13.23 29.41
CA ALA C 114 -55.11 12.26 29.10
C ALA C 114 -55.90 12.61 27.85
N THR C 115 -55.65 13.74 27.20
CA THR C 115 -56.30 14.14 25.96
C THR C 115 -55.30 14.30 24.82
N ASN C 116 -54.26 15.09 25.03
CA ASN C 116 -53.18 15.32 24.09
C ASN C 116 -51.85 15.15 24.82
N VAL C 117 -50.77 15.19 24.05
CA VAL C 117 -49.42 15.31 24.59
C VAL C 117 -48.93 16.71 24.24
N VAL C 118 -48.51 17.45 25.25
CA VAL C 118 -48.02 18.80 25.10
C VAL C 118 -46.55 18.81 25.47
N ILE C 119 -45.74 19.46 24.64
CA ILE C 119 -44.32 19.63 24.86
C ILE C 119 -44.06 21.13 24.86
N LYS C 120 -43.60 21.65 26.00
CA LYS C 120 -43.37 23.08 26.18
C LYS C 120 -41.95 23.29 26.65
N VAL C 121 -41.24 24.19 25.99
CA VAL C 121 -39.89 24.60 26.42
C VAL C 121 -40.00 26.03 26.92
N CYS C 122 -40.30 26.21 28.20
CA CYS C 122 -40.77 27.51 28.65
C CYS C 122 -40.45 27.72 30.11
N GLU C 123 -40.17 28.99 30.46
CA GLU C 123 -39.52 29.32 31.73
C GLU C 123 -40.52 29.11 32.86
N PHE C 124 -40.67 27.84 33.24
CA PHE C 124 -41.55 27.47 34.33
C PHE C 124 -40.91 27.78 35.68
N GLN C 125 -41.72 28.24 36.62
CA GLN C 125 -41.35 28.32 38.03
C GLN C 125 -42.09 27.19 38.73
N PHE C 126 -41.39 26.08 38.95
CA PHE C 126 -42.03 24.85 39.41
C PHE C 126 -42.31 24.91 40.90
N CYS C 127 -43.35 24.18 41.30
CA CYS C 127 -43.59 23.90 42.71
C CYS C 127 -42.69 22.75 43.16
N ASN C 128 -42.55 22.61 44.47
CA ASN C 128 -41.64 21.59 45.00
C ASN C 128 -42.12 20.18 44.72
N ASP C 129 -43.45 19.98 44.61
CA ASP C 129 -44.05 18.66 44.45
C ASP C 129 -45.07 18.72 43.32
N PRO C 130 -44.62 18.78 42.07
CA PRO C 130 -45.56 18.74 40.95
C PRO C 130 -46.20 17.37 40.79
N PHE C 131 -47.35 17.38 40.11
CA PHE C 131 -48.23 16.21 40.02
C PHE C 131 -49.24 16.45 38.91
N LEU C 132 -50.11 15.47 38.70
CA LEU C 132 -51.40 15.67 38.04
C LEU C 132 -52.49 15.14 38.95
N GLY C 133 -53.56 15.91 39.13
CA GLY C 133 -54.68 15.46 39.93
C GLY C 133 -55.73 14.81 39.08
N VAL C 134 -55.72 13.46 39.07
CA VAL C 134 -56.90 12.67 38.75
C VAL C 134 -57.87 12.75 39.91
N TYR C 135 -59.16 12.85 39.59
CA TYR C 135 -60.24 12.91 40.56
C TYR C 135 -61.35 11.96 40.13
N TYR C 136 -61.92 11.26 41.11
CA TYR C 136 -62.91 10.22 40.90
C TYR C 136 -64.32 10.74 41.13
N HIS C 137 -65.24 10.33 40.27
CA HIS C 137 -66.64 10.71 40.35
C HIS C 137 -67.45 9.58 40.96
N LYS C 138 -68.43 9.93 41.80
CA LYS C 138 -69.30 8.95 42.42
C LYS C 138 -70.59 8.72 41.63
N ASN C 139 -71.06 9.72 40.89
CA ASN C 139 -72.27 9.53 40.08
C ASN C 139 -72.06 8.49 39.00
N ASN C 140 -70.87 8.46 38.38
CA ASN C 140 -70.50 7.43 37.42
C ASN C 140 -69.11 6.89 37.77
N LYS C 141 -68.86 5.65 37.36
CA LYS C 141 -67.56 5.00 37.58
C LYS C 141 -66.54 5.48 36.55
N SER C 142 -66.26 6.79 36.58
CA SER C 142 -65.39 7.46 35.62
C SER C 142 -64.34 8.23 36.39
N TRP C 143 -63.06 7.95 36.11
CA TRP C 143 -61.95 8.72 36.62
C TRP C 143 -61.54 9.74 35.56
N MET C 144 -61.31 10.98 35.97
CA MET C 144 -60.97 12.05 35.05
C MET C 144 -59.92 12.96 35.67
N GLU C 145 -59.06 13.52 34.82
CA GLU C 145 -58.10 14.51 35.26
C GLU C 145 -58.81 15.81 35.59
N SER C 146 -58.45 16.40 36.73
CA SER C 146 -59.05 17.66 37.18
C SER C 146 -58.04 18.76 37.48
N GLU C 147 -56.88 18.43 38.03
CA GLU C 147 -55.93 19.43 38.50
C GLU C 147 -54.62 19.35 37.73
N PHE C 148 -54.08 20.53 37.41
CA PHE C 148 -52.82 20.69 36.67
C PHE C 148 -52.05 21.80 37.38
N ARG C 149 -51.16 21.40 38.30
CA ARG C 149 -50.42 22.31 39.17
C ARG C 149 -48.93 22.07 39.06
N VAL C 150 -48.44 21.86 37.84
CA VAL C 150 -47.02 21.54 37.66
C VAL C 150 -46.17 22.79 37.83
N TYR C 151 -46.57 23.89 37.18
CA TYR C 151 -45.80 25.12 37.15
C TYR C 151 -46.64 26.29 37.67
N SER C 152 -45.99 27.21 38.37
CA SER C 152 -46.66 28.43 38.82
C SER C 152 -46.69 29.53 37.75
N SER C 153 -45.96 29.38 36.65
CA SER C 153 -45.91 30.40 35.62
C SER C 153 -45.36 29.81 34.34
N ALA C 154 -45.48 30.58 33.26
CA ALA C 154 -44.97 30.17 31.94
C ALA C 154 -44.85 31.41 31.08
N ASN C 155 -43.63 31.72 30.63
CA ASN C 155 -43.40 32.95 29.87
C ASN C 155 -42.05 32.87 29.17
N ASN C 156 -41.86 33.77 28.21
CA ASN C 156 -40.60 33.94 27.49
C ASN C 156 -40.16 32.63 26.84
N CYS C 157 -40.97 32.15 25.90
CA CYS C 157 -40.78 30.80 25.41
C CYS C 157 -41.20 30.60 23.97
N THR C 158 -40.44 29.75 23.28
CA THR C 158 -40.35 29.68 21.83
C THR C 158 -40.97 28.42 21.24
N PHE C 159 -40.55 27.25 21.71
CA PHE C 159 -41.00 25.97 21.18
C PHE C 159 -42.20 25.45 21.96
N GLU C 160 -43.19 24.93 21.21
CA GLU C 160 -44.42 24.43 21.80
C GLU C 160 -45.12 23.53 20.78
N TYR C 161 -45.45 22.29 21.19
CA TYR C 161 -46.08 21.33 20.31
C TYR C 161 -47.23 20.63 21.03
N VAL C 162 -48.33 20.44 20.32
CA VAL C 162 -49.46 19.64 20.78
C VAL C 162 -49.93 18.75 19.64
N SER C 163 -50.04 17.45 19.90
CA SER C 163 -50.40 16.49 18.85
C SER C 163 -51.92 16.43 18.70
N GLN C 164 -52.40 15.42 18.00
CA GLN C 164 -53.83 15.19 17.88
C GLN C 164 -54.43 14.77 19.22
N PRO C 165 -55.73 14.97 19.42
CA PRO C 165 -56.36 14.48 20.66
C PRO C 165 -56.59 12.98 20.63
N PHE C 166 -56.63 12.41 21.84
CA PHE C 166 -56.84 10.97 22.01
C PHE C 166 -57.43 10.73 23.39
N LEU C 167 -58.31 9.73 23.48
CA LEU C 167 -58.93 9.33 24.74
C LEU C 167 -58.26 8.06 25.23
N MET C 168 -57.93 8.04 26.53
CA MET C 168 -57.17 6.95 27.11
C MET C 168 -57.79 6.55 28.44
N ASP C 169 -57.70 5.25 28.75
CA ASP C 169 -58.34 4.69 29.95
C ASP C 169 -57.43 4.92 31.16
N LEU C 170 -57.67 6.05 31.84
CA LEU C 170 -56.94 6.39 33.06
C LEU C 170 -57.58 5.82 34.32
N GLU C 171 -58.52 4.88 34.19
CA GLU C 171 -59.17 4.33 35.36
C GLU C 171 -58.21 3.45 36.16
N GLY C 172 -58.58 3.20 37.42
CA GLY C 172 -57.80 2.34 38.28
C GLY C 172 -57.90 0.88 37.88
N LYS C 173 -56.83 0.34 37.33
CA LYS C 173 -56.76 -1.06 36.92
C LYS C 173 -56.01 -1.86 37.99
N GLN C 174 -56.64 -2.93 38.46
CA GLN C 174 -56.10 -3.74 39.56
C GLN C 174 -55.51 -5.03 38.99
N GLY C 175 -54.27 -5.33 39.41
CA GLY C 175 -53.61 -6.56 39.02
C GLY C 175 -52.17 -6.33 38.56
N ASN C 176 -51.70 -7.17 37.66
CA ASN C 176 -50.34 -7.09 37.16
C ASN C 176 -50.18 -5.92 36.19
N PHE C 177 -48.93 -5.57 35.92
CA PHE C 177 -48.60 -4.57 34.90
C PHE C 177 -48.78 -5.23 33.54
N LYS C 178 -49.83 -4.83 32.82
CA LYS C 178 -50.16 -5.44 31.54
C LYS C 178 -49.38 -4.84 30.37
N ASN C 179 -48.47 -3.90 30.62
CA ASN C 179 -47.68 -3.30 29.56
C ASN C 179 -46.39 -2.74 30.12
N LEU C 180 -45.41 -2.59 29.23
CA LEU C 180 -44.13 -1.95 29.53
C LEU C 180 -43.89 -0.87 28.50
N ARG C 181 -43.32 0.26 28.94
CA ARG C 181 -42.96 1.34 28.04
C ARG C 181 -41.55 1.78 28.34
N GLU C 182 -40.66 1.71 27.34
CA GLU C 182 -39.27 2.11 27.47
C GLU C 182 -39.01 3.32 26.58
N PHE C 183 -38.25 4.27 27.11
CA PHE C 183 -37.84 5.45 26.38
C PHE C 183 -36.38 5.73 26.66
N VAL C 184 -35.74 6.42 25.73
CA VAL C 184 -34.36 6.90 25.90
C VAL C 184 -34.31 8.35 25.47
N PHE C 185 -33.72 9.19 26.31
CA PHE C 185 -33.59 10.61 26.07
C PHE C 185 -32.12 10.96 25.95
N LYS C 186 -31.76 11.63 24.85
CA LYS C 186 -30.42 12.16 24.64
C LYS C 186 -30.52 13.62 24.24
N ASN C 187 -29.43 14.35 24.44
CA ASN C 187 -29.36 15.78 24.13
C ASN C 187 -28.03 16.01 23.42
N ILE C 188 -28.05 16.00 22.09
CA ILE C 188 -26.85 16.12 21.27
C ILE C 188 -27.04 17.30 20.34
N ASP C 189 -26.05 18.21 20.34
CA ASP C 189 -25.90 19.41 19.51
C ASP C 189 -27.24 20.07 19.16
N GLY C 190 -27.98 20.49 20.18
CA GLY C 190 -29.20 21.24 19.99
C GLY C 190 -30.40 20.43 19.59
N TYR C 191 -30.34 19.11 19.70
CA TYR C 191 -31.44 18.21 19.38
C TYR C 191 -31.69 17.30 20.57
N PHE C 192 -32.92 17.30 21.05
CA PHE C 192 -33.36 16.42 22.14
C PHE C 192 -34.02 15.21 21.49
N LYS C 193 -33.33 14.08 21.51
CA LYS C 193 -33.75 12.87 20.82
C LYS C 193 -34.46 11.95 21.80
N ILE C 194 -35.67 11.54 21.44
CA ILE C 194 -36.49 10.62 22.23
C ILE C 194 -36.72 9.37 21.40
N TYR C 195 -36.20 8.25 21.87
CA TYR C 195 -36.44 6.94 21.29
C TYR C 195 -37.46 6.23 22.17
N SER C 196 -38.37 5.47 21.54
CA SER C 196 -39.51 4.88 22.25
C SER C 196 -39.72 3.43 21.84
N LYS C 197 -40.28 2.66 22.77
CA LYS C 197 -40.85 1.35 22.45
C LYS C 197 -41.90 0.99 23.49
N HIS C 198 -43.00 0.42 23.02
CA HIS C 198 -44.09 -0.05 23.87
C HIS C 198 -44.32 -1.53 23.59
N THR C 199 -44.51 -2.31 24.65
CA THR C 199 -44.65 -3.76 24.50
C THR C 199 -45.64 -4.30 25.53
N PRO C 200 -46.30 -5.42 25.26
CA PRO C 200 -47.07 -6.08 26.32
C PRO C 200 -46.18 -6.88 27.26
N ILE C 201 -46.64 -7.00 28.50
CA ILE C 201 -45.91 -7.71 29.53
C ILE C 201 -46.91 -8.21 30.57
N ASN C 202 -46.57 -9.32 31.23
CA ASN C 202 -47.38 -9.85 32.32
C ASN C 202 -46.45 -10.26 33.48
N LEU C 203 -45.50 -9.37 33.79
CA LEU C 203 -44.57 -9.56 34.89
C LEU C 203 -44.65 -8.32 35.79
N VAL C 204 -44.53 -8.55 37.09
CA VAL C 204 -44.89 -7.54 38.08
C VAL C 204 -43.68 -6.95 38.83
N ARG C 205 -42.58 -7.68 38.93
CA ARG C 205 -41.51 -7.34 39.87
C ARG C 205 -40.40 -6.49 39.27
N ASP C 206 -39.71 -7.02 38.25
CA ASP C 206 -38.44 -6.44 37.78
C ASP C 206 -38.46 -6.43 36.25
N LEU C 207 -37.29 -6.21 35.63
CA LEU C 207 -37.23 -6.05 34.19
C LEU C 207 -37.68 -7.32 33.47
N PRO C 208 -38.04 -7.23 32.18
CA PRO C 208 -38.25 -8.44 31.40
C PRO C 208 -36.96 -9.23 31.22
N GLN C 209 -37.12 -10.52 30.96
CA GLN C 209 -35.99 -11.39 30.66
C GLN C 209 -35.93 -11.57 29.14
N GLY C 210 -35.30 -10.60 28.48
CA GLY C 210 -35.23 -10.63 27.03
C GLY C 210 -34.49 -9.45 26.43
N PHE C 211 -35.01 -8.93 25.31
CA PHE C 211 -34.32 -7.92 24.53
C PHE C 211 -35.31 -7.28 23.58
N SER C 212 -35.37 -5.95 23.59
CA SER C 212 -36.18 -5.20 22.62
C SER C 212 -35.37 -4.02 22.09
N ALA C 213 -35.56 -3.70 20.83
CA ALA C 213 -34.85 -2.61 20.16
C ALA C 213 -35.76 -1.39 20.05
N LEU C 214 -35.25 -0.25 20.51
CA LEU C 214 -36.04 0.98 20.55
C LEU C 214 -36.03 1.66 19.19
N GLU C 215 -37.21 2.14 18.74
CA GLU C 215 -37.27 2.91 17.52
C GLU C 215 -37.18 4.40 17.83
N PRO C 216 -36.72 5.23 16.88
CA PRO C 216 -36.90 6.67 17.05
C PRO C 216 -38.34 7.12 16.83
N LEU C 217 -38.63 8.33 17.28
CA LEU C 217 -39.83 9.06 16.92
C LEU C 217 -39.44 10.50 16.59
N VAL C 218 -38.85 11.16 17.58
CA VAL C 218 -38.80 12.61 17.70
C VAL C 218 -37.34 13.01 17.81
N ASP C 219 -37.08 14.29 17.59
CA ASP C 219 -35.72 14.77 17.42
C ASP C 219 -35.78 16.30 17.60
N LEU C 220 -36.43 16.72 18.69
CA LEU C 220 -36.89 18.09 18.80
C LEU C 220 -35.71 19.06 18.82
N PRO C 221 -35.74 20.17 18.06
CA PRO C 221 -34.65 21.16 18.14
C PRO C 221 -34.91 22.22 19.21
N ILE C 222 -34.72 21.83 20.47
CA ILE C 222 -35.04 22.73 21.57
C ILE C 222 -33.84 23.60 21.95
N GLY C 223 -32.61 23.11 21.78
CA GLY C 223 -31.45 23.92 22.07
C GLY C 223 -31.31 24.30 23.53
N ILE C 224 -31.49 23.33 24.42
CA ILE C 224 -31.60 23.57 25.86
C ILE C 224 -30.50 22.79 26.57
N ASN C 225 -29.81 23.44 27.47
CA ASN C 225 -28.91 22.76 28.41
C ASN C 225 -29.75 21.94 29.38
N ILE C 226 -29.37 20.68 29.58
CA ILE C 226 -30.08 19.78 30.47
C ILE C 226 -29.04 19.09 31.35
N THR C 227 -29.21 19.21 32.66
CA THR C 227 -28.36 18.55 33.64
C THR C 227 -29.18 17.78 34.66
N ARG C 228 -30.40 18.23 34.93
CA ARG C 228 -31.31 17.61 35.87
C ARG C 228 -32.66 17.38 35.20
N PHE C 229 -33.42 16.46 35.76
CA PHE C 229 -34.72 16.11 35.20
C PHE C 229 -35.58 15.52 36.31
N GLN C 230 -36.82 15.20 35.96
CA GLN C 230 -37.81 14.80 36.95
C GLN C 230 -38.95 14.09 36.25
N THR C 231 -39.73 13.34 37.02
CA THR C 231 -40.90 12.63 36.54
C THR C 231 -42.15 13.20 37.20
N LEU C 232 -43.26 13.12 36.48
CA LEU C 232 -44.53 13.73 36.88
C LEU C 232 -45.49 12.60 37.26
N LEU C 233 -45.69 12.42 38.57
CA LEU C 233 -46.61 11.40 39.04
C LEU C 233 -48.04 11.92 39.04
N ALA C 234 -48.99 11.02 39.26
CA ALA C 234 -50.41 11.34 39.34
C ALA C 234 -50.93 10.98 40.72
N LEU C 235 -52.10 11.54 41.03
CA LEU C 235 -52.81 11.26 42.28
C LEU C 235 -54.20 10.77 41.95
N HIS C 236 -54.53 9.55 42.38
CA HIS C 236 -55.93 9.18 42.56
C HIS C 236 -56.47 9.90 43.78
N ARG C 237 -57.55 10.66 43.60
CA ARG C 237 -58.11 11.49 44.66
C ARG C 237 -59.58 11.18 44.83
N SER C 238 -60.03 11.10 46.08
CA SER C 238 -61.41 10.77 46.40
C SER C 238 -61.75 11.19 47.82
N SER C 247 -53.69 16.29 51.07
CA SER C 247 -53.28 14.96 51.52
C SER C 247 -54.36 13.90 51.28
N GLY C 248 -55.54 14.32 50.83
CA GLY C 248 -56.62 13.39 50.54
C GLY C 248 -56.46 12.71 49.20
N TRP C 249 -55.54 11.76 49.12
CA TRP C 249 -55.21 11.12 47.84
C TRP C 249 -54.70 9.70 48.10
N THR C 250 -54.71 8.92 47.02
CA THR C 250 -54.10 7.60 47.00
C THR C 250 -53.32 7.44 45.71
N ALA C 251 -52.35 6.53 45.74
CA ALA C 251 -51.45 6.28 44.61
C ALA C 251 -51.55 4.82 44.20
N GLY C 252 -51.85 4.59 42.92
CA GLY C 252 -51.86 3.24 42.40
C GLY C 252 -50.46 2.67 42.28
N ALA C 253 -50.41 1.35 42.10
CA ALA C 253 -49.13 0.65 41.99
C ALA C 253 -48.50 0.95 40.64
N ALA C 254 -47.39 1.67 40.65
CA ALA C 254 -46.64 1.97 39.44
C ALA C 254 -45.15 1.95 39.76
N ALA C 255 -44.34 1.61 38.75
CA ALA C 255 -42.90 1.46 38.92
C ALA C 255 -42.17 2.01 37.71
N TYR C 256 -41.15 2.83 37.97
CA TYR C 256 -40.29 3.38 36.92
C TYR C 256 -38.82 3.15 37.27
N TYR C 257 -38.08 2.82 36.21
CA TYR C 257 -36.69 2.41 36.26
C TYR C 257 -35.91 3.51 35.53
N VAL C 258 -34.78 3.93 36.09
CA VAL C 258 -33.92 4.93 35.45
C VAL C 258 -32.50 4.40 35.40
N GLY C 259 -31.89 4.51 34.22
CA GLY C 259 -30.52 4.08 33.96
C GLY C 259 -29.72 5.04 33.11
N TYR C 260 -28.57 5.51 33.60
CA TYR C 260 -27.79 6.50 32.87
C TYR C 260 -27.04 5.87 31.70
N LEU C 261 -27.14 6.50 30.54
CA LEU C 261 -26.41 6.07 29.36
C LEU C 261 -24.92 6.33 29.54
N GLN C 262 -24.09 5.56 28.83
CA GLN C 262 -22.65 5.70 28.88
C GLN C 262 -22.08 5.57 27.47
N PRO C 263 -20.93 6.23 27.18
CA PRO C 263 -20.34 6.07 25.85
C PRO C 263 -19.72 4.70 25.66
N ARG C 264 -20.34 3.85 24.86
CA ARG C 264 -19.88 2.48 24.64
C ARG C 264 -19.95 2.12 23.17
N THR C 265 -19.21 1.08 22.82
CA THR C 265 -19.23 0.49 21.48
C THR C 265 -20.06 -0.80 21.55
N PHE C 266 -21.12 -0.85 20.75
CA PHE C 266 -22.03 -1.98 20.68
C PHE C 266 -21.93 -2.66 19.33
N LEU C 267 -22.39 -3.90 19.29
CA LEU C 267 -22.52 -4.68 18.06
C LEU C 267 -23.97 -5.08 17.91
N LEU C 268 -24.50 -4.97 16.69
CA LEU C 268 -25.92 -5.13 16.42
C LEU C 268 -26.12 -6.16 15.32
N LYS C 269 -27.16 -6.97 15.44
CA LYS C 269 -27.50 -7.98 14.44
C LYS C 269 -28.84 -7.60 13.81
N TYR C 270 -28.81 -7.21 12.55
CA TYR C 270 -30.01 -6.93 11.77
C TYR C 270 -30.47 -8.21 11.08
N ASN C 271 -31.66 -8.68 11.43
CA ASN C 271 -32.19 -9.89 10.83
C ASN C 271 -32.57 -9.63 9.38
N GLU C 272 -33.02 -10.68 8.69
CA GLU C 272 -33.34 -10.57 7.27
C GLU C 272 -34.46 -9.58 7.01
N ASN C 273 -35.35 -9.38 7.98
CA ASN C 273 -36.43 -8.40 7.87
C ASN C 273 -36.00 -6.99 8.27
N GLY C 274 -34.77 -6.80 8.71
CA GLY C 274 -34.27 -5.46 8.99
C GLY C 274 -34.55 -4.91 10.36
N THR C 275 -34.84 -5.77 11.34
CA THR C 275 -35.06 -5.36 12.72
C THR C 275 -34.00 -5.97 13.61
N ILE C 276 -33.55 -5.22 14.61
CA ILE C 276 -32.50 -5.70 15.50
C ILE C 276 -33.09 -6.78 16.38
N THR C 277 -32.49 -7.97 16.36
CA THR C 277 -32.90 -9.10 17.17
C THR C 277 -31.91 -9.49 18.25
N ASP C 278 -30.64 -9.11 18.11
CA ASP C 278 -29.63 -9.42 19.11
C ASP C 278 -28.51 -8.39 19.03
N ALA C 279 -27.76 -8.30 20.12
CA ALA C 279 -26.71 -7.30 20.23
C ALA C 279 -25.69 -7.75 21.27
N VAL C 280 -24.57 -7.05 21.30
CA VAL C 280 -23.46 -7.33 22.21
C VAL C 280 -22.93 -6.01 22.73
N ASP C 281 -22.68 -5.97 24.04
CA ASP C 281 -22.02 -4.85 24.71
C ASP C 281 -20.53 -5.18 24.81
N CYS C 282 -19.75 -4.64 23.88
CA CYS C 282 -18.31 -4.76 23.97
C CYS C 282 -17.82 -4.11 25.27
N ALA C 283 -16.84 -4.73 25.91
CA ALA C 283 -16.25 -4.36 27.20
C ALA C 283 -17.12 -4.76 28.39
N LEU C 284 -18.29 -5.39 28.18
CA LEU C 284 -19.02 -5.97 29.30
C LEU C 284 -18.18 -7.03 30.00
N ASP C 285 -17.86 -8.10 29.28
CA ASP C 285 -17.06 -9.22 29.76
C ASP C 285 -16.17 -9.68 28.62
N PRO C 286 -15.12 -10.46 28.91
CA PRO C 286 -14.21 -10.89 27.82
C PRO C 286 -14.89 -11.60 26.66
N LEU C 287 -15.90 -12.44 26.93
CA LEU C 287 -16.59 -13.14 25.87
C LEU C 287 -17.21 -12.15 24.88
N SER C 288 -17.90 -11.14 25.40
CA SER C 288 -18.47 -10.12 24.54
C SER C 288 -17.38 -9.34 23.81
N GLU C 289 -16.24 -9.11 24.46
CA GLU C 289 -15.12 -8.45 23.80
C GLU C 289 -14.66 -9.24 22.58
N THR C 290 -14.61 -10.57 22.71
CA THR C 290 -14.17 -11.39 21.58
C THR C 290 -15.24 -11.47 20.51
N LYS C 291 -16.51 -11.50 20.90
CA LYS C 291 -17.58 -11.40 19.90
C LYS C 291 -17.49 -10.07 19.17
N CYS C 292 -17.04 -9.01 19.86
CA CYS C 292 -16.86 -7.70 19.24
C CYS C 292 -15.72 -7.74 18.23
N THR C 293 -14.57 -8.26 18.65
CA THR C 293 -13.39 -8.29 17.79
C THR C 293 -13.63 -9.17 16.56
N LEU C 294 -14.12 -10.39 16.78
CA LEU C 294 -14.36 -11.32 15.68
C LEU C 294 -15.49 -10.87 14.78
N LYS C 295 -16.38 -10.01 15.28
CA LYS C 295 -17.54 -9.52 14.52
C LYS C 295 -18.51 -10.66 14.19
N SER C 296 -18.86 -11.44 15.20
CA SER C 296 -19.94 -12.41 15.11
C SER C 296 -20.32 -12.84 16.52
N PHE C 297 -21.16 -13.86 16.61
CA PHE C 297 -21.71 -14.33 17.88
C PHE C 297 -21.19 -15.71 18.26
N THR C 298 -21.34 -16.70 17.37
CA THR C 298 -21.00 -18.09 17.68
C THR C 298 -19.50 -18.30 17.45
N VAL C 299 -18.70 -17.83 18.42
CA VAL C 299 -17.27 -18.10 18.38
C VAL C 299 -17.03 -19.59 18.47
N GLU C 300 -16.01 -20.06 17.77
CA GLU C 300 -15.60 -21.46 17.81
C GLU C 300 -14.61 -21.70 18.95
N LYS C 301 -14.37 -22.97 19.24
CA LYS C 301 -13.40 -23.33 20.27
C LYS C 301 -12.02 -22.81 19.89
N GLY C 302 -11.35 -22.18 20.85
CA GLY C 302 -10.00 -21.71 20.59
C GLY C 302 -9.58 -20.67 21.61
N ILE C 303 -8.53 -19.94 21.23
CA ILE C 303 -8.00 -18.81 21.99
C ILE C 303 -7.88 -17.64 21.01
N TYR C 304 -8.37 -16.47 21.43
CA TYR C 304 -8.45 -15.30 20.58
C TYR C 304 -7.79 -14.11 21.25
N GLN C 305 -6.85 -13.47 20.56
CA GLN C 305 -6.34 -12.20 21.02
C GLN C 305 -7.42 -11.13 20.85
N THR C 306 -7.39 -10.12 21.71
CA THR C 306 -8.33 -9.02 21.57
C THR C 306 -7.69 -7.72 22.04
N SER C 307 -8.25 -6.62 21.57
CA SER C 307 -7.83 -5.29 21.99
C SER C 307 -8.35 -5.06 23.41
N ASN C 308 -8.20 -3.84 23.91
CA ASN C 308 -8.53 -3.49 25.30
C ASN C 308 -9.52 -2.34 25.31
N PHE C 309 -10.80 -2.68 25.24
CA PHE C 309 -11.88 -1.75 25.56
C PHE C 309 -12.10 -1.59 27.06
N ARG C 310 -11.25 -2.19 27.90
CA ARG C 310 -11.56 -2.33 29.31
C ARG C 310 -11.54 -0.98 30.02
N VAL C 311 -10.39 -0.31 30.00
CA VAL C 311 -10.17 0.89 30.80
C VAL C 311 -10.51 2.12 29.97
N GLN C 312 -11.25 3.05 30.56
CA GLN C 312 -11.59 4.33 29.99
C GLN C 312 -11.26 5.43 30.99
N PRO C 313 -10.83 6.61 30.53
CA PRO C 313 -10.56 7.69 31.50
C PRO C 313 -11.85 8.17 32.15
N THR C 314 -11.69 8.68 33.38
CA THR C 314 -12.80 9.16 34.19
C THR C 314 -12.64 10.60 34.66
N GLU C 315 -11.40 11.08 34.82
CA GLU C 315 -11.13 12.41 35.32
C GLU C 315 -10.06 13.07 34.47
N SER C 316 -9.99 14.40 34.58
CA SER C 316 -9.03 15.21 33.82
C SER C 316 -8.07 15.88 34.78
N ILE C 317 -6.84 16.07 34.32
CA ILE C 317 -5.78 16.72 35.09
C ILE C 317 -5.23 17.88 34.26
N VAL C 318 -5.11 19.04 34.89
CA VAL C 318 -4.51 20.22 34.29
C VAL C 318 -3.41 20.71 35.23
N ARG C 319 -2.21 20.91 34.69
CA ARG C 319 -1.05 21.31 35.48
C ARG C 319 -0.23 22.29 34.65
N PHE C 320 -0.42 23.58 34.92
CA PHE C 320 0.28 24.68 34.28
C PHE C 320 1.11 25.43 35.32
N PRO C 321 2.14 26.19 34.91
CA PRO C 321 3.02 26.81 35.91
C PRO C 321 2.34 27.88 36.75
N ASN C 322 3.10 28.46 37.67
CA ASN C 322 2.58 29.42 38.64
C ASN C 322 2.96 30.83 38.19
N ILE C 323 2.22 31.33 37.20
CA ILE C 323 2.34 32.68 36.70
C ILE C 323 0.95 33.30 36.70
N THR C 324 0.78 34.40 37.42
CA THR C 324 -0.49 35.11 37.53
C THR C 324 -0.42 36.54 37.02
N ASN C 325 0.72 36.99 36.52
CA ASN C 325 0.82 38.34 35.97
C ASN C 325 -0.06 38.48 34.74
N LEU C 326 -1.05 39.38 34.83
CA LEU C 326 -1.87 39.66 33.66
C LEU C 326 -0.99 40.23 32.55
N CYS C 327 -1.25 39.81 31.33
CA CYS C 327 -0.25 40.03 30.30
C CYS C 327 -0.26 41.48 29.81
N PRO C 328 0.91 42.03 29.41
CA PRO C 328 0.89 43.36 28.79
C PRO C 328 0.28 43.35 27.39
N PHE C 329 -1.05 43.23 27.34
CA PHE C 329 -1.79 43.32 26.09
C PHE C 329 -2.41 44.70 25.87
N GLY C 330 -2.56 45.50 26.93
CA GLY C 330 -3.01 46.87 26.74
C GLY C 330 -2.00 47.69 25.97
N GLU C 331 -0.71 47.40 26.15
CA GLU C 331 0.34 48.19 25.51
C GLU C 331 0.45 47.91 24.01
N VAL C 332 0.00 46.75 23.55
CA VAL C 332 0.15 46.37 22.14
C VAL C 332 -1.18 46.56 21.42
N PHE C 333 -2.30 46.34 22.12
CA PHE C 333 -3.61 46.56 21.52
C PHE C 333 -4.08 47.99 21.75
N ASN C 334 -4.03 48.46 22.99
CA ASN C 334 -4.46 49.81 23.36
C ASN C 334 -3.28 50.79 23.35
N ALA C 335 -2.55 50.81 22.24
CA ALA C 335 -1.42 51.72 22.08
C ALA C 335 -1.88 53.02 21.44
N THR C 336 -1.34 54.14 21.91
CA THR C 336 -1.73 55.43 21.35
C THR C 336 -1.28 55.57 19.90
N ARG C 337 -0.07 55.12 19.60
CA ARG C 337 0.50 55.19 18.26
C ARG C 337 1.11 53.85 17.89
N PHE C 338 0.59 53.24 16.83
CA PHE C 338 1.23 52.09 16.22
C PHE C 338 2.34 52.55 15.29
N ALA C 339 3.21 51.61 14.92
CA ALA C 339 4.38 51.90 14.11
C ALA C 339 4.04 51.78 12.63
N SER C 340 4.77 52.57 11.82
CA SER C 340 4.64 52.46 10.37
C SER C 340 5.05 51.06 9.93
N VAL C 341 4.35 50.56 8.90
CA VAL C 341 4.48 49.16 8.51
C VAL C 341 5.91 48.82 8.13
N TYR C 342 6.60 49.74 7.44
CA TYR C 342 7.99 49.48 7.06
C TYR C 342 8.91 49.35 8.27
N ALA C 343 8.47 49.80 9.44
CA ALA C 343 9.22 49.73 10.70
C ALA C 343 8.36 49.11 11.78
N TRP C 344 7.74 47.97 11.45
CA TRP C 344 6.75 47.36 12.32
C TRP C 344 7.36 47.02 13.68
N ASN C 345 6.56 47.18 14.74
CA ASN C 345 7.07 47.09 16.10
C ASN C 345 6.90 45.67 16.61
N ARG C 346 8.01 45.04 16.99
CA ARG C 346 8.01 43.71 17.59
C ARG C 346 8.16 43.84 19.09
N LYS C 347 7.18 43.34 19.83
CA LYS C 347 7.19 43.33 21.28
C LYS C 347 7.37 41.90 21.79
N ARG C 348 8.37 41.72 22.65
CA ARG C 348 8.52 40.49 23.40
C ARG C 348 7.43 40.41 24.46
N ILE C 349 6.90 39.20 24.66
CA ILE C 349 5.90 38.94 25.68
C ILE C 349 6.35 37.72 26.47
N SER C 350 6.33 37.83 27.79
CA SER C 350 6.83 36.76 28.65
C SER C 350 6.23 36.92 30.03
N ASN C 351 6.23 35.82 30.78
CA ASN C 351 5.70 35.78 32.15
C ASN C 351 4.27 36.29 32.20
N CYS C 352 3.41 35.63 31.42
CA CYS C 352 2.02 36.02 31.26
C CYS C 352 1.10 34.86 31.56
N VAL C 353 -0.06 35.19 32.14
CA VAL C 353 -1.26 34.35 32.02
C VAL C 353 -2.05 34.93 30.86
N ALA C 354 -1.68 34.52 29.65
CA ALA C 354 -2.29 35.06 28.44
C ALA C 354 -3.77 34.71 28.41
N ASP C 355 -4.60 35.73 28.38
CA ASP C 355 -6.03 35.56 28.65
C ASP C 355 -6.72 35.00 27.39
N TYR C 356 -8.05 35.07 27.38
CA TYR C 356 -8.87 34.18 26.57
C TYR C 356 -8.69 34.47 25.08
N SER C 357 -9.40 33.70 24.26
CA SER C 357 -9.08 33.47 22.85
C SER C 357 -8.97 34.74 22.01
N VAL C 358 -10.09 35.43 21.80
CA VAL C 358 -10.14 36.55 20.87
C VAL C 358 -9.82 37.89 21.54
N LEU C 359 -9.78 37.93 22.87
CA LEU C 359 -9.68 39.18 23.62
C LEU C 359 -10.81 40.12 23.20
N TYR C 360 -12.02 39.59 23.36
CA TYR C 360 -13.26 40.29 23.01
C TYR C 360 -13.76 41.13 24.19
N ASN C 361 -12.94 42.09 24.59
CA ASN C 361 -13.24 42.92 25.74
C ASN C 361 -14.04 44.16 25.34
N SER C 362 -13.44 45.02 24.53
CA SER C 362 -14.14 46.16 23.92
C SER C 362 -13.89 46.23 22.42
N ALA C 363 -12.69 45.85 21.99
CA ALA C 363 -12.30 45.98 20.59
C ALA C 363 -12.89 44.83 19.77
N SER C 364 -13.71 45.18 18.79
CA SER C 364 -14.31 44.22 17.87
C SER C 364 -13.36 44.01 16.70
N PHE C 365 -12.83 42.81 16.56
CA PHE C 365 -11.74 42.52 15.64
C PHE C 365 -12.30 41.96 14.34
N SER C 366 -11.98 42.63 13.22
CA SER C 366 -12.49 42.20 11.92
C SER C 366 -12.01 40.82 11.52
N THR C 367 -10.71 40.62 11.29
CA THR C 367 -10.19 39.34 10.83
C THR C 367 -9.35 38.71 11.93
N PHE C 368 -9.71 37.47 12.30
CA PHE C 368 -9.01 36.69 13.31
C PHE C 368 -8.91 35.25 12.76
N LYS C 369 -7.88 35.02 11.94
CA LYS C 369 -7.68 33.74 11.24
C LYS C 369 -6.35 33.17 11.70
N CYS C 370 -6.37 31.94 12.23
CA CYS C 370 -5.18 31.38 12.87
C CYS C 370 -4.62 30.17 12.15
N TYR C 371 -3.29 30.17 11.98
CA TYR C 371 -2.55 29.15 11.26
C TYR C 371 -1.80 28.28 12.26
N GLY C 372 -1.99 26.97 12.16
CA GLY C 372 -1.35 26.01 13.04
C GLY C 372 -2.08 25.78 14.35
N VAL C 373 -2.85 26.76 14.79
CA VAL C 373 -3.64 26.68 16.02
C VAL C 373 -5.07 27.02 15.65
N SER C 374 -6.00 26.16 16.05
CA SER C 374 -7.41 26.54 15.96
C SER C 374 -7.71 27.61 17.01
N PRO C 375 -8.53 28.62 16.67
CA PRO C 375 -8.85 29.64 17.69
C PRO C 375 -9.46 29.07 18.96
N THR C 376 -10.31 28.04 18.84
CA THR C 376 -11.02 27.52 20.01
C THR C 376 -10.06 27.00 21.06
N LYS C 377 -9.03 26.27 20.63
CA LYS C 377 -8.04 25.71 21.55
C LYS C 377 -7.04 26.75 22.04
N LEU C 378 -7.14 28.01 21.61
CA LEU C 378 -6.08 28.98 21.88
C LEU C 378 -5.88 29.22 23.37
N ASN C 379 -6.91 28.97 24.20
CA ASN C 379 -6.74 29.12 25.64
C ASN C 379 -5.97 27.94 26.24
N ASP C 380 -6.17 26.74 25.70
CA ASP C 380 -5.74 25.51 26.35
C ASP C 380 -4.23 25.32 26.36
N LEU C 381 -3.46 26.14 25.65
CA LEU C 381 -2.06 25.88 25.37
C LEU C 381 -1.16 26.79 26.20
N CYS C 382 0.14 26.48 26.14
CA CYS C 382 1.19 27.34 26.68
C CYS C 382 2.23 27.54 25.59
N PHE C 383 2.51 28.80 25.25
CA PHE C 383 3.32 29.14 24.10
C PHE C 383 4.77 29.36 24.53
N THR C 384 5.69 28.99 23.64
CA THR C 384 7.11 29.04 23.98
C THR C 384 7.67 30.44 23.80
N ASN C 385 7.67 30.95 22.56
CA ASN C 385 8.36 32.19 22.18
C ASN C 385 7.36 33.06 21.43
N VAL C 386 6.58 33.82 22.18
CA VAL C 386 5.56 34.69 21.60
C VAL C 386 6.20 36.02 21.22
N TYR C 387 5.80 36.55 20.08
CA TYR C 387 6.22 37.86 19.61
C TYR C 387 5.03 38.56 18.97
N ALA C 388 4.80 39.81 19.35
CA ALA C 388 3.68 40.60 18.86
C ALA C 388 4.19 41.61 17.85
N ASP C 389 3.83 41.42 16.59
CA ASP C 389 4.27 42.28 15.48
C ASP C 389 3.10 43.21 15.16
N SER C 390 3.23 44.48 15.53
CA SER C 390 2.15 45.45 15.42
C SER C 390 2.48 46.51 14.39
N PHE C 391 1.46 46.94 13.65
CA PHE C 391 1.60 48.01 12.68
C PHE C 391 0.20 48.42 12.19
N VAL C 392 0.17 49.37 11.26
CA VAL C 392 -1.05 49.86 10.65
C VAL C 392 -0.83 49.96 9.14
N ILE C 393 -1.84 49.55 8.37
CA ILE C 393 -1.77 49.69 6.92
C ILE C 393 -3.11 50.22 6.43
N ARG C 394 -3.29 50.33 5.11
CA ARG C 394 -4.55 50.81 4.56
C ARG C 394 -5.57 49.67 4.54
N GLY C 395 -6.69 49.87 3.85
CA GLY C 395 -7.78 48.93 3.92
C GLY C 395 -7.57 47.66 3.13
N ASP C 396 -7.52 47.78 1.81
CA ASP C 396 -7.51 46.61 0.94
C ASP C 396 -6.29 45.73 1.11
N GLU C 397 -5.22 46.23 1.73
CA GLU C 397 -3.97 45.48 1.85
C GLU C 397 -3.95 44.54 3.05
N VAL C 398 -5.00 44.52 3.88
CA VAL C 398 -5.03 43.64 5.04
C VAL C 398 -5.02 42.18 4.61
N ARG C 399 -5.53 41.88 3.42
CA ARG C 399 -5.48 40.51 2.91
C ARG C 399 -4.04 40.04 2.72
N GLN C 400 -3.10 40.96 2.48
CA GLN C 400 -1.72 40.57 2.21
C GLN C 400 -1.00 39.97 3.41
N ILE C 401 -1.55 40.14 4.62
CA ILE C 401 -0.87 39.65 5.84
C ILE C 401 -1.31 38.21 6.03
N ALA C 402 -0.64 37.30 5.33
CA ALA C 402 -0.87 35.87 5.47
C ALA C 402 0.19 35.14 4.65
N PRO C 403 0.41 33.84 4.93
CA PRO C 403 1.39 33.09 4.15
C PRO C 403 1.04 33.04 2.67
N GLY C 404 2.07 33.11 1.83
CA GLY C 404 1.91 32.96 0.40
C GLY C 404 1.36 34.17 -0.32
N GLN C 405 0.97 35.21 0.40
CA GLN C 405 0.48 36.43 -0.24
C GLN C 405 1.63 37.19 -0.88
N THR C 406 1.27 38.20 -1.66
CA THR C 406 2.25 39.09 -2.26
C THR C 406 1.56 40.41 -2.57
N GLY C 407 2.35 41.43 -2.85
CA GLY C 407 1.87 42.77 -3.05
C GLY C 407 2.83 43.74 -2.40
N LYS C 408 2.36 44.98 -2.26
CA LYS C 408 3.19 46.03 -1.67
C LYS C 408 3.66 45.62 -0.27
N ILE C 409 2.71 45.28 0.59
CA ILE C 409 3.02 45.02 1.99
C ILE C 409 3.84 43.74 2.13
N ALA C 410 3.42 42.68 1.45
CA ALA C 410 4.01 41.37 1.61
C ALA C 410 5.27 41.17 0.75
N ASP C 411 5.76 42.22 0.10
CA ASP C 411 7.01 42.16 -0.64
C ASP C 411 8.04 43.20 -0.21
N TYR C 412 7.62 44.45 0.05
CA TYR C 412 8.57 45.47 0.44
C TYR C 412 8.56 45.80 1.93
N ASN C 413 7.52 45.41 2.67
CA ASN C 413 7.32 45.91 4.03
C ASN C 413 7.36 44.83 5.09
N TYR C 414 6.63 43.73 4.92
CA TYR C 414 6.50 42.75 6.00
C TYR C 414 6.06 41.42 5.40
N LYS C 415 6.94 40.42 5.46
CA LYS C 415 6.72 39.12 4.85
C LYS C 415 6.58 38.07 5.95
N LEU C 416 5.67 37.10 5.72
CA LEU C 416 5.43 35.97 6.61
C LEU C 416 5.99 34.68 6.00
N PRO C 417 6.34 33.68 6.81
CA PRO C 417 6.71 32.38 6.24
C PRO C 417 5.51 31.49 6.00
N CYS C 418 5.73 30.43 5.20
CA CYS C 418 4.78 29.32 5.18
C CYS C 418 4.75 28.58 6.51
N ASP C 419 5.91 28.22 7.06
CA ASP C 419 5.95 27.48 8.33
C ASP C 419 5.69 28.42 9.50
N PHE C 420 4.51 29.04 9.48
CA PHE C 420 4.10 30.06 10.43
C PHE C 420 3.03 29.49 11.33
N THR C 421 3.25 29.57 12.64
CA THR C 421 2.30 29.12 13.64
C THR C 421 1.95 30.33 14.51
N GLY C 422 0.71 30.78 14.41
CA GLY C 422 0.32 32.02 15.03
C GLY C 422 -0.82 32.63 14.25
N CYS C 423 -1.20 33.85 14.63
CA CYS C 423 -2.35 34.45 13.95
C CYS C 423 -2.43 35.97 14.07
N VAL C 424 -3.40 36.51 13.34
CA VAL C 424 -3.39 37.86 12.80
C VAL C 424 -4.70 38.52 13.19
N ILE C 425 -4.63 39.45 14.15
CA ILE C 425 -5.79 40.23 14.56
C ILE C 425 -5.76 41.53 13.77
N ALA C 426 -6.78 41.77 12.95
CA ALA C 426 -6.90 42.99 12.16
C ALA C 426 -8.24 43.63 12.43
N TRP C 427 -8.22 44.95 12.67
CA TRP C 427 -9.45 45.68 12.97
C TRP C 427 -9.32 47.14 12.55
N ASN C 428 -10.43 47.70 12.08
CA ASN C 428 -10.44 49.07 11.60
C ASN C 428 -10.16 50.04 12.74
N SER C 429 -9.39 51.08 12.44
CA SER C 429 -9.12 52.16 13.38
C SER C 429 -9.14 53.50 12.68
N ASN C 430 -10.11 53.70 11.79
CA ASN C 430 -10.27 55.00 11.14
C ASN C 430 -10.56 56.10 12.15
N ASN C 431 -11.35 55.79 13.18
CA ASN C 431 -11.70 56.78 14.19
C ASN C 431 -10.50 57.29 14.98
N LEU C 432 -9.38 56.56 14.96
CA LEU C 432 -8.16 56.96 15.64
C LEU C 432 -7.01 57.26 14.68
N ASP C 433 -6.67 56.31 13.81
CA ASP C 433 -5.50 56.42 12.96
C ASP C 433 -5.73 57.26 11.71
N SER C 434 -6.83 58.00 11.61
CA SER C 434 -7.07 58.93 10.52
C SER C 434 -7.55 60.26 11.08
N LYS C 435 -7.03 61.35 10.52
CA LYS C 435 -7.43 62.71 10.88
C LYS C 435 -7.63 63.51 9.61
N VAL C 436 -8.38 64.62 9.74
CA VAL C 436 -8.64 65.49 8.60
C VAL C 436 -7.33 65.98 8.00
N GLY C 437 -7.28 66.02 6.68
CA GLY C 437 -6.06 66.29 5.96
C GLY C 437 -5.14 65.10 5.77
N GLY C 438 -5.48 63.96 6.38
CA GLY C 438 -4.70 62.75 6.19
C GLY C 438 -3.47 62.72 7.07
N ASN C 439 -3.23 61.59 7.74
CA ASN C 439 -2.04 61.43 8.57
C ASN C 439 -0.83 61.20 7.67
N TYR C 440 0.16 62.08 7.78
CA TYR C 440 1.44 61.93 7.09
C TYR C 440 2.50 61.36 8.02
N ASN C 441 2.10 60.47 8.93
CA ASN C 441 2.99 59.75 9.83
C ASN C 441 3.16 58.28 9.47
N TYR C 442 2.16 57.69 8.84
CA TYR C 442 2.18 56.28 8.47
C TYR C 442 2.71 56.12 7.06
N LEU C 443 3.86 55.46 6.92
CA LEU C 443 4.57 55.34 5.66
C LEU C 443 4.73 53.87 5.29
N TYR C 444 4.92 53.64 3.99
CA TYR C 444 5.16 52.31 3.45
C TYR C 444 6.27 52.38 2.40
N ARG C 445 7.01 51.30 2.28
CA ARG C 445 8.15 51.24 1.37
C ARG C 445 7.63 51.06 -0.06
N LEU C 446 7.70 52.13 -0.85
CA LEU C 446 7.13 52.10 -2.19
C LEU C 446 7.98 51.28 -3.16
N PHE C 447 9.31 51.34 -3.01
CA PHE C 447 10.23 50.69 -3.93
C PHE C 447 11.34 49.97 -3.18
N ARG C 448 11.69 48.78 -3.64
CA ARG C 448 12.86 48.05 -3.18
C ARG C 448 13.37 47.22 -4.35
N LYS C 449 14.68 47.09 -4.45
CA LYS C 449 15.28 46.35 -5.56
C LYS C 449 15.02 44.85 -5.48
N SER C 450 14.49 44.35 -4.38
CA SER C 450 14.10 42.95 -4.27
C SER C 450 13.10 42.82 -3.13
N ASN C 451 12.29 41.76 -3.19
CA ASN C 451 11.34 41.51 -2.13
C ASN C 451 12.07 41.06 -0.86
N LEU C 452 11.34 41.03 0.25
CA LEU C 452 11.91 40.71 1.55
C LEU C 452 11.95 39.20 1.76
N LYS C 453 12.73 38.79 2.76
CA LYS C 453 12.58 37.49 3.38
C LYS C 453 11.60 37.59 4.55
N PRO C 454 11.09 36.47 5.05
CA PRO C 454 10.12 36.53 6.15
C PRO C 454 10.71 37.19 7.39
N PHE C 455 9.87 38.00 8.07
CA PHE C 455 10.21 38.61 9.35
C PHE C 455 11.48 39.46 9.26
N GLU C 456 11.70 40.11 8.13
CA GLU C 456 12.84 41.00 7.93
C GLU C 456 12.34 42.43 7.82
N ARG C 457 13.01 43.33 8.54
CA ARG C 457 12.69 44.75 8.54
C ARG C 457 13.63 45.49 7.61
N ASP C 458 13.16 46.61 7.06
CA ASP C 458 13.96 47.45 6.18
C ASP C 458 13.57 48.89 6.42
N ILE C 459 14.41 49.63 7.14
CA ILE C 459 14.20 51.05 7.41
C ILE C 459 15.19 51.93 6.64
N SER C 460 15.83 51.40 5.61
CA SER C 460 16.76 52.21 4.82
C SER C 460 15.99 53.27 4.05
N THR C 461 16.75 54.27 3.54
CA THR C 461 16.17 55.38 2.81
C THR C 461 16.97 55.73 1.56
N GLU C 462 17.82 54.83 1.08
CA GLU C 462 18.58 55.09 -0.13
C GLU C 462 17.63 55.25 -1.33
N ILE C 463 17.96 56.16 -2.22
CA ILE C 463 17.11 56.46 -3.35
C ILE C 463 17.10 55.28 -4.30
N TYR C 464 15.90 54.87 -4.73
CA TYR C 464 15.75 53.71 -5.60
C TYR C 464 15.90 54.15 -7.05
N GLN C 465 16.90 53.61 -7.73
CA GLN C 465 17.22 53.99 -9.10
C GLN C 465 16.29 53.23 -10.04
N ALA C 466 15.14 53.85 -10.35
CA ALA C 466 14.24 53.26 -11.34
C ALA C 466 14.90 53.18 -12.71
N GLY C 467 15.60 54.24 -13.11
CA GLY C 467 16.35 54.21 -14.35
C GLY C 467 17.70 53.53 -14.19
N SER C 468 18.34 53.27 -15.32
CA SER C 468 19.65 52.64 -15.33
C SER C 468 20.78 53.58 -14.94
N THR C 469 20.54 54.89 -14.93
CA THR C 469 21.57 55.87 -14.61
C THR C 469 21.50 56.20 -13.13
N PRO C 470 22.55 55.92 -12.32
CA PRO C 470 22.53 56.37 -10.93
C PRO C 470 22.46 57.89 -10.85
N CYS C 471 21.76 58.38 -9.82
CA CYS C 471 21.61 59.81 -9.55
C CYS C 471 22.19 60.17 -8.19
N ASN C 472 23.28 59.49 -7.82
CA ASN C 472 24.08 59.74 -6.62
C ASN C 472 23.27 60.02 -5.37
N GLY C 473 22.17 59.27 -5.17
CA GLY C 473 21.48 59.25 -3.91
C GLY C 473 20.56 60.42 -3.63
N VAL C 474 20.31 61.29 -4.61
CA VAL C 474 19.41 62.43 -4.43
C VAL C 474 18.16 62.16 -5.27
N GLU C 475 17.17 63.04 -5.11
CA GLU C 475 15.95 62.94 -5.88
C GLU C 475 16.14 63.54 -7.27
N GLY C 476 15.37 63.06 -8.24
CA GLY C 476 15.44 63.54 -9.60
C GLY C 476 14.53 62.78 -10.53
N PHE C 477 15.00 62.52 -11.75
CA PHE C 477 14.23 61.81 -12.76
C PHE C 477 14.66 60.34 -12.77
N ASN C 478 13.67 59.45 -12.80
CA ASN C 478 13.89 58.00 -12.86
C ASN C 478 14.63 57.47 -11.63
N CYS C 479 14.61 58.22 -10.53
CA CYS C 479 15.13 57.70 -9.26
C CYS C 479 14.34 58.37 -8.14
N TYR C 480 13.58 57.58 -7.39
CA TYR C 480 12.52 58.08 -6.52
C TYR C 480 12.79 57.71 -5.07
N PHE C 481 12.18 58.49 -4.18
CA PHE C 481 12.32 58.25 -2.74
C PHE C 481 11.61 56.95 -2.37
N PRO C 482 12.25 56.01 -1.68
CA PRO C 482 11.66 54.66 -1.58
C PRO C 482 10.42 54.60 -0.69
N LEU C 483 10.24 55.55 0.20
CA LEU C 483 9.09 55.57 1.10
C LEU C 483 8.01 56.50 0.55
N GLN C 484 6.76 56.11 0.78
CA GLN C 484 5.60 56.93 0.44
C GLN C 484 4.67 56.97 1.65
N SER C 485 4.15 58.14 1.94
CA SER C 485 3.24 58.32 3.05
C SER C 485 1.80 58.01 2.65
N TYR C 486 1.10 57.29 3.53
CA TYR C 486 -0.32 57.02 3.32
C TYR C 486 -1.13 58.31 3.41
N GLY C 487 -2.26 58.31 2.72
CA GLY C 487 -3.29 59.32 2.92
C GLY C 487 -4.53 58.72 3.55
N PHE C 488 -4.75 58.99 4.83
CA PHE C 488 -5.86 58.44 5.59
C PHE C 488 -6.78 59.59 5.98
N GLN C 489 -7.66 59.98 5.05
CA GLN C 489 -8.70 60.95 5.39
C GLN C 489 -9.84 60.25 6.15
N PRO C 490 -10.50 60.95 7.07
CA PRO C 490 -11.57 60.29 7.84
C PRO C 490 -12.83 60.00 7.03
N THR C 491 -12.91 60.48 5.78
CA THR C 491 -14.08 60.34 4.93
C THR C 491 -13.67 59.84 3.56
N ASN C 492 -12.84 58.79 3.55
CA ASN C 492 -12.38 58.14 2.34
C ASN C 492 -12.77 56.67 2.39
N GLY C 493 -12.72 56.01 1.23
CA GLY C 493 -13.29 54.69 1.05
C GLY C 493 -12.84 53.65 2.04
N VAL C 494 -13.57 52.53 2.11
CA VAL C 494 -13.27 51.50 3.09
C VAL C 494 -11.89 50.88 2.83
N GLY C 495 -11.53 50.74 1.56
CA GLY C 495 -10.22 50.20 1.23
C GLY C 495 -9.06 51.12 1.52
N TYR C 496 -9.33 52.39 1.85
CA TYR C 496 -8.29 53.34 2.24
C TYR C 496 -8.32 53.69 3.72
N GLN C 497 -9.18 53.05 4.53
CA GLN C 497 -9.23 53.40 5.94
C GLN C 497 -8.11 52.68 6.69
N PRO C 498 -7.44 53.34 7.64
CA PRO C 498 -6.34 52.65 8.33
C PRO C 498 -6.83 51.49 9.19
N TYR C 499 -6.18 50.34 9.02
CA TYR C 499 -6.46 49.13 9.76
C TYR C 499 -5.27 48.81 10.65
N ARG C 500 -5.56 48.63 11.94
CA ARG C 500 -4.57 48.18 12.91
C ARG C 500 -4.44 46.67 12.83
N VAL C 501 -3.20 46.20 12.70
CA VAL C 501 -2.91 44.78 12.62
C VAL C 501 -1.88 44.45 13.69
N VAL C 502 -2.10 43.32 14.36
CA VAL C 502 -1.10 42.69 15.20
C VAL C 502 -1.01 41.23 14.78
N VAL C 503 0.18 40.66 14.91
CA VAL C 503 0.43 39.27 14.56
C VAL C 503 1.15 38.63 15.73
N LEU C 504 0.49 37.66 16.35
CA LEU C 504 1.08 36.89 17.44
C LEU C 504 1.74 35.67 16.82
N SER C 505 3.07 35.62 16.89
CA SER C 505 3.86 34.54 16.31
C SER C 505 4.52 33.75 17.42
N PHE C 506 4.32 32.43 17.42
CA PHE C 506 4.85 31.57 18.46
C PHE C 506 5.06 30.17 17.89
N GLU C 507 5.59 29.28 18.74
CA GLU C 507 5.86 27.89 18.38
C GLU C 507 5.47 27.04 19.57
N LEU C 508 4.85 25.89 19.32
CA LEU C 508 4.09 25.17 20.33
C LEU C 508 4.81 23.90 20.77
N LEU C 509 4.96 23.73 22.09
CA LEU C 509 5.24 22.44 22.72
C LEU C 509 6.56 21.83 22.24
N HIS C 510 7.60 22.66 22.21
CA HIS C 510 8.96 22.18 21.93
C HIS C 510 10.04 22.81 22.80
N ALA C 511 9.72 23.82 23.61
CA ALA C 511 10.71 24.55 24.40
C ALA C 511 10.08 24.92 25.74
N PRO C 512 10.86 25.37 26.73
CA PRO C 512 10.25 25.76 28.02
C PRO C 512 9.25 26.89 27.83
N ALA C 513 7.99 26.60 28.15
CA ALA C 513 6.94 27.61 28.08
C ALA C 513 7.12 28.64 29.18
N THR C 514 6.82 29.89 28.84
CA THR C 514 6.76 30.99 29.80
C THR C 514 5.39 31.66 29.84
N VAL C 515 4.71 31.73 28.70
CA VAL C 515 3.33 32.20 28.63
C VAL C 515 2.41 31.01 28.83
N CYS C 516 1.39 31.18 29.68
CA CYS C 516 0.42 30.14 29.98
C CYS C 516 -0.99 30.66 29.75
N GLY C 517 -1.90 29.74 29.45
CA GLY C 517 -3.27 30.08 29.22
C GLY C 517 -4.00 30.41 30.50
N PRO C 518 -5.30 30.74 30.38
CA PRO C 518 -6.08 31.14 31.55
C PRO C 518 -6.50 30.00 32.47
N LYS C 519 -6.23 28.75 32.10
CA LYS C 519 -6.76 27.62 32.86
C LYS C 519 -6.10 27.54 34.23
N LYS C 520 -6.93 27.24 35.24
CA LYS C 520 -6.44 27.03 36.59
C LYS C 520 -5.92 25.60 36.75
N SER C 521 -4.78 25.48 37.42
CA SER C 521 -4.16 24.18 37.59
C SER C 521 -4.96 23.31 38.57
N THR C 522 -4.68 22.01 38.54
CA THR C 522 -5.19 21.07 39.53
C THR C 522 -4.01 20.30 40.13
N ASN C 523 -4.31 19.27 40.91
CA ASN C 523 -3.30 18.39 41.48
C ASN C 523 -3.31 17.07 40.71
N LEU C 524 -2.14 16.68 40.22
CA LEU C 524 -2.04 15.47 39.41
C LEU C 524 -2.37 14.23 40.22
N VAL C 525 -3.09 13.30 39.59
CA VAL C 525 -3.42 12.00 40.16
C VAL C 525 -2.40 11.01 39.58
N LYS C 526 -1.51 10.51 40.43
CA LYS C 526 -0.40 9.69 39.97
C LYS C 526 -0.76 8.21 40.02
N ASN C 527 0.05 7.42 39.30
CA ASN C 527 -0.10 5.96 39.23
C ASN C 527 -1.51 5.58 38.83
N LYS C 528 -2.09 6.34 37.91
CA LYS C 528 -3.44 6.17 37.42
C LYS C 528 -3.58 7.11 36.23
N CYS C 529 -4.28 6.69 35.19
CA CYS C 529 -4.25 7.39 33.91
C CYS C 529 -5.43 8.33 33.77
N VAL C 530 -5.12 9.55 33.34
CA VAL C 530 -5.98 10.71 33.35
C VAL C 530 -5.91 11.36 31.98
N ASN C 531 -6.62 12.48 31.83
CA ASN C 531 -6.44 13.35 30.67
C ASN C 531 -5.52 14.50 31.07
N PHE C 532 -4.25 14.16 31.20
CA PHE C 532 -3.23 15.10 31.68
C PHE C 532 -3.12 16.29 30.74
N ASN C 533 -2.45 17.34 31.23
CA ASN C 533 -2.19 18.51 30.42
C ASN C 533 -0.93 19.18 30.98
N PHE C 534 0.20 18.92 30.32
CA PHE C 534 1.51 19.44 30.72
C PHE C 534 1.89 20.52 29.71
N ASN C 535 1.58 21.77 30.05
CA ASN C 535 1.96 22.93 29.26
C ASN C 535 1.36 22.90 27.85
N GLY C 536 0.23 22.21 27.69
CA GLY C 536 -0.55 22.28 26.47
C GLY C 536 -0.93 20.95 25.85
N LEU C 537 -0.06 19.96 25.93
CA LEU C 537 -0.32 18.68 25.29
C LEU C 537 -1.51 17.99 25.95
N THR C 538 -2.28 17.26 25.13
CA THR C 538 -3.48 16.57 25.59
C THR C 538 -3.36 15.10 25.20
N GLY C 539 -3.21 14.24 26.20
CA GLY C 539 -3.09 12.81 25.96
C GLY C 539 -3.75 11.98 27.04
N THR C 540 -3.32 10.72 27.17
CA THR C 540 -3.86 9.82 28.18
C THR C 540 -2.78 8.79 28.53
N GLY C 541 -2.54 8.59 29.82
CA GLY C 541 -1.50 7.67 30.25
C GLY C 541 -1.02 7.87 31.66
N VAL C 542 -0.65 6.77 32.33
CA VAL C 542 -0.07 6.87 33.66
C VAL C 542 1.26 7.61 33.60
N LEU C 543 1.56 8.31 34.69
CA LEU C 543 2.80 9.05 34.88
C LEU C 543 3.65 8.33 35.91
N THR C 544 4.95 8.63 35.90
CA THR C 544 5.87 8.00 36.84
C THR C 544 7.08 8.92 36.99
N GLU C 545 7.81 8.73 38.08
CA GLU C 545 9.02 9.51 38.31
C GLU C 545 10.15 9.00 37.41
N SER C 546 11.17 9.84 37.26
CA SER C 546 12.32 9.53 36.41
C SER C 546 13.53 10.30 36.93
N ASN C 547 14.70 9.93 36.40
CA ASN C 547 15.98 10.48 36.85
C ASN C 547 16.85 10.83 35.65
N LYS C 548 16.24 11.31 34.57
CA LYS C 548 16.99 11.74 33.40
C LYS C 548 17.56 13.13 33.62
N LYS C 549 18.71 13.40 32.99
CA LYS C 549 19.45 14.65 33.18
C LYS C 549 19.09 15.59 32.04
N PHE C 550 18.05 16.39 32.25
CA PHE C 550 17.60 17.37 31.27
C PHE C 550 18.52 18.58 31.29
N LEU C 551 18.94 19.02 30.11
CA LEU C 551 19.65 20.29 30.01
C LEU C 551 18.68 21.44 30.32
N PRO C 552 19.19 22.58 30.82
CA PRO C 552 18.29 23.66 31.22
C PRO C 552 17.41 24.19 30.10
N PHE C 553 17.93 24.27 28.88
CA PHE C 553 17.16 24.80 27.77
C PHE C 553 16.18 23.79 27.18
N GLN C 554 16.22 22.54 27.61
CA GLN C 554 15.30 21.49 27.14
C GLN C 554 14.21 21.28 28.18
N GLN C 555 12.98 21.05 27.68
CA GLN C 555 11.82 20.84 28.53
C GLN C 555 11.04 19.58 28.21
N PHE C 556 11.19 19.01 27.01
CA PHE C 556 10.54 17.77 26.62
C PHE C 556 11.61 16.72 26.30
N GLY C 557 11.17 15.47 26.24
CA GLY C 557 12.03 14.38 25.84
C GLY C 557 11.27 13.31 25.09
N ARG C 558 11.74 12.99 23.89
CA ARG C 558 11.04 12.13 22.95
C ARG C 558 11.83 10.86 22.72
N ASP C 559 11.11 9.74 22.57
CA ASP C 559 11.72 8.43 22.37
C ASP C 559 11.92 8.19 20.88
N ILE C 560 12.20 6.93 20.52
CA ILE C 560 12.43 6.58 19.12
C ILE C 560 11.15 6.78 18.33
N ALA C 561 9.99 6.51 18.93
CA ALA C 561 8.72 6.63 18.26
C ALA C 561 8.28 8.08 18.03
N ASP C 562 9.01 9.05 18.58
CA ASP C 562 8.80 10.49 18.45
C ASP C 562 7.69 10.93 19.43
N THR C 563 7.16 10.05 20.26
CA THR C 563 6.18 10.45 21.26
C THR C 563 6.90 10.85 22.54
N THR C 564 6.16 11.45 23.46
CA THR C 564 6.74 11.96 24.69
C THR C 564 7.01 10.82 25.66
N ASP C 565 8.28 10.66 26.06
CA ASP C 565 8.67 9.71 27.07
C ASP C 565 9.35 10.36 28.27
N ALA C 566 9.59 11.68 28.23
CA ALA C 566 10.09 12.39 29.40
C ALA C 566 9.51 13.80 29.39
N VAL C 567 9.09 14.25 30.56
CA VAL C 567 8.48 15.57 30.72
C VAL C 567 8.97 16.18 32.02
N ARG C 568 8.92 17.51 32.07
CA ARG C 568 9.26 18.27 33.26
C ARG C 568 7.99 18.97 33.75
N ASP C 569 7.65 18.73 35.02
CA ASP C 569 6.45 19.36 35.57
C ASP C 569 6.66 20.86 35.68
N PRO C 570 5.67 21.69 35.30
CA PRO C 570 5.90 23.14 35.31
C PRO C 570 6.13 23.72 36.70
N GLN C 571 5.20 23.47 37.62
CA GLN C 571 5.30 24.08 38.95
C GLN C 571 6.48 23.51 39.72
N THR C 572 6.60 22.19 39.76
CA THR C 572 7.66 21.50 40.50
C THR C 572 8.76 21.12 39.52
N LEU C 573 9.97 21.60 39.76
CA LEU C 573 11.10 21.33 38.86
C LEU C 573 11.58 19.92 39.13
N GLU C 574 11.23 19.00 38.24
CA GLU C 574 11.56 17.59 38.36
C GLU C 574 11.32 16.92 37.02
N ILE C 575 12.00 15.81 36.79
CA ILE C 575 11.94 15.06 35.53
C ILE C 575 11.15 13.78 35.76
N LEU C 576 10.16 13.55 34.89
CA LEU C 576 9.25 12.41 34.99
C LEU C 576 9.22 11.68 33.65
N ASP C 577 8.55 10.54 33.61
CA ASP C 577 8.33 9.77 32.39
C ASP C 577 6.89 9.29 32.35
N ILE C 578 6.44 8.92 31.16
CA ILE C 578 5.03 8.61 30.89
C ILE C 578 4.95 7.21 30.28
N THR C 579 3.88 6.50 30.61
CA THR C 579 3.54 5.22 30.00
C THR C 579 2.04 5.22 29.75
N PRO C 580 1.56 4.39 28.82
CA PRO C 580 0.12 4.29 28.60
C PRO C 580 -0.52 3.47 29.73
N CYS C 581 -1.85 3.31 29.63
CA CYS C 581 -2.60 2.53 30.61
C CYS C 581 -3.46 1.48 29.95
N SER C 582 -4.00 1.78 28.77
CA SER C 582 -4.48 0.71 27.92
C SER C 582 -3.25 0.04 27.33
N PHE C 583 -2.71 -0.95 28.05
CA PHE C 583 -1.55 -1.70 27.60
C PHE C 583 -1.78 -3.18 27.85
N GLY C 584 -0.85 -4.00 27.35
CA GLY C 584 -0.93 -5.42 27.57
C GLY C 584 -1.91 -6.10 26.65
N GLY C 585 -1.52 -7.20 26.03
CA GLY C 585 -2.45 -8.00 25.28
C GLY C 585 -3.35 -8.80 26.20
N VAL C 586 -4.52 -9.16 25.69
CA VAL C 586 -5.49 -9.96 26.42
C VAL C 586 -5.98 -11.05 25.48
N SER C 587 -5.72 -12.31 25.86
CA SER C 587 -6.21 -13.45 25.12
C SER C 587 -7.36 -14.08 25.89
N VAL C 588 -8.38 -14.54 25.17
CA VAL C 588 -9.58 -15.12 25.75
C VAL C 588 -9.72 -16.53 25.22
N ILE C 589 -9.87 -17.48 26.13
CA ILE C 589 -9.96 -18.90 25.83
C ILE C 589 -11.42 -19.30 25.97
N THR C 590 -11.97 -19.91 24.91
CA THR C 590 -13.37 -20.27 24.88
C THR C 590 -13.51 -21.69 24.35
N PRO C 591 -14.26 -22.58 25.01
CA PRO C 591 -14.89 -23.67 24.26
C PRO C 591 -15.94 -23.10 23.33
N GLY C 592 -16.15 -23.80 22.22
CA GLY C 592 -17.05 -23.30 21.19
C GLY C 592 -18.46 -23.08 21.71
N THR C 593 -18.92 -21.82 21.68
CA THR C 593 -20.31 -21.53 21.98
C THR C 593 -21.20 -22.38 21.09
N ASN C 594 -22.32 -22.83 21.67
CA ASN C 594 -23.03 -24.11 21.42
C ASN C 594 -22.48 -25.23 22.29
N THR C 595 -21.50 -24.97 23.16
CA THR C 595 -21.05 -25.95 24.15
C THR C 595 -21.06 -25.34 25.55
N SER C 596 -20.82 -24.04 25.67
CA SER C 596 -20.84 -23.37 26.95
C SER C 596 -20.72 -21.87 26.70
N ASN C 597 -20.69 -21.11 27.80
CA ASN C 597 -20.33 -19.71 27.78
C ASN C 597 -19.23 -19.36 28.78
N GLN C 598 -18.71 -20.35 29.51
CA GLN C 598 -17.55 -20.11 30.35
C GLN C 598 -16.35 -19.78 29.47
N VAL C 599 -15.42 -18.99 30.03
CA VAL C 599 -14.20 -18.61 29.33
C VAL C 599 -13.07 -18.53 30.35
N ALA C 600 -11.86 -18.28 29.84
CA ALA C 600 -10.71 -17.95 30.65
C ALA C 600 -9.98 -16.79 29.98
N VAL C 601 -9.15 -16.10 30.74
CA VAL C 601 -8.48 -14.88 30.28
C VAL C 601 -7.01 -14.99 30.61
N LEU C 602 -6.17 -14.79 29.60
CA LEU C 602 -4.72 -14.76 29.75
C LEU C 602 -4.26 -13.32 29.57
N TYR C 603 -3.49 -12.84 30.54
CA TYR C 603 -2.85 -11.53 30.51
C TYR C 603 -1.37 -11.75 30.25
N GLN C 604 -0.89 -11.24 29.12
CA GLN C 604 0.45 -11.55 28.65
C GLN C 604 1.51 -10.88 29.51
N ASP C 605 2.51 -11.67 29.93
CA ASP C 605 3.75 -11.17 30.54
C ASP C 605 3.52 -10.35 31.81
N VAL C 606 2.33 -10.40 32.41
CA VAL C 606 2.09 -9.69 33.66
C VAL C 606 2.53 -10.58 34.82
N ASN C 607 2.66 -10.00 36.01
CA ASN C 607 3.06 -10.69 37.23
C ASN C 607 1.88 -10.54 38.18
N CYS C 608 1.02 -11.54 38.21
CA CYS C 608 -0.32 -11.36 38.77
C CYS C 608 -0.37 -11.41 40.28
N THR C 609 0.77 -11.26 40.96
CA THR C 609 0.73 -10.64 42.26
C THR C 609 0.38 -9.16 42.15
N GLU C 610 0.55 -8.56 40.96
CA GLU C 610 0.17 -7.18 40.68
C GLU C 610 -0.47 -7.05 39.29
N VAL C 611 -1.37 -7.97 38.95
CA VAL C 611 -2.19 -7.80 37.74
C VAL C 611 -3.33 -6.80 37.92
N PRO C 612 -4.03 -6.69 39.07
CA PRO C 612 -5.15 -5.73 39.11
C PRO C 612 -4.73 -4.30 38.88
N VAL C 613 -3.49 -3.93 39.24
CA VAL C 613 -2.98 -2.61 38.91
C VAL C 613 -2.64 -2.50 37.43
N ALA C 614 -2.42 -3.63 36.75
CA ALA C 614 -2.17 -3.61 35.31
C ALA C 614 -3.46 -3.62 34.50
N ILE C 615 -4.49 -4.34 34.96
CA ILE C 615 -5.81 -4.20 34.35
C ILE C 615 -6.43 -2.86 34.73
N HIS C 616 -5.94 -2.21 35.79
CA HIS C 616 -6.61 -1.08 36.43
C HIS C 616 -7.99 -1.49 36.93
N ALA C 617 -7.97 -2.40 37.89
CA ALA C 617 -9.18 -2.91 38.53
C ALA C 617 -9.54 -2.10 39.77
N ASP C 618 -9.57 -0.77 39.61
CA ASP C 618 -10.20 0.13 40.56
C ASP C 618 -11.30 0.96 39.92
N GLN C 619 -11.89 0.48 38.82
CA GLN C 619 -12.89 1.25 38.11
C GLN C 619 -13.79 0.38 37.24
N LEU C 620 -13.23 -0.60 36.53
CA LEU C 620 -14.02 -1.38 35.57
C LEU C 620 -15.15 -2.11 36.29
N THR C 621 -16.20 -2.44 35.52
CA THR C 621 -17.31 -3.27 35.99
C THR C 621 -16.84 -4.52 36.72
N PRO C 622 -17.55 -4.99 37.76
CA PRO C 622 -17.09 -6.20 38.46
C PRO C 622 -17.00 -7.43 37.56
N THR C 623 -17.79 -7.50 36.49
CA THR C 623 -17.73 -8.66 35.59
C THR C 623 -16.36 -8.86 34.97
N TRP C 624 -15.54 -7.80 34.90
CA TRP C 624 -14.13 -7.95 34.56
C TRP C 624 -13.26 -8.16 35.79
N ARG C 625 -13.61 -7.51 36.90
CA ARG C 625 -12.78 -7.61 38.10
C ARG C 625 -12.80 -9.00 38.73
N VAL C 626 -13.86 -9.78 38.50
CA VAL C 626 -13.82 -11.20 38.87
C VAL C 626 -12.68 -11.90 38.14
N TYR C 627 -12.41 -11.50 36.90
CA TYR C 627 -11.32 -12.06 36.11
C TYR C 627 -9.99 -11.36 36.38
N SER C 628 -9.96 -10.33 37.23
CA SER C 628 -8.71 -9.73 37.67
C SER C 628 -8.12 -10.45 38.87
N THR C 629 -8.96 -10.99 39.75
CA THR C 629 -8.51 -11.71 40.93
C THR C 629 -9.54 -12.77 41.28
N GLY C 630 -9.08 -13.91 41.75
CA GLY C 630 -9.98 -14.99 42.11
C GLY C 630 -9.21 -16.16 42.68
N SER C 631 -9.94 -17.24 42.96
CA SER C 631 -9.29 -18.47 43.39
C SER C 631 -8.50 -19.11 42.25
N ASN C 632 -9.04 -19.08 41.04
CA ASN C 632 -8.41 -19.71 39.88
C ASN C 632 -7.46 -18.72 39.21
N VAL C 633 -6.27 -18.57 39.81
CA VAL C 633 -5.16 -17.84 39.22
C VAL C 633 -4.04 -18.83 38.94
N PHE C 634 -3.34 -18.63 37.82
CA PHE C 634 -2.24 -19.53 37.46
C PHE C 634 -1.18 -18.74 36.70
N GLN C 635 0.03 -18.71 37.24
CA GLN C 635 1.14 -17.93 36.67
C GLN C 635 1.93 -18.82 35.73
N THR C 636 1.59 -18.79 34.45
CA THR C 636 2.39 -19.42 33.41
C THR C 636 3.48 -18.49 32.93
N ARG C 637 4.50 -19.08 32.29
CA ARG C 637 5.56 -18.27 31.71
C ARG C 637 5.07 -17.38 30.59
N ALA C 638 3.89 -17.66 30.03
CA ALA C 638 3.28 -16.80 29.02
C ALA C 638 2.53 -15.62 29.63
N GLY C 639 2.40 -15.55 30.96
CA GLY C 639 1.61 -14.56 31.65
C GLY C 639 0.70 -15.24 32.66
N CYS C 640 -0.35 -14.56 33.06
CA CYS C 640 -1.25 -15.08 34.09
C CYS C 640 -2.61 -15.44 33.50
N LEU C 641 -3.14 -16.58 33.94
CA LEU C 641 -4.39 -17.13 33.48
C LEU C 641 -5.41 -17.11 34.61
N ILE C 642 -6.61 -16.64 34.29
CA ILE C 642 -7.68 -16.43 35.26
C ILE C 642 -8.94 -17.09 34.70
N GLY C 643 -9.60 -17.88 35.53
CA GLY C 643 -10.83 -18.55 35.14
C GLY C 643 -10.70 -20.02 34.82
N ALA C 644 -9.55 -20.63 35.11
CA ALA C 644 -9.34 -22.04 34.85
C ALA C 644 -8.42 -22.60 35.92
N GLU C 645 -8.70 -23.82 36.35
CA GLU C 645 -7.97 -24.45 37.44
C GLU C 645 -6.76 -25.21 36.89
N HIS C 646 -5.65 -25.12 37.63
CA HIS C 646 -4.42 -25.80 37.21
C HIS C 646 -4.47 -27.25 37.65
N VAL C 647 -4.26 -28.16 36.69
CA VAL C 647 -4.38 -29.59 36.91
C VAL C 647 -3.00 -30.21 36.72
N ASN C 648 -2.64 -31.11 37.63
CA ASN C 648 -1.31 -31.72 37.62
C ASN C 648 -1.16 -32.84 36.58
N ASN C 649 -2.24 -33.26 35.94
CA ASN C 649 -2.17 -34.28 34.91
C ASN C 649 -1.56 -33.68 33.65
N SER C 650 -1.55 -34.44 32.56
CA SER C 650 -1.05 -33.97 31.28
C SER C 650 -1.72 -34.80 30.19
N TYR C 651 -2.35 -34.12 29.23
CA TYR C 651 -3.06 -34.78 28.15
C TYR C 651 -2.68 -34.13 26.83
N GLU C 652 -2.91 -34.85 25.73
CA GLU C 652 -2.92 -34.19 24.44
C GLU C 652 -4.03 -33.15 24.45
N CYS C 653 -3.74 -31.95 23.96
CA CYS C 653 -4.54 -30.79 24.31
C CYS C 653 -5.31 -30.24 23.11
N ASP C 654 -6.46 -29.65 23.42
CA ASP C 654 -7.35 -29.06 22.42
C ASP C 654 -6.92 -27.63 22.09
N ILE C 655 -6.85 -26.77 23.10
CA ILE C 655 -6.66 -25.34 22.93
C ILE C 655 -5.25 -25.01 23.40
N PRO C 656 -4.32 -24.60 22.53
CA PRO C 656 -3.02 -24.15 23.01
C PRO C 656 -3.11 -22.79 23.69
N ILE C 657 -2.30 -22.61 24.73
CA ILE C 657 -2.15 -21.33 25.42
C ILE C 657 -0.77 -20.73 25.15
N GLY C 658 0.27 -21.47 25.46
CA GLY C 658 1.63 -20.98 25.30
C GLY C 658 2.54 -21.45 26.41
N ALA C 659 3.84 -21.45 26.11
CA ALA C 659 4.89 -21.82 27.05
C ALA C 659 4.65 -23.22 27.62
N GLY C 660 4.19 -24.12 26.76
CA GLY C 660 3.95 -25.48 27.14
C GLY C 660 2.61 -25.71 27.82
N ILE C 661 1.79 -24.67 27.97
CA ILE C 661 0.50 -24.76 28.64
C ILE C 661 -0.59 -24.80 27.58
N CYS C 662 -1.57 -25.66 27.81
CA CYS C 662 -2.78 -25.73 27.02
C CYS C 662 -3.97 -25.68 27.97
N ALA C 663 -5.17 -25.67 27.40
CA ALA C 663 -6.40 -25.64 28.18
C ALA C 663 -7.46 -26.46 27.47
N SER C 664 -8.46 -26.89 28.24
CA SER C 664 -9.57 -27.66 27.68
C SER C 664 -10.79 -27.50 28.57
N TYR C 665 -11.95 -27.86 28.02
CA TYR C 665 -13.24 -27.80 28.72
C TYR C 665 -13.67 -29.23 29.03
N GLN C 666 -13.50 -29.64 30.28
CA GLN C 666 -13.69 -31.03 30.68
C GLN C 666 -14.97 -31.20 31.48
N THR C 667 -15.38 -32.47 31.55
CA THR C 667 -16.62 -32.89 32.20
C THR C 667 -16.32 -33.71 33.45
N SER C 676 -17.65 -32.24 37.62
CA SER C 676 -16.41 -31.56 37.26
C SER C 676 -16.54 -30.92 35.88
N GLN C 677 -17.45 -29.97 35.75
CA GLN C 677 -17.76 -29.31 34.48
C GLN C 677 -17.08 -27.94 34.50
N SER C 678 -15.92 -27.84 33.87
CA SER C 678 -15.20 -26.57 33.93
C SER C 678 -14.03 -26.59 32.96
N ILE C 679 -13.31 -25.45 32.91
CA ILE C 679 -12.08 -25.31 32.14
C ILE C 679 -10.91 -25.73 33.01
N ILE C 680 -9.96 -26.43 32.40
CA ILE C 680 -8.73 -26.87 33.06
C ILE C 680 -7.56 -26.40 32.20
N ALA C 681 -6.46 -26.06 32.88
CA ALA C 681 -5.22 -25.64 32.23
C ALA C 681 -4.11 -26.56 32.71
N TYR C 682 -3.25 -26.98 31.79
CA TYR C 682 -2.24 -27.98 32.14
C TYR C 682 -1.08 -27.94 31.17
N THR C 683 0.03 -28.53 31.59
CA THR C 683 1.13 -28.80 30.68
C THR C 683 0.74 -29.98 29.78
N MET C 684 1.01 -29.84 28.48
CA MET C 684 0.61 -30.88 27.55
C MET C 684 1.43 -32.14 27.80
N SER C 685 0.95 -33.25 27.23
CA SER C 685 1.67 -34.50 27.21
C SER C 685 2.31 -34.65 25.84
N LEU C 686 3.64 -34.75 25.80
CA LEU C 686 4.32 -34.95 24.53
C LEU C 686 3.93 -36.26 23.89
N GLY C 687 3.62 -37.26 24.68
CA GLY C 687 3.23 -38.56 24.19
C GLY C 687 3.43 -39.60 25.26
N ALA C 688 3.08 -40.84 24.92
CA ALA C 688 3.22 -41.93 25.86
C ALA C 688 4.69 -42.16 26.18
N GLU C 689 5.00 -42.21 27.47
CA GLU C 689 6.36 -42.53 27.88
C GLU C 689 6.69 -43.95 27.47
N ASN C 690 7.94 -44.17 27.06
CA ASN C 690 8.36 -45.47 26.56
C ASN C 690 9.86 -45.61 26.75
N SER C 691 10.33 -46.85 26.65
CA SER C 691 11.74 -47.16 26.86
C SER C 691 12.06 -48.45 26.13
N VAL C 692 13.00 -48.40 25.21
CA VAL C 692 13.40 -49.59 24.45
C VAL C 692 14.51 -50.29 25.23
N ALA C 693 14.34 -51.59 25.45
CA ALA C 693 15.28 -52.38 26.22
C ALA C 693 16.50 -52.67 25.35
N TYR C 694 17.33 -51.64 25.18
CA TYR C 694 18.54 -51.80 24.39
C TYR C 694 19.49 -52.80 25.04
N SER C 695 20.10 -53.63 24.22
CA SER C 695 21.14 -54.54 24.69
C SER C 695 22.05 -54.87 23.51
N ASN C 696 23.30 -55.19 23.82
CA ASN C 696 24.30 -55.40 22.78
C ASN C 696 24.11 -56.71 22.03
N ASN C 697 23.20 -57.58 22.47
CA ASN C 697 23.00 -58.87 21.82
C ASN C 697 21.52 -59.25 21.71
N SER C 698 20.60 -58.32 21.92
CA SER C 698 19.16 -58.58 21.85
C SER C 698 18.57 -57.82 20.67
N ILE C 699 17.79 -58.52 19.85
CA ILE C 699 17.06 -57.92 18.74
C ILE C 699 15.58 -58.16 18.98
N ALA C 700 14.76 -57.38 18.30
CA ALA C 700 13.31 -57.54 18.29
C ALA C 700 12.88 -57.63 16.84
N ILE C 701 12.17 -58.71 16.49
CA ILE C 701 11.79 -58.96 15.11
C ILE C 701 10.27 -59.14 15.03
N PRO C 702 9.59 -58.62 14.01
CA PRO C 702 8.14 -58.84 13.94
C PRO C 702 7.80 -60.20 13.39
N THR C 703 6.75 -60.80 13.97
CA THR C 703 6.19 -62.07 13.51
C THR C 703 4.89 -61.87 12.75
N ASN C 704 4.39 -60.65 12.64
CA ASN C 704 3.11 -60.37 12.02
C ASN C 704 3.10 -58.89 11.66
N PHE C 705 2.15 -58.50 10.83
CA PHE C 705 2.12 -57.15 10.28
C PHE C 705 0.68 -56.68 10.16
N THR C 706 0.54 -55.41 9.78
CA THR C 706 -0.75 -54.83 9.43
C THR C 706 -0.58 -54.06 8.13
N ILE C 707 -1.65 -54.02 7.35
CA ILE C 707 -1.69 -53.26 6.10
C ILE C 707 -2.57 -52.05 6.36
N SER C 708 -1.94 -50.94 6.75
CA SER C 708 -2.71 -49.76 7.13
C SER C 708 -2.95 -48.90 5.91
N VAL C 709 -4.05 -48.15 5.95
CA VAL C 709 -4.39 -47.17 4.91
C VAL C 709 -4.56 -45.83 5.59
N THR C 710 -3.85 -44.82 5.07
CA THR C 710 -3.79 -43.49 5.66
C THR C 710 -4.27 -42.49 4.60
N THR C 711 -5.25 -41.69 4.97
CA THR C 711 -5.77 -40.65 4.10
C THR C 711 -5.03 -39.36 4.38
N GLU C 712 -4.56 -38.70 3.34
CA GLU C 712 -3.93 -37.39 3.52
C GLU C 712 -4.23 -36.50 2.34
N ILE C 713 -4.50 -35.23 2.64
CA ILE C 713 -5.23 -34.31 1.77
C ILE C 713 -4.33 -33.14 1.42
N LEU C 714 -4.25 -32.80 0.13
CA LEU C 714 -3.47 -31.66 -0.34
C LEU C 714 -4.36 -30.74 -1.18
N PRO C 715 -4.39 -29.43 -0.90
CA PRO C 715 -4.98 -28.52 -1.88
C PRO C 715 -4.10 -28.41 -3.11
N VAL C 716 -4.75 -28.17 -4.25
CA VAL C 716 -4.09 -28.11 -5.55
C VAL C 716 -4.37 -26.80 -6.24
N SER C 717 -5.61 -26.33 -6.21
CA SER C 717 -6.04 -25.12 -6.89
C SER C 717 -6.86 -24.29 -5.91
N MET C 718 -7.12 -23.05 -6.29
CA MET C 718 -8.09 -22.22 -5.59
C MET C 718 -8.84 -21.42 -6.63
N THR C 719 -9.85 -20.68 -6.17
CA THR C 719 -10.83 -20.10 -7.08
C THR C 719 -10.16 -19.06 -7.97
N LYS C 720 -10.37 -19.19 -9.27
CA LYS C 720 -9.80 -18.26 -10.24
C LYS C 720 -10.70 -17.03 -10.23
N THR C 721 -10.32 -16.06 -9.41
CA THR C 721 -11.07 -14.82 -9.32
C THR C 721 -10.58 -13.82 -10.36
N SER C 722 -11.42 -12.82 -10.62
CA SER C 722 -11.11 -11.76 -11.55
C SER C 722 -11.85 -10.51 -11.10
N VAL C 723 -11.25 -9.36 -11.36
CA VAL C 723 -11.77 -8.09 -10.87
C VAL C 723 -11.68 -7.06 -11.99
N ASP C 724 -12.77 -6.33 -12.21
CA ASP C 724 -12.78 -5.15 -13.05
C ASP C 724 -12.64 -3.94 -12.14
N CYS C 725 -11.50 -3.24 -12.24
CA CYS C 725 -11.32 -2.02 -11.46
C CYS C 725 -12.45 -1.04 -11.67
N THR C 726 -12.80 -0.78 -12.94
CA THR C 726 -13.73 0.29 -13.22
C THR C 726 -15.05 0.05 -12.51
N MET C 727 -15.57 -1.18 -12.60
CA MET C 727 -16.84 -1.50 -11.96
C MET C 727 -16.74 -1.39 -10.44
N TYR C 728 -15.61 -1.79 -9.86
CA TYR C 728 -15.43 -1.80 -8.41
C TYR C 728 -15.24 -0.39 -7.85
N ILE C 729 -14.19 0.29 -8.31
CA ILE C 729 -13.87 1.62 -7.81
C ILE C 729 -14.98 2.61 -8.17
N CYS C 730 -15.37 2.63 -9.43
CA CYS C 730 -16.27 3.62 -10.00
C CYS C 730 -17.58 2.95 -10.40
N GLY C 731 -18.61 3.13 -9.60
CA GLY C 731 -19.83 2.37 -9.78
C GLY C 731 -20.56 2.77 -11.05
N ASP C 732 -19.97 2.36 -12.18
CA ASP C 732 -20.42 2.64 -13.56
C ASP C 732 -20.81 4.11 -13.77
N SER C 733 -20.02 5.01 -13.20
CA SER C 733 -20.11 6.44 -13.44
C SER C 733 -18.95 6.87 -14.31
N THR C 734 -19.24 7.62 -15.38
CA THR C 734 -18.20 7.98 -16.34
C THR C 734 -17.24 9.02 -15.79
N GLU C 735 -17.75 9.95 -14.99
CA GLU C 735 -16.90 11.02 -14.45
C GLU C 735 -15.89 10.50 -13.44
N CYS C 736 -16.21 9.41 -12.75
CA CYS C 736 -15.20 8.73 -11.94
C CYS C 736 -14.24 7.93 -12.81
N SER C 737 -14.73 7.37 -13.92
CA SER C 737 -13.86 6.61 -14.80
C SER C 737 -12.79 7.51 -15.40
N ASN C 738 -13.16 8.73 -15.78
CA ASN C 738 -12.18 9.66 -16.34
C ASN C 738 -11.11 10.02 -15.31
N LEU C 739 -11.51 10.24 -14.07
CA LEU C 739 -10.54 10.50 -13.01
C LEU C 739 -9.61 9.31 -12.82
N LEU C 740 -10.17 8.10 -12.81
CA LEU C 740 -9.34 6.90 -12.64
C LEU C 740 -8.39 6.72 -13.81
N LEU C 741 -8.79 7.16 -15.00
CA LEU C 741 -8.04 6.88 -16.22
C LEU C 741 -6.61 7.40 -16.16
N GLN C 742 -6.36 8.48 -15.40
CA GLN C 742 -5.01 9.00 -15.31
C GLN C 742 -4.08 8.07 -14.54
N TYR C 743 -4.61 7.15 -13.74
CA TYR C 743 -3.76 6.12 -13.14
C TYR C 743 -3.43 5.05 -14.16
N GLY C 744 -4.43 4.30 -14.59
CA GLY C 744 -4.32 3.45 -15.76
C GLY C 744 -3.46 2.23 -15.56
N SER C 745 -2.15 2.43 -15.41
CA SER C 745 -1.23 1.31 -15.33
C SER C 745 -1.43 0.48 -14.07
N PHE C 746 -1.97 1.07 -13.01
CA PHE C 746 -2.20 0.32 -11.77
C PHE C 746 -3.15 -0.83 -12.00
N CYS C 747 -4.25 -0.58 -12.69
CA CYS C 747 -5.25 -1.61 -12.91
C CYS C 747 -4.83 -2.61 -13.96
N THR C 748 -4.11 -2.19 -15.00
CA THR C 748 -3.48 -3.15 -15.88
C THR C 748 -2.61 -4.11 -15.07
N GLN C 749 -1.83 -3.56 -14.14
CA GLN C 749 -0.98 -4.38 -13.29
C GLN C 749 -1.80 -5.37 -12.47
N LEU C 750 -2.88 -4.90 -11.85
CA LEU C 750 -3.70 -5.76 -11.00
C LEU C 750 -4.35 -6.88 -11.81
N ASN C 751 -4.98 -6.52 -12.93
CA ASN C 751 -5.64 -7.53 -13.76
C ASN C 751 -4.63 -8.52 -14.28
N ARG C 752 -3.43 -8.06 -14.63
CA ARG C 752 -2.38 -8.96 -15.08
C ARG C 752 -2.00 -9.94 -13.99
N ALA C 753 -1.86 -9.45 -12.75
CA ALA C 753 -1.50 -10.32 -11.65
C ALA C 753 -2.57 -11.38 -11.42
N LEU C 754 -3.84 -10.97 -11.39
CA LEU C 754 -4.91 -11.95 -11.16
C LEU C 754 -5.02 -12.93 -12.31
N THR C 755 -4.80 -12.49 -13.55
CA THR C 755 -4.77 -13.41 -14.68
C THR C 755 -3.66 -14.43 -14.53
N GLY C 756 -2.48 -13.96 -14.12
CA GLY C 756 -1.39 -14.89 -13.85
C GLY C 756 -1.76 -15.90 -12.80
N ILE C 757 -2.46 -15.46 -11.75
CA ILE C 757 -2.89 -16.39 -10.70
C ILE C 757 -3.82 -17.44 -11.27
N ALA C 758 -4.80 -17.02 -12.08
CA ALA C 758 -5.77 -17.97 -12.64
C ALA C 758 -5.09 -19.00 -13.52
N VAL C 759 -4.21 -18.53 -14.42
CA VAL C 759 -3.44 -19.44 -15.25
C VAL C 759 -2.62 -20.38 -14.40
N GLU C 760 -2.06 -19.87 -13.29
CA GLU C 760 -1.27 -20.71 -12.40
C GLU C 760 -2.11 -21.81 -11.77
N GLN C 761 -3.37 -21.51 -11.47
CA GLN C 761 -4.24 -22.55 -10.89
C GLN C 761 -4.52 -23.65 -11.90
N ASP C 762 -4.89 -23.26 -13.12
CA ASP C 762 -5.11 -24.28 -14.16
C ASP C 762 -3.86 -25.09 -14.42
N LYS C 763 -2.68 -24.43 -14.42
CA LYS C 763 -1.41 -25.12 -14.35
C LYS C 763 -1.37 -26.17 -13.26
N ASN C 764 -1.68 -25.76 -12.01
CA ASN C 764 -1.50 -26.65 -10.87
C ASN C 764 -2.35 -27.90 -11.02
N THR C 765 -3.59 -27.72 -11.49
CA THR C 765 -4.46 -28.87 -11.73
C THR C 765 -3.89 -29.77 -12.82
N GLN C 766 -3.39 -29.16 -13.91
CA GLN C 766 -2.82 -29.95 -14.99
C GLN C 766 -1.64 -30.79 -14.51
N GLU C 767 -0.70 -30.15 -13.80
CA GLU C 767 0.51 -30.87 -13.40
C GLU C 767 0.21 -31.94 -12.36
N VAL C 768 -0.85 -31.78 -11.58
CA VAL C 768 -1.19 -32.82 -10.60
C VAL C 768 -1.87 -33.99 -11.30
N PHE C 769 -2.97 -33.74 -12.00
CA PHE C 769 -3.83 -34.82 -12.46
C PHE C 769 -3.47 -35.34 -13.85
N ALA C 770 -2.99 -34.48 -14.74
CA ALA C 770 -2.64 -34.88 -16.11
C ALA C 770 -1.21 -35.38 -16.20
N GLN C 771 -0.83 -36.32 -15.32
CA GLN C 771 0.50 -36.92 -15.42
C GLN C 771 0.61 -37.84 -16.62
N VAL C 772 -0.47 -38.55 -16.95
CA VAL C 772 -0.52 -39.50 -18.05
C VAL C 772 -1.61 -39.07 -19.01
N LYS C 773 -1.30 -39.11 -20.31
CA LYS C 773 -2.23 -38.71 -21.37
C LYS C 773 -2.79 -39.93 -22.08
N GLN C 774 -3.03 -40.99 -21.33
CA GLN C 774 -3.66 -42.21 -21.84
C GLN C 774 -4.75 -42.61 -20.86
N ILE C 775 -5.99 -42.63 -21.33
CA ILE C 775 -7.15 -42.89 -20.46
C ILE C 775 -7.33 -44.41 -20.43
N TYR C 776 -6.65 -45.05 -19.48
CA TYR C 776 -6.84 -46.49 -19.27
C TYR C 776 -8.19 -46.71 -18.60
N LYS C 777 -9.11 -47.36 -19.30
CA LYS C 777 -10.39 -47.70 -18.73
C LYS C 777 -10.24 -48.91 -17.82
N THR C 778 -11.01 -48.93 -16.74
CA THR C 778 -10.91 -50.02 -15.79
C THR C 778 -11.42 -51.32 -16.41
N PRO C 779 -10.83 -52.47 -16.07
CA PRO C 779 -11.35 -53.73 -16.62
C PRO C 779 -12.74 -54.03 -16.06
N PRO C 780 -13.55 -54.82 -16.78
CA PRO C 780 -14.92 -55.05 -16.31
C PRO C 780 -15.00 -56.08 -15.20
N ILE C 781 -14.04 -57.01 -15.15
CA ILE C 781 -14.07 -58.15 -14.24
C ILE C 781 -13.05 -57.89 -13.15
N LYS C 782 -13.50 -57.93 -11.90
CA LYS C 782 -12.68 -57.51 -10.75
C LYS C 782 -12.07 -58.74 -10.06
N ASP C 783 -11.22 -59.42 -10.81
CA ASP C 783 -10.49 -60.59 -10.30
C ASP C 783 -9.07 -60.18 -9.89
N PHE C 784 -9.01 -59.44 -8.79
CA PHE C 784 -7.77 -58.84 -8.31
C PHE C 784 -7.18 -59.61 -7.13
N GLY C 785 -7.50 -60.89 -6.99
CA GLY C 785 -6.88 -61.69 -5.95
C GLY C 785 -7.38 -61.38 -4.56
N GLY C 786 -8.67 -61.05 -4.43
CA GLY C 786 -9.27 -60.75 -3.15
C GLY C 786 -9.38 -59.28 -2.82
N PHE C 787 -8.60 -58.44 -3.50
CA PHE C 787 -8.66 -57.01 -3.26
C PHE C 787 -9.93 -56.43 -3.89
N ASN C 788 -10.55 -55.49 -3.19
CA ASN C 788 -11.83 -54.91 -3.58
C ASN C 788 -11.65 -53.41 -3.75
N PHE C 789 -11.71 -52.93 -4.99
CA PHE C 789 -11.52 -51.52 -5.33
C PHE C 789 -12.84 -50.82 -5.68
N SER C 790 -13.98 -51.45 -5.40
CA SER C 790 -15.26 -50.87 -5.80
C SER C 790 -15.47 -49.50 -5.18
N GLN C 791 -14.96 -49.30 -3.96
CA GLN C 791 -15.19 -48.04 -3.27
C GLN C 791 -14.44 -46.88 -3.93
N ILE C 792 -13.31 -47.16 -4.56
CA ILE C 792 -12.45 -46.10 -5.10
C ILE C 792 -12.60 -46.02 -6.61
N LEU C 793 -12.90 -47.13 -7.25
CA LEU C 793 -13.09 -47.13 -8.69
C LEU C 793 -14.43 -46.49 -9.06
N PRO C 794 -14.60 -46.00 -10.28
CA PRO C 794 -15.86 -45.34 -10.65
C PRO C 794 -17.05 -46.29 -10.56
N ASP C 795 -18.19 -45.72 -10.16
CA ASP C 795 -19.45 -46.47 -10.13
C ASP C 795 -20.17 -46.24 -11.45
N PRO C 796 -20.29 -47.25 -12.33
CA PRO C 796 -20.96 -46.99 -13.62
C PRO C 796 -22.44 -46.64 -13.48
N SER C 797 -23.09 -47.08 -12.40
CA SER C 797 -24.51 -46.77 -12.21
C SER C 797 -24.73 -45.27 -12.08
N LYS C 798 -23.88 -44.59 -11.32
CA LYS C 798 -24.03 -43.16 -11.14
C LYS C 798 -23.82 -42.45 -12.48
N PRO C 799 -24.62 -41.41 -12.80
CA PRO C 799 -24.33 -40.66 -14.04
C PRO C 799 -22.94 -40.06 -14.08
N SER C 800 -22.46 -39.56 -12.96
CA SER C 800 -21.10 -39.06 -12.86
C SER C 800 -20.12 -40.24 -12.76
N LYS C 801 -18.87 -39.96 -13.10
CA LYS C 801 -17.80 -40.95 -13.00
C LYS C 801 -17.10 -40.92 -11.65
N ARG C 802 -17.63 -40.19 -10.68
CA ARG C 802 -17.09 -40.21 -9.33
C ARG C 802 -17.29 -41.59 -8.71
N SER C 803 -16.39 -41.93 -7.78
CA SER C 803 -16.48 -43.17 -7.03
C SER C 803 -17.20 -42.90 -5.70
N PHE C 804 -17.37 -43.96 -4.91
CA PHE C 804 -18.04 -43.83 -3.62
C PHE C 804 -17.28 -42.87 -2.71
N ILE C 805 -15.97 -43.09 -2.56
CA ILE C 805 -15.17 -42.23 -1.70
C ILE C 805 -15.18 -40.81 -2.22
N GLU C 806 -14.99 -40.63 -3.53
CA GLU C 806 -15.04 -39.30 -4.13
C GLU C 806 -16.40 -38.66 -3.89
N ASP C 807 -17.47 -39.46 -3.94
CA ASP C 807 -18.80 -38.92 -3.66
C ASP C 807 -18.88 -38.40 -2.24
N LEU C 808 -18.31 -39.14 -1.28
CA LEU C 808 -18.29 -38.66 0.10
C LEU C 808 -17.48 -37.39 0.22
N LEU C 809 -16.33 -37.32 -0.46
CA LEU C 809 -15.44 -36.17 -0.29
C LEU C 809 -16.05 -34.89 -0.83
N PHE C 810 -16.92 -34.99 -1.83
CA PHE C 810 -17.57 -33.80 -2.38
C PHE C 810 -18.72 -33.30 -1.52
N ASN C 811 -19.10 -34.02 -0.47
CA ASN C 811 -20.18 -33.59 0.43
C ASN C 811 -19.68 -32.99 1.72
N LYS C 812 -18.47 -33.35 2.17
CA LYS C 812 -17.90 -32.74 3.36
C LYS C 812 -17.31 -31.35 3.10
N VAL C 813 -17.26 -30.90 1.85
CA VAL C 813 -16.86 -29.55 1.50
C VAL C 813 -18.09 -28.82 0.96
N THR C 814 -18.33 -27.62 1.48
CA THR C 814 -19.63 -26.98 1.26
C THR C 814 -19.75 -26.41 -0.15
N LEU C 815 -18.90 -25.44 -0.49
CA LEU C 815 -18.97 -24.77 -1.78
C LEU C 815 -17.96 -25.35 -2.75
N ILE C 821 -21.35 -20.36 -10.20
CA ILE C 821 -22.46 -21.06 -10.83
C ILE C 821 -23.77 -20.26 -10.75
N LYS C 822 -23.77 -19.16 -10.00
CA LYS C 822 -24.98 -18.35 -9.85
C LYS C 822 -25.26 -17.64 -11.17
N GLN C 823 -26.18 -18.19 -11.94
CA GLN C 823 -26.54 -17.60 -13.21
C GLN C 823 -27.27 -16.27 -12.99
N TYR C 824 -27.06 -15.32 -13.90
CA TYR C 824 -27.75 -14.05 -13.82
C TYR C 824 -29.24 -14.25 -14.02
N GLY C 825 -30.02 -13.33 -13.43
CA GLY C 825 -31.44 -13.49 -13.24
C GLY C 825 -31.82 -14.02 -11.88
N ASP C 826 -30.92 -14.76 -11.22
CA ASP C 826 -31.12 -15.08 -9.81
C ASP C 826 -30.89 -13.85 -8.95
N CYS C 827 -29.88 -13.05 -9.29
CA CYS C 827 -29.61 -11.83 -8.53
C CYS C 827 -30.67 -10.76 -8.81
N LEU C 828 -31.15 -10.70 -10.04
CA LEU C 828 -32.19 -9.72 -10.36
C LEU C 828 -33.48 -10.03 -9.64
N GLY C 829 -33.84 -11.31 -9.56
CA GLY C 829 -35.04 -11.72 -8.85
C GLY C 829 -34.85 -11.76 -7.34
N ASP C 835 -27.61 -11.73 -1.19
CA ASP C 835 -26.64 -12.81 -1.25
C ASP C 835 -25.22 -12.25 -1.38
N LEU C 836 -24.24 -13.00 -0.90
CA LEU C 836 -22.85 -12.55 -1.01
C LEU C 836 -22.39 -12.55 -2.46
N ILE C 837 -22.71 -13.63 -3.20
CA ILE C 837 -22.20 -13.78 -4.56
C ILE C 837 -22.74 -12.66 -5.44
N CYS C 838 -24.01 -12.29 -5.24
CA CYS C 838 -24.61 -11.25 -6.06
C CYS C 838 -23.94 -9.91 -5.82
N ALA C 839 -23.64 -9.58 -4.57
CA ALA C 839 -22.91 -8.35 -4.29
C ALA C 839 -21.52 -8.37 -4.90
N GLN C 840 -20.82 -9.51 -4.77
CA GLN C 840 -19.50 -9.66 -5.39
C GLN C 840 -19.58 -9.38 -6.89
N LYS C 841 -20.56 -9.98 -7.56
CA LYS C 841 -20.67 -9.80 -9.01
C LYS C 841 -21.05 -8.37 -9.36
N PHE C 842 -21.91 -7.75 -8.55
CA PHE C 842 -22.30 -6.37 -8.81
C PHE C 842 -21.13 -5.41 -8.63
N ASN C 843 -20.15 -5.76 -7.79
CA ASN C 843 -18.99 -4.92 -7.55
C ASN C 843 -17.76 -5.41 -8.32
N GLY C 844 -17.95 -6.00 -9.49
CA GLY C 844 -16.86 -6.33 -10.39
C GLY C 844 -16.11 -7.60 -10.06
N LEU C 845 -16.46 -8.28 -8.98
CA LEU C 845 -15.74 -9.46 -8.53
C LEU C 845 -16.41 -10.69 -9.13
N THR C 846 -15.72 -11.36 -10.05
CA THR C 846 -16.20 -12.57 -10.68
C THR C 846 -15.30 -13.74 -10.29
N VAL C 847 -15.88 -14.93 -10.37
CA VAL C 847 -15.17 -16.18 -10.09
C VAL C 847 -15.17 -16.97 -11.39
N LEU C 848 -14.04 -16.97 -12.08
CA LEU C 848 -13.93 -17.69 -13.33
C LEU C 848 -13.99 -19.20 -13.05
N PRO C 849 -14.55 -19.99 -13.98
CA PRO C 849 -14.68 -21.43 -13.73
C PRO C 849 -13.38 -22.13 -14.04
N PRO C 850 -13.06 -23.23 -13.34
CA PRO C 850 -11.84 -23.97 -13.66
C PRO C 850 -11.91 -24.61 -15.03
N LEU C 851 -10.75 -24.72 -15.67
CA LEU C 851 -10.68 -25.29 -17.01
C LEU C 851 -11.15 -26.74 -17.01
N LEU C 852 -10.61 -27.55 -16.09
CA LEU C 852 -11.01 -28.94 -15.96
C LEU C 852 -12.20 -29.02 -15.02
N THR C 853 -13.29 -29.62 -15.48
CA THR C 853 -14.43 -29.84 -14.61
C THR C 853 -14.18 -31.03 -13.70
N ASP C 854 -15.10 -31.25 -12.77
CA ASP C 854 -14.91 -32.32 -11.81
C ASP C 854 -15.02 -33.68 -12.48
N GLU C 855 -15.88 -33.81 -13.50
CA GLU C 855 -15.98 -35.08 -14.21
C GLU C 855 -14.66 -35.42 -14.90
N MET C 856 -14.00 -34.42 -15.48
CA MET C 856 -12.77 -34.67 -16.20
C MET C 856 -11.61 -34.99 -15.25
N ILE C 857 -11.57 -34.29 -14.11
CA ILE C 857 -10.57 -34.62 -13.09
C ILE C 857 -10.81 -36.04 -12.58
N ALA C 858 -12.07 -36.40 -12.37
CA ALA C 858 -12.39 -37.77 -11.96
C ALA C 858 -12.00 -38.77 -13.03
N GLN C 859 -12.10 -38.40 -14.30
CA GLN C 859 -11.68 -39.30 -15.37
C GLN C 859 -10.17 -39.51 -15.33
N TYR C 860 -9.41 -38.44 -15.14
CA TYR C 860 -7.96 -38.56 -14.93
C TYR C 860 -7.67 -39.49 -13.76
N THR C 861 -8.37 -39.30 -12.64
CA THR C 861 -8.14 -40.13 -11.47
C THR C 861 -8.47 -41.60 -11.76
N SER C 862 -9.56 -41.84 -12.48
CA SER C 862 -9.92 -43.21 -12.84
C SER C 862 -8.86 -43.84 -13.73
N ALA C 863 -8.33 -43.07 -14.68
CA ALA C 863 -7.25 -43.58 -15.52
C ALA C 863 -6.03 -43.93 -14.68
N LEU C 864 -5.69 -43.08 -13.72
CA LEU C 864 -4.54 -43.35 -12.86
C LEU C 864 -4.78 -44.62 -12.04
N LEU C 865 -5.98 -44.79 -11.50
CA LEU C 865 -6.28 -45.99 -10.73
C LEU C 865 -6.20 -47.24 -11.59
N ALA C 866 -6.77 -47.17 -12.81
CA ALA C 866 -6.75 -48.32 -13.69
C ALA C 866 -5.33 -48.69 -14.06
N GLY C 867 -4.49 -47.70 -14.37
CA GLY C 867 -3.10 -47.98 -14.64
C GLY C 867 -2.39 -48.60 -13.44
N THR C 868 -2.67 -48.07 -12.24
CA THR C 868 -1.99 -48.57 -11.05
C THR C 868 -2.35 -50.02 -10.78
N ILE C 869 -3.63 -50.38 -10.96
CA ILE C 869 -4.06 -51.73 -10.58
C ILE C 869 -3.89 -52.75 -11.69
N THR C 870 -3.81 -52.32 -12.96
CA THR C 870 -3.61 -53.24 -14.07
C THR C 870 -2.17 -53.35 -14.52
N SER C 871 -1.33 -52.37 -14.19
CA SER C 871 0.02 -52.28 -14.74
C SER C 871 1.10 -51.97 -13.72
N GLY C 872 0.76 -51.49 -12.53
CA GLY C 872 1.74 -51.16 -11.52
C GLY C 872 2.46 -49.85 -11.80
N TRP C 873 3.77 -49.83 -11.59
CA TRP C 873 4.57 -48.64 -11.86
C TRP C 873 5.01 -48.53 -13.32
N THR C 874 4.61 -49.47 -14.17
CA THR C 874 5.12 -49.49 -15.54
C THR C 874 4.47 -48.42 -16.40
N PHE C 875 3.22 -48.07 -16.12
CA PHE C 875 2.52 -47.09 -16.95
C PHE C 875 3.02 -45.68 -16.75
N GLY C 876 3.73 -45.41 -15.65
CA GLY C 876 4.40 -44.14 -15.48
C GLY C 876 5.64 -44.00 -16.33
N ALA C 877 6.36 -45.10 -16.51
CA ALA C 877 7.60 -45.10 -17.30
C ALA C 877 7.31 -45.61 -18.71
N GLY C 878 6.57 -44.80 -19.45
CA GLY C 878 6.32 -45.07 -20.86
C GLY C 878 5.12 -45.99 -21.03
N ALA C 879 5.31 -47.04 -21.84
CA ALA C 879 4.20 -47.91 -22.20
C ALA C 879 3.71 -48.68 -20.99
N ALA C 880 2.38 -48.84 -20.90
CA ALA C 880 1.77 -49.56 -19.80
C ALA C 880 1.77 -51.05 -20.11
N LEU C 881 2.57 -51.80 -19.37
CA LEU C 881 2.55 -53.25 -19.45
C LEU C 881 1.36 -53.78 -18.65
N GLN C 882 1.33 -55.07 -18.38
CA GLN C 882 0.29 -55.67 -17.55
C GLN C 882 0.92 -56.70 -16.63
N ILE C 883 0.23 -56.97 -15.54
CA ILE C 883 0.76 -57.77 -14.45
C ILE C 883 -0.43 -58.20 -13.59
N PRO C 884 -0.59 -59.49 -13.24
CA PRO C 884 -1.65 -59.84 -12.29
C PRO C 884 -1.41 -59.13 -10.96
N PHE C 885 -2.51 -58.73 -10.31
CA PHE C 885 -2.40 -57.80 -9.20
C PHE C 885 -1.62 -58.39 -8.04
N ALA C 886 -1.85 -59.67 -7.73
CA ALA C 886 -1.16 -60.27 -6.60
C ALA C 886 0.34 -60.31 -6.81
N MET C 887 0.79 -60.40 -8.05
CA MET C 887 2.22 -60.37 -8.34
C MET C 887 2.81 -58.97 -8.12
N GLN C 888 2.14 -57.95 -8.68
CA GLN C 888 2.52 -56.58 -8.41
C GLN C 888 2.61 -56.34 -6.91
N MET C 889 1.63 -56.86 -6.16
CA MET C 889 1.67 -56.73 -4.72
C MET C 889 2.86 -57.49 -4.13
N ALA C 890 3.15 -58.71 -4.66
CA ALA C 890 4.33 -59.45 -4.21
C ALA C 890 5.57 -58.59 -4.26
N TYR C 891 5.61 -57.62 -5.17
CA TYR C 891 6.87 -57.06 -5.61
C TYR C 891 7.01 -55.66 -5.04
N ARG C 892 5.89 -54.96 -4.88
CA ARG C 892 5.81 -53.91 -3.89
C ARG C 892 6.25 -54.39 -2.51
N PHE C 893 5.92 -55.65 -2.16
CA PHE C 893 6.40 -56.22 -0.89
C PHE C 893 7.90 -56.45 -0.91
N ASN C 894 8.40 -57.04 -2.00
CA ASN C 894 9.85 -57.24 -2.13
C ASN C 894 10.59 -55.92 -2.02
N GLY C 895 9.99 -54.83 -2.52
CA GLY C 895 10.61 -53.52 -2.48
C GLY C 895 10.89 -53.00 -1.08
N ILE C 896 10.15 -53.49 -0.07
CA ILE C 896 10.30 -53.03 1.31
C ILE C 896 11.07 -54.03 2.16
N GLY C 897 11.74 -55.00 1.55
CA GLY C 897 12.61 -55.90 2.28
C GLY C 897 11.96 -57.12 2.89
N VAL C 898 10.78 -57.54 2.40
CA VAL C 898 10.16 -58.79 2.77
C VAL C 898 9.98 -59.60 1.49
N THR C 899 10.36 -60.87 1.53
CA THR C 899 10.34 -61.67 0.31
C THR C 899 8.92 -61.94 -0.15
N GLN C 900 8.77 -62.15 -1.45
CA GLN C 900 7.44 -62.32 -2.06
C GLN C 900 6.68 -63.52 -1.52
N ASN C 901 7.37 -64.47 -0.88
CA ASN C 901 6.68 -65.65 -0.35
C ASN C 901 5.63 -65.27 0.69
N VAL C 902 5.93 -64.26 1.52
CA VAL C 902 5.06 -63.92 2.64
C VAL C 902 3.67 -63.49 2.15
N LEU C 903 3.61 -62.77 1.03
CA LEU C 903 2.31 -62.36 0.52
C LEU C 903 1.49 -63.57 0.10
N TYR C 904 2.06 -64.41 -0.76
CA TYR C 904 1.34 -65.57 -1.27
C TYR C 904 0.94 -66.51 -0.15
N GLU C 905 1.72 -66.55 0.94
CA GLU C 905 1.35 -67.38 2.07
C GLU C 905 0.20 -66.76 2.87
N ASN C 906 0.07 -65.43 2.85
CA ASN C 906 -0.97 -64.70 3.57
C ASN C 906 -1.75 -63.80 2.62
N GLN C 907 -1.97 -64.25 1.39
CA GLN C 907 -2.61 -63.40 0.39
C GLN C 907 -4.04 -63.05 0.80
N LYS C 908 -4.82 -64.05 1.20
CA LYS C 908 -6.22 -63.80 1.56
C LYS C 908 -6.31 -62.89 2.78
N LEU C 909 -5.48 -63.15 3.79
CA LEU C 909 -5.49 -62.32 4.99
C LEU C 909 -5.13 -60.89 4.66
N ILE C 910 -4.12 -60.70 3.81
CA ILE C 910 -3.66 -59.35 3.44
C ILE C 910 -4.75 -58.62 2.68
N ALA C 911 -5.40 -59.31 1.74
CA ALA C 911 -6.51 -58.69 1.01
C ALA C 911 -7.65 -58.32 1.96
N ASN C 912 -7.92 -59.18 2.95
CA ASN C 912 -8.95 -58.87 3.92
C ASN C 912 -8.58 -57.62 4.72
N GLN C 913 -7.32 -57.52 5.13
CA GLN C 913 -6.88 -56.33 5.85
C GLN C 913 -7.05 -55.08 5.00
N PHE C 914 -6.69 -55.17 3.71
CA PHE C 914 -6.82 -54.00 2.84
C PHE C 914 -8.28 -53.58 2.70
N ASN C 915 -9.17 -54.56 2.48
CA ASN C 915 -10.59 -54.25 2.34
C ASN C 915 -11.14 -53.64 3.62
N SER C 916 -10.77 -54.20 4.78
CA SER C 916 -11.23 -53.66 6.05
C SER C 916 -10.73 -52.23 6.24
N ALA C 917 -9.46 -51.98 5.91
CA ALA C 917 -8.91 -50.63 6.04
C ALA C 917 -9.67 -49.65 5.16
N ILE C 918 -9.95 -50.03 3.92
CA ILE C 918 -10.73 -49.17 3.03
C ILE C 918 -12.09 -48.86 3.64
N GLY C 919 -12.74 -49.89 4.19
CA GLY C 919 -14.02 -49.66 4.86
C GLY C 919 -13.90 -48.69 6.03
N LYS C 920 -12.81 -48.80 6.79
CA LYS C 920 -12.63 -47.88 7.91
C LYS C 920 -12.42 -46.45 7.43
N ILE C 921 -11.70 -46.27 6.32
CA ILE C 921 -11.59 -44.94 5.72
C ILE C 921 -12.97 -44.41 5.36
N GLN C 922 -13.77 -45.25 4.69
CA GLN C 922 -15.11 -44.84 4.28
C GLN C 922 -15.91 -44.36 5.47
N ASP C 923 -15.92 -45.15 6.55
CA ASP C 923 -16.66 -44.75 7.75
C ASP C 923 -16.07 -43.47 8.34
N SER C 924 -14.73 -43.37 8.38
CA SER C 924 -14.08 -42.30 9.11
C SER C 924 -14.31 -40.96 8.47
N LEU C 925 -14.42 -40.89 7.13
CA LEU C 925 -14.78 -39.64 6.47
C LEU C 925 -16.25 -39.58 6.08
N SER C 926 -17.05 -40.60 6.40
CA SER C 926 -18.50 -40.49 6.35
C SER C 926 -19.11 -40.03 7.66
N SER C 927 -18.36 -40.08 8.77
CA SER C 927 -18.89 -39.68 10.07
C SER C 927 -18.60 -38.21 10.39
N THR C 928 -17.33 -37.84 10.42
CA THR C 928 -16.91 -36.48 10.75
C THR C 928 -16.53 -35.71 9.50
N ALA C 929 -16.57 -34.37 9.62
CA ALA C 929 -16.31 -33.47 8.50
C ALA C 929 -15.06 -32.62 8.68
N SER C 930 -14.43 -32.65 9.85
CA SER C 930 -13.19 -31.90 10.07
C SER C 930 -11.97 -32.56 9.44
N ALA C 931 -12.13 -33.76 8.85
CA ALA C 931 -11.00 -34.42 8.21
C ALA C 931 -10.47 -33.58 7.05
N LEU C 932 -11.37 -33.03 6.24
CA LEU C 932 -10.98 -32.19 5.10
C LEU C 932 -10.83 -30.74 5.53
N GLY C 933 -9.99 -30.52 6.55
CA GLY C 933 -9.82 -29.17 7.05
C GLY C 933 -9.13 -28.26 6.05
N LYS C 934 -8.05 -28.74 5.42
CA LYS C 934 -7.22 -27.89 4.58
C LYS C 934 -7.99 -27.34 3.38
N LEU C 935 -8.75 -28.20 2.71
CA LEU C 935 -9.55 -27.76 1.58
C LEU C 935 -10.59 -26.72 2.02
N GLN C 936 -11.23 -26.96 3.15
CA GLN C 936 -12.23 -26.02 3.63
C GLN C 936 -11.60 -24.69 4.02
N ASP C 937 -10.40 -24.71 4.59
CA ASP C 937 -9.70 -23.47 4.87
C ASP C 937 -9.40 -22.71 3.59
N VAL C 938 -8.96 -23.42 2.54
CA VAL C 938 -8.73 -22.77 1.25
C VAL C 938 -10.00 -22.07 0.77
N VAL C 939 -11.12 -22.83 0.77
CA VAL C 939 -12.39 -22.29 0.30
C VAL C 939 -12.80 -21.09 1.15
N ASN C 940 -12.66 -21.20 2.47
CA ASN C 940 -13.12 -20.16 3.36
C ASN C 940 -12.30 -18.90 3.19
N GLN C 941 -10.98 -19.03 3.13
CA GLN C 941 -10.13 -17.86 2.91
C GLN C 941 -10.46 -17.18 1.59
N ASN C 942 -10.66 -17.96 0.53
CA ASN C 942 -10.94 -17.34 -0.76
C ASN C 942 -12.30 -16.66 -0.78
N ALA C 943 -13.30 -17.25 -0.13
CA ALA C 943 -14.62 -16.64 -0.08
C ALA C 943 -14.73 -15.52 0.94
N GLN C 944 -13.78 -15.41 1.86
CA GLN C 944 -13.79 -14.42 2.92
C GLN C 944 -13.02 -13.17 2.54
N ALA C 945 -11.90 -13.34 1.81
CA ALA C 945 -11.17 -12.17 1.31
C ALA C 945 -12.05 -11.34 0.38
N LEU C 946 -12.85 -11.99 -0.46
CA LEU C 946 -13.78 -11.28 -1.33
C LEU C 946 -14.81 -10.52 -0.50
N ASN C 947 -15.30 -11.14 0.58
CA ASN C 947 -16.28 -10.48 1.41
C ASN C 947 -15.71 -9.25 2.09
N THR C 948 -14.46 -9.33 2.57
CA THR C 948 -13.80 -8.13 3.08
C THR C 948 -13.62 -7.10 1.99
N LEU C 949 -13.35 -7.54 0.76
CA LEU C 949 -13.16 -6.60 -0.33
C LEU C 949 -14.42 -5.79 -0.59
N VAL C 950 -15.58 -6.44 -0.61
CA VAL C 950 -16.82 -5.69 -0.79
C VAL C 950 -17.13 -4.86 0.46
N LYS C 951 -16.84 -5.40 1.66
CA LYS C 951 -17.10 -4.65 2.88
C LYS C 951 -16.23 -3.41 3.00
N GLN C 952 -15.10 -3.36 2.31
CA GLN C 952 -14.24 -2.19 2.33
C GLN C 952 -14.74 -1.07 1.43
N LEU C 953 -15.81 -1.28 0.67
CA LEU C 953 -16.44 -0.21 -0.07
C LEU C 953 -17.20 0.76 0.83
N SER C 954 -17.43 0.40 2.09
CA SER C 954 -18.14 1.27 3.03
C SER C 954 -17.23 2.29 3.71
N SER C 955 -15.92 2.21 3.51
CA SER C 955 -15.00 3.15 4.13
C SER C 955 -15.02 4.49 3.40
N ASN C 956 -14.84 5.55 4.17
CA ASN C 956 -14.82 6.90 3.61
C ASN C 956 -13.44 7.31 3.09
N PHE C 957 -12.39 6.81 3.74
CA PHE C 957 -11.01 7.22 3.43
C PHE C 957 -10.83 8.73 3.53
N GLY C 958 -11.53 9.35 4.49
CA GLY C 958 -11.44 10.78 4.67
C GLY C 958 -12.37 11.61 3.82
N ALA C 959 -13.21 10.98 3.00
CA ALA C 959 -14.16 11.70 2.17
C ALA C 959 -15.43 12.01 2.97
N ILE C 960 -16.32 12.79 2.35
CA ILE C 960 -17.58 13.12 3.01
C ILE C 960 -18.50 11.91 3.09
N SER C 961 -18.34 10.94 2.21
CA SER C 961 -19.19 9.77 2.18
C SER C 961 -18.41 8.63 1.53
N SER C 962 -19.08 7.48 1.36
CA SER C 962 -18.50 6.32 0.70
C SER C 962 -19.32 5.87 -0.50
N VAL C 963 -20.36 6.61 -0.88
CA VAL C 963 -21.19 6.32 -2.04
C VAL C 963 -20.93 7.42 -3.06
N LEU C 964 -20.51 7.02 -4.26
CA LEU C 964 -20.17 8.00 -5.28
C LEU C 964 -21.37 8.86 -5.67
N ASN C 965 -22.57 8.29 -5.64
CA ASN C 965 -23.75 9.07 -6.01
C ASN C 965 -23.96 10.23 -5.04
N ASP C 966 -23.72 10.00 -3.74
CA ASP C 966 -23.84 11.08 -2.77
C ASP C 966 -22.91 12.23 -3.11
N ILE C 967 -21.63 11.93 -3.34
CA ILE C 967 -20.64 12.96 -3.63
C ILE C 967 -20.99 13.67 -4.93
N LEU C 968 -21.45 12.92 -5.92
CA LEU C 968 -21.69 13.48 -7.25
C LEU C 968 -23.01 14.20 -7.36
N SER C 969 -23.91 14.03 -6.39
CA SER C 969 -25.15 14.80 -6.32
C SER C 969 -25.02 16.01 -5.41
N ARG C 970 -24.25 15.92 -4.33
CA ARG C 970 -24.13 17.02 -3.39
C ARG C 970 -23.04 18.02 -3.74
N LEU C 971 -22.09 17.65 -4.59
CA LEU C 971 -20.94 18.49 -4.89
C LEU C 971 -20.88 18.83 -6.38
N ASP C 972 -20.24 19.96 -6.67
CA ASP C 972 -20.01 20.40 -8.05
C ASP C 972 -18.76 19.70 -8.57
N LYS C 973 -18.25 20.16 -9.72
CA LYS C 973 -17.09 19.51 -10.32
C LYS C 973 -15.87 19.54 -9.39
N CYS C 974 -15.54 20.71 -8.86
CA CYS C 974 -14.24 20.92 -8.19
C CYS C 974 -14.08 19.98 -7.01
N GLU C 975 -14.91 20.15 -5.99
CA GLU C 975 -14.75 19.36 -4.78
C GLU C 975 -15.21 17.92 -4.96
N ALA C 976 -16.10 17.64 -5.92
CA ALA C 976 -16.36 16.23 -6.24
C ALA C 976 -15.09 15.57 -6.74
N GLU C 977 -14.32 16.26 -7.58
CA GLU C 977 -13.04 15.72 -8.02
C GLU C 977 -12.13 15.48 -6.82
N VAL C 978 -12.01 16.47 -5.92
CA VAL C 978 -10.98 16.31 -4.88
C VAL C 978 -11.38 15.21 -3.88
N GLN C 979 -12.68 14.99 -3.65
CA GLN C 979 -13.09 13.89 -2.79
C GLN C 979 -13.02 12.54 -3.50
N ILE C 980 -13.41 12.51 -4.78
CA ILE C 980 -13.36 11.26 -5.52
C ILE C 980 -11.93 10.79 -5.68
N ASP C 981 -10.95 11.70 -5.69
CA ASP C 981 -9.56 11.27 -5.68
C ASP C 981 -9.25 10.49 -4.42
N ARG C 982 -9.73 10.97 -3.26
CA ARG C 982 -9.52 10.24 -2.01
C ARG C 982 -10.14 8.85 -2.09
N LEU C 983 -11.40 8.79 -2.55
CA LEU C 983 -12.08 7.50 -2.63
C LEU C 983 -11.37 6.56 -3.61
N ILE C 984 -10.95 7.07 -4.76
CA ILE C 984 -10.27 6.26 -5.75
C ILE C 984 -8.97 5.71 -5.17
N THR C 985 -8.19 6.56 -4.52
CA THR C 985 -6.94 6.12 -3.91
C THR C 985 -7.20 5.02 -2.89
N GLY C 986 -8.20 5.22 -2.03
CA GLY C 986 -8.47 4.22 -1.01
C GLY C 986 -8.91 2.89 -1.59
N ARG C 987 -9.81 2.93 -2.57
CA ARG C 987 -10.35 1.70 -3.13
C ARG C 987 -9.29 0.97 -3.94
N LEU C 988 -8.51 1.70 -4.72
CA LEU C 988 -7.39 1.09 -5.44
C LEU C 988 -6.40 0.48 -4.48
N GLN C 989 -6.13 1.14 -3.35
CA GLN C 989 -5.21 0.61 -2.35
C GLN C 989 -5.74 -0.69 -1.77
N SER C 990 -7.04 -0.74 -1.44
CA SER C 990 -7.62 -1.97 -0.91
C SER C 990 -7.58 -3.08 -1.96
N LEU C 991 -7.80 -2.73 -3.24
CA LEU C 991 -7.68 -3.70 -4.31
C LEU C 991 -6.27 -4.28 -4.35
N GLN C 992 -5.27 -3.41 -4.25
CA GLN C 992 -3.88 -3.86 -4.24
C GLN C 992 -3.60 -4.77 -3.07
N THR C 993 -4.14 -4.44 -1.90
CA THR C 993 -3.97 -5.30 -0.73
C THR C 993 -4.55 -6.69 -0.99
N TYR C 994 -5.75 -6.73 -1.55
CA TYR C 994 -6.38 -8.00 -1.87
C TYR C 994 -5.53 -8.80 -2.86
N VAL C 995 -5.03 -8.13 -3.90
CA VAL C 995 -4.25 -8.82 -4.91
C VAL C 995 -2.94 -9.35 -4.32
N THR C 996 -2.31 -8.58 -3.44
CA THR C 996 -1.09 -9.03 -2.80
C THR C 996 -1.35 -10.27 -1.95
N GLN C 997 -2.43 -10.24 -1.16
CA GLN C 997 -2.79 -11.43 -0.37
C GLN C 997 -3.06 -12.62 -1.27
N GLN C 998 -3.71 -12.38 -2.41
CA GLN C 998 -3.98 -13.46 -3.35
C GLN C 998 -2.69 -14.02 -3.92
N LEU C 999 -1.72 -13.16 -4.21
CA LEU C 999 -0.43 -13.64 -4.69
C LEU C 999 0.25 -14.51 -3.65
N ILE C 1000 0.21 -14.09 -2.38
CA ILE C 1000 0.77 -14.90 -1.31
C ILE C 1000 0.10 -16.27 -1.26
N ARG C 1001 -1.23 -16.28 -1.24
CA ARG C 1001 -1.97 -17.53 -1.16
C ARG C 1001 -1.71 -18.39 -2.39
N ALA C 1002 -1.58 -17.77 -3.56
CA ALA C 1002 -1.31 -18.52 -4.78
C ALA C 1002 0.06 -19.18 -4.71
N ALA C 1003 1.05 -18.49 -4.16
CA ALA C 1003 2.36 -19.11 -3.98
C ALA C 1003 2.27 -20.31 -3.03
N GLU C 1004 1.52 -20.15 -1.94
CA GLU C 1004 1.30 -21.27 -1.02
C GLU C 1004 0.65 -22.45 -1.73
N ILE C 1005 -0.39 -22.18 -2.51
CA ILE C 1005 -1.11 -23.25 -3.19
C ILE C 1005 -0.23 -23.89 -4.25
N ARG C 1006 0.62 -23.09 -4.91
CA ARG C 1006 1.53 -23.68 -5.88
C ARG C 1006 2.53 -24.60 -5.20
N ALA C 1007 3.01 -24.23 -4.02
CA ALA C 1007 3.88 -25.13 -3.27
C ALA C 1007 3.16 -26.44 -2.95
N SER C 1008 1.91 -26.33 -2.47
CA SER C 1008 1.15 -27.53 -2.15
C SER C 1008 0.88 -28.36 -3.40
N ALA C 1009 0.62 -27.71 -4.53
CA ALA C 1009 0.36 -28.43 -5.77
C ALA C 1009 1.60 -29.12 -6.29
N ASN C 1010 2.76 -28.47 -6.17
CA ASN C 1010 4.01 -29.13 -6.55
C ASN C 1010 4.26 -30.35 -5.67
N LEU C 1011 3.95 -30.25 -4.39
CA LEU C 1011 4.04 -31.41 -3.51
C LEU C 1011 3.08 -32.51 -3.97
N ALA C 1012 1.86 -32.14 -4.34
CA ALA C 1012 0.89 -33.12 -4.78
C ALA C 1012 1.33 -33.79 -6.08
N ALA C 1013 1.92 -33.03 -6.99
CA ALA C 1013 2.46 -33.62 -8.21
C ALA C 1013 3.59 -34.58 -7.90
N THR C 1014 4.47 -34.21 -6.96
CA THR C 1014 5.54 -35.11 -6.56
C THR C 1014 4.99 -36.39 -5.94
N LYS C 1015 3.92 -36.27 -5.15
CA LYS C 1015 3.34 -37.46 -4.53
C LYS C 1015 2.65 -38.33 -5.56
N MET C 1016 1.96 -37.71 -6.52
CA MET C 1016 1.34 -38.47 -7.61
C MET C 1016 2.40 -39.22 -8.41
N SER C 1017 3.54 -38.58 -8.64
CA SER C 1017 4.60 -39.22 -9.42
C SER C 1017 5.26 -40.35 -8.64
N GLU C 1018 5.62 -40.10 -7.39
CA GLU C 1018 6.49 -41.00 -6.65
C GLU C 1018 5.76 -42.07 -5.85
N CYS C 1019 4.45 -42.01 -5.73
CA CYS C 1019 3.69 -42.93 -4.89
C CYS C 1019 2.53 -43.59 -5.62
N VAL C 1020 1.86 -42.87 -6.52
CA VAL C 1020 0.87 -43.51 -7.38
C VAL C 1020 1.54 -44.16 -8.57
N LEU C 1021 2.37 -43.41 -9.29
CA LEU C 1021 3.08 -43.94 -10.44
C LEU C 1021 4.28 -44.80 -10.04
N GLY C 1022 4.57 -44.94 -8.76
CA GLY C 1022 5.66 -45.80 -8.33
C GLY C 1022 5.57 -46.08 -6.85
N GLN C 1023 6.62 -46.72 -6.34
CA GLN C 1023 6.77 -47.02 -4.92
C GLN C 1023 7.94 -46.21 -4.38
N SER C 1024 7.70 -45.44 -3.33
CA SER C 1024 8.68 -44.51 -2.78
C SER C 1024 9.41 -45.17 -1.62
N LYS C 1025 10.74 -45.06 -1.62
CA LYS C 1025 11.57 -45.45 -0.50
C LYS C 1025 11.78 -44.30 0.50
N ARG C 1026 11.24 -43.12 0.22
CA ARG C 1026 11.34 -42.01 1.15
C ARG C 1026 10.48 -42.27 2.38
N VAL C 1027 11.03 -41.99 3.55
CA VAL C 1027 10.39 -42.35 4.81
C VAL C 1027 9.37 -41.28 5.16
N ASP C 1028 8.15 -41.70 5.49
CA ASP C 1028 7.03 -40.85 5.87
C ASP C 1028 6.62 -39.86 4.79
N PHE C 1029 7.10 -40.05 3.56
CA PHE C 1029 6.65 -39.21 2.45
C PHE C 1029 5.24 -39.57 2.02
N CYS C 1030 4.91 -40.86 2.05
CA CYS C 1030 3.65 -41.39 1.57
C CYS C 1030 3.10 -42.39 2.58
N GLY C 1031 3.04 -41.97 3.84
CA GLY C 1031 2.39 -42.73 4.89
C GLY C 1031 3.32 -43.13 6.02
N LYS C 1032 2.76 -43.27 7.22
CA LYS C 1032 3.52 -43.77 8.36
C LYS C 1032 3.74 -45.27 8.21
N GLY C 1033 4.88 -45.66 7.65
CA GLY C 1033 5.22 -47.06 7.49
C GLY C 1033 5.96 -47.31 6.19
N TYR C 1034 6.28 -48.57 5.92
CA TYR C 1034 6.91 -48.93 4.66
C TYR C 1034 5.87 -48.87 3.54
N HIS C 1035 6.13 -48.04 2.55
CA HIS C 1035 5.15 -47.73 1.52
C HIS C 1035 4.96 -48.92 0.59
N LEU C 1036 3.72 -49.36 0.42
CA LEU C 1036 3.38 -50.33 -0.62
C LEU C 1036 2.84 -49.63 -1.86
N MET C 1037 1.83 -48.77 -1.72
CA MET C 1037 1.22 -48.18 -2.91
C MET C 1037 0.31 -47.06 -2.45
N SER C 1038 -0.27 -46.35 -3.42
CA SER C 1038 -1.15 -45.23 -3.13
C SER C 1038 -2.21 -45.13 -4.21
N PHE C 1039 -3.37 -44.61 -3.82
CA PHE C 1039 -4.49 -44.34 -4.70
C PHE C 1039 -4.84 -42.87 -4.65
N PRO C 1040 -5.08 -42.20 -5.78
CA PRO C 1040 -5.62 -40.84 -5.73
C PRO C 1040 -7.13 -40.79 -5.82
N GLN C 1041 -7.69 -39.78 -5.18
CA GLN C 1041 -9.09 -39.44 -5.29
C GLN C 1041 -9.19 -37.94 -5.45
N SER C 1042 -10.05 -37.49 -6.35
CA SER C 1042 -10.25 -36.07 -6.54
C SER C 1042 -11.00 -35.49 -5.35
N ALA C 1043 -10.93 -34.17 -5.21
CA ALA C 1043 -11.71 -33.46 -4.20
C ALA C 1043 -11.80 -32.01 -4.62
N PRO C 1044 -12.82 -31.27 -4.14
CA PRO C 1044 -12.97 -29.87 -4.57
C PRO C 1044 -11.73 -29.07 -4.25
N HIS C 1045 -11.08 -28.58 -5.31
CA HIS C 1045 -9.88 -27.76 -5.19
C HIS C 1045 -8.74 -28.52 -4.53
N GLY C 1046 -8.64 -29.82 -4.79
CA GLY C 1046 -7.53 -30.56 -4.24
C GLY C 1046 -7.64 -32.05 -4.50
N VAL C 1047 -6.76 -32.78 -3.83
CA VAL C 1047 -6.59 -34.21 -4.06
C VAL C 1047 -6.41 -34.89 -2.72
N VAL C 1048 -6.79 -36.17 -2.67
CA VAL C 1048 -6.74 -36.99 -1.48
C VAL C 1048 -5.99 -38.25 -1.85
N PHE C 1049 -4.97 -38.60 -1.07
CA PHE C 1049 -4.21 -39.82 -1.30
C PHE C 1049 -4.52 -40.82 -0.21
N LEU C 1050 -4.94 -42.02 -0.63
CA LEU C 1050 -5.02 -43.18 0.23
C LEU C 1050 -3.70 -43.92 0.09
N HIS C 1051 -2.81 -43.73 1.05
CA HIS C 1051 -1.52 -44.40 1.08
C HIS C 1051 -1.68 -45.70 1.84
N VAL C 1052 -1.44 -46.84 1.19
CA VAL C 1052 -1.50 -48.12 1.87
C VAL C 1052 -0.08 -48.62 2.06
N THR C 1053 0.20 -49.04 3.29
CA THR C 1053 1.55 -49.18 3.81
C THR C 1053 1.62 -50.44 4.68
N TYR C 1054 2.83 -50.91 4.86
CA TYR C 1054 3.15 -52.08 5.67
C TYR C 1054 3.65 -51.59 7.02
N VAL C 1055 3.02 -52.06 8.10
CA VAL C 1055 3.43 -51.71 9.46
C VAL C 1055 3.69 -52.99 10.24
N PRO C 1056 4.93 -53.33 10.62
CA PRO C 1056 5.13 -54.51 11.47
C PRO C 1056 4.40 -54.36 12.79
N ALA C 1057 3.82 -55.48 13.26
CA ALA C 1057 2.80 -55.43 14.30
C ALA C 1057 3.23 -56.12 15.59
N GLN C 1058 3.61 -57.40 15.54
CA GLN C 1058 3.81 -58.22 16.73
C GLN C 1058 5.29 -58.60 16.81
N GLU C 1059 6.02 -57.94 17.70
CA GLU C 1059 7.46 -58.13 17.83
C GLU C 1059 7.76 -59.13 18.92
N LYS C 1060 8.83 -59.90 18.71
CA LYS C 1060 9.35 -60.84 19.69
C LYS C 1060 10.85 -60.62 19.84
N ASN C 1061 11.31 -60.72 21.09
CA ASN C 1061 12.74 -60.62 21.37
C ASN C 1061 13.47 -61.89 20.93
N PHE C 1062 14.73 -61.72 20.56
CA PHE C 1062 15.60 -62.83 20.23
C PHE C 1062 17.03 -62.47 20.60
N THR C 1063 17.83 -63.50 20.85
CA THR C 1063 19.27 -63.33 20.99
C THR C 1063 19.91 -63.41 19.62
N THR C 1064 20.87 -62.52 19.37
CA THR C 1064 21.47 -62.37 18.05
C THR C 1064 22.98 -62.24 18.20
N ALA C 1065 23.66 -62.18 17.06
CA ALA C 1065 25.09 -61.94 17.01
C ALA C 1065 25.43 -61.46 15.60
N PRO C 1066 26.50 -60.68 15.43
CA PRO C 1066 26.79 -60.14 14.10
C PRO C 1066 27.34 -61.17 13.14
N ALA C 1067 27.87 -62.28 13.62
CA ALA C 1067 28.64 -63.20 12.79
C ALA C 1067 28.55 -64.61 13.36
N ILE C 1068 29.14 -65.56 12.65
CA ILE C 1068 29.16 -66.97 13.02
C ILE C 1068 30.54 -67.50 12.69
N CYS C 1069 31.24 -68.05 13.69
CA CYS C 1069 32.55 -68.68 13.48
C CYS C 1069 32.31 -70.19 13.30
N HIS C 1070 32.47 -70.67 12.07
CA HIS C 1070 32.26 -72.08 11.80
C HIS C 1070 33.51 -72.91 12.13
N ASP C 1071 34.61 -72.65 11.42
CA ASP C 1071 35.86 -73.38 11.60
C ASP C 1071 37.03 -72.42 11.55
N GLY C 1072 36.90 -71.30 12.25
CA GLY C 1072 37.91 -70.26 12.27
C GLY C 1072 37.63 -69.10 11.34
N LYS C 1073 36.76 -69.28 10.35
CA LYS C 1073 36.35 -68.23 9.44
C LYS C 1073 34.99 -67.68 9.87
N ALA C 1074 34.78 -66.41 9.58
CA ALA C 1074 33.58 -65.69 10.00
C ALA C 1074 32.53 -65.71 8.89
N HIS C 1075 31.28 -65.95 9.28
CA HIS C 1075 30.15 -66.01 8.36
C HIS C 1075 29.23 -64.83 8.66
N PHE C 1076 28.82 -64.12 7.61
CA PHE C 1076 27.87 -63.03 7.70
C PHE C 1076 26.69 -63.32 6.78
N PRO C 1077 25.49 -62.84 7.06
CA PRO C 1077 24.35 -63.11 6.18
C PRO C 1077 24.25 -62.11 5.04
N ARG C 1078 23.62 -62.54 3.96
CA ARG C 1078 23.41 -61.66 2.81
C ARG C 1078 22.16 -60.80 3.01
N GLU C 1079 21.00 -61.44 3.06
CA GLU C 1079 19.74 -60.82 3.46
C GLU C 1079 19.41 -61.32 4.84
N GLY C 1080 19.16 -60.41 5.76
CA GLY C 1080 18.65 -60.75 7.07
C GLY C 1080 19.72 -60.66 8.14
N VAL C 1081 19.43 -61.29 9.27
CA VAL C 1081 20.26 -61.19 10.47
C VAL C 1081 20.28 -62.55 11.16
N PHE C 1082 21.36 -62.83 11.86
CA PHE C 1082 21.46 -64.02 12.68
C PHE C 1082 20.59 -63.87 13.92
N VAL C 1083 19.82 -64.91 14.22
CA VAL C 1083 18.83 -64.89 15.28
C VAL C 1083 18.87 -66.24 15.97
N SER C 1084 18.39 -66.28 17.21
CA SER C 1084 18.41 -67.49 18.01
C SER C 1084 17.12 -67.59 18.81
N ASN C 1085 16.53 -68.79 18.82
CA ASN C 1085 15.40 -69.09 19.69
C ASN C 1085 15.84 -69.72 21.00
N GLY C 1086 17.10 -69.54 21.39
CA GLY C 1086 17.64 -70.08 22.63
C GLY C 1086 18.57 -71.26 22.41
N THR C 1087 18.24 -72.09 21.42
CA THR C 1087 18.99 -73.33 21.17
C THR C 1087 19.72 -73.29 19.83
N HIS C 1088 19.00 -73.07 18.73
CA HIS C 1088 19.56 -73.08 17.40
C HIS C 1088 19.81 -71.64 16.92
N TRP C 1089 20.47 -71.54 15.77
CA TRP C 1089 20.75 -70.27 15.11
C TRP C 1089 20.22 -70.32 13.69
N PHE C 1090 19.58 -69.23 13.27
CA PHE C 1090 18.97 -69.10 11.96
C PHE C 1090 19.32 -67.74 11.39
N VAL C 1091 19.21 -67.61 10.07
CA VAL C 1091 19.12 -66.29 9.45
C VAL C 1091 17.65 -65.98 9.24
N THR C 1092 17.29 -64.70 9.43
CA THR C 1092 15.92 -64.29 9.14
C THR C 1092 15.92 -62.87 8.61
N GLN C 1093 15.05 -62.62 7.65
CA GLN C 1093 14.77 -61.26 7.20
C GLN C 1093 14.03 -60.49 8.28
N ARG C 1094 14.21 -59.17 8.29
CA ARG C 1094 13.87 -58.38 9.46
C ARG C 1094 12.36 -58.32 9.63
N ASN C 1095 11.65 -57.66 8.72
CA ASN C 1095 10.29 -57.23 9.01
C ASN C 1095 9.27 -58.36 8.93
N PHE C 1096 9.72 -59.61 8.91
CA PHE C 1096 8.86 -60.77 9.12
C PHE C 1096 9.75 -61.90 9.62
N TYR C 1097 9.31 -62.56 10.67
CA TYR C 1097 10.07 -63.67 11.25
C TYR C 1097 9.88 -64.90 10.39
N GLU C 1098 10.91 -65.27 9.65
CA GLU C 1098 10.91 -66.46 8.80
C GLU C 1098 12.28 -67.11 8.88
N PRO C 1099 12.59 -67.79 9.99
CA PRO C 1099 13.95 -68.31 10.18
C PRO C 1099 14.29 -69.38 9.15
N GLN C 1100 15.56 -69.39 8.77
CA GLN C 1100 16.11 -70.39 7.85
C GLN C 1100 17.37 -70.97 8.46
N ILE C 1101 17.64 -72.23 8.14
CA ILE C 1101 18.83 -72.89 8.68
C ILE C 1101 20.07 -72.29 8.03
N ILE C 1102 21.16 -72.25 8.78
CA ILE C 1102 22.38 -71.60 8.30
C ILE C 1102 22.98 -72.49 7.22
N THR C 1103 23.11 -71.95 6.01
CA THR C 1103 23.74 -72.63 4.89
C THR C 1103 24.71 -71.67 4.20
N THR C 1104 25.42 -72.19 3.19
CA THR C 1104 26.42 -71.38 2.51
C THR C 1104 25.80 -70.35 1.57
N ASP C 1105 24.63 -70.64 0.99
CA ASP C 1105 23.97 -69.64 0.16
C ASP C 1105 23.26 -68.59 1.00
N ASN C 1106 22.81 -68.95 2.21
CA ASN C 1106 22.24 -67.97 3.11
C ASN C 1106 23.28 -66.92 3.52
N THR C 1107 24.56 -67.29 3.54
CA THR C 1107 25.61 -66.46 4.11
C THR C 1107 26.78 -66.28 3.15
N PHE C 1108 27.84 -65.65 3.63
CA PHE C 1108 29.10 -65.53 2.92
C PHE C 1108 30.20 -65.42 3.97
N VAL C 1109 31.44 -65.61 3.52
CA VAL C 1109 32.59 -65.74 4.41
C VAL C 1109 33.60 -64.66 4.06
N SER C 1110 34.20 -64.05 5.09
CA SER C 1110 35.15 -62.96 4.89
C SER C 1110 36.10 -62.93 6.08
N GLY C 1111 37.29 -63.52 5.89
CA GLY C 1111 38.34 -63.41 6.88
C GLY C 1111 38.16 -64.36 8.05
N ASN C 1112 39.16 -64.34 8.93
CA ASN C 1112 39.14 -65.18 10.13
C ASN C 1112 38.10 -64.64 11.11
N CYS C 1113 37.81 -65.46 12.12
CA CYS C 1113 36.71 -65.17 13.05
C CYS C 1113 37.22 -64.60 14.38
N ASP C 1114 38.28 -63.80 14.32
CA ASP C 1114 38.85 -63.11 15.47
C ASP C 1114 38.60 -61.62 15.49
N VAL C 1115 38.66 -60.96 14.33
CA VAL C 1115 38.57 -59.50 14.28
C VAL C 1115 37.20 -59.05 14.77
N VAL C 1116 36.13 -59.71 14.33
CA VAL C 1116 34.77 -59.24 14.64
C VAL C 1116 34.50 -59.36 16.13
N ILE C 1117 33.68 -58.45 16.64
CA ILE C 1117 33.30 -58.38 18.05
C ILE C 1117 31.88 -58.89 18.19
N GLY C 1118 31.65 -59.78 19.15
CA GLY C 1118 30.34 -60.34 19.39
C GLY C 1118 30.03 -61.61 18.64
N ILE C 1119 30.97 -62.12 17.83
CA ILE C 1119 30.75 -63.35 17.10
C ILE C 1119 30.55 -64.51 18.09
N VAL C 1120 29.82 -65.53 17.65
CA VAL C 1120 29.53 -66.71 18.44
C VAL C 1120 29.86 -67.96 17.62
N ASN C 1121 29.77 -69.11 18.28
CA ASN C 1121 30.14 -70.39 17.71
C ASN C 1121 28.90 -71.16 17.28
N ASN C 1122 28.90 -71.63 16.03
CA ASN C 1122 27.86 -72.53 15.56
C ASN C 1122 28.34 -73.19 14.27
N THR C 1123 27.73 -74.33 13.96
CA THR C 1123 28.02 -75.01 12.70
C THR C 1123 27.29 -74.31 11.56
N VAL C 1124 27.77 -74.56 10.34
CA VAL C 1124 27.20 -74.01 9.11
C VAL C 1124 26.94 -75.19 8.19
N TYR C 1125 25.67 -75.52 7.98
CA TYR C 1125 25.31 -76.66 7.15
C TYR C 1125 25.78 -76.44 5.72
N ASP C 1126 26.21 -77.52 5.07
CA ASP C 1126 26.70 -77.48 3.69
C ASP C 1126 25.77 -78.28 2.79
N PRO C 1127 25.00 -77.65 1.88
CA PRO C 1127 24.13 -78.49 1.06
C PRO C 1127 24.90 -79.34 0.05
C1 NAG D . 20.87 42.08 1.40
C2 NAG D . 19.85 41.97 0.30
C3 NAG D . 20.47 41.67 -1.02
C4 NAG D . 21.62 42.58 -1.38
C5 NAG D . 22.62 42.72 -0.24
C6 NAG D . 23.63 43.81 -0.54
C7 NAG D . 17.44 41.03 0.44
C8 NAG D . 16.50 39.89 0.80
N2 NAG D . 18.89 40.87 0.64
O3 NAG D . 19.46 41.80 -2.05
O4 NAG D . 22.29 42.02 -2.51
O5 NAG D . 22.00 43.03 1.05
O6 NAG D . 23.64 44.74 0.52
O7 NAG D . 17.01 42.03 0.01
H2 NAG D . 19.31 42.92 0.22
H3 NAG D . 20.83 40.65 -1.01
H4 NAG D . 21.22 43.57 -1.62
H5 NAG D . 23.15 41.78 -0.16
H61 NAG D . 23.38 44.34 -1.46
H62 NAG D . 24.62 43.38 -0.64
H81 NAG D . 15.47 40.22 0.69
H82 NAG D . 16.66 39.59 1.83
H83 NAG D . 16.67 39.05 0.14
HN2 NAG D . 19.25 40.00 1.01
HO3 NAG D . 19.80 42.30 -2.77
HO6 NAG D . 22.80 44.70 0.98
C1 NAG D . 22.27 42.96 -3.60
C2 NAG D . 23.14 42.42 -4.71
C3 NAG D . 23.20 43.38 -5.85
C4 NAG D . 21.82 43.73 -6.35
C5 NAG D . 20.90 44.18 -5.22
C6 NAG D . 19.48 44.36 -5.73
C7 NAG D . 24.88 40.87 -3.60
C8 NAG D . 26.28 40.61 -3.07
N2 NAG D . 24.53 42.17 -4.19
O3 NAG D . 23.96 42.80 -6.93
O4 NAG D . 21.93 44.78 -7.31
O5 NAG D . 20.87 43.24 -4.10
O6 NAG D . 18.59 44.24 -4.65
O7 NAG D . 24.06 40.02 -3.53
H2 NAG D . 22.72 41.49 -5.07
H3 NAG D . 23.68 44.29 -5.52
H4 NAG D . 21.40 42.84 -6.82
H5 NAG D . 21.25 45.14 -4.85
H61 NAG D . 19.25 43.59 -6.46
H62 NAG D . 19.38 45.34 -6.19
H81 NAG D . 26.35 39.59 -2.71
H82 NAG D . 26.49 41.30 -2.25
H83 NAG D . 27.00 40.77 -3.86
HN2 NAG D . 25.23 42.90 -4.25
HO3 NAG D . 24.10 43.44 -7.61
HO4 NAG D . 21.12 44.83 -7.82
HO6 NAG D . 19.06 43.98 -3.87
C1 NAG E . 42.84 -45.63 7.00
C2 NAG E . 44.13 -46.31 7.41
C3 NAG E . 44.42 -46.17 8.85
C4 NAG E . 44.31 -44.75 9.34
C5 NAG E . 42.97 -44.12 8.94
C6 NAG E . 42.96 -42.66 9.36
C7 NAG E . 44.45 -48.27 5.74
C8 NAG E . 44.34 -49.74 5.41
N2 NAG E . 44.02 -47.78 7.07
O3 NAG E . 45.76 -46.64 9.10
O4 NAG E . 44.43 -44.73 10.76
O5 NAG E . 42.76 -44.21 7.50
O6 NAG E . 41.90 -42.01 8.71
O7 NAG E . 44.87 -47.51 4.95
H2 NAG E . 44.95 -45.86 6.85
H3 NAG E . 43.72 -46.79 9.41
H4 NAG E . 45.12 -44.17 8.90
H5 NAG E . 42.18 -44.65 9.45
H61 NAG E . 43.90 -42.19 9.08
H62 NAG E . 42.83 -42.60 10.43
H81 NAG E . 44.70 -49.92 4.41
H82 NAG E . 43.30 -50.06 5.48
H83 NAG E . 44.94 -50.32 6.10
HN2 NAG E . 43.66 -48.42 7.76
HO3 NAG E . 46.37 -46.21 8.53
HO6 NAG E . 41.75 -42.42 7.86
C1 NAG E . 45.79 -44.39 11.09
C2 NAG E . 45.84 -43.89 12.52
C3 NAG E . 47.24 -43.57 12.93
C4 NAG E . 48.17 -44.73 12.71
C5 NAG E . 48.10 -45.25 11.28
C6 NAG E . 48.94 -46.51 11.16
C7 NAG E . 43.62 -42.72 13.17
C8 NAG E . 42.79 -41.45 13.29
N2 NAG E . 44.99 -42.65 12.65
O3 NAG E . 47.24 -43.23 14.34
O4 NAG E . 49.50 -44.31 12.98
O5 NAG E . 46.73 -45.56 10.86
O6 NAG E . 48.08 -47.61 10.93
O7 NAG E . 43.17 -43.76 13.50
H2 NAG E . 45.46 -44.67 13.18
H3 NAG E . 47.58 -42.72 12.36
H4 NAG E . 47.90 -45.53 13.40
H5 NAG E . 48.51 -44.50 10.60
H61 NAG E . 49.49 -46.67 12.08
H62 NAG E . 49.62 -46.41 10.32
H81 NAG E . 41.82 -41.70 13.71
H82 NAG E . 42.65 -41.02 12.30
H83 NAG E . 43.29 -40.75 13.93
HN2 NAG E . 45.38 -41.76 12.37
HO3 NAG E . 48.07 -42.87 14.57
HO4 NAG E . 49.96 -44.98 13.47
HO6 NAG E . 47.17 -47.31 10.95
C1 NAG F . 32.47 -39.33 25.71
C2 NAG F . 33.22 -40.22 26.68
C3 NAG F . 33.61 -39.52 27.92
C4 NAG F . 34.43 -38.31 27.57
C5 NAG F . 33.57 -37.32 26.77
C6 NAG F . 34.36 -36.09 26.39
C7 NAG F . 32.90 -42.72 27.31
C8 NAG F . 32.00 -43.87 27.69
N2 NAG F . 32.32 -41.39 27.06
O3 NAG F . 34.39 -40.40 28.76
O4 NAG F . 35.04 -37.74 28.75
O5 NAG F . 33.09 -37.95 25.54
O6 NAG F . 33.49 -34.99 26.25
O7 NAG F . 34.07 -42.87 27.22
H2 NAG F . 34.11 -40.60 26.19
H3 NAG F . 32.70 -39.21 28.45
H4 NAG F . 35.23 -38.64 26.91
H5 NAG F . 32.69 -37.03 27.35
H61 NAG F . 34.86 -36.27 25.44
H62 NAG F . 35.11 -35.87 27.15
H81 NAG F . 32.61 -44.76 27.82
H82 NAG F . 31.28 -44.04 26.89
H83 NAG F . 31.48 -43.65 28.60
HN2 NAG F . 31.33 -41.24 27.14
HO3 NAG F . 35.28 -40.11 28.78
HO6 NAG F . 32.65 -35.29 25.90
C1 NAG F . 34.10 -37.14 29.66
C2 NAG F . 34.61 -37.32 31.08
C3 NAG F . 33.75 -36.62 32.08
C4 NAG F . 33.56 -35.17 31.75
C5 NAG F . 33.05 -34.97 30.33
C6 NAG F . 33.09 -33.49 29.99
C7 NAG F . 35.89 -39.54 31.58
C8 NAG F . 35.86 -41.02 31.90
N2 NAG F . 34.62 -38.80 31.41
O3 NAG F . 34.38 -36.73 33.38
O4 NAG F . 32.63 -34.62 32.68
O5 NAG F . 33.87 -35.68 29.33
O6 NAG F . 34.36 -33.17 29.48
O7 NAG F . 36.92 -39.00 31.45
H2 NAG F . 35.62 -36.92 31.14
H3 NAG F . 32.78 -37.11 32.11
H4 NAG F . 34.52 -34.66 31.86
H5 NAG F . 32.03 -35.32 30.27
H61 NAG F . 32.89 -32.90 30.88
H62 NAG F . 32.34 -33.28 29.24
H81 NAG F . 36.86 -41.39 32.03
H82 NAG F . 35.37 -41.56 31.09
H83 NAG F . 35.29 -41.17 32.81
HN2 NAG F . 33.74 -39.29 31.51
HO3 NAG F . 33.81 -36.36 34.03
HO4 NAG F . 32.91 -33.75 32.94
HO6 NAG F . 34.73 -33.93 29.06
C1 NAG G . 41.24 -64.95 -25.62
C2 NAG G . 41.91 -64.25 -26.77
C3 NAG G . 41.31 -64.65 -28.07
C4 NAG G . 41.36 -66.14 -28.25
C5 NAG G . 40.70 -66.87 -27.10
C6 NAG G . 40.89 -68.36 -27.26
C7 NAG G . 42.91 -61.85 -26.59
C8 NAG G . 42.69 -60.35 -26.40
N2 NAG G . 41.74 -62.76 -26.59
O3 NAG G . 42.05 -64.01 -29.14
O4 NAG G . 40.71 -66.48 -29.47
O5 NAG G . 41.25 -66.47 -25.80
O6 NAG G . 41.70 -68.84 -26.21
O7 NAG G . 43.99 -62.27 -26.75
H2 NAG G . 42.96 -64.51 -26.78
H3 NAG G . 40.28 -64.32 -28.10
H4 NAG G . 42.41 -66.45 -28.31
H5 NAG G . 39.63 -66.65 -27.11
H61 NAG G . 41.38 -68.57 -28.21
H62 NAG G . 39.93 -68.86 -27.23
H81 NAG G . 43.65 -59.85 -26.42
H82 NAG G . 42.21 -60.18 -25.44
H83 NAG G . 42.08 -59.97 -27.20
HN2 NAG G . 40.81 -62.37 -26.45
HO3 NAG G . 41.51 -63.99 -29.92
HO6 NAG G . 42.09 -68.11 -25.76
C1 NAG G . 41.72 -66.77 -30.47
C2 NAG G . 41.15 -67.68 -31.52
C3 NAG G . 42.14 -67.96 -32.60
C4 NAG G . 42.72 -66.70 -33.18
C5 NAG G . 43.27 -65.77 -32.12
C6 NAG G . 43.69 -64.46 -32.75
C7 NAG G . 39.41 -69.11 -30.25
C8 NAG G . 38.99 -70.42 -29.61
N2 NAG G . 40.73 -68.98 -30.88
O3 NAG G . 41.47 -68.70 -33.65
O4 NAG G . 43.77 -67.06 -34.08
O5 NAG G . 42.29 -65.49 -31.07
O6 NAG G . 44.36 -63.67 -31.81
O7 NAG G . 38.66 -68.19 -30.25
H2 NAG G . 40.28 -67.20 -31.97
H3 NAG G . 42.94 -68.56 -32.19
H4 NAG G . 41.94 -66.18 -33.74
H5 NAG G . 44.14 -66.24 -31.66
H61 NAG G . 42.80 -63.93 -33.10
H62 NAG G . 44.35 -64.65 -33.59
H81 NAG G . 37.98 -70.33 -29.23
H82 NAG G . 39.67 -70.64 -28.79
H83 NAG G . 39.05 -71.20 -30.35
HN2 NAG G . 41.37 -69.76 -30.88
HO3 NAG G . 42.12 -69.08 -34.22
HO4 NAG G . 43.76 -66.48 -34.84
HO6 NAG G . 44.71 -62.89 -32.23
C1 NAG H . -28.08 26.83 -26.44
C2 NAG H . -28.57 26.75 -25.01
C3 NAG H . -29.64 25.74 -24.83
C4 NAG H . -30.78 25.89 -25.82
C5 NAG H . -30.29 26.02 -27.26
C6 NAG H . -31.42 26.40 -28.18
C7 NAG H . -27.19 26.97 -22.82
C8 NAG H . -26.00 26.56 -21.96
N2 NAG H . -27.39 26.35 -24.14
O3 NAG H . -30.18 25.89 -23.50
O4 NAG H . -31.58 24.71 -25.73
O5 NAG H . -29.22 27.02 -27.42
O6 NAG H . -31.10 27.58 -28.85
O7 NAG H . -27.95 27.78 -22.42
H2 NAG H . -28.93 27.72 -24.71
H3 NAG H . -29.22 24.75 -24.94
H4 NAG H . -31.36 26.77 -25.55
H5 NAG H . -29.90 25.05 -27.56
H61 NAG H . -32.35 26.55 -27.63
H62 NAG H . -31.57 25.61 -28.91
H81 NAG H . -25.98 27.17 -21.07
H82 NAG H . -25.09 26.68 -22.53
H83 NAG H . -26.12 25.52 -21.68
HN2 NAG H . -26.73 25.65 -24.47
HO3 NAG H . -31.12 25.88 -23.53
HO6 NAG H . -30.42 28.04 -28.37
C1 NAG H . -32.92 25.07 -25.36
C2 NAG H . -33.81 23.84 -25.45
C3 NAG H . -35.22 24.17 -25.12
C4 NAG H . -35.33 24.84 -23.78
C5 NAG H . -34.38 26.03 -23.63
C6 NAG H . -34.40 26.57 -22.22
C7 NAG H . -32.69 22.28 -27.18
C8 NAG H . -32.60 21.71 -28.59
N2 NAG H . -33.73 23.27 -26.85
O3 NAG H . -36.00 22.96 -25.12
O4 NAG H . -36.67 25.29 -23.60
O5 NAG H . -33.00 25.68 -23.98
O6 NAG H . -33.19 27.23 -21.97
O7 NAG H . -31.91 21.94 -26.37
H2 NAG H . -33.45 23.10 -24.74
H3 NAG H . -35.60 24.85 -25.88
H4 NAG H . -35.09 24.10 -23.01
H5 NAG H . -34.71 26.82 -24.31
H61 NAG H . -34.51 25.74 -21.51
H62 NAG H . -35.23 27.25 -22.11
H81 NAG H . -31.82 20.98 -28.63
H82 NAG H . -32.40 22.51 -29.30
H83 NAG H . -33.54 21.24 -28.84
HN2 NAG H . -34.40 23.57 -27.55
HO3 NAG H . -36.91 23.18 -25.03
HO4 NAG H . -36.83 25.46 -22.67
HO6 NAG H . -32.62 27.15 -22.72
C1 NAG I . 15.24 -52.57 -31.15
C2 NAG I . 15.49 -53.50 -32.32
C3 NAG I . 16.47 -52.95 -33.30
C4 NAG I . 16.12 -51.54 -33.72
C5 NAG I . 15.92 -50.63 -32.50
C6 NAG I . 15.47 -49.26 -32.97
C7 NAG I . 15.12 -55.89 -31.41
C8 NAG I . 15.68 -57.20 -30.87
N2 NAG I . 16.04 -54.81 -31.79
O3 NAG I . 16.47 -53.79 -34.47
O4 NAG I . 17.17 -51.02 -34.51
O5 NAG I . 14.91 -51.17 -31.60
O6 NAG I . 15.01 -48.53 -31.87
O7 NAG I . 13.96 -55.75 -31.51
H2 NAG I . 14.55 -53.68 -32.84
H3 NAG I . 17.45 -52.95 -32.85
H4 NAG I . 15.21 -51.57 -34.30
H5 NAG I . 16.86 -50.54 -31.97
H61 NAG I . 14.67 -49.36 -33.70
H62 NAG I . 16.32 -48.74 -33.42
H81 NAG I . 14.86 -57.87 -30.63
H82 NAG I . 16.25 -57.01 -29.96
H83 NAG I . 16.31 -57.66 -31.61
HN2 NAG I . 17.04 -54.93 -31.69
HO3 NAG I . 15.59 -53.91 -34.78
HO6 NAG I . 14.57 -49.12 -31.25
C1 NAG I . 16.81 -51.16 -35.90
C2 NAG I . 17.65 -50.23 -36.75
C3 NAG I . 17.35 -50.37 -38.18
C4 NAG I . 17.48 -51.80 -38.65
C5 NAG I . 16.66 -52.75 -37.79
C6 NAG I . 16.96 -54.18 -38.19
C7 NAG I . 18.26 -48.10 -35.38
C8 NAG I . 17.96 -46.67 -34.96
N2 NAG I . 17.36 -48.80 -36.32
O3 NAG I . 18.26 -49.54 -38.94
O4 NAG I . 17.03 -51.89 -40.00
O5 NAG I . 16.95 -52.61 -36.35
O6 NAG I . 17.65 -54.82 -37.15
O7 NAG I . 19.20 -48.65 -34.93
H2 NAG I . 18.70 -50.45 -36.58
H3 NAG I . 16.32 -50.03 -38.37
H4 NAG I . 18.53 -52.08 -38.60
H5 NAG I . 15.60 -52.56 -37.95
H61 NAG I . 17.59 -54.18 -39.08
H62 NAG I . 16.04 -54.70 -38.40
H81 NAG I . 18.73 -46.33 -34.29
H82 NAG I . 16.99 -46.63 -34.46
H83 NAG I . 17.93 -46.05 -35.84
HN2 NAG I . 16.56 -48.32 -36.69
HO3 NAG I . 17.98 -49.51 -39.84
HO4 NAG I . 17.63 -52.44 -40.50
HO6 NAG I . 17.83 -54.19 -36.46
C1 NAG J . 29.99 -35.93 -32.73
C2 NAG J . 30.98 -36.58 -33.66
C3 NAG J . 31.45 -35.68 -34.75
C4 NAG J . 30.27 -35.15 -35.51
C5 NAG J . 29.41 -34.28 -34.57
C6 NAG J . 28.20 -33.74 -35.29
C7 NAG J . 32.90 -38.28 -33.22
C8 NAG J . 34.10 -38.72 -32.42
N2 NAG J . 32.18 -37.03 -32.87
O3 NAG J . 32.31 -36.40 -35.64
O4 NAG J . 30.70 -34.47 -36.70
O5 NAG J . 28.93 -35.10 -33.45
O6 NAG J . 27.79 -32.54 -34.68
O7 NAG J . 32.53 -38.92 -34.14
H2 NAG J . 30.50 -37.45 -34.12
H3 NAG J . 32.00 -34.86 -34.30
H4 NAG J . 29.66 -36.00 -35.81
H5 NAG J . 29.99 -33.47 -34.15
H61 NAG J . 27.39 -34.46 -35.23
H62 NAG J . 28.43 -33.55 -36.34
H81 NAG J . 34.48 -39.65 -32.83
H82 NAG J . 33.80 -38.86 -31.38
H83 NAG J . 34.87 -37.96 -32.47
HN2 NAG J . 32.50 -36.48 -32.08
HO3 NAG J . 31.87 -36.54 -36.46
HO6 NAG J . 27.97 -32.59 -33.74
C1 NAG J . 31.41 -33.24 -36.46
C2 NAG J . 32.45 -33.06 -37.54
C3 NAG J . 33.14 -31.75 -37.44
C4 NAG J . 32.18 -30.59 -37.41
C5 NAG J . 31.13 -30.76 -36.31
C6 NAG J . 30.07 -29.68 -36.46
C7 NAG J . 33.58 -35.23 -38.42
C8 NAG J . 34.63 -36.32 -38.26
N2 NAG J . 33.48 -34.16 -37.42
O3 NAG J . 34.01 -31.59 -38.59
O4 NAG J . 32.92 -29.39 -37.17
O5 NAG J . 30.45 -32.06 -36.38
O6 NAG J . 29.07 -30.13 -37.34
O7 NAG J . 32.86 -35.26 -39.35
H2 NAG J . 31.96 -33.12 -38.51
H3 NAG J . 33.74 -31.73 -36.54
H4 NAG J . 31.68 -30.52 -38.36
H5 NAG J . 31.61 -30.66 -35.35
H61 NAG J . 30.52 -28.77 -36.85
H62 NAG J . 29.63 -29.47 -35.49
H81 NAG J . 34.59 -36.99 -39.10
H82 NAG J . 34.44 -36.87 -37.34
H83 NAG J . 35.61 -35.86 -38.19
HN2 NAG J . 34.11 -34.15 -36.63
HO3 NAG J . 34.53 -30.81 -38.49
HO4 NAG J . 32.57 -28.70 -37.71
HO6 NAG J . 29.00 -31.08 -37.29
C1 NAG K . 0.50 -80.47 -10.08
C2 NAG K . -1.00 -80.59 -10.22
C3 NAG K . -1.61 -81.19 -9.00
C4 NAG K . -0.98 -82.52 -8.67
C5 NAG K . 0.53 -82.40 -8.53
C6 NAG K . 1.12 -83.78 -8.33
C7 NAG K . -2.45 -78.95 -11.62
C8 NAG K . -3.02 -77.55 -11.83
N2 NAG K . -1.58 -79.22 -10.46
O3 NAG K . -3.03 -81.36 -9.22
O4 NAG K . -1.54 -83.01 -7.47
O5 NAG K . 1.14 -81.79 -9.71
O6 NAG K . 1.95 -84.09 -9.42
O7 NAG K . -2.71 -79.81 -12.39
H2 NAG K . -1.21 -81.24 -11.07
H3 NAG K . -1.45 -80.51 -8.17
H4 NAG K . -1.21 -83.21 -9.48
H5 NAG K . 0.75 -81.79 -7.66
H61 NAG K . 0.33 -84.51 -8.26
H62 NAG K . 1.71 -83.79 -7.41
H81 NAG K . -3.61 -77.55 -12.73
H82 NAG K . -2.21 -76.85 -11.91
H83 NAG K . -3.65 -77.30 -10.98
HN2 NAG K . -1.38 -78.47 -9.81
HO3 NAG K . -3.46 -81.49 -8.39
HO6 NAG K . 1.84 -83.43 -10.10
C1 NAG K . -2.51 -84.04 -7.80
C2 NAG K . -2.66 -84.97 -6.63
C3 NAG K . -3.69 -86.02 -6.89
C4 NAG K . -5.01 -85.44 -7.34
C5 NAG K . -4.84 -84.48 -8.51
C6 NAG K . -6.15 -83.80 -8.80
C7 NAG K . -0.34 -84.98 -5.49
C8 NAG K . 0.99 -85.66 -5.21
N2 NAG K . -1.34 -85.64 -6.35
O3 NAG K . -3.90 -86.78 -5.68
O4 NAG K . -5.86 -86.50 -7.74
O5 NAG K . -3.83 -83.44 -8.23
O6 NAG K . -6.05 -83.06 -9.99
O7 NAG K . -0.57 -83.92 -5.03
H2 NAG K . -2.97 -84.40 -5.76
H3 NAG K . -3.32 -86.68 -7.66
H4 NAG K . -5.45 -84.90 -6.50
H5 NAG K . -4.52 -85.03 -9.39
H61 NAG K . -6.41 -83.14 -7.98
H62 NAG K . -6.93 -84.55 -8.92
H81 NAG K . 1.58 -85.04 -4.55
H82 NAG K . 1.53 -85.79 -6.15
H83 NAG K . 0.81 -86.62 -4.76
HN2 NAG K . -1.14 -86.55 -6.74
HO3 NAG K . -4.36 -87.57 -5.88
HO4 NAG K . -6.76 -86.31 -7.46
HO6 NAG K . -6.91 -82.72 -10.24
C1 NAG L . -25.40 23.52 31.82
C2 NAG L . -24.07 24.17 31.53
C3 NAG L . -23.04 23.85 32.55
C4 NAG L . -23.49 24.07 33.96
C5 NAG L . -24.86 23.44 34.25
C6 NAG L . -25.39 23.88 35.59
C7 NAG L . -23.00 24.65 29.20
C8 NAG L . -22.52 24.14 27.85
N2 NAG L . -23.59 23.70 30.17
O3 NAG L . -21.88 24.67 32.30
O4 NAG L . -22.54 23.45 34.83
O5 NAG L . -25.86 23.79 33.23
O6 NAG L . -26.66 24.44 35.43
O7 NAG L . -22.90 25.79 29.47
H2 NAG L . -24.21 25.25 31.51
H3 NAG L . -22.77 22.80 32.43
H4 NAG L . -23.54 25.14 34.15
H5 NAG L . -24.73 22.37 34.26
H61 NAG L . -24.73 24.61 36.05
H62 NAG L . -25.46 23.01 36.25
H81 NAG L . -22.20 24.98 27.25
H82 NAG L . -23.35 23.62 27.36
H83 NAG L . -21.70 23.46 28.00
HN2 NAG L . -23.68 22.73 29.94
HO3 NAG L . -21.59 25.04 33.12
HO6 NAG L . -26.74 24.78 34.54
C1 NAG L . -21.98 24.43 35.71
C2 NAG L . -21.11 23.74 36.74
C3 NAG L . -20.56 24.72 37.72
C4 NAG L . -19.81 25.83 37.03
C5 NAG L . -20.63 26.48 35.92
C6 NAG L . -19.78 27.45 35.13
C7 NAG L . -22.02 21.33 36.95
C8 NAG L . -22.84 20.28 37.68
N2 NAG L . -21.93 22.71 37.48
O3 NAG L . -19.66 24.03 38.62
O4 NAG L . -19.46 26.81 37.99
O5 NAG L . -21.19 25.50 34.99
O6 NAG L . -20.36 27.65 33.87
O7 NAG L . -21.45 21.04 35.95
H2 NAG L . -20.28 23.26 36.24
H3 NAG L . -21.38 25.15 38.29
H4 NAG L . -18.89 25.40 36.60
H5 NAG L . -21.46 27.03 36.38
H61 NAG L . -18.77 27.06 35.01
H62 NAG L . -19.73 28.40 35.66
H81 NAG L . -22.75 19.34 37.17
H82 NAG L . -23.88 20.59 37.70
H83 NAG L . -22.47 20.18 38.69
HN2 NAG L . -22.41 22.95 38.33
HO3 NAG L . -19.36 24.63 39.29
HO4 NAG L . -18.78 27.39 37.64
HO6 NAG L . -21.08 27.04 33.75
C1 NAG M . -1.62 -61.73 12.44
C2 NAG M . -2.13 -63.04 12.97
C3 NAG M . -3.52 -63.36 12.53
C4 NAG M . -4.47 -62.21 12.77
C5 NAG M . -3.95 -60.92 12.17
C6 NAG M . -4.88 -59.79 12.52
C7 NAG M . -0.02 -64.52 13.28
C8 NAG M . 0.90 -65.61 12.79
N2 NAG M . -1.21 -64.14 12.49
O3 NAG M . -3.98 -64.51 13.28
O4 NAG M . -5.72 -62.53 12.17
O5 NAG M . -2.61 -60.59 12.66
O6 NAG M . -4.25 -58.56 12.28
O7 NAG M . 0.21 -63.96 14.29
H2 NAG M . -2.11 -63.01 14.06
H3 NAG M . -3.50 -63.61 11.48
H4 NAG M . -4.60 -62.09 13.84
H5 NAG M . -3.90 -61.02 11.08
H61 NAG M . -5.16 -59.85 13.56
H62 NAG M . -5.77 -59.85 11.91
H81 NAG M . 1.72 -65.74 13.50
H82 NAG M . 1.31 -65.35 11.82
H83 NAG M . 0.35 -66.55 12.70
HN2 NAG M . -1.41 -64.61 11.62
HO3 NAG M . -3.86 -64.36 14.20
HO6 NAG M . -3.30 -58.69 12.31
C1 NAG M . -6.60 -63.03 13.19
C2 NAG M . -8.04 -62.92 12.73
C3 NAG M . -8.98 -63.46 13.73
C4 NAG M . -8.64 -64.88 14.11
C5 NAG M . -7.18 -65.02 14.56
C6 NAG M . -6.85 -66.47 14.76
C7 NAG M . -8.32 -60.89 11.12
C8 NAG M . -8.65 -59.43 10.91
N2 NAG M . -8.36 -61.46 12.49
O3 NAG M . -10.32 -63.45 13.17
O4 NAG M . -9.49 -65.29 15.18
O5 NAG M . -6.25 -64.45 13.57
O6 NAG M . -5.94 -66.89 13.79
O7 NAG M . -8.03 -61.57 10.21
H2 NAG M . -8.15 -63.47 11.80
H3 NAG M . -8.95 -62.84 14.62
H4 NAG M . -8.81 -65.53 13.25
H5 NAG M . -7.05 -64.49 15.49
H61 NAG M . -7.76 -67.08 14.69
H62 NAG M . -6.41 -66.62 15.75
H81 NAG M . -8.59 -59.19 9.85
H82 NAG M . -7.94 -58.80 11.45
H83 NAG M . -9.65 -59.22 11.27
HN2 NAG M . -8.61 -60.88 13.27
HO3 NAG M . -10.94 -63.65 13.84
HO4 NAG M . -9.78 -66.18 15.04
HO6 NAG M . -5.79 -66.17 13.17
C1 NAG N . -16.62 -54.60 -2.46
C2 NAG N . -17.34 -55.91 -2.72
C3 NAG N . -18.82 -55.76 -2.74
C4 NAG N . -19.29 -55.13 -1.46
C5 NAG N . -18.72 -53.71 -1.37
C6 NAG N . -19.16 -53.04 -0.08
C7 NAG N . -16.68 -57.91 -4.22
C8 NAG N . -16.24 -58.45 -5.57
N2 NAG N . -16.89 -56.46 -4.05
O3 NAG N . -19.41 -57.06 -2.90
O4 NAG N . -20.71 -55.21 -1.35
O5 NAG N . -17.25 -53.74 -1.37
O6 NAG N . -19.17 -51.65 -0.25
O7 NAG N . -16.88 -58.64 -3.32
H2 NAG N . -17.06 -56.60 -1.93
H3 NAG N . -19.09 -55.13 -3.58
H4 NAG N . -18.86 -55.70 -0.64
H5 NAG N . -19.03 -53.11 -2.21
H61 NAG N . -18.46 -53.30 0.71
H62 NAG N . -20.14 -53.38 0.21
H81 NAG N . -16.13 -59.53 -5.50
H82 NAG N . -15.27 -58.01 -5.83
H83 NAG N . -16.97 -58.21 -6.32
HN2 NAG N . -16.72 -55.83 -4.82
HO3 NAG N . -19.85 -57.31 -2.09
HO6 NAG N . -18.47 -51.40 -0.85
C1 NAG N . -21.43 -54.39 -2.30
C2 NAG N . -22.72 -55.09 -2.67
C3 NAG N . -23.57 -54.25 -3.56
C4 NAG N . -23.83 -52.88 -2.98
C5 NAG N . -22.53 -52.17 -2.61
C6 NAG N . -22.85 -50.90 -1.84
C7 NAG N . -22.65 -57.69 -2.77
C8 NAG N . -22.30 -58.96 -3.54
N2 NAG N . -22.39 -56.38 -3.40
O3 NAG N . -24.84 -54.92 -3.74
O4 NAG N . -24.53 -52.10 -3.95
O5 NAG N . -21.66 -52.99 -1.76
O6 NAG N . -22.96 -51.20 -0.47
O7 NAG N . -23.12 -57.77 -1.70
H2 NAG N . -23.28 -55.30 -1.76
H3 NAG N . -23.09 -54.13 -4.52
H4 NAG N . -24.44 -52.98 -2.09
H5 NAG N . -21.99 -51.91 -3.52
H61 NAG N . -23.79 -50.48 -2.20
H62 NAG N . -22.06 -50.17 -2.00
H81 NAG N . -22.59 -59.82 -2.96
H82 NAG N . -21.24 -58.99 -3.73
H83 NAG N . -22.83 -58.96 -4.48
HN2 NAG N . -21.99 -56.33 -4.33
HO3 NAG N . -25.36 -54.45 -4.38
HO4 NAG N . -25.20 -51.59 -3.52
HO6 NAG N . -22.41 -51.95 -0.27
C1 NAG O . 34.51 -70.66 19.80
C2 NAG O . 34.98 -70.22 21.16
C3 NAG O . 36.44 -69.99 21.19
C4 NAG O . 37.19 -71.21 20.74
C5 NAG O . 36.73 -71.67 19.36
C6 NAG O . 37.41 -72.98 19.01
C7 NAG O . 33.49 -68.81 22.77
C8 NAG O . 32.79 -67.49 23.09
N2 NAG O . 34.26 -68.93 21.52
O3 NAG O . 36.84 -69.66 22.53
O4 NAG O . 38.58 -70.92 20.70
O5 NAG O . 35.28 -71.89 19.31
O6 NAG O . 36.46 -74.00 18.93
O7 NAG O . 33.42 -69.70 23.53
H2 NAG O . 34.74 -70.99 21.89
H3 NAG O . 36.68 -69.16 20.52
H4 NAG O . 37.02 -72.02 21.45
H5 NAG O . 37.00 -70.92 18.63
H61 NAG O . 38.14 -73.23 19.77
H62 NAG O . 37.92 -72.87 18.05
H81 NAG O . 32.27 -67.60 24.03
H82 NAG O . 32.08 -67.26 22.31
H83 NAG O . 33.52 -66.71 23.17
HN2 NAG O . 34.32 -68.14 20.89
HO3 NAG O . 37.67 -69.20 22.52
HO6 NAG O . 35.63 -73.70 19.31
C1 NAG O . 39.19 -71.50 21.87
C2 NAG O . 40.66 -71.75 21.60
C3 NAG O . 41.37 -72.30 22.78
C4 NAG O . 41.15 -71.46 24.02
C5 NAG O . 39.66 -71.18 24.28
C6 NAG O . 39.53 -70.19 25.41
C7 NAG O . 40.75 -72.25 19.06
C8 NAG O . 40.88 -73.24 17.92
N2 NAG O . 40.80 -72.72 20.46
O3 NAG O . 42.78 -72.36 22.51
O4 NAG O . 41.70 -72.14 25.15
O5 NAG O . 39.00 -70.63 23.09
O6 NAG O . 38.19 -70.07 25.78
O7 NAG O . 40.62 -71.10 18.83
H2 NAG O . 41.13 -70.81 21.32
H3 NAG O . 40.98 -73.30 22.98
H4 NAG O . 41.66 -70.51 23.88
H5 NAG O . 39.18 -72.11 24.55
H61 NAG O . 39.91 -69.22 25.10
H62 NAG O . 40.11 -70.53 26.27
H81 NAG O . 40.87 -72.71 16.98
H82 NAG O . 40.06 -73.95 17.95
H83 NAG O . 41.81 -73.78 18.01
HN2 NAG O . 40.90 -73.71 20.65
HO3 NAG O . 43.20 -72.91 23.15
HO4 NAG O . 42.11 -71.52 25.73
HO6 NAG O . 38.11 -69.53 26.56
C1 NAG P . 42.07 24.00 1.63
C2 NAG P . 43.13 24.04 0.56
C3 NAG P . 42.66 23.40 -0.70
C4 NAG P . 42.16 21.99 -0.47
C5 NAG P . 41.11 21.93 0.65
C6 NAG P . 40.81 20.49 0.99
C7 NAG P . 44.85 25.82 -0.20
C8 NAG P . 45.21 27.27 -0.49
N2 NAG P . 43.49 25.47 0.27
O3 NAG P . 43.74 23.35 -1.64
O4 NAG P . 41.59 21.51 -1.68
O5 NAG P . 41.57 22.60 1.86
O6 NAG P . 41.28 20.22 2.28
O7 NAG P . 45.65 24.97 -0.36
H2 NAG P . 44.02 23.51 0.91
H3 NAG P . 41.85 23.99 -1.11
H4 NAG P . 43.01 21.37 -0.19
H5 NAG P . 40.20 22.41 0.29
H61 NAG P . 41.32 19.83 0.28
H62 NAG P . 39.75 20.31 0.95
H81 NAG P . 46.22 27.32 -0.85
H82 NAG P . 45.10 27.86 0.42
H83 NAG P . 44.54 27.66 -1.25
HN2 NAG P . 42.80 26.20 0.40
HO3 NAG P . 43.45 22.94 -2.44
HO4 NAG P . 40.65 21.36 -1.56
HO6 NAG P . 41.85 20.93 2.57
C1 NAG Q . 30.04 49.28 29.27
C2 NAG Q . 28.74 49.69 28.61
C3 NAG Q . 27.86 50.45 29.53
C4 NAG Q . 27.71 49.79 30.88
C5 NAG Q . 29.07 49.38 31.47
C6 NAG Q . 28.86 48.72 32.82
C7 NAG Q . 28.07 50.90 26.42
C8 NAG Q . 28.44 51.78 25.23
N2 NAG Q . 29.08 50.56 27.43
O3 NAG Q . 26.54 50.58 28.95
O4 NAG Q . 27.06 50.69 31.77
O5 NAG Q . 29.78 48.49 30.55
O6 NAG Q . 28.10 47.56 32.67
O7 NAG Q . 26.97 50.49 26.53
H2 NAG Q . 28.22 48.80 28.28
H3 NAG Q . 28.28 51.43 29.68
H4 NAG Q . 27.10 48.90 30.77
H5 NAG Q . 29.66 50.27 31.60
H61 NAG Q . 28.34 49.40 33.48
H62 NAG Q . 29.83 48.47 33.25
H81 NAG Q . 27.59 51.87 24.57
H82 NAG Q . 29.27 51.32 24.70
H83 NAG Q . 28.73 52.75 25.58
HN2 NAG Q . 30.02 50.91 27.32
HO3 NAG Q . 26.26 49.74 28.62
HO4 NAG Q . 26.53 50.21 32.39
HO6 NAG Q . 27.34 47.60 33.24
C1 NAG R . 16.70 37.95 -30.03
C2 NAG R . 17.77 36.93 -29.65
C3 NAG R . 19.06 37.12 -30.32
C4 NAG R . 18.87 37.24 -31.80
C5 NAG R . 18.15 38.55 -32.11
C6 NAG R . 17.74 38.55 -33.56
C7 NAG R . 18.37 38.22 -27.45
C8 NAG R . 18.58 38.20 -25.95
N2 NAG R . 17.99 36.98 -28.15
O3 NAG R . 19.91 35.97 -30.07
O4 NAG R . 20.13 37.24 -32.45
O5 NAG R . 16.95 38.79 -31.28
O6 NAG R . 16.77 37.57 -33.80
O7 NAG R . 18.51 39.22 -28.05
H2 NAG R . 17.39 35.94 -29.90
H3 NAG R . 19.55 38.01 -29.96
H4 NAG R . 18.26 36.41 -32.15
H5 NAG R . 18.84 39.37 -31.94
H61 NAG R . 18.62 38.35 -34.19
H62 NAG R . 17.33 39.52 -33.83
H81 NAG R . 18.86 39.19 -25.61
H82 NAG R . 19.38 37.50 -25.70
H83 NAG R . 17.67 37.90 -25.46
HN2 NAG R . 17.87 36.13 -27.61
HO3 NAG R . 20.67 36.01 -30.62
HO4 NAG R . 20.03 36.88 -33.33
HO6 NAG R . 16.41 37.26 -32.97
C1 NAG S . 35.84 -6.07 15.72
C2 NAG S . 36.47 -7.44 15.91
C3 NAG S . 36.33 -7.93 17.32
C4 NAG S . 36.84 -6.94 18.33
C5 NAG S . 36.24 -5.56 18.11
C6 NAG S . 36.90 -4.56 19.04
C7 NAG S . 36.49 -8.86 13.74
C8 NAG S . 35.84 -9.90 12.84
N2 NAG S . 35.83 -8.47 15.00
O3 NAG S . 37.07 -9.17 17.46
O4 NAG S . 36.49 -7.39 19.64
O5 NAG S . 36.45 -5.11 16.72
O6 NAG S . 37.63 -3.63 18.29
O7 NAG S . 37.51 -8.37 13.43
H2 NAG S . 37.54 -7.37 15.70
H3 NAG S . 35.27 -8.11 17.51
H4 NAG S . 37.92 -6.89 18.25
H5 NAG S . 35.18 -5.59 18.31
H61 NAG S . 37.57 -5.08 19.71
H62 NAG S . 36.13 -4.05 19.61
H81 NAG S . 36.46 -10.05 11.96
H82 NAG S . 34.85 -9.54 12.53
H83 NAG S . 35.74 -10.83 13.37
HN2 NAG S . 34.96 -8.90 15.27
HO3 NAG S . 36.91 -9.53 18.31
HO4 NAG S . 37.21 -7.22 20.24
HO6 NAG S . 37.59 -3.86 17.36
C1 NAG T . 34.44 2.68 -23.58
C2 NAG T . 35.83 3.18 -23.92
C3 NAG T . 36.48 2.33 -24.95
C4 NAG T . 36.48 0.88 -24.55
C5 NAG T . 35.08 0.39 -24.20
C6 NAG T . 35.13 -1.04 -23.70
C7 NAG T . 36.87 5.51 -24.33
C8 NAG T . 36.76 6.93 -24.84
N2 NAG T . 35.71 4.59 -24.43
O3 NAG T . 37.85 2.76 -25.12
O4 NAG T . 36.98 0.10 -25.65
O5 NAG T . 34.46 1.22 -23.16
O6 NAG T . 34.08 -1.26 -22.79
O7 NAG T . 37.88 5.12 -23.86
H2 NAG T . 36.44 3.17 -23.02
H3 NAG T . 35.95 2.44 -25.89
H4 NAG T . 37.13 0.76 -23.70
H5 NAG T . 34.46 0.42 -25.09
H61 NAG T . 36.08 -1.23 -23.22
H62 NAG T . 35.01 -1.71 -24.55
H81 NAG T . 37.68 7.46 -24.64
H82 NAG T . 35.94 7.43 -24.35
H83 NAG T . 36.59 6.92 -25.91
HN2 NAG T . 34.85 4.92 -24.84
HO3 NAG T . 38.30 2.72 -24.30
HO4 NAG T . 37.27 -0.74 -25.33
HO6 NAG T . 33.70 -0.41 -22.54
C1 NAG U . 48.97 -8.85 -14.89
C2 NAG U . 50.35 -8.23 -15.06
C3 NAG U . 50.43 -7.32 -16.23
C4 NAG U . 49.90 -7.95 -17.49
C5 NAG U . 48.51 -8.55 -17.29
C6 NAG U . 48.09 -9.27 -18.55
C7 NAG U . 51.39 -8.06 -12.69
C8 NAG U . 51.70 -7.24 -11.44
N2 NAG U . 50.67 -7.43 -13.82
O3 NAG U . 51.81 -6.96 -16.44
O4 NAG U . 49.82 -6.93 -18.50
O5 NAG U . 48.49 -9.50 -16.17
O6 NAG U . 48.93 -10.38 -18.77
O7 NAG U . 51.70 -9.20 -12.75
H2 NAG U . 51.08 -9.03 -15.18
H3 NAG U . 49.85 -6.42 -16.02
H4 NAG U . 50.59 -8.72 -17.82
H5 NAG U . 47.80 -7.75 -17.09
H61 NAG U . 48.16 -8.60 -19.40
H62 NAG U . 47.07 -9.62 -18.44
H81 NAG U . 52.23 -7.87 -10.73
H82 NAG U . 50.78 -6.89 -11.00
H83 NAG U . 52.32 -6.40 -11.72
HN2 NAG U . 50.40 -6.46 -13.75
HO3 NAG U . 51.86 -6.29 -17.10
HO4 NAG U . 49.98 -7.33 -19.35
HO6 NAG U . 48.83 -10.70 -19.66
C1 NAG V . 41.59 -48.39 -25.22
C2 NAG V . 41.46 -49.52 -26.22
C3 NAG V . 42.77 -49.90 -26.79
C4 NAG V . 43.48 -48.70 -27.38
C5 NAG V . 43.58 -47.55 -26.38
C6 NAG V . 44.19 -46.33 -27.05
C7 NAG V . 39.41 -50.90 -25.44
C8 NAG V . 38.83 -52.10 -24.72
N2 NAG V . 40.87 -50.72 -25.51
O3 NAG V . 42.58 -50.88 -27.83
O4 NAG V . 44.80 -49.10 -27.77
O5 NAG V . 42.27 -47.19 -25.85
O6 NAG V . 43.37 -45.21 -26.80
O7 NAG V . 38.70 -50.11 -25.93
H2 NAG V . 40.80 -49.22 -27.01
H3 NAG V . 43.40 -50.32 -26.01
H4 NAG V . 42.93 -48.38 -28.26
H5 NAG V . 44.23 -47.85 -25.57
H61 NAG V . 44.25 -46.48 -28.13
H62 NAG V . 45.17 -46.15 -26.66
H81 NAG V . 37.75 -52.09 -24.80
H82 NAG V . 39.11 -52.07 -23.67
H83 NAG V . 39.21 -53.01 -25.17
HN2 NAG V . 41.48 -51.40 -25.08
HO3 NAG V . 43.41 -51.22 -28.12
HO4 NAG V . 45.14 -48.48 -28.41
HO6 NAG V . 42.69 -45.46 -26.18
C1 NAG W . 46.15 -42.91 -11.75
C2 NAG W . 46.76 -42.20 -10.57
C3 NAG W . 47.00 -40.76 -10.82
C4 NAG W . 47.84 -40.55 -12.05
C5 NAG W . 47.17 -41.17 -13.27
C6 NAG W . 48.08 -41.06 -14.47
C7 NAG W . 46.39 -42.44 -8.03
C8 NAG W . 45.46 -42.56 -6.83
N2 NAG W . 45.84 -42.32 -9.38
O3 NAG W . 47.68 -40.19 -9.69
O4 NAG W . 48.01 -39.16 -12.27
O5 NAG W . 46.84 -42.59 -13.06
O6 NAG W . 48.35 -42.35 -14.98
O7 NAG W . 47.56 -42.44 -7.85
H2 NAG W . 47.71 -42.68 -10.34
H3 NAG W . 46.04 -40.27 -10.96
H4 NAG W . 48.81 -41.02 -11.90
H5 NAG W . 46.25 -40.63 -13.46
H61 NAG W . 49.02 -40.58 -14.18
H62 NAG W . 47.60 -40.46 -15.24
H81 NAG W . 46.04 -42.71 -5.93
H82 NAG W . 44.80 -43.40 -6.98
H83 NAG W . 44.88 -41.66 -6.73
HN2 NAG W . 44.84 -42.33 -9.53
HO3 NAG W . 47.76 -39.24 -9.81
HO4 NAG W . 48.86 -39.00 -12.69
HO6 NAG W . 47.90 -42.99 -14.45
C1 NAG X . 48.68 -59.74 -7.32
C2 NAG X . 50.11 -59.76 -6.83
C3 NAG X . 50.65 -61.14 -6.76
C4 NAG X . 49.77 -62.04 -5.93
C5 NAG X . 48.32 -62.01 -6.42
C6 NAG X . 47.47 -62.83 -5.48
C7 NAG X . 51.17 -57.50 -7.53
C8 NAG X . 52.03 -56.69 -8.49
N2 NAG X . 50.96 -58.94 -7.78
O3 NAG X . 51.97 -61.09 -6.17
O4 NAG X . 50.26 -63.38 -6.01
O5 NAG X . 47.79 -60.65 -6.49
O6 NAG X . 48.18 -63.96 -5.06
O7 NAG X . 50.67 -56.98 -6.60
H2 NAG X . 50.14 -59.32 -5.84
H3 NAG X . 50.72 -61.55 -7.77
H4 NAG X . 49.79 -61.70 -4.90
H5 NAG X . 48.28 -62.46 -7.42
H61 NAG X . 46.56 -63.14 -6.00
H62 NAG X . 47.21 -62.22 -4.62
H81 NAG X . 52.08 -55.66 -8.15
H82 NAG X . 51.59 -56.72 -9.48
H83 NAG X . 53.03 -57.10 -8.51
HN2 NAG X . 51.39 -59.39 -8.57
HO3 NAG X . 52.34 -61.96 -6.19
HO4 NAG X . 49.99 -63.85 -5.23
HO6 NAG X . 47.69 -64.74 -5.28
C1 NAG Y . 16.62 58.73 10.95
C2 NAG Y . 15.20 59.15 11.21
C3 NAG Y . 14.94 60.48 10.60
C4 NAG Y . 15.92 61.51 11.09
C5 NAG Y . 17.37 61.06 11.03
C6 NAG Y . 18.22 62.01 11.85
C7 NAG Y . 13.67 57.07 11.48
C8 NAG Y . 12.74 56.03 10.88
N2 NAG Y . 14.26 58.11 10.62
O3 NAG Y . 13.60 60.90 10.95
O4 NAG Y . 15.78 62.68 10.27
O5 NAG Y . 17.58 59.71 11.57
O6 NAG Y . 18.17 61.64 13.20
O7 NAG Y . 13.92 57.02 12.64
H2 NAG Y . 15.04 59.22 12.28
H3 NAG Y . 15.02 60.40 9.53
H4 NAG Y . 15.67 61.77 12.12
H5 NAG Y . 17.72 61.08 10.00
H61 NAG Y . 17.84 63.03 11.73
H62 NAG Y . 19.26 61.98 11.49
H81 NAG Y . 12.40 55.36 11.66
H82 NAG Y . 13.28 55.45 10.12
H83 NAG Y . 11.90 56.52 10.43
HN2 NAG Y . 14.05 58.13 9.64
HO3 NAG Y . 13.35 61.62 10.41
HO4 NAG Y . 15.88 63.46 10.81
HO6 NAG Y . 18.11 60.69 13.26
C1 NAG Z . 26.03 9.96 32.18
C2 NAG Z . 27.51 9.67 32.19
C3 NAG Z . 27.93 8.92 33.41
C4 NAG Z . 27.45 9.56 34.68
C5 NAG Z . 25.95 9.88 34.65
C6 NAG Z . 25.58 10.69 35.87
C7 NAG Z . 28.23 9.51 29.70
C8 NAG Z . 28.58 8.67 28.49
N2 NAG Z . 27.87 8.85 30.98
O3 NAG Z . 29.37 8.85 33.44
O4 NAG Z . 27.71 8.67 35.76
O5 NAG Z . 25.58 10.64 33.45
O6 NAG Z . 25.96 12.03 35.67
O7 NAG Z . 28.23 10.69 29.63
H2 NAG Z . 28.06 10.62 32.17
H3 NAG Z . 27.53 7.92 33.34
H4 NAG Z . 28.00 10.49 34.84
H5 NAG Z . 25.40 8.94 34.66
H61 NAG Z . 26.09 10.30 36.75
H62 NAG Z . 24.51 10.64 36.01
H81 NAG Z . 28.84 9.31 27.66
H82 NAG Z . 27.73 8.05 28.21
H83 NAG Z . 29.43 8.04 28.73
HN2 NAG Z . 27.87 7.84 31.03
HO3 NAG Z . 29.64 8.24 34.10
HO4 NAG Z . 27.98 9.17 36.53
HO6 NAG Z . 25.97 12.21 34.73
C1 NAG AA . -3.07 54.18 -14.59
C2 NAG AA . -1.56 54.19 -14.58
C3 NAG AA . -1.02 54.93 -13.39
C4 NAG AA . -1.59 56.31 -13.28
C5 NAG AA . -3.11 56.32 -13.30
C6 NAG AA . -3.62 57.74 -13.35
C7 NAG AA . -0.77 52.06 -15.79
C8 NAG AA . -0.26 50.61 -15.75
N2 NAG AA . -1.06 52.77 -14.53
O3 NAG AA . 0.42 55.02 -13.53
O4 NAG AA . -1.14 56.90 -12.06
O5 NAG AA . -3.65 55.57 -14.44
O6 NAG AA . -5.00 57.73 -13.57
O7 NAG AA . -0.92 52.59 -16.83
H2 NAG AA . -1.20 54.68 -15.48
H3 NAG AA . -1.26 54.37 -12.50
H4 NAG AA . -1.22 56.91 -14.12
H5 NAG AA . -3.48 55.85 -12.38
H61 NAG AA . -3.13 58.27 -14.17
H62 NAG AA . -3.40 58.23 -12.42
H81 NAG AA . -0.10 50.26 -16.75
H82 NAG AA . -0.99 49.99 -15.25
H83 NAG AA . 0.68 50.59 -15.20
HN2 NAG AA . -0.92 52.31 -13.65
HO3 NAG AA . 0.77 55.47 -12.79
HO4 NAG AA . -1.12 57.85 -12.14
HO6 NAG AA . -5.25 56.94 -14.05
C1 NAG BA . 41.31 57.76 8.70
C2 NAG BA . 40.74 56.78 7.69
C3 NAG BA . 39.62 57.38 6.92
C4 NAG BA . 38.55 57.91 7.83
C5 NAG BA . 39.10 58.87 8.88
C6 NAG BA . 38.01 59.22 9.86
C7 NAG BA . 42.67 55.18 6.99
C8 NAG BA . 43.77 54.79 6.02
N2 NAG BA . 41.85 56.38 6.73
O3 NAG BA . 39.05 56.36 6.07
O4 NAG BA . 37.59 58.62 7.03
O5 NAG BA . 40.22 58.27 9.62
O6 NAG BA . 38.28 58.63 11.11
O7 NAG BA . 42.47 54.53 7.95
H2 NAG BA . 40.38 55.90 8.21
H3 NAG BA . 40.00 58.18 6.30
H4 NAG BA . 38.06 57.08 8.32
H5 NAG BA . 39.45 59.77 8.40
H61 NAG BA . 37.05 58.86 9.49
H62 NAG BA . 37.97 60.30 9.98
H81 NAG BA . 44.24 53.88 6.36
H82 NAG BA . 44.51 55.59 5.96
H83 NAG BA . 43.35 54.64 5.03
HN2 NAG BA . 42.02 56.94 5.91
HO3 NAG BA . 38.54 56.76 5.39
HO4 NAG BA . 36.71 58.42 7.34
HO6 NAG BA . 39.18 58.31 11.11
CHA BLA CA . 30.80 32.36 30.08
NA BLA CA . 29.69 33.55 28.05
C1A BLA CA . 29.64 32.74 29.14
C2A BLA CA . 28.35 32.29 29.24
C3A BLA CA . 27.63 32.83 28.25
C4A BLA CA . 28.47 33.62 27.50
CMA BLA CA . 26.14 32.62 27.97
CAA BLA CA . 27.79 31.35 30.31
CBA BLA CA . 27.22 32.16 31.47
CGA BLA CA . 26.80 31.20 32.59
O1A BLA CA . 26.13 30.17 32.31
O2A BLA CA . 27.12 31.45 33.77
CHB BLA CA . 28.09 34.43 26.25
NB BLA CA . 29.79 36.26 26.86
C1B BLA CA . 28.73 35.55 25.99
C2B BLA CA . 28.61 36.37 24.76
C3B BLA CA . 29.46 37.51 24.82
C4B BLA CA . 30.23 37.52 26.09
CMB BLA CA . 27.67 36.07 23.60
OB BLA CA . 31.03 38.32 26.44
CAB BLA CA . 29.56 38.56 23.73
CBB BLA CA . 30.67 39.22 23.51
NC BLA CA . 33.06 34.48 26.06
C1C BLA CA . 32.79 35.25 24.77
C2C BLA CA . 33.75 36.39 24.77
C3C BLA CA . 34.58 36.35 25.94
C4C BLA CA . 34.20 35.20 26.80
CMC BLA CA . 33.77 37.38 23.62
OC BLA CA . 31.99 35.03 23.95
CAC BLA CA . 35.69 37.34 26.31
CBC BLA CA . 36.47 37.91 25.43
CHD BLA CA . 34.74 34.86 27.95
ND BLA CA . 32.52 33.62 28.74
C1D BLA CA . 33.90 34.07 28.97
C2D BLA CA . 34.30 33.67 30.35
C3D BLA CA . 33.16 32.94 30.95
C4D BLA CA . 32.01 32.91 29.95
CMD BLA CA . 35.68 33.95 30.95
CAD BLA CA . 33.06 32.31 32.35
CBD BLA CA . 34.35 31.68 32.87
CGD BLA CA . 34.99 30.78 31.80
O1D BLA CA . 36.24 30.68 31.76
O2D BLA CA . 34.27 30.15 31.00
HHA BLA CA . 30.69 31.52 30.74
HA BLA CA . 30.49 34.04 27.70
HMA1 BLA CA . 25.73 33.49 27.45
HMA2 BLA CA . 25.61 32.49 28.91
HMA3 BLA CA . 26.01 31.73 27.36
HAA1 BLA CA . 26.99 30.75 29.86
HAA2 BLA CA . 28.57 30.68 30.66
HBA1 BLA CA . 26.36 32.72 31.13
HBA2 BLA CA . 27.99 32.84 31.84
HHB BLA CA . 27.56 33.93 25.46
HB BLA CA . 30.11 35.97 27.75
HMB1 BLA CA . 27.61 35.00 23.44
HMB2 BLA CA . 26.67 36.45 23.84
HMB3 BLA CA . 28.03 36.54 22.69
HAB BLA CA . 28.68 38.78 23.12
HBB1 BLA CA . 31.55 39.02 24.10
HBB2 BLA CA . 30.70 39.97 22.72
HC BLA CA . 32.57 33.66 26.36
HMC1 BLA CA . 34.66 37.20 23.01
HMC2 BLA CA . 32.89 37.22 23.00
HMC3 BLA CA . 33.77 38.39 24.01
HAC BLA CA . 35.83 37.58 27.36
HBC1 BLA CA . 36.38 37.71 24.38
HBC2 BLA CA . 37.24 38.60 25.76
HHD BLA CA . 35.59 35.43 28.32
HMD1 BLA CA . 36.17 34.73 30.38
HMD2 BLA CA . 36.28 33.06 30.93
HMD3 BLA CA . 35.56 34.29 31.98
HAD1 BLA CA . 32.30 31.55 32.34
HAD2 BLA CA . 32.75 33.09 33.04
HBD1 BLA CA . 35.05 32.46 33.17
HBD2 BLA CA . 34.11 31.08 33.74
C1 NAG DA . -25.42 3.30 -41.14
C2 NAG DA . -26.64 2.49 -41.51
C3 NAG DA . -27.13 1.68 -40.37
C4 NAG DA . -26.05 0.81 -39.78
C5 NAG DA . -24.80 1.61 -39.43
C6 NAG DA . -23.67 0.67 -39.06
C7 NAG DA . -28.73 2.98 -42.96
C8 NAG DA . -29.84 3.93 -43.40
N2 NAG DA . -27.73 3.42 -41.96
O3 NAG DA . -28.20 0.82 -40.82
O4 NAG DA . -26.55 0.20 -38.59
O5 NAG DA . -24.33 2.43 -40.55
O6 NAG DA . -22.71 0.67 -40.08
O7 NAG DA . -28.67 1.89 -43.41
H2 NAG DA . -26.38 1.82 -42.34
H3 NAG DA . -27.51 2.35 -39.60
H4 NAG DA . -25.78 0.04 -40.50
H5 NAG DA . -25.01 2.26 -38.58
H61 NAG DA . -24.07 -0.34 -38.94
H62 NAG DA . -23.22 0.99 -38.13
H81 NAG DA . -30.48 3.43 -44.11
H82 NAG DA . -29.39 4.81 -43.88
H83 NAG DA . -30.42 4.24 -42.54
HN2 NAG DA . -27.79 4.35 -41.58
HO3 NAG DA . -28.51 0.30 -40.10
HO4 NAG DA . -26.06 0.51 -37.84
HO6 NAG DA . -22.96 1.31 -40.74
C1 NAG EA . -13.11 39.79 -49.31
C2 NAG EA . -13.42 40.40 -47.96
C3 NAG EA . -12.80 41.75 -47.81
C4 NAG EA . -11.36 41.78 -48.21
C5 NAG EA . -11.13 41.12 -49.56
C6 NAG EA . -9.66 41.16 -49.93
C7 NAG EA . -15.56 40.82 -46.55
C8 NAG EA . -17.08 40.94 -46.45
N2 NAG EA . -14.92 40.52 -47.84
O3 NAG EA . -12.90 42.16 -46.43
O4 NAG EA . -10.93 43.13 -48.27
O5 NAG EA . -11.62 39.72 -49.56
O6 NAG EA . -8.92 40.45 -48.98
O7 NAG EA . -14.90 40.97 -45.59
H2 NAG EA . -13.05 39.74 -47.17
H3 NAG EA . -13.35 42.45 -48.43
H4 NAG EA . -10.78 41.25 -47.46
H5 NAG EA . -11.69 41.67 -50.32
H61 NAG EA . -9.32 42.20 -49.93
H62 NAG EA . -9.51 40.74 -50.91
H81 NAG EA . -17.36 41.10 -45.42
H82 NAG EA . -17.53 40.03 -46.82
H83 NAG EA . -17.41 41.78 -47.06
HN2 NAG EA . -15.50 40.40 -48.66
HO3 NAG EA . -12.61 41.47 -45.86
HO4 NAG EA . -10.01 43.19 -48.02
HO6 NAG EA . -8.24 41.01 -48.61
C1 NAG FA . -49.07 13.03 -6.72
C2 NAG FA . -48.59 11.89 -7.62
C3 NAG FA . -49.65 11.25 -8.43
C4 NAG FA . -50.80 10.87 -7.56
C5 NAG FA . -51.49 12.14 -7.06
C6 NAG FA . -52.51 11.74 -6.01
C7 NAG FA . -47.75 13.56 -9.46
C8 NAG FA . -46.63 14.03 -10.37
N2 NAG FA . -47.51 12.41 -8.54
O3 NAG FA . -49.12 10.06 -9.06
O4 NAG FA . -51.73 10.10 -8.33
O5 NAG FA . -50.58 13.14 -6.48
O6 NAG FA . -51.86 11.22 -4.87
O7 NAG FA . -48.79 14.10 -9.48
H2 NAG FA . -48.15 11.13 -6.98
H3 NAG FA . -50.00 11.94 -9.20
H4 NAG FA . -50.43 10.29 -6.72
H5 NAG FA . -52.02 12.60 -7.89
H61 NAG FA . -53.18 10.98 -6.41
H62 NAG FA . -53.09 12.61 -5.71
H81 NAG FA . -46.98 14.87 -10.96
H82 NAG FA . -46.33 13.22 -11.02
H83 NAG FA . -45.79 14.34 -9.77
HN2 NAG FA . -46.61 11.96 -8.55
HO3 NAG FA . -49.80 9.62 -9.52
HO4 NAG FA . -52.20 9.50 -7.74
HO6 NAG FA . -50.94 11.44 -4.91
C1 NAG GA . 3.54 -13.62 -37.01
C2 NAG GA . 4.21 -14.93 -37.39
C3 NAG GA . 5.61 -14.75 -37.86
C4 NAG GA . 5.71 -13.74 -38.97
C5 NAG GA . 5.01 -12.44 -38.62
C6 NAG GA . 5.00 -11.51 -39.81
C7 NAG GA . 3.24 -16.96 -36.07
C8 NAG GA . 3.29 -17.90 -34.87
N2 NAG GA . 4.25 -15.89 -36.21
O3 NAG GA . 6.12 -16.01 -38.32
O4 NAG GA . 7.09 -13.47 -39.24
O5 NAG GA . 3.62 -12.68 -38.20
O6 NAG GA . 3.67 -11.31 -40.24
O7 NAG GA . 2.39 -17.08 -36.87
H2 NAG GA . 3.64 -15.38 -38.20
H3 NAG GA . 6.20 -14.39 -37.02
H4 NAG GA . 5.25 -14.16 -39.87
H5 NAG GA . 5.55 -11.95 -37.80
H61 NAG GA . 5.58 -11.95 -40.63
H62 NAG GA . 5.43 -10.56 -39.54
H81 NAG GA . 2.48 -18.60 -34.94
H82 NAG GA . 3.20 -17.33 -33.96
H83 NAG GA . 4.24 -18.43 -34.88
HN2 NAG GA . 4.97 -15.79 -35.52
HO3 NAG GA . 7.03 -15.92 -38.55
HO4 NAG GA . 7.22 -13.39 -40.17
HO6 NAG GA . 3.08 -11.86 -39.73
C1 NAG HA . -31.35 -20.93 -18.23
C2 NAG HA . -32.33 -21.21 -19.34
C3 NAG HA . -32.90 -22.58 -19.24
C4 NAG HA . -31.83 -23.63 -19.15
C5 NAG HA . -30.82 -23.33 -18.05
C6 NAG HA . -29.70 -24.34 -18.05
C7 NAG HA . -34.22 -19.87 -20.47
C8 NAG HA . -35.34 -18.83 -20.40
N2 NAG HA . -33.44 -20.19 -19.27
O3 NAG HA . -33.72 -22.84 -20.40
O4 NAG HA . -32.44 -24.89 -18.90
O5 NAG HA . -30.25 -21.98 -18.18
O6 NAG HA . -28.53 -23.74 -17.58
O7 NAG HA . -33.98 -20.40 -21.50
H2 NAG HA . -31.82 -21.12 -20.30
H3 NAG HA . -33.52 -22.64 -18.35
H4 NAG HA . -31.31 -23.66 -20.11
H5 NAG HA . -31.34 -23.39 -17.08
H61 NAG HA . -29.53 -24.70 -19.07
H62 NAG HA . -29.95 -25.18 -17.42
H81 NAG HA . -35.76 -18.69 -21.39
H82 NAG HA . -34.94 -17.90 -20.02
H83 NAG HA . -36.11 -19.19 -19.73
HN2 NAG HA . -33.65 -19.74 -18.39
HO3 NAG HA . -33.21 -22.67 -21.17
HO4 NAG HA . -31.83 -25.60 -19.15
HO6 NAG HA . -28.63 -22.78 -17.59
C1 NAG IA . -23.30 -33.05 -32.65
C2 NAG IA . -24.20 -33.17 -33.84
C3 NAG IA . -25.62 -32.88 -33.52
C4 NAG IA . -26.12 -33.69 -32.34
C5 NAG IA . -25.18 -33.55 -31.14
C6 NAG IA . -25.65 -34.47 -30.03
C7 NAG IA . -22.79 -32.56 -35.93
C8 NAG IA . -22.34 -31.55 -36.97
N2 NAG IA . -23.75 -32.16 -34.88
O3 NAG IA . -26.44 -33.23 -34.66
O4 NAG IA . -27.41 -33.20 -31.97
O5 NAG IA . -23.80 -33.89 -31.47
O6 NAG IA . -25.50 -35.81 -30.44
O7 NAG IA . -22.37 -33.66 -35.97
H2 NAG IA . -24.12 -34.17 -34.25
H3 NAG IA . -25.73 -31.83 -33.30
H4 NAG IA . -26.18 -34.73 -32.62
H5 NAG IA . -25.22 -32.53 -30.78
H61 NAG IA . -26.70 -34.27 -29.80
H62 NAG IA . -25.05 -34.30 -29.13
H81 NAG IA . -21.66 -32.01 -37.66
H82 NAG IA . -21.85 -30.71 -36.48
H83 NAG IA . -23.20 -31.18 -37.52
HN2 NAG IA . -24.10 -31.23 -34.86
HO3 NAG IA . -27.32 -32.94 -34.53
HO4 NAG IA . -27.93 -33.92 -31.63
HO6 NAG IA . -25.98 -36.37 -29.84
C1 NAG JA . -8.05 -66.75 -13.72
C2 NAG JA . -8.18 -68.03 -12.93
C3 NAG JA . -8.88 -69.09 -13.71
C4 NAG JA . -10.20 -68.62 -14.25
C5 NAG JA . -10.06 -67.31 -15.04
C6 NAG JA . -11.41 -66.80 -15.46
C7 NAG JA . -6.17 -68.04 -11.30
C8 NAG JA . -4.77 -68.52 -10.94
N2 NAG JA . -6.80 -68.51 -12.56
O3 NAG JA . -9.10 -70.23 -12.85
O4 NAG JA . -10.71 -69.62 -15.12
O5 NAG JA . -9.40 -66.28 -14.24
O6 NAG JA . -11.54 -65.45 -15.12
O7 NAG JA . -6.74 -67.28 -10.60
H2 NAG JA . -8.76 -67.83 -12.02
H3 NAG JA . -8.24 -69.39 -14.53
H4 NAG JA . -10.88 -68.47 -13.42
H5 NAG JA . -9.45 -67.49 -15.92
H61 NAG JA . -12.20 -67.36 -14.96
H62 NAG JA . -11.53 -66.92 -16.53
H81 NAG JA . -4.49 -68.10 -10.00
H82 NAG JA . -4.07 -68.21 -11.71
H83 NAG JA . -4.78 -69.60 -10.87
HN2 NAG JA . -6.31 -69.15 -13.17
HO3 NAG JA . -9.42 -70.95 -13.36
HO4 NAG JA . -11.66 -69.48 -15.25
HO6 NAG JA . -10.70 -65.12 -14.81
C1 NAG KA . -1.93 -58.89 -25.26
C2 NAG KA . -1.60 -58.10 -26.50
C3 NAG KA . -2.63 -57.10 -26.87
C4 NAG KA . -3.98 -57.75 -27.00
C5 NAG KA . -4.38 -58.43 -25.71
C6 NAG KA . -5.68 -59.17 -25.90
C7 NAG KA . 0.64 -57.18 -27.41
C8 NAG KA . 1.96 -56.45 -27.20
N2 NAG KA . -0.29 -57.37 -26.29
O3 NAG KA . -2.28 -56.47 -28.12
O4 NAG KA . -4.95 -56.75 -27.32
O5 NAG KA . -3.37 -59.40 -25.25
O6 NAG KA . -5.48 -60.54 -25.65
O7 NAG KA . 0.38 -57.60 -28.48
H2 NAG KA . -1.49 -58.80 -27.33
H3 NAG KA . -2.68 -56.35 -26.08
H4 NAG KA . -3.93 -58.48 -27.81
H5 NAG KA . -4.51 -57.68 -24.94
H61 NAG KA . -6.02 -59.05 -26.93
H62 NAG KA . -6.42 -58.79 -25.22
H81 NAG KA . 2.55 -56.49 -28.11
H82 NAG KA . 2.50 -56.91 -26.39
H83 NAG KA . 1.75 -55.41 -26.95
HN2 NAG KA . -0.06 -57.01 -25.39
HO3 NAG KA . -2.88 -55.78 -28.30
HO4 NAG KA . -5.62 -57.12 -27.88
HO6 NAG KA . -4.61 -60.68 -25.32
C1 NAG LA . 9.57 -72.13 -26.40
C2 NAG LA . 9.49 -72.56 -27.85
C3 NAG LA . 10.09 -73.90 -28.07
C4 NAG LA . 11.50 -73.96 -27.55
C5 NAG LA . 11.59 -73.54 -26.09
C6 NAG LA . 13.04 -73.49 -25.68
C7 NAG LA . 7.40 -71.39 -28.84
C8 NAG LA . 5.94 -71.44 -29.27
N2 NAG LA . 8.04 -72.59 -28.27
O3 NAG LA . 10.10 -74.18 -29.49
O4 NAG LA . 11.99 -75.30 -27.68
O5 NAG LA . 10.98 -72.22 -25.87
O6 NAG LA . 13.74 -74.53 -26.31
O7 NAG LA . 8.02 -70.40 -28.98
H2 NAG LA . 10.02 -71.82 -28.45
H3 NAG LA . 9.50 -74.64 -27.56
H4 NAG LA . 12.13 -73.30 -28.16
H5 NAG LA . 11.07 -74.27 -25.49
H61 NAG LA . 13.12 -73.61 -24.60
H62 NAG LA . 13.47 -72.53 -25.96
H81 NAG LA . 5.65 -70.47 -29.67
H82 NAG LA . 5.32 -71.67 -28.41
H83 NAG LA . 5.82 -72.19 -30.03
HN2 NAG LA . 7.51 -73.44 -28.16
HO3 NAG LA . 10.43 -75.04 -29.64
HO4 NAG LA . 12.94 -75.29 -27.75
HO6 NAG LA . 14.57 -74.67 -25.86
C1 NAG MA . -27.98 46.03 -30.71
C2 NAG MA . -27.52 47.08 -29.72
C3 NAG MA . -28.61 48.04 -29.45
C4 NAG MA . -29.11 48.68 -30.72
C5 NAG MA . -29.41 47.68 -31.84
C6 NAG MA . -29.56 48.44 -33.14
C7 NAG MA . -25.68 46.10 -28.18
C8 NAG MA . -25.27 45.41 -26.89
N2 NAG MA . -27.10 46.38 -28.43
O3 NAG MA . -28.11 49.08 -28.57
O4 NAG MA . -30.33 49.39 -30.43
O5 NAG MA . -28.35 46.69 -32.02
O6 NAG MA . -28.29 48.66 -33.70
O7 NAG MA . -24.85 46.42 -28.95
H2 NAG MA . -26.68 47.62 -30.15
H3 NAG MA . -29.43 47.53 -28.97
H4 NAG MA . -28.37 49.39 -31.07
H5 NAG MA . -30.33 47.17 -31.62
H61 NAG MA . -30.05 49.39 -32.96
H62 NAG MA . -30.16 47.84 -33.83
H81 NAG MA . -24.19 45.31 -26.85
H82 NAG MA . -25.72 44.43 -26.84
H83 NAG MA . -25.60 45.99 -26.04
HN2 NAG MA . -27.80 46.11 -27.77
HO3 NAG MA . -28.84 49.55 -28.21
HO4 NAG MA . -30.34 50.20 -30.92
HO6 NAG MA . -27.71 47.92 -33.49
C1 NAG NA . 11.21 10.00 -39.83
C2 NAG NA . 10.89 9.17 -41.03
C3 NAG NA . 12.10 8.83 -41.83
C4 NAG NA . 12.92 10.05 -42.17
C5 NAG NA . 13.22 10.92 -40.94
C6 NAG NA . 13.87 12.21 -41.37
C7 NAG NA . 8.80 7.78 -40.40
C8 NAG NA . 8.17 6.47 -39.94
N2 NAG NA . 10.25 7.87 -40.58
O3 NAG NA . 11.70 8.20 -43.06
O4 NAG NA . 14.16 9.62 -42.74
O5 NAG NA . 12.00 11.24 -40.19
O6 NAG NA . 12.89 13.09 -41.85
O7 NAG NA . 8.11 8.72 -40.59
H2 NAG NA . 10.19 9.71 -41.67
H3 NAG NA . 12.72 8.15 -41.26
H4 NAG NA . 12.38 10.65 -42.90
H5 NAG NA . 13.90 10.38 -40.28
H61 NAG NA . 14.60 12.02 -42.15
H62 NAG NA . 14.38 12.66 -40.52
H81 NAG NA . 7.10 6.58 -39.88
H82 NAG NA . 8.57 6.20 -38.97
H83 NAG NA . 8.41 5.69 -40.65
HN2 NAG NA . 10.84 7.06 -40.41
HO3 NAG NA . 12.45 7.85 -43.50
HO4 NAG NA . 14.41 10.21 -43.45
HO6 NAG NA . 12.04 12.85 -41.47
C1 NAG OA . -38.99 40.46 -0.56
C2 NAG OA . -39.49 39.87 -1.85
C3 NAG OA . -39.16 40.70 -3.03
C4 NAG OA . -39.59 42.13 -2.87
C5 NAG OA . -39.09 42.74 -1.56
C6 NAG OA . -39.72 44.11 -1.37
C7 NAG OA . -39.58 37.29 -1.52
C8 NAG OA . -38.95 35.92 -1.70
N2 NAG OA . -38.88 38.50 -2.02
O3 NAG OA . -39.79 40.15 -4.19
O4 NAG OA . -39.10 42.90 -3.96
O5 NAG OA . -39.41 41.91 -0.40
O6 NAG OA . -39.40 44.60 -0.09
O7 NAG OA . -40.62 37.41 -0.97
H2 NAG OA . -40.58 39.78 -1.80
H3 NAG OA . -38.08 40.68 -3.17
H4 NAG OA . -40.68 42.16 -2.87
H5 NAG OA . -38.02 42.86 -1.61
H61 NAG OA . -40.80 44.03 -1.47
H62 NAG OA . -39.33 44.79 -2.12
H81 NAG OA . -39.60 35.17 -1.27
H82 NAG OA . -37.98 35.90 -1.21
H83 NAG OA . -38.82 35.73 -2.76
HN2 NAG OA . -38.00 38.40 -2.50
HO3 NAG OA . -39.56 40.65 -4.96
HO4 NAG OA . -39.67 43.65 -4.11
HO6 NAG OA . -39.19 43.86 0.48
C1 NAG PA . -37.43 34.31 -50.42
C2 NAG PA . -37.51 33.34 -49.26
C3 NAG PA . -38.06 33.99 -48.04
C4 NAG PA . -37.27 35.22 -47.67
C5 NAG PA . -37.13 36.19 -48.84
C6 NAG PA . -36.18 37.31 -48.46
C7 NAG PA . -37.85 30.97 -50.25
C8 NAG PA . -38.77 29.82 -50.63
N2 NAG PA . -38.42 32.19 -49.64
O3 NAG PA . -38.00 33.05 -46.94
O4 NAG PA . -37.95 35.89 -46.60
O5 NAG PA . -36.61 35.54 -50.05
O6 NAG PA . -34.99 37.18 -49.20
O7 NAG PA . -36.70 30.88 -50.43
H2 NAG PA . -36.52 32.96 -49.04
H3 NAG PA . -39.09 34.27 -48.21
H4 NAG PA . -36.28 34.92 -47.34
H5 NAG PA . -38.11 36.61 -49.07
H61 NAG PA . -35.96 37.26 -47.40
H62 NAG PA . -36.65 38.26 -48.69
H81 NAG PA . -38.19 29.00 -51.03
H82 NAG PA . -39.49 30.15 -51.39
H83 NAG PA . -39.31 29.48 -49.76
HN2 NAG PA . -39.41 32.26 -49.49
HO3 NAG PA . -38.56 33.34 -46.25
HO4 NAG PA . -37.31 36.20 -45.97
HO6 NAG PA . -35.15 36.62 -49.95
CHA BLA QA . -3.81 25.80 -47.11
NA BLA QA . -5.66 26.45 -45.40
C1A BLA QA . -4.37 26.22 -45.74
C2A BLA QA . -3.61 26.42 -44.59
C3A BLA QA . -4.44 26.78 -43.60
C4A BLA QA . -5.72 26.80 -44.10
CMA BLA QA . -4.04 27.11 -42.16
CAA BLA QA . -2.09 26.28 -44.46
CBA BLA QA . -1.42 27.63 -44.71
CGA BLA QA . 0.09 27.44 -44.71
O1A BLA QA . 0.64 26.76 -43.81
O2A BLA QA . 0.79 27.97 -45.62
CHB BLA QA . -6.98 27.15 -43.33
NB BLA QA . -8.04 28.20 -45.41
C1B BLA QA . -8.00 27.70 -43.96
C2B BLA QA . -9.36 27.97 -43.40
C3B BLA QA . -10.19 28.58 -44.38
C4B BLA QA . -9.45 28.76 -45.66
CMB BLA QA . -9.79 27.65 -41.98
OB BLA QA . -9.86 29.23 -46.66
CAB BLA QA . -11.64 28.99 -44.12
CBB BLA QA . -12.53 29.01 -45.09
NC BLA QA . -8.82 25.09 -47.46
C1C BLA QA . -10.15 25.34 -46.76
C2C BLA QA . -11.06 25.88 -47.79
C3C BLA QA . -10.41 25.97 -49.06
C4C BLA QA . -9.00 25.49 -48.94
CMC BLA QA . -12.50 26.25 -47.43
OC BLA QA . -10.41 25.16 -45.63
CAC BLA QA . -11.01 26.49 -50.37
CBC BLA QA . -12.26 26.29 -50.72
CHD BLA QA . -8.09 25.44 -49.90
ND BLA QA . -6.10 25.63 -48.16
C1D BLA QA . -6.61 25.52 -49.53
C2D BLA QA . -5.45 25.55 -50.47
C3D BLA QA . -4.22 25.65 -49.66
C4D BLA QA . -4.60 25.72 -48.17
CMD BLA QA . -5.59 25.47 -51.99
CAD BLA QA . -2.76 25.71 -50.13
CBD BLA QA . -2.44 24.86 -51.37
CGD BLA QA . -3.02 23.46 -51.22
O1D BLA QA . -3.42 22.83 -52.24
O2D BLA QA . -3.08 22.92 -50.08
HHA BLA QA . -2.81 25.40 -47.17
HA BLA QA . -6.44 26.39 -46.00
HMA1 BLA QA . -4.79 27.76 -41.72
HMA2 BLA QA . -3.99 26.18 -41.58
HMA3 BLA QA . -3.08 27.61 -42.15
HAA1 BLA QA . -1.86 25.94 -43.46
HAA2 BLA QA . -1.73 25.54 -45.17
HBA1 BLA QA . -1.75 28.03 -45.66
HBA2 BLA QA . -1.70 28.31 -43.92
HHB BLA QA . -7.17 26.64 -42.39
HB BLA QA . -7.30 28.17 -46.08
HMB1 BLA QA . -10.87 27.55 -41.93
HMB2 BLA QA . -9.33 26.72 -41.65
HMB3 BLA QA . -9.47 28.46 -41.32
HAB BLA QA . -11.93 29.30 -43.13
HBB1 BLA QA . -12.24 28.71 -46.09
HBB2 BLA QA . -13.54 29.30 -44.88
HC BLA QA . -8.00 24.72 -47.04
HMC1 BLA QA . -12.60 26.24 -46.35
HMC2 BLA QA . -13.17 25.52 -47.86
HMC3 BLA QA . -12.73 27.24 -47.81
HAC BLA QA . -10.36 27.03 -51.06
HBC1 BLA QA . -12.62 26.68 -51.67
HBC2 BLA QA . -12.94 25.76 -50.07
HHD BLA QA . -8.39 25.70 -50.90
HMD1 BLA QA . -6.60 25.69 -52.28
HMD2 BLA QA . -5.32 24.47 -52.32
HMD3 BLA QA . -4.92 26.20 -52.45
HAD1 BLA QA . -2.11 25.39 -49.33
HAD2 BLA QA . -2.53 26.75 -50.36
HBD1 BLA QA . -2.85 25.33 -52.24
HBD2 BLA QA . -1.37 24.79 -51.48
C1 NAG RA . -25.28 -2.68 41.29
C2 NAG RA . -24.74 -3.01 42.65
C3 NAG RA . -23.25 -3.06 42.66
C4 NAG RA . -22.72 -3.99 41.61
C5 NAG RA . -23.27 -3.69 40.22
C6 NAG RA . -22.88 -4.79 39.26
C7 NAG RA . -25.42 -2.31 45.05
C8 NAG RA . -25.88 -1.25 46.03
N2 NAG RA . -25.20 -1.96 43.63
O3 NAG RA . -22.80 -3.49 43.96
O4 NAG RA . -21.29 -3.88 41.57
O5 NAG RA . -24.74 -3.61 40.22
O6 NAG RA . -24.03 -5.50 38.87
O7 NAG RA . -25.23 -3.42 45.41
H2 NAG RA . -25.13 -3.99 42.96
H3 NAG RA . -22.87 -2.06 42.46
H4 NAG RA . -22.98 -5.01 41.89
H5 NAG RA . -22.87 -2.75 39.87
H61 NAG RA . -22.19 -5.48 39.75
H62 NAG RA . -22.41 -4.36 38.38
H81 NAG RA . -25.96 -1.68 47.01
H82 NAG RA . -26.85 -0.87 45.72
H83 NAG RA . -25.17 -0.43 46.05
HN2 NAG RA . -25.36 -1.01 43.31
HO3 NAG RA . -21.85 -3.52 43.96
HO4 NAG RA . -21.02 -3.53 40.73
HO6 NAG RA . -24.74 -5.29 39.46
C1 NAG SA . -55.07 19.31 28.00
C2 NAG SA . -54.25 20.46 27.49
C3 NAG SA . -55.04 21.39 26.64
C4 NAG SA . -55.86 20.65 25.59
C5 NAG SA . -56.65 19.49 26.20
C6 NAG SA . -57.44 18.80 25.12
C7 NAG SA . -52.65 22.23 28.52
C8 NAG SA . -52.13 22.98 29.73
N2 NAG SA . -53.71 21.22 28.67
O3 NAG SA . -54.16 22.30 25.95
O4 NAG SA . -56.77 21.59 25.01
O5 NAG SA . -55.75 18.55 26.87
O6 NAG SA . -56.58 18.27 24.15
O7 NAG SA . -52.20 22.46 27.45
H2 NAG SA . -53.42 20.07 26.90
H3 NAG SA . -55.71 21.95 27.27
H4 NAG SA . -55.20 20.28 24.83
H5 NAG SA . -57.34 19.90 26.94
H61 NAG SA . -58.13 19.52 24.65
H62 NAG SA . -58.03 18.00 25.56
H81 NAG SA . -51.31 23.63 29.44
H82 NAG SA . -51.77 22.27 30.48
H83 NAG SA . -52.92 23.58 30.16
HN2 NAG SA . -54.09 21.04 29.60
HO3 NAG SA . -53.44 21.82 25.58
HO4 NAG SA . -56.92 21.35 24.09
HO6 NAG SA . -56.89 18.53 23.28
C1 NAG TA . 4.37 28.28 42.47
C2 NAG TA . 4.11 26.80 42.72
C3 NAG TA . 4.18 26.39 44.14
C4 NAG TA . 5.45 26.88 44.76
C5 NAG TA . 5.41 28.40 44.85
C6 NAG TA . 6.79 28.88 45.26
C7 NAG TA . 1.52 27.13 42.60
C8 NAG TA . 0.17 26.72 42.03
N2 NAG TA . 2.75 26.43 42.17
O3 NAG TA . 4.14 24.95 44.22
O4 NAG TA . 5.58 26.32 46.07
O5 NAG TA . 5.02 29.07 43.61
O6 NAG TA . 7.72 28.61 44.24
O7 NAG TA . 1.57 28.01 43.40
H2 NAG TA . 4.86 26.23 42.17
H3 NAG TA . 3.34 26.80 44.69
H4 NAG TA . 6.28 26.57 44.14
H5 NAG TA . 4.70 28.67 45.62
H61 NAG TA . 7.10 28.38 46.17
H62 NAG TA . 6.76 29.95 45.44
H81 NAG TA . -0.60 27.33 42.45
H82 NAG TA . -0.02 25.68 42.25
H83 NAG TA . 0.20 26.85 40.96
HN2 NAG TA . 2.68 25.69 41.49
HO3 NAG TA . 4.23 24.68 45.12
HO4 NAG TA . 6.50 26.24 46.29
HO6 NAG TA . 7.26 28.44 43.43
C1 NAG UA . -22.87 -26.97 17.90
C2 NAG UA . -22.69 -28.48 17.76
C3 NAG UA . -23.62 -29.06 16.76
C4 NAG UA . -25.06 -28.72 17.05
C5 NAG UA . -25.24 -27.22 17.24
C6 NAG UA . -26.65 -26.92 17.67
C7 NAG UA . -20.26 -29.24 18.30
C8 NAG UA . -18.85 -29.59 17.84
N2 NAG UA . -21.27 -28.82 17.32
O3 NAG UA . -23.47 -30.50 16.79
O4 NAG UA . -25.86 -29.15 15.96
O5 NAG UA . -24.32 -26.70 18.26
O6 NAG UA . -26.65 -26.39 18.97
O7 NAG UA . -20.53 -29.32 19.44
H2 NAG UA . -22.88 -28.94 18.72
H3 NAG UA . -23.36 -28.70 15.78
H4 NAG UA . -25.37 -29.23 17.95
H5 NAG UA . -25.03 -26.71 16.30
H61 NAG UA . -27.24 -27.84 17.66
H62 NAG UA . -27.10 -26.20 16.99
H81 NAG UA . -18.25 -29.87 18.68
H82 NAG UA . -18.41 -28.72 17.36
H83 NAG UA . -18.89 -30.40 17.13
HN2 NAG UA . -21.03 -28.76 16.34
HO3 NAG UA . -24.01 -30.89 16.12
HO4 NAG UA . -26.69 -29.51 16.28
HO6 NAG UA . -25.75 -26.37 19.30
C1 NAG VA . 7.38 -11.50 39.55
C2 NAG VA . 7.00 -11.75 40.98
C3 NAG VA . 8.00 -12.61 41.68
C4 NAG VA . 8.27 -13.88 40.92
C5 NAG VA . 8.63 -13.62 39.47
C6 NAG VA . 8.78 -14.92 38.72
C7 NAG VA . 6.04 -10.30 42.89
C8 NAG VA . 5.93 -8.96 43.60
N2 NAG VA . 6.89 -10.43 41.69
O3 NAG VA . 7.51 -12.93 43.00
O4 NAG VA . 9.34 -14.58 41.55
O5 NAG VA . 7.61 -12.80 38.80
O6 NAG VA . 8.44 -14.72 37.37
O7 NAG VA . 5.44 -11.23 43.29
H2 NAG VA . 6.03 -12.25 41.01
H3 NAG VA . 8.93 -12.05 41.77
H4 NAG VA . 7.37 -14.50 40.97
H5 NAG VA . 9.57 -13.09 39.44
H61 NAG VA . 8.11 -15.68 39.13
H62 NAG VA . 9.81 -15.26 38.78
H81 NAG VA . 5.22 -9.04 44.41
H82 NAG VA . 5.59 -8.20 42.90
H83 NAG VA . 6.89 -8.68 43.99
HN2 NAG VA . 7.41 -9.63 41.35
HO3 NAG VA . 6.68 -13.37 42.92
HO4 NAG VA . 9.33 -15.49 41.29
HO6 NAG VA . 8.01 -13.88 37.27
C1 NAG WA . -0.12 -30.37 42.16
C2 NAG WA . -0.69 -30.56 43.54
C3 NAG WA . -0.10 -29.62 44.53
C4 NAG WA . 1.40 -29.61 44.50
C5 NAG WA . 1.95 -29.42 43.09
C6 NAG WA . 3.45 -29.56 43.10
C7 NAG WA . -3.11 -31.44 43.27
C8 NAG WA . -4.62 -31.18 43.22
N2 NAG WA . -2.18 -30.31 43.49
O3 NAG WA . -0.54 -30.01 45.85
O4 NAG WA . 1.87 -28.55 45.33
O5 NAG WA . 1.39 -30.40 42.16
O6 NAG WA . 3.81 -30.89 43.44
O7 NAG WA . -2.71 -32.54 43.12
H2 NAG WA . -0.51 -31.58 43.86
H3 NAG WA . -0.46 -28.62 44.32
H4 NAG WA . 1.76 -30.57 44.90
H5 NAG WA . 1.69 -28.43 42.75
H61 NAG WA . 3.88 -28.88 43.84
H62 NAG WA . 3.85 -29.32 42.13
H81 NAG WA . -5.14 -32.10 43.04
H82 NAG WA . -4.83 -30.48 42.41
H83 NAG WA . -4.93 -30.74 44.16
HN2 NAG WA . -2.54 -29.38 43.61
HO3 NAG WA . -0.27 -29.36 46.48
HO4 NAG WA . 2.70 -28.80 45.73
HO6 NAG WA . 4.73 -30.92 43.67
C1 NAG XA . 27.30 -57.22 26.25
C2 NAG XA . 28.64 -57.90 26.21
C3 NAG XA . 28.83 -58.79 27.38
C4 NAG XA . 28.60 -58.07 28.69
C5 NAG XA . 27.25 -57.35 28.71
C6 NAG XA . 27.12 -56.53 29.98
C7 NAG XA . 29.22 -58.10 23.71
C8 NAG XA . 29.31 -58.93 22.43
N2 NAG XA . 28.71 -58.72 24.94
O3 NAG XA . 30.18 -59.31 27.35
O4 NAG XA . 28.65 -59.02 29.76
O5 NAG XA . 27.09 -56.46 27.55
O6 NAG XA . 26.70 -55.23 29.65
O7 NAG XA . 29.56 -56.98 23.70
H2 NAG XA . 29.42 -57.15 26.21
H3 NAG XA . 28.13 -59.62 27.32
H4 NAG XA . 29.41 -57.34 28.81
H5 NAG XA . 26.47 -58.09 28.69
H61 NAG XA . 28.08 -56.48 30.49
H62 NAG XA . 26.39 -57.00 30.64
H81 NAG XA . 29.72 -58.33 21.63
H82 NAG XA . 28.30 -59.26 22.14
H83 NAG XA . 29.92 -59.80 22.60
HN2 NAG XA . 28.43 -59.69 24.95
HO3 NAG XA . 30.27 -59.97 28.02
HO4 NAG XA . 28.80 -58.57 30.57
HO6 NAG XA . 26.55 -55.17 28.71
C1 NAG YA . 12.09 -57.65 25.28
C2 NAG YA . 10.58 -57.61 25.45
C3 NAG YA . 10.13 -56.49 26.32
C4 NAG YA . 10.80 -56.54 27.66
C5 NAG YA . 12.31 -56.46 27.50
C6 NAG YA . 12.97 -56.63 28.85
C7 NAG YA . 8.64 -58.11 23.81
C8 NAG YA . 8.00 -57.93 22.45
N2 NAG YA . 9.93 -57.44 24.10
O3 NAG YA . 8.69 -56.60 26.50
O4 NAG YA . 10.35 -55.44 28.45
O5 NAG YA . 12.83 -57.49 26.59
O6 NAG YA . 13.82 -57.74 28.80
O7 NAG YA . 8.12 -58.77 24.63
H2 NAG YA . 10.27 -58.55 25.90
H3 NAG YA . 10.36 -55.56 25.84
H4 NAG YA . 10.54 -57.47 28.16
H5 NAG YA . 12.56 -55.49 27.09
H61 NAG YA . 12.22 -56.78 29.61
H62 NAG YA . 13.56 -55.74 29.08
H81 NAG YA . 7.11 -58.57 22.39
H82 NAG YA . 8.70 -58.23 21.67
H83 NAG YA . 7.71 -56.90 22.31
HN2 NAG YA . 10.38 -56.88 23.39
HO3 NAG YA . 8.39 -55.86 27.00
HO4 NAG YA . 10.34 -55.68 29.36
HO6 NAG YA . 13.93 -58.03 27.90
C1 NAG ZA . 14.34 -73.76 18.59
C2 NAG ZA . 13.46 -74.64 19.46
C3 NAG ZA . 13.79 -76.08 19.32
C4 NAG ZA . 13.75 -76.51 17.87
C5 NAG ZA . 14.64 -75.63 17.00
C6 NAG ZA . 14.45 -76.03 15.55
C7 NAG ZA . 12.78 -73.20 21.50
C8 NAG ZA . 12.97 -72.80 22.95
N2 NAG ZA . 13.64 -74.23 20.90
O3 NAG ZA . 12.84 -76.86 20.07
O4 NAG ZA . 14.20 -77.86 17.78
O5 NAG ZA . 14.30 -74.21 17.14
O6 NAG ZA . 14.33 -77.43 15.47
O7 NAG ZA . 11.94 -72.69 20.86
H2 NAG ZA . 12.42 -74.49 19.17
H3 NAG ZA . 14.79 -76.25 19.71
H4 NAG ZA . 12.72 -76.45 17.52
H5 NAG ZA . 15.67 -75.78 17.29
H61 NAG ZA . 15.32 -75.71 14.97
H62 NAG ZA . 13.56 -75.56 15.15
H81 NAG ZA . 12.24 -72.04 23.22
H82 NAG ZA . 13.97 -72.42 23.10
H83 NAG ZA . 12.82 -73.67 23.60
HN2 NAG ZA . 14.36 -74.68 21.47
HO3 NAG ZA . 13.07 -77.77 20.02
HO4 NAG ZA . 13.83 -78.27 17.01
HO6 NAG ZA . 15.10 -77.79 15.04
C1 NAG AB . -38.89 37.71 30.20
C2 NAG AB . -38.82 38.77 29.13
C3 NAG AB . -38.76 40.12 29.73
C4 NAG AB . -39.92 40.37 30.67
C5 NAG AB . -40.17 39.23 31.66
C6 NAG AB . -41.53 39.41 32.30
C7 NAG AB . -37.68 37.80 27.00
C8 NAG AB . -36.43 37.55 26.17
N2 NAG AB . -37.58 38.52 28.29
O3 NAG AB . -38.78 41.11 28.68
O4 NAG AB . -39.65 41.56 31.42
O5 NAG AB . -40.14 37.90 31.03
O6 NAG AB . -42.52 38.88 31.44
O7 NAG AB . -38.73 37.42 26.61
H2 NAG AB . -39.71 38.71 28.51
H3 NAG AB . -37.83 40.22 30.30
H4 NAG AB . -40.82 40.51 30.07
H5 NAG AB . -39.41 39.25 32.43
H61 NAG AB . -41.71 40.48 32.45
H62 NAG AB . -41.56 38.90 33.25
H81 NAG AB . -36.70 37.03 25.26
H82 NAG AB . -35.74 36.94 26.74
H83 NAG AB . -35.97 38.50 25.93
HN2 NAG AB . -36.68 38.84 28.61
HO3 NAG AB . -38.53 41.95 29.04
HO4 NAG AB . -40.46 42.05 31.54
HO6 NAG AB . -42.15 38.13 30.98
C1 NAG BB . -40.10 -11.64 8.31
C2 NAG BB . -40.50 -12.67 9.35
C3 NAG BB . -41.36 -13.74 8.78
C4 NAG BB . -42.55 -13.20 8.03
C5 NAG BB . -42.15 -12.14 6.99
C6 NAG BB . -43.39 -11.50 6.42
C7 NAG BB . -38.56 -12.70 11.06
C8 NAG BB . -37.30 -13.35 11.62
N2 NAG BB . -39.25 -13.30 9.91
O3 NAG BB . -41.84 -14.56 9.86
O4 NAG BB . -43.19 -14.28 7.36
O5 NAG BB . -41.32 -11.08 7.58
O6 NAG BB . -43.89 -10.55 7.32
O7 NAG BB . -38.98 -11.72 11.56
H2 NAG BB . -41.04 -12.16 10.14
H3 NAG BB . -40.76 -14.34 8.11
H4 NAG BB . -43.25 -12.75 8.74
H5 NAG BB . -41.59 -12.62 6.20
H61 NAG BB . -44.15 -12.26 6.23
H62 NAG BB . -43.14 -11.00 5.48
H81 NAG BB . -36.96 -12.80 12.48
H82 NAG BB . -36.53 -13.37 10.86
H83 NAG BB . -37.53 -14.37 11.92
HN2 NAG BB . -38.89 -14.14 9.49
HO3 NAG BB . -42.25 -15.33 9.52
HO4 NAG BB . -44.13 -14.16 7.38
HO6 NAG BB . -43.16 -10.20 7.85
C1 NAG CB . -8.74 49.21 25.66
C2 NAG CB . -9.28 48.43 26.84
C3 NAG CB . -10.75 48.53 26.97
C4 NAG CB . -11.22 49.95 27.01
C5 NAG CB . -10.71 50.75 25.82
C6 NAG CB . -11.07 52.21 26.01
C7 NAG CB . -7.63 46.46 27.23
C8 NAG CB . -7.25 45.00 27.05
N2 NAG CB . -8.90 46.97 26.67
O3 NAG CB . -11.15 47.87 28.20
O4 NAG CB . -12.66 49.96 26.99
O5 NAG CB . -9.26 50.65 25.67
O6 NAG CB . -10.44 52.98 25.02
O7 NAG CB . -6.91 47.18 27.83
H2 NAG CB . -8.82 48.81 27.75
H3 NAG CB . -11.22 48.02 26.14
H4 NAG CB . -10.88 50.41 27.94
H5 NAG CB . -11.18 50.40 24.91
H61 NAG CB . -10.74 52.55 26.99
H62 NAG CB . -12.14 52.33 25.93
H81 NAG CB . -6.30 44.81 27.53
H82 NAG CB . -7.18 44.78 25.99
H83 NAG CB . -8.01 44.37 27.51
HN2 NAG CB . -9.50 46.35 26.16
HO3 NAG CB . -12.09 47.90 28.29
HO4 NAG CB . -12.97 50.75 27.41
HO6 NAG CB . -9.63 52.55 24.76
C1 NAG DB . -44.84 24.29 50.21
C2 NAG DB . -43.39 23.97 49.89
C3 NAG DB . -42.60 25.21 49.63
C4 NAG DB . -43.23 26.04 48.55
C5 NAG DB . -44.71 26.33 48.83
C6 NAG DB . -45.32 27.02 47.63
C7 NAG DB . -42.79 21.77 51.12
C8 NAG DB . -42.17 21.05 52.32
N2 NAG DB . -42.78 23.24 51.08
O3 NAG DB . -41.27 24.83 49.21
O4 NAG DB . -42.53 27.29 48.46
O5 NAG DB . -45.47 25.12 49.11
O6 NAG DB . -46.22 26.15 47.00
O7 NAG DB . -43.28 21.15 50.26
H2 NAG DB . -43.35 23.33 49.01
H3 NAG DB . -42.54 25.79 50.53
H4 NAG DB . -43.14 25.52 47.60
H5 NAG DB . -44.77 27.00 49.69
H61 NAG DB . -44.53 27.30 46.92
H62 NAG DB . -45.85 27.92 47.95
H81 NAG DB . -42.25 19.98 52.17
H82 NAG DB . -42.70 21.33 53.22
H83 NAG DB . -41.12 21.33 52.40
HN2 NAG DB . -42.36 23.77 51.83
HO3 NAG DB . -40.70 25.57 49.29
HO4 NAG DB . -42.41 27.53 47.55
HO6 NAG DB . -46.49 25.47 47.62
CHA BLA EB . -49.09 4.77 21.70
NA BLA EB . -47.48 6.72 22.29
C1A BLA EB . -48.05 5.87 21.40
C2A BLA EB . -47.53 6.17 20.17
C3A BLA EB . -46.67 7.19 20.30
C4A BLA EB . -46.64 7.53 21.63
CMA BLA EB . -45.85 7.84 19.19
CAA BLA EB . -47.86 5.48 18.84
CBA BLA EB . -49.00 6.22 18.14
CGA BLA EB . -49.41 5.45 16.89
O1A BLA EB . -48.53 5.00 16.10
O2A BLA EB . -50.63 5.26 16.65
CHB BLA EB . -45.80 8.64 22.26
NB BLA EB . -47.61 9.14 23.99
C1B BLA EB . -46.24 9.27 23.33
C2B BLA EB . -45.48 10.26 24.15
C3B BLA EB . -46.28 10.73 25.23
C4B BLA EB . -47.62 10.08 25.20
CMB BLA EB . -44.06 10.72 23.87
OB BLA EB . -48.52 10.26 25.95
CAB BLA EB . -45.82 11.76 26.25
CBB BLA EB . -46.28 11.76 27.48
NC BLA EB . -47.30 6.09 26.26
C1C BLA EB . -46.43 7.12 26.99
C2C BLA EB . -47.21 7.55 28.16
C3C BLA EB . -48.47 6.86 28.23
C4C BLA EB . -48.60 5.93 27.06
CMC BLA EB . -46.65 8.57 29.13
OC BLA EB . -45.37 7.51 26.67
CAC BLA EB . -49.56 7.02 29.28
CBC BLA EB . -49.31 7.24 30.56
CHD BLA EB . -49.63 5.15 26.78
ND BLA EB . -49.04 5.16 24.19
C1D BLA EB . -49.88 4.75 25.32
C2D BLA EB . -51.02 3.95 24.80
C3D BLA EB . -50.86 3.83 23.33
C4D BLA EB . -49.60 4.61 22.91
CMD BLA EB . -52.11 3.34 25.68
CAD BLA EB . -51.76 3.10 22.32
CBD BLA EB . -52.37 1.80 22.83
CGD BLA EB . -51.31 0.92 23.51
O1D BLA EB . -51.65 0.18 24.46
O2D BLA EB . -50.13 0.93 23.10
HHA BLA EB . -49.27 4.01 20.95
HA BLA EB . -47.65 6.77 23.27
HMA1 BLA EB . -44.94 7.28 19.03
HMA2 BLA EB . -46.43 7.85 18.28
HMA3 BLA EB . -45.61 8.86 19.47
HAA1 BLA EB . -46.97 5.49 18.21
HAA2 BLA EB . -48.15 4.45 19.02
HBA1 BLA EB . -49.84 6.32 18.81
HBA2 BLA EB . -48.65 7.21 17.84
HHB BLA EB . -44.73 8.66 22.05
HB BLA EB . -48.36 8.55 23.70
HMB1 BLA EB . -44.08 11.51 23.13
HMB2 BLA EB . -43.60 11.10 24.78
HMB3 BLA EB . -43.47 9.90 23.49
HAB BLA EB . -45.10 12.51 25.95
HBB1 BLA EB . -46.99 11.02 27.79
HBB2 BLA EB . -45.93 12.51 28.18
HC BLA EB . -47.05 5.61 25.42
HMC1 BLA EB . -47.39 9.34 29.33
HMC2 BLA EB . -45.77 9.02 28.69
HMC3 BLA EB . -46.36 8.07 30.05
HAC BLA EB . -50.60 6.95 28.97
HBC1 BLA EB . -48.29 7.33 30.92
HBC2 BLA EB . -50.13 7.35 31.25
HHD BLA EB . -50.45 5.11 27.48
HMD1 BLA EB . -53.09 3.48 25.22
HMD2 BLA EB . -52.12 3.82 26.65
HMD3 BLA EB . -51.92 2.28 25.82
HAD1 BLA EB . -52.55 3.77 22.01
HAD2 BLA EB . -51.16 2.86 21.44
HBD1 BLA EB . -53.17 2.02 23.52
HBD2 BLA EB . -52.78 1.26 21.98
#